data_6P95
#
_entry.id   6P95
#
_cell.length_a   152.242
_cell.length_b   152.242
_cell.length_c   453.889
_cell.angle_alpha   90.000
_cell.angle_beta   90.000
_cell.angle_gamma   120.000
#
_symmetry.space_group_name_H-M   'P 61 2 2'
#
loop_
_entity.id
_entity.type
_entity.pdbx_description
1 polymer 'Pre-glycoprotein polyprotein GP complex'
2 polymer 'FAB Antibody heavy chain'
3 polymer 'FAB Antibody light chain'
4 polymer 'Pre-glycoprotein polyprotein GP complex'
5 branched beta-D-mannopyranose-(1-4)-2-acetamido-2-deoxy-beta-D-glucopyranose-(1-4)-2-acetamido-2-deoxy-beta-D-glucopyranose
6 branched 2-acetamido-2-deoxy-beta-D-glucopyranose-(1-4)-2-acetamido-2-deoxy-beta-D-glucopyranose
7 branched alpha-D-mannopyranose-(1-3)-beta-D-mannopyranose-(1-4)-2-acetamido-2-deoxy-beta-D-glucopyranose-(1-4)-2-acetamido-2-deoxy-beta-D-glucopyranose
8 branched alpha-D-mannopyranose-(1-2)-alpha-D-mannopyranose-(1-3)-beta-D-mannopyranose-(1-4)-2-acetamido-2-deoxy-beta-D-glucopyranose-(1-4)-2-acetamido-2-deoxy-beta-D-glucopyranose
9 branched alpha-D-mannopyranose-(1-3)-[alpha-D-mannopyranose-(1-6)]beta-D-mannopyranose-(1-4)-2-acetamido-2-deoxy-beta-D-glucopyranose-(1-4)-2-acetamido-2-deoxy-beta-D-glucopyranose
10 branched 2-acetamido-2-deoxy-beta-D-glucopyranose-(1-4)-[alpha-L-fucopyranose-(1-6)]2-acetamido-2-deoxy-beta-D-glucopyranose
11 non-polymer 2-acetamido-2-deoxy-beta-D-glucopyranose
#
loop_
_entity_poly.entity_id
_entity_poly.type
_entity_poly.pdbx_seq_one_letter_code
_entity_poly.pdbx_strand_id
1 'polypeptide(L)'
;MGQIVTFFQEVPHVIEEVMNIVLIALSVLAVLKGLYNFATCGLVGLVTFLLLCGRSCTTSLYKGVYELQTLELNMETLNM
TMPLSCTKNNSHHYIMVGNETGLELTLTNTSIINHKFCNLSDAHKKNLYDHALMSIISTFHLSIPNFNQYEAMSCDFNGG
KISVQYNLSHSYAGDAANHCGTVANGVLQTFMRMAWGGSYIALDSGCGNWDCIMTSYQYLIIQNTTWEDHCQFSRPSPIG
YLGLLSQRTRDIYISRRRR
;
A,B,C
2 'polypeptide(L)'
;DQVQLQESGGGLVKAGGSLRLSCAASGFMFERYSLHWVRQTPGKGLEWVSSISSLSGSHINYADSVKGRFTISRDNAKNS
LSLQMNSLRVEDTAIYYCARDRRSGSSPVPLDVWGQGTTVTVSSASTKGPSVFPLAPSSKSTSGGTAALGCLVKDYFPEP
VTVSWNSGALTSGVHTFPAVLQSSGLYSLSSVVTVPSSSLGTQTYICNVNHKPSNTKVDKRVEPKSCDKTH
;
D,F,H
3 'polypeptide(L)'
;DLPVLTQPASVSGSPGQSITISCTGTSSDVGAYNYVSWYQQHPGKAPKLIIYEVKIRPSGVSNRFSGSKSGNTASLTISG
LQAEDEADYFCSSYSTNSPWVFGGGTKVTVLRQPKAAPSVTLFPPSSEELQANKATLVCLISDFYPGAVTVAWKADSSPV
KAGVETTTPSKQSNNKYAASSYLSLTPEQWKSHRSYSCQVTHEGSTVEKTVAPTECS
;
E,G,L
4 'polypeptide(L)'
;GTFTWTLSDSEGKDTPGGYCLTRWMLIEAELKCFGNTAVAKCNEKHDEEFCDMLRLFDFNKQAIQRLKAPAQTSIQLINK
AVNALINDQLIMKNHLRDIMCIPYCNYSKYWYLNHTTTGRTSLPKCWLVSNGSYLNETHFSDDIEQQADNMITEMLQKEY
MERQGKTPLGLVDLEVDDDD
;
a,b,c
#
loop_
_chem_comp.id
_chem_comp.type
_chem_comp.name
_chem_comp.formula
BMA D-saccharide, beta linking beta-D-mannopyranose 'C6 H12 O6'
FUC L-saccharide, alpha linking alpha-L-fucopyranose 'C6 H12 O5'
MAN D-saccharide, alpha linking alpha-D-mannopyranose 'C6 H12 O6'
NAG D-saccharide, beta linking 2-acetamido-2-deoxy-beta-D-glucopyranose 'C8 H15 N O6'
#
# COMPACT_ATOMS: atom_id res chain seq x y z
N THR A 59 -0.11 -37.35 0.46
CA THR A 59 -0.66 -37.48 -0.89
C THR A 59 0.38 -37.10 -1.94
N SER A 60 0.73 -35.81 -1.97
CA SER A 60 1.72 -35.29 -2.90
C SER A 60 2.72 -34.46 -2.12
N LEU A 61 3.99 -34.86 -2.17
CA LEU A 61 5.05 -34.23 -1.38
C LEU A 61 5.96 -33.41 -2.27
N TYR A 62 6.44 -32.28 -1.72
CA TYR A 62 7.42 -31.43 -2.37
C TYR A 62 8.60 -31.26 -1.43
N LYS A 63 9.81 -31.32 -2.00
CA LYS A 63 11.08 -31.28 -1.27
C LYS A 63 11.24 -32.43 -0.29
N GLY A 64 10.33 -33.41 -0.32
CA GLY A 64 10.41 -34.56 0.55
C GLY A 64 9.76 -34.39 1.91
N VAL A 65 9.55 -33.15 2.37
CA VAL A 65 9.03 -32.91 3.70
C VAL A 65 7.70 -32.19 3.65
N TYR A 66 7.52 -31.30 2.68
CA TYR A 66 6.31 -30.49 2.59
C TYR A 66 5.23 -31.23 1.81
N GLU A 67 4.06 -31.37 2.44
CA GLU A 67 2.91 -32.06 1.86
C GLU A 67 1.87 -31.03 1.42
N LEU A 68 1.37 -31.18 0.20
CA LEU A 68 0.40 -30.24 -0.36
C LEU A 68 -0.99 -30.53 0.21
N GLN A 69 -1.62 -29.53 0.81
CA GLN A 69 -2.95 -29.66 1.36
C GLN A 69 -3.82 -28.50 0.89
N THR A 70 -5.13 -28.70 0.95
CA THR A 70 -6.10 -27.74 0.43
C THR A 70 -7.10 -27.37 1.52
N LEU A 71 -7.98 -26.42 1.19
CA LEU A 71 -9.07 -26.02 2.07
C LEU A 71 -10.09 -25.25 1.25
N GLU A 72 -11.36 -25.42 1.61
CA GLU A 72 -12.46 -24.74 0.94
C GLU A 72 -13.28 -23.99 1.98
N LEU A 73 -13.43 -22.68 1.79
CA LEU A 73 -14.14 -21.85 2.74
C LEU A 73 -15.65 -21.98 2.58
N ASN A 74 -16.36 -21.90 3.70
CA ASN A 74 -17.82 -21.95 3.73
C ASN A 74 -18.33 -20.54 3.97
N MET A 75 -18.58 -19.81 2.88
CA MET A 75 -19.02 -18.42 2.96
C MET A 75 -20.40 -18.26 3.60
N GLU A 76 -21.15 -19.35 3.74
CA GLU A 76 -22.47 -19.29 4.36
C GLU A 76 -22.44 -18.67 5.76
N THR A 77 -21.28 -18.71 6.42
CA THR A 77 -21.15 -18.11 7.76
C THR A 77 -21.42 -16.62 7.73
N LEU A 78 -21.02 -15.94 6.66
CA LEU A 78 -21.11 -14.49 6.56
C LEU A 78 -22.51 -13.99 6.24
N ASN A 79 -23.52 -14.88 6.18
CA ASN A 79 -24.87 -14.48 5.78
C ASN A 79 -25.41 -13.33 6.62
N MET A 80 -25.05 -13.26 7.90
CA MET A 80 -25.63 -12.24 8.77
C MET A 80 -25.06 -10.85 8.46
N THR A 81 -23.77 -10.76 8.16
CA THR A 81 -23.12 -9.47 8.00
C THR A 81 -23.22 -8.93 6.58
N MET A 82 -23.11 -9.79 5.57
CA MET A 82 -23.03 -9.37 4.19
C MET A 82 -23.90 -10.29 3.34
N PRO A 83 -24.31 -9.84 2.15
CA PRO A 83 -25.07 -10.71 1.25
C PRO A 83 -24.19 -11.71 0.54
N LEU A 84 -24.82 -12.79 0.08
CA LEU A 84 -24.13 -13.90 -0.57
C LEU A 84 -24.84 -14.24 -1.87
N SER A 85 -24.06 -14.32 -2.96
CA SER A 85 -24.59 -14.60 -4.29
C SER A 85 -24.21 -16.01 -4.72
N CYS A 86 -25.19 -16.74 -5.26
CA CYS A 86 -24.96 -18.10 -5.74
C CYS A 86 -25.80 -18.33 -7.00
N THR A 87 -25.78 -19.56 -7.50
CA THR A 87 -26.45 -19.91 -8.75
C THR A 87 -27.13 -21.27 -8.61
N LYS A 88 -28.36 -21.37 -9.11
CA LYS A 88 -29.08 -22.64 -9.11
C LYS A 88 -28.96 -23.35 -10.45
N ASN A 89 -29.55 -22.76 -11.50
CA ASN A 89 -29.40 -23.29 -12.85
C ASN A 89 -29.12 -22.13 -13.80
N ASN A 90 -29.23 -22.40 -15.10
CA ASN A 90 -28.87 -21.39 -16.10
C ASN A 90 -29.72 -20.14 -15.98
N SER A 91 -31.00 -20.29 -15.61
CA SER A 91 -31.92 -19.17 -15.63
C SER A 91 -32.04 -18.46 -14.28
N HIS A 92 -31.82 -19.17 -13.18
CA HIS A 92 -32.10 -18.64 -11.84
C HIS A 92 -30.82 -18.45 -11.05
N HIS A 93 -30.66 -17.26 -10.47
CA HIS A 93 -29.55 -16.90 -9.61
C HIS A 93 -30.11 -16.15 -8.42
N TYR A 94 -29.39 -16.19 -7.30
CA TYR A 94 -29.93 -15.66 -6.05
C TYR A 94 -28.90 -14.82 -5.32
N ILE A 95 -29.40 -13.89 -4.52
CA ILE A 95 -28.60 -13.05 -3.63
C ILE A 95 -29.25 -13.09 -2.26
N MET A 96 -28.67 -13.85 -1.33
CA MET A 96 -29.24 -14.05 0.00
C MET A 96 -28.67 -13.00 0.94
N VAL A 97 -29.56 -12.24 1.58
CA VAL A 97 -29.13 -11.20 2.50
C VAL A 97 -29.13 -11.69 3.95
N GLY A 98 -30.03 -12.58 4.30
CA GLY A 98 -30.10 -13.12 5.65
C GLY A 98 -30.44 -14.60 5.60
N ASN A 99 -31.05 -15.09 6.67
CA ASN A 99 -31.49 -16.49 6.72
C ASN A 99 -33.00 -16.60 6.54
N GLU A 100 -33.67 -15.48 6.26
CA GLU A 100 -35.11 -15.45 6.02
C GLU A 100 -35.43 -14.86 4.65
N THR A 101 -34.96 -13.65 4.37
CA THR A 101 -35.26 -12.97 3.12
C THR A 101 -34.13 -13.15 2.11
N GLY A 102 -34.42 -12.82 0.86
CA GLY A 102 -33.44 -12.92 -0.21
C GLY A 102 -33.97 -12.28 -1.48
N LEU A 103 -33.14 -12.35 -2.52
CA LEU A 103 -33.48 -11.80 -3.83
C LEU A 103 -33.18 -12.85 -4.90
N GLU A 104 -34.05 -12.92 -5.91
CA GLU A 104 -33.93 -13.89 -6.98
C GLU A 104 -33.67 -13.19 -8.30
N LEU A 105 -32.61 -13.61 -9.00
CA LEU A 105 -32.29 -13.11 -10.33
C LEU A 105 -32.66 -14.19 -11.34
N THR A 106 -33.71 -13.94 -12.11
CA THR A 106 -34.17 -14.89 -13.12
C THR A 106 -34.06 -14.31 -14.51
N LEU A 107 -33.76 -15.19 -15.47
CA LEU A 107 -33.66 -14.82 -16.88
C LEU A 107 -34.62 -15.73 -17.65
N THR A 108 -35.73 -15.15 -18.13
CA THR A 108 -36.74 -15.90 -18.83
C THR A 108 -37.30 -15.06 -19.98
N ASN A 109 -37.70 -15.74 -21.06
CA ASN A 109 -38.44 -15.07 -22.13
C ASN A 109 -39.81 -14.62 -21.68
N THR A 110 -40.38 -15.25 -20.65
CA THR A 110 -41.68 -14.85 -20.13
C THR A 110 -41.53 -13.60 -19.25
N SER A 111 -42.33 -12.59 -19.53
CA SER A 111 -42.31 -11.35 -18.77
C SER A 111 -43.40 -11.37 -17.70
N ILE A 112 -43.17 -10.58 -16.65
CA ILE A 112 -44.10 -10.46 -15.53
C ILE A 112 -44.73 -9.08 -15.47
N ILE A 113 -43.94 -8.02 -15.63
CA ILE A 113 -44.40 -6.65 -15.52
C ILE A 113 -44.71 -6.13 -16.92
N ASN A 114 -45.91 -5.57 -17.09
CA ASN A 114 -46.32 -4.97 -18.35
C ASN A 114 -46.24 -3.45 -18.34
N HIS A 115 -45.95 -2.83 -17.21
CA HIS A 115 -45.84 -1.38 -17.13
C HIS A 115 -44.60 -0.90 -17.89
N LYS A 116 -44.62 0.40 -18.22
CA LYS A 116 -43.48 1.07 -18.80
C LYS A 116 -42.90 2.14 -17.87
N PHE A 117 -43.46 2.27 -16.67
CA PHE A 117 -43.04 3.28 -15.71
C PHE A 117 -42.66 2.64 -14.39
N CYS A 118 -41.64 3.20 -13.74
CA CYS A 118 -41.13 2.70 -12.46
C CYS A 118 -41.30 3.79 -11.40
N ASN A 119 -42.34 3.66 -10.58
CA ASN A 119 -42.62 4.63 -9.52
C ASN A 119 -41.80 4.30 -8.28
N LEU A 120 -40.71 5.05 -8.10
CA LEU A 120 -39.87 4.91 -6.91
C LEU A 120 -40.30 5.87 -5.81
N SER A 121 -40.60 7.12 -6.18
CA SER A 121 -41.01 8.12 -5.18
C SER A 121 -42.23 7.66 -4.40
N ASP A 122 -43.21 7.08 -5.07
CA ASP A 122 -44.38 6.55 -4.38
C ASP A 122 -43.98 5.41 -3.45
N ALA A 123 -43.08 4.54 -3.91
CA ALA A 123 -42.61 3.44 -3.07
C ALA A 123 -41.75 3.94 -1.92
N HIS A 124 -41.04 5.05 -2.11
CA HIS A 124 -40.17 5.56 -1.06
C HIS A 124 -40.96 6.11 0.13
N LYS A 125 -42.19 6.59 -0.12
CA LYS A 125 -43.01 7.08 0.99
C LYS A 125 -43.45 5.96 1.92
N LYS A 126 -43.78 4.80 1.36
CA LYS A 126 -44.27 3.66 2.13
C LYS A 126 -43.12 2.69 2.34
N ASN A 127 -42.57 2.66 3.55
CA ASN A 127 -41.45 1.78 3.89
C ASN A 127 -41.87 0.34 4.10
N LEU A 128 -42.77 -0.17 3.27
CA LEU A 128 -43.17 -1.57 3.38
C LEU A 128 -42.05 -2.50 2.94
N TYR A 129 -41.22 -2.07 1.99
CA TYR A 129 -40.14 -2.89 1.50
C TYR A 129 -39.05 -3.03 2.56
N ASP A 130 -38.15 -3.99 2.34
CA ASP A 130 -37.00 -4.19 3.20
C ASP A 130 -35.86 -3.30 2.72
N HIS A 131 -35.38 -2.42 3.60
CA HIS A 131 -34.33 -1.49 3.21
C HIS A 131 -33.05 -2.22 2.81
N ALA A 132 -32.79 -3.39 3.39
CA ALA A 132 -31.62 -4.17 3.01
C ALA A 132 -31.75 -4.66 1.57
N LEU A 133 -32.88 -5.30 1.24
CA LEU A 133 -33.09 -5.74 -0.13
C LEU A 133 -33.21 -4.58 -1.08
N MET A 134 -33.78 -3.45 -0.64
CA MET A 134 -33.90 -2.27 -1.49
C MET A 134 -32.55 -1.62 -1.72
N SER A 135 -31.58 -1.82 -0.83
CA SER A 135 -30.24 -1.27 -1.02
C SER A 135 -29.45 -2.06 -2.06
N ILE A 136 -29.50 -3.40 -1.98
CA ILE A 136 -28.74 -4.22 -2.90
C ILE A 136 -29.32 -4.18 -4.32
N ILE A 137 -30.59 -3.81 -4.49
CA ILE A 137 -31.13 -3.61 -5.82
C ILE A 137 -30.84 -2.18 -6.29
N SER A 138 -30.65 -1.26 -5.35
CA SER A 138 -30.28 0.10 -5.71
C SER A 138 -28.84 0.16 -6.21
N THR A 139 -27.94 -0.57 -5.56
CA THR A 139 -26.55 -0.65 -6.02
C THR A 139 -26.46 -1.26 -7.42
N PHE A 140 -27.35 -2.19 -7.75
CA PHE A 140 -27.34 -2.82 -9.07
C PHE A 140 -27.57 -1.81 -10.17
N HIS A 141 -28.63 -1.00 -10.05
CA HIS A 141 -28.98 -0.06 -11.12
C HIS A 141 -27.89 0.98 -11.33
N LEU A 142 -27.26 1.44 -10.25
CA LEU A 142 -26.21 2.44 -10.39
C LEU A 142 -24.97 1.86 -11.07
N SER A 143 -24.71 0.55 -10.89
CA SER A 143 -23.53 -0.06 -11.48
C SER A 143 -23.67 -0.27 -12.98
N ILE A 144 -24.89 -0.21 -13.52
CA ILE A 144 -25.12 -0.41 -14.95
C ILE A 144 -24.45 0.71 -15.73
N PRO A 145 -23.47 0.41 -16.58
CA PRO A 145 -22.80 1.45 -17.35
C PRO A 145 -23.66 1.93 -18.51
N ASN A 146 -23.38 3.16 -18.93
CA ASN A 146 -24.01 3.82 -20.09
C ASN A 146 -25.51 3.53 -20.16
N PHE A 147 -26.20 3.82 -19.07
CA PHE A 147 -27.65 3.67 -19.01
C PHE A 147 -28.31 4.98 -19.46
N ASN A 148 -29.05 4.92 -20.56
CA ASN A 148 -29.68 6.11 -21.12
C ASN A 148 -31.21 5.98 -21.18
N GLN A 149 -31.73 4.96 -21.86
CA GLN A 149 -33.18 4.81 -21.99
C GLN A 149 -33.73 4.13 -20.74
N TYR A 150 -34.70 4.78 -20.10
CA TYR A 150 -35.34 4.25 -18.90
C TYR A 150 -36.63 3.51 -19.20
N GLU A 151 -37.14 3.59 -20.43
CA GLU A 151 -38.40 2.94 -20.78
C GLU A 151 -38.30 1.42 -20.77
N ALA A 152 -37.08 0.88 -20.92
CA ALA A 152 -36.88 -0.56 -20.80
C ALA A 152 -36.92 -1.05 -19.36
N MET A 153 -36.87 -0.13 -18.39
CA MET A 153 -36.88 -0.48 -16.97
C MET A 153 -38.28 -0.27 -16.41
N SER A 154 -38.83 -1.32 -15.79
CA SER A 154 -40.17 -1.27 -15.21
C SER A 154 -40.14 -1.94 -13.85
N CYS A 155 -40.97 -1.44 -12.94
CA CYS A 155 -40.97 -1.90 -11.56
C CYS A 155 -42.40 -2.10 -11.08
N ASP A 156 -42.52 -2.56 -9.83
CA ASP A 156 -43.79 -2.75 -9.16
C ASP A 156 -43.56 -3.00 -7.67
N PHE A 157 -43.60 -1.94 -6.86
CA PHE A 157 -43.33 -2.04 -5.42
C PHE A 157 -44.61 -2.01 -4.60
N ASN A 158 -45.75 -2.41 -5.17
CA ASN A 158 -47.01 -2.36 -4.44
C ASN A 158 -47.00 -3.34 -3.27
N GLY A 159 -47.33 -2.84 -2.08
CA GLY A 159 -47.41 -3.68 -0.90
C GLY A 159 -46.11 -4.24 -0.40
N GLY A 160 -45.00 -3.55 -0.67
CA GLY A 160 -43.69 -3.98 -0.21
C GLY A 160 -43.00 -4.99 -1.11
N LYS A 161 -43.75 -5.73 -1.93
CA LYS A 161 -43.16 -6.68 -2.86
C LYS A 161 -42.39 -5.93 -3.93
N ILE A 162 -41.06 -6.02 -3.88
CA ILE A 162 -40.20 -5.34 -4.85
C ILE A 162 -40.00 -6.26 -6.05
N SER A 163 -40.13 -5.69 -7.25
CA SER A 163 -39.98 -6.46 -8.48
C SER A 163 -39.60 -5.51 -9.62
N VAL A 164 -38.47 -5.79 -10.26
CA VAL A 164 -37.97 -4.97 -11.36
C VAL A 164 -37.72 -5.87 -12.57
N GLN A 165 -38.08 -5.37 -13.75
CA GLN A 165 -37.93 -6.09 -15.00
C GLN A 165 -37.15 -5.24 -15.99
N TYR A 166 -36.22 -5.86 -16.70
CA TYR A 166 -35.40 -5.20 -17.71
C TYR A 166 -35.73 -5.81 -19.07
N ASN A 167 -36.31 -5.02 -19.96
CA ASN A 167 -36.62 -5.48 -21.31
C ASN A 167 -35.32 -5.48 -22.12
N LEU A 168 -34.88 -6.66 -22.54
CA LEU A 168 -33.65 -6.81 -23.30
C LEU A 168 -33.90 -6.90 -24.80
N SER A 169 -35.12 -6.58 -25.26
CA SER A 169 -35.43 -6.66 -26.67
C SER A 169 -34.96 -5.43 -27.45
N HIS A 170 -34.70 -4.32 -26.77
CA HIS A 170 -34.23 -3.11 -27.44
C HIS A 170 -32.82 -3.29 -27.98
N CYS A 180 -23.61 -4.59 -30.31
CA CYS A 180 -22.77 -4.36 -29.15
C CYS A 180 -22.97 -2.94 -28.60
N GLY A 181 -22.44 -2.70 -27.40
CA GLY A 181 -22.55 -1.40 -26.77
C GLY A 181 -23.98 -0.91 -26.61
N THR A 182 -24.90 -1.81 -26.31
CA THR A 182 -26.30 -1.46 -26.12
C THR A 182 -26.65 -1.47 -24.63
N VAL A 183 -27.92 -1.19 -24.34
CA VAL A 183 -28.38 -1.24 -22.96
C VAL A 183 -28.48 -2.68 -22.48
N ALA A 184 -28.69 -3.63 -23.40
CA ALA A 184 -28.76 -5.04 -23.01
C ALA A 184 -27.42 -5.54 -22.48
N ASN A 185 -26.31 -5.01 -22.98
CA ASN A 185 -25.00 -5.43 -22.49
C ASN A 185 -24.76 -4.94 -21.07
N GLY A 186 -24.99 -3.65 -20.82
CA GLY A 186 -24.77 -3.09 -19.49
C GLY A 186 -25.53 -3.84 -18.41
N VAL A 187 -26.76 -4.25 -18.69
CA VAL A 187 -27.54 -5.00 -17.71
C VAL A 187 -26.91 -6.36 -17.47
N LEU A 188 -26.58 -7.08 -18.54
CA LEU A 188 -25.88 -8.36 -18.39
C LEU A 188 -24.48 -8.18 -17.82
N GLN A 189 -23.84 -7.04 -18.10
CA GLN A 189 -22.52 -6.77 -17.55
C GLN A 189 -22.57 -6.67 -16.03
N THR A 190 -23.49 -5.85 -15.51
CA THR A 190 -23.66 -5.74 -14.07
C THR A 190 -24.14 -7.05 -13.46
N PHE A 191 -25.07 -7.72 -14.14
CA PHE A 191 -25.56 -9.01 -13.65
C PHE A 191 -24.44 -10.04 -13.58
N MET A 192 -23.55 -10.05 -14.56
CA MET A 192 -22.45 -11.02 -14.55
C MET A 192 -21.56 -10.85 -13.33
N ARG A 193 -21.28 -9.61 -12.95
CA ARG A 193 -20.47 -9.36 -11.76
C ARG A 193 -21.23 -9.65 -10.48
N MET A 194 -22.52 -9.31 -10.45
CA MET A 194 -23.32 -9.51 -9.23
C MET A 194 -23.33 -10.98 -8.82
N ALA A 195 -23.75 -11.86 -9.73
CA ALA A 195 -23.74 -13.30 -9.49
C ALA A 195 -22.38 -13.87 -9.91
N TRP A 196 -21.34 -13.41 -9.22
CA TRP A 196 -19.97 -13.81 -9.53
C TRP A 196 -19.79 -15.32 -9.53
N GLY A 197 -20.54 -16.02 -8.67
CA GLY A 197 -20.45 -17.46 -8.57
C GLY A 197 -20.60 -18.19 -9.90
N GLY A 198 -21.81 -18.18 -10.46
CA GLY A 198 -22.05 -18.91 -11.69
C GLY A 198 -22.74 -18.11 -12.78
N SER A 199 -22.27 -16.89 -13.02
CA SER A 199 -22.85 -16.08 -14.10
C SER A 199 -22.45 -16.61 -15.46
N TYR A 200 -21.25 -17.18 -15.58
CA TYR A 200 -20.73 -17.61 -16.88
C TYR A 200 -21.63 -18.64 -17.56
N ILE A 201 -22.36 -19.44 -16.78
CA ILE A 201 -23.25 -20.43 -17.39
C ILE A 201 -24.37 -19.74 -18.17
N ALA A 202 -24.73 -18.52 -17.79
CA ALA A 202 -25.82 -17.83 -18.48
C ALA A 202 -25.40 -17.40 -19.88
N LEU A 203 -24.30 -16.67 -19.98
CA LEU A 203 -23.83 -16.18 -21.28
C LEU A 203 -23.16 -17.32 -22.05
N ASP A 204 -23.50 -17.42 -23.34
CA ASP A 204 -22.87 -18.42 -24.19
C ASP A 204 -21.54 -17.93 -24.75
N SER A 205 -21.45 -16.63 -25.05
CA SER A 205 -20.24 -16.02 -25.59
C SER A 205 -19.47 -15.24 -24.52
N GLY A 206 -19.44 -15.75 -23.29
CA GLY A 206 -18.80 -15.01 -22.21
C GLY A 206 -17.31 -14.84 -22.39
N CYS A 207 -16.60 -15.92 -22.68
CA CYS A 207 -15.14 -15.85 -22.80
C CYS A 207 -14.74 -15.05 -24.03
N GLY A 208 -13.84 -14.08 -23.83
CA GLY A 208 -13.34 -13.26 -24.91
C GLY A 208 -14.24 -12.11 -25.33
N ASN A 209 -15.39 -11.92 -24.68
CA ASN A 209 -16.30 -10.84 -25.00
C ASN A 209 -16.58 -10.00 -23.77
N TRP A 210 -16.41 -8.69 -23.90
CA TRP A 210 -16.66 -7.76 -22.81
C TRP A 210 -17.84 -6.84 -23.10
N ASP A 211 -17.76 -6.06 -24.18
CA ASP A 211 -18.83 -5.16 -24.57
C ASP A 211 -19.89 -5.81 -25.46
N CYS A 212 -19.66 -7.05 -25.90
CA CYS A 212 -20.57 -7.74 -26.82
C CYS A 212 -21.24 -8.95 -26.18
N ILE A 213 -21.32 -9.00 -24.85
CA ILE A 213 -21.97 -10.12 -24.19
C ILE A 213 -23.47 -10.07 -24.46
N MET A 214 -24.03 -11.22 -24.85
CA MET A 214 -25.45 -11.29 -25.19
C MET A 214 -25.99 -12.65 -24.80
N THR A 215 -27.32 -12.75 -24.75
CA THR A 215 -28.02 -13.99 -24.41
C THR A 215 -29.16 -14.19 -25.40
N SER A 216 -29.92 -15.27 -25.17
CA SER A 216 -31.16 -15.51 -25.89
C SER A 216 -32.39 -15.07 -25.12
N TYR A 217 -32.30 -14.98 -23.80
CA TYR A 217 -33.43 -14.55 -22.98
C TYR A 217 -33.76 -13.09 -23.25
N GLN A 218 -35.06 -12.77 -23.14
CA GLN A 218 -35.55 -11.43 -23.46
C GLN A 218 -35.74 -10.55 -22.23
N TYR A 219 -35.92 -11.13 -21.05
CA TYR A 219 -36.20 -10.34 -19.85
C TYR A 219 -35.32 -10.81 -18.70
N LEU A 220 -34.96 -9.86 -17.83
CA LEU A 220 -34.23 -10.12 -16.59
C LEU A 220 -35.08 -9.57 -15.45
N ILE A 221 -35.66 -10.47 -14.67
CA ILE A 221 -36.58 -10.10 -13.58
C ILE A 221 -35.89 -10.35 -12.25
N ILE A 222 -36.03 -9.40 -11.33
CA ILE A 222 -35.48 -9.50 -9.98
C ILE A 222 -36.64 -9.35 -9.00
N GLN A 223 -36.88 -10.39 -8.22
CA GLN A 223 -37.98 -10.40 -7.25
C GLN A 223 -37.43 -10.75 -5.87
N ASN A 224 -38.27 -10.51 -4.86
CA ASN A 224 -37.96 -10.88 -3.48
C ASN A 224 -38.44 -12.30 -3.22
N THR A 225 -37.60 -13.09 -2.56
CA THR A 225 -37.94 -14.47 -2.24
C THR A 225 -37.45 -14.83 -0.85
N THR A 226 -37.96 -15.94 -0.33
CA THR A 226 -37.55 -16.46 0.95
C THR A 226 -36.36 -17.40 0.79
N TRP A 227 -35.58 -17.53 1.86
CA TRP A 227 -34.38 -18.35 1.81
C TRP A 227 -34.73 -19.82 1.68
N GLU A 228 -34.12 -20.48 0.70
CA GLU A 228 -34.23 -21.93 0.53
C GLU A 228 -32.90 -22.44 -0.02
N ASP A 229 -32.56 -23.67 0.36
CA ASP A 229 -31.29 -24.26 -0.07
C ASP A 229 -31.32 -24.59 -1.55
N HIS A 230 -31.01 -23.61 -2.40
CA HIS A 230 -30.99 -23.79 -3.85
C HIS A 230 -29.73 -23.20 -4.46
N CYS A 231 -28.59 -23.37 -3.79
CA CYS A 231 -27.30 -22.96 -4.32
C CYS A 231 -26.55 -24.16 -4.89
N GLN A 232 -27.19 -24.79 -5.89
CA GLN A 232 -26.72 -26.08 -6.39
C GLN A 232 -25.51 -25.94 -7.30
N PHE A 233 -25.55 -25.00 -8.25
CA PHE A 233 -24.47 -24.92 -9.23
C PHE A 233 -23.20 -24.32 -8.64
N SER A 234 -23.34 -23.27 -7.83
CA SER A 234 -22.18 -22.60 -7.26
C SER A 234 -22.47 -22.25 -5.81
N ARG A 235 -21.42 -22.30 -4.99
CA ARG A 235 -21.54 -21.97 -3.58
C ARG A 235 -21.69 -20.46 -3.41
N PRO A 236 -22.35 -20.01 -2.35
CA PRO A 236 -22.53 -18.57 -2.15
C PRO A 236 -21.21 -17.89 -1.81
N SER A 237 -21.15 -16.59 -2.11
CA SER A 237 -19.96 -15.79 -1.84
C SER A 237 -20.35 -14.32 -1.92
N PRO A 238 -19.73 -13.47 -1.10
CA PRO A 238 -20.09 -12.04 -1.13
C PRO A 238 -19.27 -11.25 -2.15
N ILE A 239 -18.15 -11.84 -2.60
CA ILE A 239 -17.22 -11.14 -3.49
C ILE A 239 -17.93 -10.45 -4.63
N GLY A 240 -19.01 -11.03 -5.14
CA GLY A 240 -19.78 -10.41 -6.20
C GLY A 240 -20.33 -9.05 -5.82
N TYR A 241 -21.15 -9.00 -4.77
CA TYR A 241 -21.70 -7.74 -4.28
C TYR A 241 -20.59 -6.76 -3.87
N LEU A 242 -19.52 -7.27 -3.26
CA LEU A 242 -18.44 -6.42 -2.79
C LEU A 242 -17.81 -5.62 -3.93
N GLY A 243 -17.62 -6.25 -5.10
CA GLY A 243 -16.99 -5.57 -6.20
C GLY A 243 -17.79 -4.41 -6.76
N LEU A 244 -19.12 -4.52 -6.74
CA LEU A 244 -19.97 -3.50 -7.35
C LEU A 244 -20.10 -2.23 -6.51
N LEU A 245 -19.74 -2.28 -5.23
CA LEU A 245 -19.90 -1.09 -4.39
C LEU A 245 -19.01 0.04 -4.87
N SER A 246 -17.80 -0.28 -5.35
CA SER A 246 -16.91 0.75 -5.87
C SER A 246 -17.37 1.24 -7.24
N GLN A 247 -17.90 0.34 -8.07
CA GLN A 247 -18.32 0.70 -9.43
C GLN A 247 -19.57 1.58 -9.44
N ARG A 248 -20.30 1.64 -8.33
CA ARG A 248 -21.55 2.39 -8.29
C ARG A 248 -21.34 3.84 -8.71
N THR A 249 -22.34 4.39 -9.40
CA THR A 249 -22.40 5.81 -9.83
C THR A 249 -21.13 6.26 -10.57
N ARG A 250 -20.52 5.35 -11.34
CA ARG A 250 -19.28 5.68 -12.04
C ARG A 250 -19.34 5.52 -13.55
N ASP A 251 -20.50 5.27 -14.13
CA ASP A 251 -20.61 5.14 -15.59
C ASP A 251 -22.00 5.55 -16.06
N ILE A 252 -22.49 6.69 -15.58
CA ILE A 252 -23.83 7.17 -15.91
C ILE A 252 -23.71 8.49 -16.65
N TYR A 253 -24.73 8.81 -17.44
CA TYR A 253 -24.79 10.07 -18.15
C TYR A 253 -25.60 11.08 -17.35
N ILE A 254 -25.72 12.30 -17.88
CA ILE A 254 -26.42 13.38 -17.22
C ILE A 254 -27.89 13.32 -17.59
N SER A 255 -28.76 13.51 -16.60
CA SER A 255 -30.20 13.48 -16.81
C SER A 255 -30.70 14.81 -17.36
N THR B 59 28.11 10.09 -21.09
CA THR B 59 27.79 11.52 -21.08
C THR B 59 28.07 12.14 -19.72
N SER B 60 27.30 11.73 -18.71
CA SER B 60 27.46 12.21 -17.34
C SER B 60 27.50 11.00 -16.42
N LEU B 61 28.61 10.85 -15.69
CA LEU B 61 28.83 9.69 -14.84
C LEU B 61 28.71 10.06 -13.38
N TYR B 62 28.18 9.14 -12.58
CA TYR B 62 28.09 9.27 -11.14
C TYR B 62 28.79 8.08 -10.49
N LYS B 63 29.55 8.35 -9.43
CA LYS B 63 30.37 7.37 -8.73
C LYS B 63 31.43 6.72 -9.62
N GLY B 64 31.59 7.22 -10.85
CA GLY B 64 32.58 6.70 -11.77
C GLY B 64 32.13 5.54 -12.62
N VAL B 65 31.07 4.84 -12.23
CA VAL B 65 30.65 3.65 -12.97
C VAL B 65 29.24 3.82 -13.54
N TYR B 66 28.39 4.53 -12.81
CA TYR B 66 26.99 4.69 -13.21
C TYR B 66 26.84 5.86 -14.17
N GLU B 67 26.26 5.60 -15.34
CA GLU B 67 26.04 6.60 -16.37
C GLU B 67 24.56 6.97 -16.41
N LEU B 68 24.29 8.27 -16.44
CA LEU B 68 22.91 8.77 -16.42
C LEU B 68 22.30 8.65 -17.82
N GLN B 69 21.18 7.96 -17.91
CA GLN B 69 20.45 7.78 -19.16
C GLN B 69 18.98 8.10 -18.96
N THR B 70 18.30 8.41 -20.06
CA THR B 70 16.91 8.84 -20.03
C THR B 70 16.07 7.97 -20.95
N LEU B 71 14.76 8.21 -20.94
CA LEU B 71 13.82 7.54 -21.83
C LEU B 71 12.53 8.34 -21.85
N GLU B 72 11.88 8.36 -23.02
CA GLU B 72 10.62 9.06 -23.21
C GLU B 72 9.58 8.09 -23.76
N LEU B 73 8.46 7.96 -23.05
CA LEU B 73 7.42 7.03 -23.44
C LEU B 73 6.55 7.61 -24.56
N ASN B 74 6.11 6.73 -25.44
CA ASN B 74 5.21 7.09 -26.55
C ASN B 74 3.81 6.62 -26.20
N MET B 75 3.03 7.50 -25.59
CA MET B 75 1.68 7.15 -25.15
C MET B 75 0.74 6.85 -26.31
N GLU B 76 1.12 7.23 -27.54
CA GLU B 76 0.29 6.96 -28.71
C GLU B 76 -0.08 5.49 -28.84
N THR B 77 0.72 4.59 -28.25
CA THR B 77 0.43 3.17 -28.31
C THR B 77 -0.91 2.84 -27.64
N LEU B 78 -1.24 3.55 -26.55
CA LEU B 78 -2.43 3.26 -25.76
C LEU B 78 -3.72 3.75 -26.39
N ASN B 79 -3.68 4.31 -27.60
CA ASN B 79 -4.86 4.89 -28.23
C ASN B 79 -6.03 3.91 -28.29
N MET B 80 -5.75 2.62 -28.46
CA MET B 80 -6.82 1.64 -28.61
C MET B 80 -7.54 1.37 -27.29
N THR B 81 -6.80 1.34 -26.18
CA THR B 81 -7.38 0.94 -24.91
C THR B 81 -7.97 2.12 -24.13
N MET B 82 -7.34 3.28 -24.18
CA MET B 82 -7.72 4.42 -23.37
C MET B 82 -7.64 5.68 -24.21
N PRO B 83 -8.34 6.74 -23.82
CA PRO B 83 -8.23 8.01 -24.55
C PRO B 83 -6.94 8.74 -24.20
N LEU B 84 -6.55 9.64 -25.11
CA LEU B 84 -5.31 10.38 -24.99
C LEU B 84 -5.58 11.86 -25.19
N SER B 85 -5.09 12.68 -24.26
CA SER B 85 -5.30 14.13 -24.30
C SER B 85 -4.00 14.83 -24.68
N CYS B 86 -4.09 15.77 -25.61
CA CYS B 86 -2.94 16.54 -26.05
C CYS B 86 -3.38 17.98 -26.32
N THR B 87 -2.44 18.78 -26.82
CA THR B 87 -2.65 20.20 -27.05
C THR B 87 -2.03 20.60 -28.38
N LYS B 88 -2.77 21.41 -29.16
CA LYS B 88 -2.27 21.92 -30.42
C LYS B 88 -1.69 23.32 -30.24
N ASN B 89 -2.54 24.29 -29.92
CA ASN B 89 -2.10 25.65 -29.63
C ASN B 89 -2.90 26.16 -28.43
N ASN B 90 -2.84 27.47 -28.21
CA ASN B 90 -3.47 28.07 -27.04
C ASN B 90 -4.98 27.83 -27.03
N SER B 91 -5.61 27.84 -28.20
CA SER B 91 -7.06 27.80 -28.27
C SER B 91 -7.62 26.40 -28.45
N HIS B 92 -6.88 25.48 -29.06
CA HIS B 92 -7.39 24.18 -29.45
C HIS B 92 -6.71 23.07 -28.66
N HIS B 93 -7.53 22.18 -28.09
CA HIS B 93 -7.07 21.02 -27.35
C HIS B 93 -7.90 19.82 -27.78
N TYR B 94 -7.33 18.62 -27.67
CA TYR B 94 -7.98 17.43 -28.22
C TYR B 94 -7.90 16.26 -27.24
N ILE B 95 -8.88 15.37 -27.37
CA ILE B 95 -8.91 14.09 -26.65
C ILE B 95 -9.28 13.05 -27.70
N MET B 96 -8.30 12.30 -28.17
CA MET B 96 -8.49 11.36 -29.27
C MET B 96 -8.83 9.97 -28.73
N VAL B 97 -10.01 9.47 -29.10
CA VAL B 97 -10.46 8.13 -28.73
C VAL B 97 -10.21 7.23 -29.94
N GLY B 98 -9.14 6.44 -29.88
CA GLY B 98 -8.81 5.56 -30.98
C GLY B 98 -8.02 6.27 -32.07
N ASN B 99 -8.09 5.71 -33.28
CA ASN B 99 -7.41 6.27 -34.44
C ASN B 99 -8.35 6.86 -35.47
N GLU B 100 -9.66 6.91 -35.20
CA GLU B 100 -10.61 7.48 -36.14
C GLU B 100 -11.40 8.63 -35.55
N THR B 101 -12.08 8.43 -34.42
CA THR B 101 -12.90 9.47 -33.82
C THR B 101 -12.14 10.19 -32.72
N GLY B 102 -12.68 11.33 -32.31
CA GLY B 102 -12.05 12.11 -31.26
C GLY B 102 -12.95 13.24 -30.82
N LEU B 103 -12.43 14.03 -29.87
CA LEU B 103 -13.14 15.18 -29.33
C LEU B 103 -12.20 16.39 -29.31
N GLU B 104 -12.76 17.56 -29.64
CA GLU B 104 -11.99 18.79 -29.71
C GLU B 104 -12.45 19.75 -28.62
N LEU B 105 -11.50 20.25 -27.83
CA LEU B 105 -11.76 21.27 -26.82
C LEU B 105 -11.24 22.60 -27.34
N THR B 106 -12.15 23.51 -27.67
CA THR B 106 -11.78 24.82 -28.20
C THR B 106 -12.24 25.92 -27.26
N LEU B 107 -11.45 26.98 -27.20
CA LEU B 107 -11.74 28.17 -26.40
C LEU B 107 -11.75 29.37 -27.34
N THR B 108 -12.94 29.92 -27.59
CA THR B 108 -13.07 31.03 -28.52
C THR B 108 -14.09 32.03 -27.99
N ASN B 109 -13.90 33.30 -28.30
CA ASN B 109 -14.91 34.30 -28.03
C ASN B 109 -16.14 34.10 -28.91
N THR B 110 -15.96 33.46 -30.07
CA THR B 110 -17.07 33.17 -30.96
C THR B 110 -17.85 31.97 -30.46
N SER B 111 -19.16 32.13 -30.34
CA SER B 111 -20.04 31.05 -29.89
C SER B 111 -20.65 30.34 -31.09
N ILE B 112 -21.04 29.08 -30.86
CA ILE B 112 -21.64 28.25 -31.88
C ILE B 112 -23.11 27.96 -31.57
N ILE B 113 -23.41 27.62 -30.33
CA ILE B 113 -24.75 27.26 -29.89
C ILE B 113 -25.41 28.49 -29.28
N ASN B 114 -26.61 28.83 -29.76
CA ASN B 114 -27.38 29.94 -29.22
C ASN B 114 -28.53 29.47 -28.34
N HIS B 115 -28.75 28.17 -28.23
CA HIS B 115 -29.83 27.64 -27.40
C HIS B 115 -29.55 27.91 -25.91
N LYS B 116 -30.62 27.81 -25.11
CA LYS B 116 -30.52 27.91 -23.67
C LYS B 116 -30.86 26.60 -22.98
N PHE B 117 -31.17 25.55 -23.74
CA PHE B 117 -31.55 24.26 -23.20
C PHE B 117 -30.68 23.16 -23.78
N CYS B 118 -30.41 22.14 -22.95
CA CYS B 118 -29.60 20.99 -23.33
C CYS B 118 -30.51 19.76 -23.26
N ASN B 119 -30.97 19.29 -24.42
CA ASN B 119 -31.88 18.15 -24.49
C ASN B 119 -31.08 16.87 -24.39
N LEU B 120 -31.07 16.26 -23.20
CA LEU B 120 -30.40 14.99 -22.99
C LEU B 120 -31.33 13.80 -23.18
N SER B 121 -32.55 13.88 -22.63
CA SER B 121 -33.49 12.77 -22.75
C SER B 121 -33.80 12.45 -24.20
N ASP B 122 -33.97 13.49 -25.03
CA ASP B 122 -34.22 13.26 -26.46
C ASP B 122 -33.02 12.61 -27.13
N ALA B 123 -31.81 13.03 -26.77
CA ALA B 123 -30.61 12.45 -27.37
C ALA B 123 -30.40 11.01 -26.92
N HIS B 124 -30.81 10.67 -25.69
CA HIS B 124 -30.63 9.30 -25.21
C HIS B 124 -31.53 8.32 -25.93
N LYS B 125 -32.68 8.78 -26.43
CA LYS B 125 -33.58 7.89 -27.15
C LYS B 125 -32.96 7.44 -28.48
N LYS B 126 -32.27 8.34 -29.17
CA LYS B 126 -31.65 8.04 -30.46
C LYS B 126 -30.16 7.82 -30.22
N ASN B 127 -29.74 6.56 -30.26
CA ASN B 127 -28.33 6.20 -30.04
C ASN B 127 -27.45 6.45 -31.26
N LEU B 128 -27.65 7.56 -31.96
CA LEU B 128 -26.82 7.88 -33.12
C LEU B 128 -25.39 8.23 -32.71
N TYR B 129 -25.22 8.85 -31.54
CA TYR B 129 -23.92 9.27 -31.07
C TYR B 129 -23.06 8.07 -30.69
N ASP B 130 -21.76 8.33 -30.52
CA ASP B 130 -20.81 7.32 -30.09
C ASP B 130 -20.78 7.28 -28.56
N HIS B 131 -21.07 6.11 -27.99
CA HIS B 131 -21.11 5.99 -26.54
C HIS B 131 -19.76 6.28 -25.89
N ALA B 132 -18.66 6.03 -26.62
CA ALA B 132 -17.34 6.31 -26.07
C ALA B 132 -17.13 7.81 -25.91
N LEU B 133 -17.42 8.59 -26.95
CA LEU B 133 -17.28 10.04 -26.84
C LEU B 133 -18.30 10.62 -25.87
N MET B 134 -19.49 10.03 -25.78
CA MET B 134 -20.50 10.50 -24.84
C MET B 134 -20.10 10.19 -23.40
N SER B 135 -19.27 9.17 -23.19
CA SER B 135 -18.82 8.85 -21.84
C SER B 135 -17.75 9.83 -21.37
N ILE B 136 -16.76 10.13 -22.22
CA ILE B 136 -15.71 11.05 -21.82
C ILE B 136 -16.23 12.48 -21.71
N ILE B 137 -17.36 12.80 -22.35
CA ILE B 137 -17.99 14.09 -22.15
C ILE B 137 -18.91 14.10 -20.94
N SER B 138 -19.44 12.94 -20.54
CA SER B 138 -20.26 12.86 -19.34
C SER B 138 -19.42 12.98 -18.07
N THR B 139 -18.26 12.32 -18.04
CA THR B 139 -17.37 12.43 -16.90
C THR B 139 -16.89 13.87 -16.72
N PHE B 140 -16.76 14.62 -17.81
CA PHE B 140 -16.34 16.02 -17.72
C PHE B 140 -17.35 16.83 -16.93
N HIS B 141 -18.63 16.75 -17.31
CA HIS B 141 -19.65 17.54 -16.64
C HIS B 141 -19.81 17.14 -15.18
N LEU B 142 -19.69 15.84 -14.89
CA LEU B 142 -19.81 15.38 -13.51
C LEU B 142 -18.65 15.85 -12.66
N SER B 143 -17.46 16.01 -13.25
CA SER B 143 -16.29 16.43 -12.50
C SER B 143 -16.32 17.92 -12.14
N ILE B 144 -17.16 18.70 -12.79
CA ILE B 144 -17.24 20.14 -12.54
C ILE B 144 -17.71 20.38 -11.11
N PRO B 145 -16.91 21.01 -10.26
CA PRO B 145 -17.35 21.28 -8.89
C PRO B 145 -18.36 22.41 -8.83
N ASN B 146 -19.14 22.40 -7.75
CA ASN B 146 -20.12 23.44 -7.40
C ASN B 146 -20.89 23.95 -8.60
N PHE B 147 -21.48 23.02 -9.35
CA PHE B 147 -22.31 23.37 -10.49
C PHE B 147 -23.75 23.56 -10.05
N ASN B 148 -24.26 24.78 -10.19
CA ASN B 148 -25.62 25.10 -9.77
C ASN B 148 -26.45 25.59 -10.95
N ALA B 152 -26.16 28.24 -18.30
CA ALA B 152 -24.90 28.54 -18.98
C ALA B 152 -24.47 27.36 -19.84
N MET B 153 -25.09 26.21 -19.63
CA MET B 153 -24.78 25.00 -20.36
C MET B 153 -25.79 24.78 -21.48
N SER B 154 -25.30 24.63 -22.71
CA SER B 154 -26.15 24.43 -23.87
C SER B 154 -25.54 23.35 -24.75
N CYS B 155 -26.41 22.57 -25.40
CA CYS B 155 -25.97 21.43 -26.19
C CYS B 155 -26.71 21.39 -27.52
N ASP B 156 -26.36 20.40 -28.34
CA ASP B 156 -27.01 20.15 -29.62
C ASP B 156 -26.57 18.79 -30.15
N PHE B 157 -27.36 17.75 -29.87
CA PHE B 157 -27.02 16.38 -30.27
C PHE B 157 -27.82 15.91 -31.48
N ASN B 158 -28.27 16.83 -32.33
CA ASN B 158 -29.07 16.44 -33.49
C ASN B 158 -28.26 15.62 -34.47
N GLY B 159 -28.78 14.46 -34.85
CA GLY B 159 -28.13 13.62 -35.83
C GLY B 159 -26.83 12.98 -35.36
N GLY B 160 -26.69 12.77 -34.06
CA GLY B 160 -25.50 12.15 -33.51
C GLY B 160 -24.33 13.09 -33.26
N LYS B 161 -24.28 14.23 -33.94
CA LYS B 161 -23.22 15.20 -33.74
C LYS B 161 -23.35 15.82 -32.35
N ILE B 162 -22.45 15.47 -31.46
CA ILE B 162 -22.47 15.97 -30.09
C ILE B 162 -21.68 17.28 -30.02
N SER B 163 -22.26 18.28 -29.35
CA SER B 163 -21.64 19.59 -29.23
C SER B 163 -22.15 20.25 -27.96
N VAL B 164 -21.23 20.66 -27.08
CA VAL B 164 -21.57 21.27 -25.81
C VAL B 164 -20.85 22.62 -25.72
N GLN B 165 -21.57 23.63 -25.23
CA GLN B 165 -21.03 24.97 -25.08
C GLN B 165 -21.25 25.46 -23.66
N TYR B 166 -20.21 26.09 -23.09
CA TYR B 166 -20.26 26.65 -21.74
C TYR B 166 -20.10 28.16 -21.83
N ASN B 167 -21.14 28.90 -21.48
CA ASN B 167 -21.09 30.36 -21.46
C ASN B 167 -20.35 30.83 -20.21
N LEU B 168 -19.20 31.48 -20.40
CA LEU B 168 -18.41 31.97 -19.27
C LEU B 168 -18.70 33.44 -19.00
N CYS B 180 -14.01 35.33 -8.36
CA CYS B 180 -13.58 33.99 -8.03
C CYS B 180 -14.74 33.14 -7.52
N GLY B 181 -14.51 31.84 -7.42
CA GLY B 181 -15.53 30.92 -6.94
C GLY B 181 -16.83 30.95 -7.73
N THR B 182 -16.73 31.12 -9.04
CA THR B 182 -17.90 31.17 -9.91
C THR B 182 -18.02 29.87 -10.69
N VAL B 183 -19.05 29.80 -11.55
CA VAL B 183 -19.22 28.63 -12.40
C VAL B 183 -18.15 28.60 -13.49
N ALA B 184 -17.63 29.76 -13.87
CA ALA B 184 -16.58 29.81 -14.88
C ALA B 184 -15.29 29.17 -14.38
N ASN B 185 -15.04 29.23 -13.07
CA ASN B 185 -13.85 28.60 -12.51
C ASN B 185 -13.93 27.08 -12.61
N GLY B 186 -15.04 26.51 -12.14
CA GLY B 186 -15.19 25.06 -12.17
C GLY B 186 -15.01 24.45 -13.55
N VAL B 187 -15.52 25.13 -14.58
CA VAL B 187 -15.38 24.61 -15.94
C VAL B 187 -13.92 24.63 -16.37
N LEU B 188 -13.25 25.76 -16.19
CA LEU B 188 -11.82 25.82 -16.49
C LEU B 188 -11.01 24.93 -15.55
N GLN B 189 -11.48 24.74 -14.32
CA GLN B 189 -10.79 23.86 -13.38
C GLN B 189 -10.80 22.42 -13.89
N THR B 190 -11.98 21.93 -14.29
CA THR B 190 -12.08 20.59 -14.85
C THR B 190 -11.34 20.51 -16.19
N PHE B 191 -11.46 21.55 -17.01
CA PHE B 191 -10.77 21.56 -18.30
C PHE B 191 -9.25 21.50 -18.12
N MET B 192 -8.73 22.21 -17.12
CA MET B 192 -7.29 22.22 -16.90
C MET B 192 -6.77 20.82 -16.57
N ARG B 193 -7.51 20.06 -15.77
CA ARG B 193 -7.11 18.69 -15.48
C ARG B 193 -7.35 17.79 -16.69
N MET B 194 -8.42 18.05 -17.44
CA MET B 194 -8.74 17.23 -18.60
C MET B 194 -7.60 17.24 -19.62
N ALA B 195 -7.20 18.42 -20.07
CA ALA B 195 -6.07 18.56 -20.98
C ALA B 195 -4.77 18.71 -20.19
N TRP B 196 -4.45 17.65 -19.44
CA TRP B 196 -3.28 17.67 -18.57
C TRP B 196 -2.00 18.01 -19.31
N GLY B 197 -1.89 17.60 -20.57
CA GLY B 197 -0.72 17.88 -21.38
C GLY B 197 -0.30 19.33 -21.42
N GLY B 198 -1.06 20.17 -22.12
CA GLY B 198 -0.69 21.56 -22.27
C GLY B 198 -1.80 22.55 -21.98
N SER B 199 -2.53 22.36 -20.88
CA SER B 199 -3.60 23.29 -20.52
C SER B 199 -3.04 24.62 -20.01
N TYR B 200 -1.88 24.59 -19.36
CA TYR B 200 -1.34 25.79 -18.71
C TYR B 200 -1.16 26.95 -19.68
N ILE B 201 -0.94 26.66 -20.97
CA ILE B 201 -0.76 27.74 -21.94
C ILE B 201 -2.04 28.57 -22.08
N ALA B 202 -3.20 27.98 -21.79
CA ALA B 202 -4.46 28.70 -21.93
C ALA B 202 -4.62 29.77 -20.85
N LEU B 203 -4.49 29.37 -19.58
CA LEU B 203 -4.68 30.30 -18.47
C LEU B 203 -3.46 31.19 -18.31
N ASP B 204 -3.71 32.49 -18.11
CA ASP B 204 -2.62 33.43 -17.90
C ASP B 204 -2.18 33.47 -16.44
N SER B 205 -3.12 33.38 -15.50
CA SER B 205 -2.84 33.40 -14.07
C SER B 205 -2.95 32.01 -13.45
N GLY B 206 -2.57 30.97 -14.18
CA GLY B 206 -2.73 29.61 -13.68
C GLY B 206 -1.87 29.34 -12.45
N CYS B 207 -0.58 29.69 -12.53
CA CYS B 207 0.34 29.39 -11.45
C CYS B 207 0.00 30.21 -10.20
N GLY B 208 -0.10 29.53 -9.07
CA GLY B 208 -0.39 30.17 -7.81
C GLY B 208 -1.86 30.47 -7.57
N ASN B 209 -2.73 30.16 -8.52
CA ASN B 209 -4.17 30.39 -8.39
C ASN B 209 -4.91 29.10 -8.63
N TRP B 210 -5.82 28.76 -7.72
CA TRP B 210 -6.63 27.55 -7.83
C TRP B 210 -8.10 27.88 -8.05
N ASP B 211 -8.70 28.65 -7.14
CA ASP B 211 -10.10 29.02 -7.26
C ASP B 211 -10.32 30.26 -8.13
N CYS B 212 -9.24 30.96 -8.52
CA CYS B 212 -9.35 32.20 -9.27
C CYS B 212 -8.78 32.10 -10.68
N ILE B 213 -8.70 30.89 -11.23
CA ILE B 213 -8.20 30.73 -12.60
C ILE B 213 -9.21 31.34 -13.57
N MET B 214 -8.72 32.17 -14.49
CA MET B 214 -9.57 32.85 -15.45
C MET B 214 -8.83 33.01 -16.76
N THR B 215 -9.60 33.33 -17.81
CA THR B 215 -9.08 33.54 -19.15
C THR B 215 -9.72 34.79 -19.74
N SER B 216 -9.37 35.06 -21.00
CA SER B 216 -10.03 36.10 -21.77
C SER B 216 -11.11 35.56 -22.69
N TYR B 217 -11.05 34.27 -23.04
CA TYR B 217 -12.06 33.66 -23.90
C TYR B 217 -13.41 33.61 -23.18
N GLN B 218 -14.47 33.74 -23.98
CA GLN B 218 -15.83 33.81 -23.45
C GLN B 218 -16.58 32.48 -23.49
N TYR B 219 -16.21 31.56 -24.39
CA TYR B 219 -16.92 30.31 -24.55
C TYR B 219 -15.94 29.15 -24.62
N LEU B 220 -16.39 27.99 -24.12
CA LEU B 220 -15.65 26.74 -24.19
C LEU B 220 -16.54 25.73 -24.91
N ILE B 221 -16.20 25.39 -26.15
CA ILE B 221 -17.00 24.51 -26.98
C ILE B 221 -16.28 23.17 -27.13
N ILE B 222 -17.04 22.08 -27.02
CA ILE B 222 -16.53 20.73 -27.18
C ILE B 222 -17.33 20.06 -28.28
N GLN B 223 -16.64 19.69 -29.36
CA GLN B 223 -17.28 19.06 -30.52
C GLN B 223 -16.58 17.74 -30.84
N ASN B 224 -17.23 16.95 -31.68
CA ASN B 224 -16.66 15.70 -32.17
C ASN B 224 -15.88 15.97 -33.45
N THR B 225 -14.69 15.38 -33.55
CA THR B 225 -13.84 15.57 -34.72
C THR B 225 -13.17 14.25 -35.08
N THR B 226 -12.62 14.19 -36.28
CA THR B 226 -11.87 13.04 -36.75
C THR B 226 -10.40 13.18 -36.38
N TRP B 227 -9.71 12.05 -36.26
CA TRP B 227 -8.32 12.06 -35.84
C TRP B 227 -7.44 12.67 -36.92
N GLU B 228 -6.59 13.62 -36.51
CA GLU B 228 -5.58 14.20 -37.37
C GLU B 228 -4.36 14.50 -36.51
N ASP B 229 -3.17 14.40 -37.11
CA ASP B 229 -1.94 14.63 -36.37
C ASP B 229 -1.79 16.11 -36.03
N HIS B 230 -2.38 16.53 -34.90
CA HIS B 230 -2.34 17.91 -34.46
C HIS B 230 -2.01 18.00 -32.98
N CYS B 231 -1.11 17.14 -32.50
CA CYS B 231 -0.63 17.20 -31.12
C CYS B 231 0.74 17.87 -31.08
N GLN B 232 0.78 19.12 -31.55
CA GLN B 232 2.04 19.81 -31.77
C GLN B 232 2.66 20.31 -30.47
N PHE B 233 1.86 20.95 -29.61
CA PHE B 233 2.41 21.57 -28.41
C PHE B 233 2.78 20.53 -27.36
N SER B 234 1.93 19.54 -27.15
CA SER B 234 2.17 18.52 -26.12
C SER B 234 1.81 17.15 -26.66
N ARG B 235 2.56 16.15 -26.21
CA ARG B 235 2.31 14.78 -26.62
C ARG B 235 1.06 14.25 -25.93
N PRO B 236 0.36 13.30 -26.55
CA PRO B 236 -0.84 12.75 -25.92
C PRO B 236 -0.51 11.92 -24.69
N SER B 237 -1.49 11.82 -23.78
CA SER B 237 -1.34 11.05 -22.56
C SER B 237 -2.70 10.79 -21.95
N PRO B 238 -2.91 9.62 -21.31
CA PRO B 238 -4.21 9.32 -20.72
C PRO B 238 -4.36 9.82 -19.30
N ILE B 239 -3.22 10.14 -18.67
CA ILE B 239 -3.18 10.54 -17.25
C ILE B 239 -4.23 11.59 -16.94
N GLY B 240 -4.49 12.49 -17.88
CA GLY B 240 -5.52 13.50 -17.70
C GLY B 240 -6.90 12.93 -17.47
N TYR B 241 -7.39 12.13 -18.44
CA TYR B 241 -8.70 11.52 -18.31
C TYR B 241 -8.77 10.60 -17.09
N LEU B 242 -7.70 9.86 -16.82
CA LEU B 242 -7.71 8.92 -15.70
C LEU B 242 -7.94 9.62 -14.37
N GLY B 243 -7.34 10.81 -14.19
CA GLY B 243 -7.49 11.52 -12.93
C GLY B 243 -8.92 11.93 -12.63
N LEU B 244 -9.70 12.26 -13.67
CA LEU B 244 -11.05 12.74 -13.48
C LEU B 244 -12.04 11.64 -13.11
N LEU B 245 -11.69 10.37 -13.33
CA LEU B 245 -12.62 9.28 -13.05
C LEU B 245 -12.95 9.22 -11.56
N SER B 246 -11.96 9.46 -10.70
CA SER B 246 -12.21 9.44 -9.26
C SER B 246 -12.97 10.69 -8.80
N GLN B 247 -12.64 11.84 -9.39
CA GLN B 247 -13.26 13.10 -8.99
C GLN B 247 -14.74 13.19 -9.39
N ARG B 248 -15.19 12.33 -10.29
CA ARG B 248 -16.56 12.39 -10.78
C ARG B 248 -17.56 12.30 -9.63
N THR B 249 -18.68 13.03 -9.78
CA THR B 249 -19.83 13.03 -8.86
C THR B 249 -19.41 13.26 -7.40
N ARG B 250 -18.39 14.07 -7.18
CA ARG B 250 -17.89 14.31 -5.82
C ARG B 250 -17.91 15.78 -5.40
N ASP B 251 -18.50 16.67 -6.17
CA ASP B 251 -18.56 18.08 -5.77
C ASP B 251 -19.81 18.74 -6.35
N ILE B 252 -20.96 18.11 -6.20
CA ILE B 252 -22.21 18.61 -6.76
C ILE B 252 -23.18 18.89 -5.61
N TYR B 253 -24.12 19.79 -5.87
CA TYR B 253 -25.15 20.11 -4.88
C TYR B 253 -26.41 19.28 -5.12
N THR C 59 10.59 10.13 33.60
CA THR C 59 9.34 9.75 34.27
C THR C 59 9.19 8.23 34.31
N SER C 60 9.02 7.62 33.14
CA SER C 60 8.89 6.17 33.02
C SER C 60 9.84 5.70 31.94
N LEU C 61 10.77 4.82 32.31
CA LEU C 61 11.84 4.37 31.41
C LEU C 61 11.59 2.93 30.97
N TYR C 62 11.94 2.64 29.72
CA TYR C 62 11.89 1.30 29.17
C TYR C 62 13.29 0.93 28.66
N LYS C 63 13.69 -0.31 28.93
CA LYS C 63 15.01 -0.83 28.61
C LYS C 63 16.14 -0.06 29.30
N GLY C 64 15.81 0.86 30.21
CA GLY C 64 16.79 1.62 30.93
C GLY C 64 17.25 2.90 30.25
N VAL C 65 17.08 3.02 28.93
CA VAL C 65 17.58 4.18 28.21
C VAL C 65 16.45 4.97 27.57
N TYR C 66 15.40 4.29 27.13
CA TYR C 66 14.29 4.93 26.43
C TYR C 66 13.27 5.48 27.42
N GLU C 67 12.98 6.77 27.30
CA GLU C 67 12.02 7.45 28.16
C GLU C 67 10.73 7.71 27.39
N LEU C 68 9.60 7.38 28.02
CA LEU C 68 8.29 7.53 27.37
C LEU C 68 7.85 8.99 27.43
N GLN C 69 7.56 9.57 26.25
CA GLN C 69 7.10 10.94 26.15
C GLN C 69 5.86 10.99 25.25
N THR C 70 5.09 12.06 25.41
CA THR C 70 3.81 12.21 24.71
C THR C 70 3.79 13.54 23.95
N LEU C 71 2.72 13.75 23.20
CA LEU C 71 2.48 15.00 22.49
C LEU C 71 1.01 15.07 22.10
N GLU C 72 0.48 16.29 22.12
CA GLU C 72 -0.92 16.54 21.75
C GLU C 72 -0.95 17.60 20.65
N LEU C 73 -1.57 17.24 19.53
CA LEU C 73 -1.63 18.14 18.38
C LEU C 73 -2.72 19.20 18.56
N ASN C 74 -2.44 20.39 18.06
CA ASN C 74 -3.39 21.51 18.08
C ASN C 74 -3.95 21.67 16.67
N MET C 75 -5.08 21.01 16.42
CA MET C 75 -5.70 21.03 15.10
C MET C 75 -6.20 22.41 14.69
N GLU C 76 -6.30 23.35 15.63
CA GLU C 76 -6.76 24.70 15.33
C GLU C 76 -5.94 25.36 14.22
N THR C 77 -4.69 24.90 14.02
CA THR C 77 -3.84 25.46 12.97
C THR C 77 -4.46 25.27 11.59
N LEU C 78 -5.13 24.13 11.37
CA LEU C 78 -5.66 23.77 10.07
C LEU C 78 -6.95 24.51 9.70
N ASN C 79 -7.40 25.45 10.53
CA ASN C 79 -8.68 26.13 10.29
C ASN C 79 -8.78 26.74 8.90
N MET C 80 -7.65 27.23 8.36
CA MET C 80 -7.70 27.91 7.06
C MET C 80 -7.90 26.94 5.92
N THR C 81 -7.29 25.75 5.99
CA THR C 81 -7.32 24.81 4.87
C THR C 81 -8.52 23.88 4.91
N MET C 82 -8.94 23.45 6.08
CA MET C 82 -9.98 22.44 6.21
C MET C 82 -10.90 22.82 7.37
N PRO C 83 -12.12 22.30 7.39
CA PRO C 83 -13.01 22.57 8.52
C PRO C 83 -12.64 21.74 9.74
N LEU C 84 -13.08 22.23 10.90
CA LEU C 84 -12.75 21.61 12.18
C LEU C 84 -14.04 21.42 12.98
N SER C 85 -14.25 20.20 13.47
CA SER C 85 -15.45 19.84 14.22
C SER C 85 -15.10 19.67 15.69
N CYS C 86 -15.92 20.26 16.57
CA CYS C 86 -15.73 20.15 18.01
C CYS C 86 -17.09 20.08 18.69
N THR C 87 -17.07 20.07 20.02
CA THR C 87 -18.29 19.90 20.81
C THR C 87 -18.25 20.84 22.00
N LYS C 88 -19.38 21.49 22.28
CA LYS C 88 -19.49 22.37 23.44
C LYS C 88 -20.14 21.62 24.60
N ASN C 89 -21.41 21.26 24.47
CA ASN C 89 -22.10 20.46 25.47
C ASN C 89 -22.93 19.40 24.76
N ASN C 90 -23.84 18.77 25.51
CA ASN C 90 -24.64 17.68 24.97
C ASN C 90 -25.48 18.12 23.77
N SER C 91 -25.99 19.35 23.80
CA SER C 91 -26.95 19.79 22.80
C SER C 91 -26.33 20.52 21.63
N HIS C 92 -25.19 21.20 21.83
CA HIS C 92 -24.62 22.07 20.82
C HIS C 92 -23.28 21.53 20.32
N HIS C 93 -23.13 21.46 19.00
CA HIS C 93 -21.91 21.03 18.34
C HIS C 93 -21.62 21.98 17.20
N TYR C 94 -20.34 22.09 16.84
CA TYR C 94 -19.92 23.10 15.87
C TYR C 94 -18.96 22.53 14.86
N ILE C 95 -18.95 23.15 13.67
CA ILE C 95 -18.00 22.86 12.59
C ILE C 95 -17.50 24.22 12.12
N MET C 96 -16.30 24.60 12.51
CA MET C 96 -15.78 25.93 12.23
C MET C 96 -14.99 25.93 10.92
N VAL C 97 -15.47 26.72 9.96
CA VAL C 97 -14.80 26.92 8.67
C VAL C 97 -14.06 28.25 8.74
N GLY C 98 -12.75 28.19 8.88
CA GLY C 98 -11.96 29.41 8.96
C GLY C 98 -12.02 30.03 10.35
N ASN C 99 -11.74 31.33 10.40
CA ASN C 99 -11.75 32.09 11.65
C ASN C 99 -12.90 33.08 11.76
N GLU C 100 -13.83 33.10 10.79
CA GLU C 100 -14.94 34.04 10.85
C GLU C 100 -16.30 33.34 10.85
N THR C 101 -16.61 32.55 9.84
CA THR C 101 -17.90 31.89 9.72
C THR C 101 -17.81 30.45 10.24
N GLY C 102 -18.99 29.85 10.44
CA GLY C 102 -19.04 28.48 10.92
C GLY C 102 -20.46 27.95 10.84
N LEU C 103 -20.61 26.71 11.30
CA LEU C 103 -21.89 26.02 11.31
C LEU C 103 -22.12 25.42 12.68
N GLU C 104 -23.37 25.49 13.14
CA GLU C 104 -23.75 25.00 14.47
C GLU C 104 -24.70 23.82 14.34
N LEU C 105 -24.36 22.71 15.00
CA LEU C 105 -25.21 21.53 15.07
C LEU C 105 -25.86 21.51 16.44
N THR C 106 -27.17 21.76 16.49
CA THR C 106 -27.90 21.79 17.75
C THR C 106 -28.97 20.69 17.76
N LEU C 107 -29.20 20.14 18.95
CA LEU C 107 -30.22 19.11 19.16
C LEU C 107 -31.15 19.62 20.27
N THR C 108 -32.37 20.00 19.88
CA THR C 108 -33.33 20.54 20.84
C THR C 108 -34.72 20.02 20.50
N ASN C 109 -35.55 19.87 21.53
CA ASN C 109 -36.96 19.57 21.32
C ASN C 109 -37.69 20.74 20.69
N THR C 110 -37.19 21.96 20.87
CA THR C 110 -37.80 23.13 20.26
C THR C 110 -37.41 23.21 18.79
N SER C 111 -38.43 23.35 17.93
CA SER C 111 -38.21 23.46 16.50
C SER C 111 -38.21 24.92 16.07
N ILE C 112 -37.54 25.18 14.94
CA ILE C 112 -37.42 26.52 14.38
C ILE C 112 -38.20 26.64 13.08
N ILE C 113 -38.04 25.68 12.18
CA ILE C 113 -38.69 25.68 10.87
C ILE C 113 -39.94 24.83 10.93
N ASN C 114 -41.06 25.39 10.50
CA ASN C 114 -42.32 24.67 10.42
C ASN C 114 -42.68 24.28 8.99
N HIS C 115 -41.89 24.70 8.01
CA HIS C 115 -42.15 24.33 6.63
C HIS C 115 -41.96 22.84 6.44
N LYS C 116 -42.55 22.32 5.36
CA LYS C 116 -42.36 20.93 4.96
C LYS C 116 -41.63 20.80 3.63
N PHE C 117 -41.21 21.90 3.03
CA PHE C 117 -40.54 21.90 1.73
C PHE C 117 -39.18 22.58 1.87
N CYS C 118 -38.20 22.08 1.12
CA CYS C 118 -36.83 22.60 1.13
C CYS C 118 -36.53 23.13 -0.26
N ASN C 119 -36.57 24.45 -0.42
CA ASN C 119 -36.35 25.09 -1.72
C ASN C 119 -34.85 25.19 -1.98
N LEU C 120 -34.33 24.27 -2.80
CA LEU C 120 -32.93 24.29 -3.19
C LEU C 120 -32.71 25.03 -4.50
N SER C 121 -33.56 24.79 -5.51
CA SER C 121 -33.41 25.45 -6.80
C SER C 121 -33.47 26.96 -6.66
N ASP C 122 -34.40 27.47 -5.84
CA ASP C 122 -34.49 28.90 -5.62
C ASP C 122 -33.24 29.44 -4.93
N ALA C 123 -32.71 28.69 -3.96
CA ALA C 123 -31.50 29.12 -3.25
C ALA C 123 -30.28 29.10 -4.16
N HIS C 124 -30.22 28.17 -5.12
CA HIS C 124 -29.07 28.09 -6.00
C HIS C 124 -29.01 29.28 -6.96
N LYS C 125 -30.16 29.86 -7.29
CA LYS C 125 -30.18 31.01 -8.18
C LYS C 125 -29.51 32.23 -7.54
N LYS C 126 -29.75 32.44 -6.25
CA LYS C 126 -29.18 33.57 -5.51
C LYS C 126 -27.99 33.07 -4.69
N ASN C 127 -26.78 33.38 -5.16
CA ASN C 127 -25.55 32.97 -4.49
C ASN C 127 -25.22 33.82 -3.27
N LEU C 128 -26.22 34.17 -2.46
CA LEU C 128 -25.95 34.96 -1.25
C LEU C 128 -25.24 34.14 -0.19
N TYR C 129 -25.51 32.83 -0.14
CA TYR C 129 -24.90 31.96 0.86
C TYR C 129 -23.41 31.77 0.58
N ASP C 130 -22.71 31.23 1.58
CA ASP C 130 -21.30 30.90 1.46
C ASP C 130 -21.16 29.49 0.88
N HIS C 131 -20.47 29.38 -0.25
CA HIS C 131 -20.32 28.09 -0.92
C HIS C 131 -19.57 27.09 -0.05
N ALA C 132 -18.68 27.56 0.82
CA ALA C 132 -17.96 26.65 1.71
C ALA C 132 -18.90 25.99 2.71
N LEU C 133 -19.74 26.78 3.38
CA LEU C 133 -20.71 26.21 4.30
C LEU C 133 -21.75 25.37 3.58
N MET C 134 -22.11 25.76 2.35
CA MET C 134 -23.06 24.98 1.57
C MET C 134 -22.47 23.64 1.14
N SER C 135 -21.15 23.55 1.03
CA SER C 135 -20.51 22.29 0.65
C SER C 135 -20.50 21.31 1.82
N ILE C 136 -20.11 21.78 3.02
CA ILE C 136 -20.07 20.91 4.18
C ILE C 136 -21.46 20.50 4.63
N ILE C 137 -22.48 21.27 4.26
CA ILE C 137 -23.86 20.85 4.53
C ILE C 137 -24.39 19.95 3.42
N SER C 138 -23.83 20.03 2.21
CA SER C 138 -24.22 19.12 1.15
C SER C 138 -23.66 17.72 1.39
N THR C 139 -22.41 17.64 1.84
CA THR C 139 -21.82 16.33 2.17
C THR C 139 -22.60 15.63 3.27
N PHE C 140 -23.15 16.39 4.22
CA PHE C 140 -23.91 15.78 5.30
C PHE C 140 -25.14 15.05 4.76
N HIS C 141 -25.95 15.74 3.96
CA HIS C 141 -27.17 15.13 3.45
C HIS C 141 -26.86 13.95 2.53
N LEU C 142 -25.79 14.07 1.74
CA LEU C 142 -25.43 12.97 0.83
C LEU C 142 -24.94 11.75 1.61
N SER C 143 -24.32 11.96 2.76
CA SER C 143 -23.80 10.86 3.57
C SER C 143 -24.89 10.09 4.31
N ILE C 144 -26.08 10.65 4.45
CA ILE C 144 -27.16 9.99 5.17
C ILE C 144 -27.57 8.71 4.43
N PRO C 145 -27.41 7.55 5.04
CA PRO C 145 -27.79 6.31 4.36
C PRO C 145 -29.30 6.10 4.36
N ASN C 146 -29.74 5.33 3.37
CA ASN C 146 -31.14 4.91 3.21
C ASN C 146 -32.11 6.06 3.47
N PHE C 147 -31.91 7.17 2.77
CA PHE C 147 -32.79 8.32 2.88
C PHE C 147 -33.90 8.21 1.85
N ASN C 148 -35.14 8.09 2.32
CA ASN C 148 -36.30 7.95 1.44
C ASN C 148 -37.31 9.07 1.64
N GLN C 149 -37.74 9.33 2.87
CA GLN C 149 -38.73 10.35 3.15
C GLN C 149 -38.05 11.72 3.20
N TYR C 150 -38.43 12.60 2.27
CA TYR C 150 -37.92 13.97 2.24
C TYR C 150 -38.78 14.94 3.02
N GLU C 151 -39.99 14.54 3.41
CA GLU C 151 -40.88 15.45 4.14
C GLU C 151 -40.36 15.76 5.53
N ALA C 152 -39.51 14.91 6.10
CA ALA C 152 -38.89 15.21 7.39
C ALA C 152 -37.78 16.25 7.28
N MET C 153 -37.33 16.56 6.07
CA MET C 153 -36.27 17.53 5.84
C MET C 153 -36.87 18.86 5.42
N SER C 154 -36.53 19.93 6.14
CA SER C 154 -37.03 21.26 5.84
C SER C 154 -35.89 22.26 5.94
N CYS C 155 -35.95 23.29 5.11
CA CYS C 155 -34.87 24.26 4.99
C CYS C 155 -35.44 25.67 4.97
N ASP C 156 -34.52 26.65 4.92
CA ASP C 156 -34.86 28.06 4.79
C ASP C 156 -33.60 28.85 4.48
N PHE C 157 -33.32 29.07 3.20
CA PHE C 157 -32.11 29.77 2.75
C PHE C 157 -32.39 31.21 2.33
N ASN C 158 -33.43 31.83 2.87
CA ASN C 158 -33.77 33.20 2.49
C ASN C 158 -32.67 34.17 2.92
N GLY C 159 -32.21 34.97 1.98
CA GLY C 159 -31.20 35.98 2.27
C GLY C 159 -29.84 35.44 2.61
N GLY C 160 -29.50 34.24 2.13
CA GLY C 160 -28.21 33.64 2.38
C GLY C 160 -28.09 32.89 3.68
N LYS C 161 -28.94 33.18 4.66
CA LYS C 161 -28.93 32.46 5.94
C LYS C 161 -29.38 31.03 5.71
N ILE C 162 -28.45 30.09 5.79
CA ILE C 162 -28.75 28.67 5.57
C ILE C 162 -29.19 28.04 6.89
N SER C 163 -30.26 27.25 6.84
CA SER C 163 -30.80 26.61 8.03
C SER C 163 -31.56 25.36 7.60
N VAL C 164 -31.16 24.21 8.14
CA VAL C 164 -31.79 22.93 7.82
C VAL C 164 -32.27 22.28 9.11
N GLN C 165 -33.46 21.70 9.05
CA GLN C 165 -34.07 21.05 10.20
C GLN C 165 -34.50 19.64 9.82
N TYR C 166 -34.22 18.68 10.70
CA TYR C 166 -34.57 17.28 10.51
C TYR C 166 -35.56 16.87 11.60
N ASN C 167 -36.78 16.55 11.20
CA ASN C 167 -37.79 16.09 12.14
C ASN C 167 -37.50 14.63 12.47
N LEU C 168 -37.17 14.37 13.74
CA LEU C 168 -36.84 13.02 14.18
C LEU C 168 -38.02 12.31 14.84
N SER C 169 -39.23 12.85 14.69
CA SER C 169 -40.41 12.22 15.28
C SER C 169 -40.96 11.08 14.45
N HIS C 170 -40.61 11.02 13.17
CA HIS C 170 -41.10 9.95 12.29
C HIS C 170 -40.48 8.60 12.68
N CYS C 180 -35.61 0.66 15.00
CA CYS C 180 -34.30 0.69 14.34
C CYS C 180 -34.47 0.79 12.83
N GLY C 181 -33.36 1.07 12.14
CA GLY C 181 -33.37 1.19 10.69
C GLY C 181 -34.34 2.22 10.15
N THR C 182 -34.49 3.33 10.85
CA THR C 182 -35.39 4.40 10.43
C THR C 182 -34.60 5.56 9.85
N VAL C 183 -35.32 6.61 9.45
CA VAL C 183 -34.65 7.80 8.94
C VAL C 183 -33.99 8.56 10.08
N ALA C 184 -34.51 8.43 11.30
CA ALA C 184 -33.90 9.09 12.44
C ALA C 184 -32.52 8.52 12.75
N ASN C 185 -32.31 7.24 12.46
CA ASN C 185 -31.00 6.63 12.69
C ASN C 185 -29.95 7.20 11.74
N GLY C 186 -30.25 7.20 10.44
CA GLY C 186 -29.30 7.70 9.45
C GLY C 186 -28.84 9.12 9.72
N VAL C 187 -29.76 9.98 10.16
CA VAL C 187 -29.38 11.37 10.45
C VAL C 187 -28.43 11.42 11.64
N LEU C 188 -28.78 10.73 12.73
CA LEU C 188 -27.87 10.65 13.87
C LEU C 188 -26.59 9.90 13.51
N GLN C 189 -26.69 8.96 12.57
CA GLN C 189 -25.51 8.21 12.14
C GLN C 189 -24.50 9.14 11.46
N THR C 190 -24.95 9.95 10.50
CA THR C 190 -24.07 10.91 9.86
C THR C 190 -23.61 11.98 10.85
N PHE C 191 -24.51 12.46 11.70
CA PHE C 191 -24.14 13.46 12.70
C PHE C 191 -23.07 12.94 13.64
N MET C 192 -23.17 11.68 14.05
CA MET C 192 -22.18 11.10 14.95
C MET C 192 -20.80 11.09 14.31
N ARG C 193 -20.73 10.78 13.02
CA ARG C 193 -19.45 10.80 12.31
C ARG C 193 -18.96 12.23 12.08
N MET C 194 -19.88 13.14 11.78
CA MET C 194 -19.50 14.52 11.50
C MET C 194 -18.78 15.15 12.69
N ALA C 195 -19.43 15.16 13.86
CA ALA C 195 -18.83 15.69 15.08
C ALA C 195 -18.05 14.59 15.81
N TRP C 196 -16.99 14.12 15.13
CA TRP C 196 -16.20 13.02 15.64
C TRP C 196 -15.67 13.29 17.04
N GLY C 197 -15.38 14.55 17.36
CA GLY C 197 -14.87 14.92 18.67
C GLY C 197 -15.67 14.42 19.85
N GLY C 198 -16.85 14.99 20.08
CA GLY C 198 -17.65 14.64 21.23
C GLY C 198 -19.10 14.31 20.91
N SER C 199 -19.33 13.50 19.87
CA SER C 199 -20.69 13.11 19.55
C SER C 199 -21.26 12.11 20.54
N TYR C 200 -20.41 11.26 21.12
CA TYR C 200 -20.90 10.18 21.98
C TYR C 200 -21.68 10.69 23.18
N ILE C 201 -21.38 11.91 23.65
CA ILE C 201 -22.11 12.46 24.78
C ILE C 201 -23.59 12.67 24.44
N ALA C 202 -23.90 12.89 23.16
CA ALA C 202 -25.28 13.14 22.76
C ALA C 202 -26.13 11.88 22.88
N LEU C 203 -25.68 10.79 22.27
CA LEU C 203 -26.44 9.54 22.29
C LEU C 203 -26.27 8.85 23.64
N ASP C 204 -27.40 8.36 24.18
CA ASP C 204 -27.32 7.59 25.41
C ASP C 204 -26.99 6.13 25.14
N SER C 205 -27.48 5.59 24.02
CA SER C 205 -27.20 4.21 23.62
C SER C 205 -26.16 4.15 22.51
N GLY C 206 -25.19 5.06 22.51
CA GLY C 206 -24.21 5.10 21.44
C GLY C 206 -23.32 3.87 21.41
N CYS C 207 -22.74 3.52 22.56
CA CYS C 207 -21.81 2.39 22.62
C CYS C 207 -22.55 1.07 22.39
N GLY C 208 -22.02 0.27 21.47
CA GLY C 208 -22.59 -1.03 21.16
C GLY C 208 -23.78 -1.02 20.23
N ASN C 209 -24.22 0.15 19.78
CA ASN C 209 -25.36 0.26 18.88
C ASN C 209 -24.93 1.05 17.64
N TRP C 210 -25.23 0.50 16.46
CA TRP C 210 -24.90 1.13 15.20
C TRP C 210 -26.16 1.54 14.43
N ASP C 211 -27.04 0.60 14.14
CA ASP C 211 -28.27 0.87 13.42
C ASP C 211 -29.42 1.28 14.33
N CYS C 212 -29.25 1.18 15.65
CA CYS C 212 -30.30 1.47 16.61
C CYS C 212 -29.99 2.69 17.48
N ILE C 213 -29.10 3.57 17.02
CA ILE C 213 -28.78 4.76 17.80
C ILE C 213 -29.99 5.69 17.84
N MET C 214 -30.32 6.17 19.03
CA MET C 214 -31.49 7.02 19.22
C MET C 214 -31.20 8.03 20.31
N THR C 215 -32.02 9.07 20.38
CA THR C 215 -31.91 10.12 21.37
C THR C 215 -33.29 10.43 21.93
N SER C 216 -33.34 11.42 22.83
CA SER C 216 -34.60 11.97 23.31
C SER C 216 -35.00 13.24 22.58
N TYR C 217 -34.04 13.95 21.98
CA TYR C 217 -34.34 15.17 21.25
C TYR C 217 -35.16 14.86 19.99
N GLN C 218 -36.04 15.79 19.63
CA GLN C 218 -36.95 15.60 18.51
C GLN C 218 -36.47 16.22 17.21
N TYR C 219 -35.62 17.25 17.27
CA TYR C 219 -35.18 17.96 16.07
C TYR C 219 -33.67 18.15 16.09
N LEU C 220 -33.10 18.14 14.89
CA LEU C 220 -31.68 18.42 14.67
C LEU C 220 -31.58 19.59 13.70
N ILE C 221 -31.19 20.76 14.21
CA ILE C 221 -31.14 21.98 13.44
C ILE C 221 -29.69 22.35 13.17
N ILE C 222 -29.39 22.74 11.94
CA ILE C 222 -28.06 23.19 11.54
C ILE C 222 -28.18 24.60 10.99
N GLN C 223 -27.52 25.55 11.65
CA GLN C 223 -27.56 26.95 11.27
C GLN C 223 -26.15 27.49 11.07
N ASN C 224 -26.06 28.65 10.44
CA ASN C 224 -24.79 29.34 10.28
C ASN C 224 -24.54 30.25 11.47
N THR C 225 -23.31 30.23 11.98
CA THR C 225 -22.93 31.03 13.13
C THR C 225 -21.52 31.58 12.93
N THR C 226 -21.18 32.58 13.75
CA THR C 226 -19.86 33.16 13.75
C THR C 226 -18.93 32.41 14.72
N TRP C 227 -17.63 32.51 14.44
CA TRP C 227 -16.65 31.79 15.25
C TRP C 227 -16.57 32.37 16.65
N GLU C 228 -16.67 31.49 17.65
CA GLU C 228 -16.45 31.86 19.04
C GLU C 228 -15.82 30.67 19.75
N ASP C 229 -14.98 30.95 20.74
CA ASP C 229 -14.27 29.92 21.49
C ASP C 229 -15.25 29.17 22.36
N HIS C 230 -15.89 28.16 21.76
CA HIS C 230 -16.85 27.31 22.46
C HIS C 230 -16.60 25.83 22.18
N CYS C 231 -15.33 25.44 22.11
CA CYS C 231 -14.96 24.04 21.95
C CYS C 231 -14.54 23.45 23.29
N GLN C 232 -15.48 23.48 24.24
CA GLN C 232 -15.18 23.17 25.63
C GLN C 232 -15.03 21.67 25.86
N PHE C 233 -15.97 20.87 25.35
CA PHE C 233 -15.96 19.44 25.66
C PHE C 233 -14.87 18.70 24.88
N SER C 234 -14.69 19.01 23.60
CA SER C 234 -13.72 18.32 22.78
C SER C 234 -13.00 19.32 21.88
N ARG C 235 -11.72 19.04 21.64
CA ARG C 235 -10.92 19.89 20.78
C ARG C 235 -11.33 19.71 19.32
N PRO C 236 -11.15 20.74 18.49
CA PRO C 236 -11.53 20.62 17.08
C PRO C 236 -10.62 19.66 16.34
N SER C 237 -11.15 19.08 15.25
CA SER C 237 -10.39 18.15 14.42
C SER C 237 -11.10 18.01 13.08
N PRO C 238 -10.36 17.82 11.99
CA PRO C 238 -10.99 17.68 10.67
C PRO C 238 -11.34 16.25 10.33
N ILE C 239 -10.76 15.30 11.07
CA ILE C 239 -10.93 13.87 10.81
C ILE C 239 -12.39 13.49 10.59
N GLY C 240 -13.30 14.14 11.32
CA GLY C 240 -14.72 13.90 11.15
C GLY C 240 -15.21 14.20 9.74
N TYR C 241 -15.04 15.45 9.30
CA TYR C 241 -15.46 15.83 7.96
C TYR C 241 -14.75 15.01 6.88
N LEU C 242 -13.46 14.74 7.08
CA LEU C 242 -12.68 14.01 6.07
C LEU C 242 -13.24 12.61 5.85
N GLY C 243 -13.67 11.93 6.92
CA GLY C 243 -14.16 10.58 6.77
C GLY C 243 -15.40 10.48 5.90
N LEU C 244 -16.27 11.49 5.95
CA LEU C 244 -17.52 11.46 5.20
C LEU C 244 -17.32 11.71 3.71
N LEU C 245 -16.20 12.27 3.30
CA LEU C 245 -15.99 12.59 1.89
C LEU C 245 -15.94 11.35 1.02
N SER C 246 -15.31 10.27 1.50
CA SER C 246 -15.24 9.06 0.69
C SER C 246 -16.56 8.30 0.71
N GLN C 247 -17.21 8.22 1.87
CA GLN C 247 -18.46 7.48 2.01
C GLN C 247 -19.65 8.19 1.36
N ARG C 248 -19.50 9.47 1.00
CA ARG C 248 -20.60 10.25 0.45
C ARG C 248 -21.20 9.57 -0.78
N THR C 249 -22.51 9.78 -0.95
CA THR C 249 -23.29 9.33 -2.11
C THR C 249 -23.13 7.83 -2.39
N ARG C 250 -22.95 7.04 -1.33
CA ARG C 250 -22.75 5.61 -1.46
C ARG C 250 -23.80 4.78 -0.73
N ASP C 251 -24.88 5.40 -0.27
CA ASP C 251 -25.94 4.69 0.42
C ASP C 251 -27.28 5.37 0.15
N ILE C 252 -27.56 5.64 -1.13
CA ILE C 252 -28.74 6.37 -1.56
C ILE C 252 -29.60 5.46 -2.44
N TYR C 253 -30.90 5.75 -2.47
CA TYR C 253 -31.82 5.03 -3.33
C TYR C 253 -32.04 5.79 -4.65
N ILE C 254 -32.68 5.11 -5.59
CA ILE C 254 -32.87 5.69 -6.92
C ILE C 254 -33.96 6.74 -6.87
N SER C 255 -33.66 7.94 -7.36
CA SER C 255 -34.62 9.03 -7.49
C SER C 255 -33.98 10.15 -8.29
N ARG C 256 -34.81 10.86 -9.05
CA ARG C 256 -34.37 12.02 -9.83
C ARG C 256 -33.18 11.71 -10.73
N GLN D 2 22.29 -16.01 -26.73
CA GLN D 2 21.09 -16.70 -27.20
C GLN D 2 20.66 -17.78 -26.22
N VAL D 3 19.36 -18.00 -26.12
CA VAL D 3 18.79 -19.05 -25.28
C VAL D 3 18.77 -20.35 -26.08
N GLN D 4 19.42 -21.37 -25.54
CA GLN D 4 19.60 -22.62 -26.29
C GLN D 4 19.36 -23.82 -25.39
N LEU D 5 19.13 -24.96 -26.04
CA LEU D 5 19.00 -26.26 -25.38
C LEU D 5 19.59 -27.29 -26.33
N GLN D 6 20.47 -28.16 -25.82
CA GLN D 6 21.15 -29.12 -26.65
C GLN D 6 21.07 -30.52 -26.04
N GLU D 7 20.79 -31.50 -26.89
CA GLU D 7 20.63 -32.89 -26.49
C GLU D 7 21.87 -33.69 -26.87
N SER D 8 21.98 -34.87 -26.26
CA SER D 8 23.11 -35.76 -26.53
C SER D 8 22.76 -37.16 -26.06
N GLY D 9 23.39 -38.15 -26.69
CA GLY D 9 23.21 -39.54 -26.31
C GLY D 9 22.49 -40.41 -27.32
N GLY D 10 22.02 -39.85 -28.43
CA GLY D 10 21.28 -40.65 -29.39
C GLY D 10 22.19 -41.60 -30.15
N GLY D 11 21.64 -42.76 -30.49
CA GLY D 11 22.40 -43.75 -31.22
C GLY D 11 21.58 -45.01 -31.42
N LEU D 12 22.27 -46.07 -31.83
CA LEU D 12 21.65 -47.36 -32.05
C LEU D 12 21.68 -48.18 -30.77
N VAL D 13 20.54 -48.80 -30.45
CA VAL D 13 20.41 -49.62 -29.24
C VAL D 13 19.58 -50.84 -29.60
N LYS D 14 19.95 -51.99 -29.00
CA LYS D 14 19.24 -53.22 -29.27
C LYS D 14 17.85 -53.21 -28.64
N ALA D 15 16.93 -53.98 -29.24
CA ALA D 15 15.59 -54.07 -28.72
C ALA D 15 15.60 -54.68 -27.33
N GLY D 16 15.06 -53.94 -26.35
CA GLY D 16 15.09 -54.35 -24.97
C GLY D 16 16.24 -53.79 -24.16
N GLY D 17 17.14 -53.05 -24.80
CA GLY D 17 18.28 -52.45 -24.11
C GLY D 17 17.91 -51.19 -23.37
N SER D 18 18.93 -50.38 -23.11
CA SER D 18 18.76 -49.15 -22.35
C SER D 18 19.62 -48.05 -22.97
N LEU D 19 19.16 -46.81 -22.83
CA LEU D 19 19.88 -45.66 -23.35
C LEU D 19 19.66 -44.47 -22.43
N ARG D 20 20.64 -43.56 -22.41
CA ARG D 20 20.65 -42.39 -21.55
C ARG D 20 20.80 -41.13 -22.38
N LEU D 21 19.88 -40.18 -22.20
CA LEU D 21 19.92 -38.91 -22.91
C LEU D 21 20.20 -37.77 -21.95
N SER D 22 20.76 -36.68 -22.49
CA SER D 22 21.08 -35.49 -21.72
C SER D 22 20.48 -34.27 -22.42
N CYS D 23 20.37 -33.18 -21.66
CA CYS D 23 19.89 -31.91 -22.20
C CYS D 23 20.50 -30.78 -21.39
N ALA D 24 21.31 -29.94 -22.05
CA ALA D 24 22.06 -28.88 -21.39
C ALA D 24 21.46 -27.52 -21.74
N ALA D 25 21.48 -26.61 -20.77
CA ALA D 25 20.99 -25.26 -20.96
C ALA D 25 22.11 -24.31 -21.35
N SER D 26 21.76 -23.24 -22.06
CA SER D 26 22.74 -22.25 -22.49
C SER D 26 22.04 -20.90 -22.61
N GLY D 27 22.28 -20.03 -21.63
CA GLY D 27 21.81 -18.66 -21.70
C GLY D 27 20.54 -18.34 -20.94
N PHE D 28 20.17 -19.13 -19.93
CA PHE D 28 19.00 -18.82 -19.13
C PHE D 28 19.10 -19.52 -17.78
N MET D 29 18.27 -19.08 -16.85
CA MET D 29 18.23 -19.66 -15.50
C MET D 29 17.50 -21.00 -15.59
N PHE D 30 18.29 -22.08 -15.59
CA PHE D 30 17.74 -23.43 -15.72
C PHE D 30 16.69 -23.74 -14.67
N GLU D 31 16.97 -23.38 -13.41
CA GLU D 31 16.15 -23.84 -12.29
C GLU D 31 14.70 -23.37 -12.40
N ARG D 32 14.48 -22.11 -12.81
CA ARG D 32 13.14 -21.53 -12.76
C ARG D 32 12.14 -22.27 -13.64
N TYR D 33 12.59 -22.86 -14.75
CA TYR D 33 11.67 -23.44 -15.72
C TYR D 33 11.50 -24.94 -15.50
N SER D 34 10.40 -25.46 -16.03
CA SER D 34 10.14 -26.89 -16.10
C SER D 34 10.50 -27.41 -17.49
N LEU D 35 11.00 -28.64 -17.54
CA LEU D 35 11.50 -29.20 -18.78
C LEU D 35 10.71 -30.44 -19.16
N HIS D 36 10.61 -30.68 -20.47
CA HIS D 36 9.85 -31.78 -21.03
C HIS D 36 10.72 -32.56 -22.00
N TRP D 37 10.20 -33.72 -22.42
CA TRP D 37 10.83 -34.55 -23.44
C TRP D 37 9.76 -34.89 -24.47
N VAL D 38 9.96 -34.44 -25.70
CA VAL D 38 9.02 -34.67 -26.79
C VAL D 38 9.75 -35.37 -27.92
N ARG D 39 9.32 -36.60 -28.24
CA ARG D 39 9.89 -37.34 -29.35
C ARG D 39 9.02 -37.19 -30.59
N GLN D 40 9.66 -37.24 -31.75
CA GLN D 40 8.98 -37.12 -33.03
C GLN D 40 9.40 -38.29 -33.92
N THR D 41 8.43 -39.15 -34.25
CA THR D 41 8.70 -40.24 -35.16
C THR D 41 9.17 -39.68 -36.50
N PRO D 42 10.26 -40.21 -37.09
CA PRO D 42 10.79 -39.66 -38.34
C PRO D 42 9.74 -39.35 -39.40
N GLY D 43 8.68 -40.17 -39.46
CA GLY D 43 7.63 -39.95 -40.45
C GLY D 43 6.27 -39.65 -39.87
N LYS D 44 6.21 -39.20 -38.61
CA LYS D 44 4.93 -38.92 -37.97
C LYS D 44 5.07 -37.71 -37.06
N GLY D 45 3.96 -37.32 -36.44
CA GLY D 45 3.89 -36.12 -35.64
C GLY D 45 4.62 -36.22 -34.31
N LEU D 46 4.53 -35.12 -33.56
CA LEU D 46 5.16 -35.01 -32.24
C LEU D 46 4.37 -35.75 -31.18
N GLU D 47 5.08 -36.30 -30.20
CA GLU D 47 4.46 -36.98 -29.07
C GLU D 47 5.16 -36.58 -27.79
N TRP D 48 4.37 -36.12 -26.81
CA TRP D 48 4.92 -35.79 -25.50
C TRP D 48 5.23 -37.07 -24.73
N VAL D 49 6.38 -37.07 -24.04
CA VAL D 49 6.85 -38.25 -23.32
C VAL D 49 6.81 -38.04 -21.81
N SER D 50 7.62 -37.10 -21.31
CA SER D 50 7.73 -36.92 -19.87
C SER D 50 7.93 -35.44 -19.56
N SER D 51 7.77 -35.09 -18.28
CA SER D 51 7.92 -33.72 -17.82
C SER D 51 8.54 -33.74 -16.42
N ILE D 52 9.24 -32.65 -16.10
CA ILE D 52 9.89 -32.50 -14.80
C ILE D 52 9.61 -31.09 -14.29
N SER D 53 9.25 -30.97 -13.02
CA SER D 53 8.94 -29.67 -12.45
C SER D 53 10.22 -28.88 -12.21
N SER D 54 10.05 -27.56 -12.04
CA SER D 54 11.17 -26.67 -11.79
C SER D 54 11.73 -26.87 -10.38
N LEU D 55 12.93 -26.33 -10.17
CA LEU D 55 13.64 -26.41 -8.89
C LEU D 55 13.76 -27.89 -8.52
N SER D 56 13.20 -28.34 -7.40
CA SER D 56 13.20 -29.77 -7.09
C SER D 56 12.21 -30.49 -7.99
N GLY D 57 12.65 -31.57 -8.61
CA GLY D 57 11.80 -32.33 -9.52
C GLY D 57 10.75 -33.16 -8.81
N SER D 58 9.94 -32.51 -7.96
CA SER D 58 8.96 -33.24 -7.17
C SER D 58 7.78 -33.71 -8.01
N HIS D 59 7.39 -32.93 -9.01
CA HIS D 59 6.25 -33.26 -9.86
C HIS D 59 6.76 -33.85 -11.18
N ILE D 60 6.51 -35.15 -11.38
CA ILE D 60 6.96 -35.86 -12.56
C ILE D 60 5.73 -36.43 -13.27
N ASN D 61 5.75 -36.40 -14.60
CA ASN D 61 4.68 -36.95 -15.42
C ASN D 61 5.28 -37.78 -16.54
N TYR D 62 4.58 -38.86 -16.90
CA TYR D 62 4.98 -39.75 -17.98
C TYR D 62 3.77 -40.05 -18.86
N ALA D 63 4.06 -40.48 -20.09
CA ALA D 63 3.03 -40.95 -21.00
C ALA D 63 2.73 -42.42 -20.75
N ASP D 64 1.46 -42.79 -20.96
CA ASP D 64 1.03 -44.17 -20.74
C ASP D 64 1.85 -45.15 -21.56
N SER D 65 2.23 -44.77 -22.78
CA SER D 65 3.07 -45.60 -23.63
C SER D 65 4.53 -45.61 -23.20
N VAL D 66 4.85 -45.00 -22.05
CA VAL D 66 6.23 -44.81 -21.63
C VAL D 66 6.36 -45.17 -20.15
N LYS D 67 5.29 -44.98 -19.39
CA LYS D 67 5.27 -45.21 -17.95
C LYS D 67 5.92 -46.53 -17.56
N GLY D 68 6.79 -46.47 -16.55
CA GLY D 68 7.48 -47.63 -16.05
C GLY D 68 8.79 -47.94 -16.75
N ARG D 69 8.96 -47.47 -17.98
CA ARG D 69 10.18 -47.74 -18.76
C ARG D 69 11.15 -46.57 -18.78
N PHE D 70 10.65 -45.34 -18.78
CA PHE D 70 11.51 -44.15 -18.79
C PHE D 70 11.54 -43.52 -17.41
N THR D 71 12.68 -42.89 -17.09
CA THR D 71 12.86 -42.20 -15.82
C THR D 71 13.58 -40.88 -16.07
N ILE D 72 12.90 -39.77 -15.76
CA ILE D 72 13.45 -38.44 -15.97
C ILE D 72 14.13 -37.96 -14.70
N SER D 73 15.12 -37.09 -14.87
CA SER D 73 15.85 -36.52 -13.74
C SER D 73 16.50 -35.22 -14.19
N ARG D 74 16.91 -34.41 -13.21
CA ARG D 74 17.53 -33.13 -13.50
C ARG D 74 18.52 -32.78 -12.40
N ASP D 75 19.50 -31.95 -12.75
CA ASP D 75 20.49 -31.45 -11.80
C ASP D 75 20.66 -29.95 -12.07
N ASN D 76 20.01 -29.13 -11.23
CA ASN D 76 20.04 -27.69 -11.44
C ASN D 76 21.45 -27.13 -11.41
N ALA D 77 22.27 -27.59 -10.45
CA ALA D 77 23.63 -27.10 -10.35
C ALA D 77 24.44 -27.45 -11.59
N LYS D 78 24.28 -28.68 -12.10
CA LYS D 78 25.01 -29.13 -13.27
C LYS D 78 24.37 -28.69 -14.59
N ASN D 79 23.16 -28.11 -14.54
CA ASN D 79 22.46 -27.64 -15.74
C ASN D 79 22.29 -28.76 -16.76
N SER D 80 21.85 -29.93 -16.29
CA SER D 80 21.67 -31.10 -17.14
C SER D 80 20.31 -31.73 -16.87
N LEU D 81 19.58 -32.03 -17.94
CA LEU D 81 18.32 -32.75 -17.87
C LEU D 81 18.52 -34.15 -18.45
N SER D 82 18.15 -35.18 -17.69
CA SER D 82 18.42 -36.56 -18.08
C SER D 82 17.12 -37.33 -18.22
N LEU D 83 17.14 -38.29 -19.15
CA LEU D 83 16.03 -39.24 -19.33
C LEU D 83 16.62 -40.62 -19.53
N GLN D 84 16.26 -41.56 -18.65
CA GLN D 84 16.76 -42.92 -18.69
C GLN D 84 15.76 -43.83 -19.39
N MET D 85 16.18 -44.49 -20.46
CA MET D 85 15.33 -45.38 -21.22
C MET D 85 15.64 -46.83 -20.87
N ASN D 86 14.59 -47.63 -20.68
CA ASN D 86 14.74 -49.04 -20.36
C ASN D 86 13.69 -49.84 -21.12
N SER D 87 14.03 -51.10 -21.39
CA SER D 87 13.15 -52.01 -22.13
C SER D 87 12.69 -51.39 -23.45
N LEU D 88 13.64 -50.78 -24.17
CA LEU D 88 13.31 -50.05 -25.39
C LEU D 88 12.70 -50.97 -26.43
N ARG D 89 11.57 -50.53 -26.99
CA ARG D 89 10.90 -51.22 -28.07
C ARG D 89 11.32 -50.63 -29.41
N VAL D 90 11.10 -51.41 -30.48
CA VAL D 90 11.44 -50.93 -31.81
C VAL D 90 10.66 -49.68 -32.17
N GLU D 91 9.42 -49.56 -31.69
CA GLU D 91 8.60 -48.40 -31.97
C GLU D 91 9.09 -47.14 -31.27
N ASP D 92 10.08 -47.24 -30.40
CA ASP D 92 10.61 -46.06 -29.72
C ASP D 92 11.55 -45.23 -30.60
N THR D 93 11.90 -45.73 -31.78
CA THR D 93 12.77 -45.00 -32.70
C THR D 93 12.15 -43.68 -33.12
N ALA D 94 12.74 -42.57 -32.68
CA ALA D 94 12.23 -41.24 -32.99
C ALA D 94 13.33 -40.21 -32.70
N ILE D 95 13.04 -38.97 -33.04
CA ILE D 95 13.93 -37.84 -32.75
C ILE D 95 13.44 -37.19 -31.47
N TYR D 96 14.25 -37.28 -30.41
CA TYR D 96 13.87 -36.82 -29.09
C TYR D 96 14.31 -35.38 -28.86
N TYR D 97 13.37 -34.51 -28.48
CA TYR D 97 13.64 -33.12 -28.16
C TYR D 97 13.45 -32.88 -26.68
N CYS D 98 14.12 -31.85 -26.17
CA CYS D 98 13.92 -31.36 -24.81
C CYS D 98 13.52 -29.89 -24.88
N ALA D 99 12.38 -29.56 -24.29
CA ALA D 99 11.83 -28.21 -24.35
C ALA D 99 11.49 -27.73 -22.95
N ARG D 100 11.46 -26.41 -22.79
CA ARG D 100 11.21 -25.75 -21.52
C ARG D 100 9.84 -25.09 -21.50
N ASP D 101 9.33 -24.86 -20.30
CA ASP D 101 8.10 -24.11 -20.06
C ASP D 101 7.97 -23.92 -18.55
N ARG D 102 7.03 -23.07 -18.15
CA ARG D 102 6.80 -22.81 -16.74
C ARG D 102 5.32 -23.02 -16.44
N ARG D 103 5.04 -23.91 -15.48
CA ARG D 103 3.67 -24.23 -15.07
C ARG D 103 3.29 -23.34 -13.89
N SER D 104 2.85 -22.13 -14.23
CA SER D 104 2.40 -21.16 -13.23
C SER D 104 0.95 -20.77 -13.52
N GLY D 105 0.17 -20.62 -12.45
CA GLY D 105 -1.19 -20.15 -12.60
C GLY D 105 -1.26 -18.67 -12.93
N SER D 106 -0.31 -17.88 -12.44
CA SER D 106 -0.28 -16.45 -12.68
C SER D 106 0.47 -16.11 -13.96
N SER D 107 1.75 -16.46 -14.04
CA SER D 107 2.61 -16.14 -15.18
C SER D 107 3.11 -17.43 -15.81
N PRO D 108 2.31 -18.07 -16.66
CA PRO D 108 2.75 -19.30 -17.31
C PRO D 108 3.60 -19.02 -18.55
N VAL D 109 4.39 -20.02 -18.91
CA VAL D 109 5.27 -19.93 -20.07
C VAL D 109 5.04 -21.15 -20.95
N PRO D 110 4.90 -20.99 -22.27
CA PRO D 110 4.71 -22.16 -23.14
C PRO D 110 6.01 -22.83 -23.52
N LEU D 111 5.92 -23.83 -24.41
CA LEU D 111 7.11 -24.53 -24.91
C LEU D 111 7.81 -23.67 -25.97
N ASP D 112 8.45 -22.60 -25.48
CA ASP D 112 9.06 -21.63 -26.38
C ASP D 112 10.42 -22.10 -26.90
N VAL D 113 11.26 -22.64 -26.02
CA VAL D 113 12.62 -23.02 -26.38
C VAL D 113 12.67 -24.52 -26.59
N TRP D 114 13.13 -24.93 -27.78
CA TRP D 114 13.28 -26.32 -28.14
C TRP D 114 14.72 -26.61 -28.53
N GLY D 115 15.15 -27.85 -28.28
CA GLY D 115 16.48 -28.25 -28.69
C GLY D 115 16.51 -28.72 -30.13
N GLN D 116 17.74 -28.94 -30.62
CA GLN D 116 17.90 -29.40 -32.00
C GLN D 116 17.41 -30.83 -32.18
N GLY D 117 17.43 -31.63 -31.12
CA GLY D 117 16.93 -32.98 -31.18
C GLY D 117 18.04 -34.00 -31.41
N THR D 118 17.85 -35.19 -30.83
CA THR D 118 18.78 -36.29 -30.98
C THR D 118 18.04 -37.51 -31.51
N THR D 119 18.64 -38.20 -32.47
CA THR D 119 18.02 -39.34 -33.12
C THR D 119 18.38 -40.63 -32.39
N VAL D 120 17.36 -41.40 -31.99
CA VAL D 120 17.54 -42.67 -31.30
C VAL D 120 16.93 -43.77 -32.17
N THR D 121 17.69 -44.81 -32.44
CA THR D 121 17.25 -45.94 -33.24
C THR D 121 17.31 -47.21 -32.42
N VAL D 122 16.24 -47.99 -32.44
CA VAL D 122 16.12 -49.22 -31.68
C VAL D 122 16.00 -50.38 -32.66
N SER D 123 17.01 -51.25 -32.70
CA SER D 123 16.98 -52.43 -33.55
C SER D 123 18.04 -53.41 -33.06
N SER D 124 17.62 -54.64 -32.77
CA SER D 124 18.53 -55.70 -32.35
C SER D 124 19.15 -56.46 -33.52
N ALA D 125 18.67 -56.22 -34.74
CA ALA D 125 19.19 -56.94 -35.91
C ALA D 125 20.62 -56.52 -36.22
N SER D 126 21.35 -57.44 -36.85
CA SER D 126 22.71 -57.19 -37.29
C SER D 126 22.73 -56.98 -38.81
N THR D 127 23.94 -56.80 -39.33
CA THR D 127 24.15 -56.58 -40.77
C THR D 127 23.61 -57.73 -41.61
N LYS D 128 22.52 -57.49 -42.33
CA LYS D 128 21.90 -58.50 -43.18
C LYS D 128 21.67 -57.94 -44.57
N GLY D 129 21.86 -58.78 -45.58
CA GLY D 129 21.66 -58.40 -46.96
C GLY D 129 20.19 -58.34 -47.33
N PRO D 130 19.87 -57.58 -48.38
CA PRO D 130 18.48 -57.43 -48.80
C PRO D 130 18.01 -58.60 -49.66
N SER D 131 16.69 -58.67 -49.84
CA SER D 131 16.04 -59.67 -50.67
C SER D 131 15.20 -58.95 -51.71
N VAL D 132 15.69 -58.90 -52.95
CA VAL D 132 15.04 -58.16 -54.02
C VAL D 132 13.98 -59.04 -54.68
N PHE D 133 12.78 -58.49 -54.84
CA PHE D 133 11.69 -59.13 -55.55
C PHE D 133 11.18 -58.21 -56.63
N PRO D 134 10.75 -58.75 -57.78
CA PRO D 134 10.30 -57.89 -58.88
C PRO D 134 8.83 -57.54 -58.78
N LEU D 135 8.54 -56.27 -59.09
CA LEU D 135 7.16 -55.76 -59.11
C LEU D 135 6.71 -55.73 -60.57
N ALA D 136 6.29 -56.89 -61.06
CA ALA D 136 5.93 -57.04 -62.45
C ALA D 136 4.67 -56.19 -62.76
N PRO D 137 4.61 -55.56 -63.93
CA PRO D 137 3.44 -54.78 -64.35
C PRO D 137 2.30 -55.67 -64.83
N GLY D 145 -1.95 -44.84 -70.90
CA GLY D 145 -1.19 -45.55 -71.90
C GLY D 145 0.20 -45.96 -71.43
N THR D 146 0.41 -45.89 -70.11
CA THR D 146 1.70 -46.25 -69.51
C THR D 146 1.46 -47.17 -68.32
N ALA D 147 2.47 -47.99 -68.03
CA ALA D 147 2.42 -48.92 -66.92
C ALA D 147 3.62 -48.70 -66.00
N ALA D 148 3.44 -49.09 -64.74
CA ALA D 148 4.47 -48.93 -63.72
C ALA D 148 5.03 -50.28 -63.31
N LEU D 149 6.34 -50.32 -63.07
CA LEU D 149 7.02 -51.51 -62.61
C LEU D 149 8.19 -51.09 -61.72
N GLY D 150 8.56 -51.98 -60.80
CA GLY D 150 9.64 -51.65 -59.89
C GLY D 150 10.26 -52.87 -59.25
N CYS D 151 11.04 -52.62 -58.19
CA CYS D 151 11.72 -53.65 -57.43
C CYS D 151 11.43 -53.44 -55.95
N LEU D 152 11.28 -54.55 -55.22
CA LEU D 152 11.01 -54.52 -53.79
C LEU D 152 12.27 -54.97 -53.05
N VAL D 153 12.92 -54.03 -52.36
CA VAL D 153 14.09 -54.32 -51.54
C VAL D 153 13.60 -54.52 -50.11
N LYS D 154 13.65 -55.76 -49.62
CA LYS D 154 13.02 -56.13 -48.36
C LYS D 154 14.03 -56.70 -47.38
N ASP D 155 13.89 -56.32 -46.11
CA ASP D 155 14.61 -56.92 -44.98
C ASP D 155 16.13 -56.83 -45.18
N TYR D 156 16.63 -55.61 -44.98
CA TYR D 156 18.07 -55.37 -44.97
C TYR D 156 18.42 -54.50 -43.77
N PHE D 157 19.70 -54.52 -43.41
CA PHE D 157 20.23 -53.73 -42.31
C PHE D 157 21.76 -53.73 -42.39
N PRO D 158 22.42 -52.59 -42.13
CA PRO D 158 21.79 -51.29 -41.87
C PRO D 158 21.58 -50.48 -43.15
N GLU D 159 21.34 -49.19 -42.99
CA GLU D 159 21.25 -48.30 -44.13
C GLU D 159 22.65 -47.97 -44.65
N PRO D 160 22.78 -47.61 -45.95
CA PRO D 160 21.73 -47.50 -46.95
C PRO D 160 21.83 -48.53 -48.08
N VAL D 161 20.90 -48.46 -49.03
CA VAL D 161 20.98 -49.19 -50.29
C VAL D 161 20.81 -48.20 -51.42
N THR D 162 21.52 -48.44 -52.52
CA THR D 162 21.42 -47.62 -53.72
C THR D 162 20.83 -48.46 -54.84
N VAL D 163 19.84 -47.89 -55.54
CA VAL D 163 19.13 -48.59 -56.61
C VAL D 163 19.28 -47.79 -57.89
N SER D 164 19.71 -48.47 -58.95
CA SER D 164 19.75 -47.90 -60.29
C SER D 164 19.06 -48.85 -61.25
N TRP D 165 18.67 -48.34 -62.40
CA TRP D 165 17.96 -49.12 -63.40
C TRP D 165 18.77 -49.18 -64.68
N ASN D 166 19.00 -50.39 -65.18
CA ASN D 166 19.80 -50.64 -66.38
C ASN D 166 21.20 -50.03 -66.25
N SER D 167 21.78 -50.17 -65.06
CA SER D 167 23.13 -49.66 -64.77
C SER D 167 23.23 -48.15 -65.04
N GLY D 168 22.24 -47.41 -64.56
CA GLY D 168 22.23 -45.97 -64.69
C GLY D 168 21.78 -45.45 -66.04
N ALA D 169 21.54 -46.31 -67.02
CA ALA D 169 21.09 -45.83 -68.33
C ALA D 169 19.67 -45.28 -68.27
N LEU D 170 18.79 -45.96 -67.54
CA LEU D 170 17.39 -45.53 -67.41
C LEU D 170 17.27 -44.56 -66.24
N THR D 171 16.79 -43.36 -66.52
CA THR D 171 16.61 -42.35 -65.48
C THR D 171 15.19 -41.78 -65.53
N SER D 172 14.64 -41.68 -66.73
CA SER D 172 13.31 -41.12 -66.91
C SER D 172 12.25 -41.99 -66.23
N GLY D 173 11.47 -41.38 -65.35
CA GLY D 173 10.40 -42.06 -64.66
C GLY D 173 10.81 -42.84 -63.43
N VAL D 174 12.11 -42.92 -63.14
CA VAL D 174 12.59 -43.68 -62.00
C VAL D 174 12.37 -42.89 -60.71
N HIS D 175 11.98 -43.58 -59.65
CA HIS D 175 11.81 -42.97 -58.33
C HIS D 175 12.07 -44.02 -57.27
N THR D 176 13.06 -43.79 -56.43
CA THR D 176 13.40 -44.69 -55.32
C THR D 176 12.86 -44.09 -54.03
N PHE D 177 12.01 -44.85 -53.34
CA PHE D 177 11.36 -44.37 -52.14
C PHE D 177 12.27 -44.52 -50.93
N PRO D 178 12.05 -43.70 -49.88
CA PRO D 178 12.86 -43.85 -48.67
C PRO D 178 12.58 -45.16 -47.96
N ALA D 179 13.53 -45.55 -47.10
CA ALA D 179 13.43 -46.81 -46.40
C ALA D 179 12.34 -46.75 -45.32
N VAL D 180 11.91 -47.93 -44.88
CA VAL D 180 10.89 -48.06 -43.85
C VAL D 180 11.39 -49.07 -42.83
N LEU D 181 11.47 -48.64 -41.57
CA LEU D 181 11.89 -49.52 -40.48
C LEU D 181 10.67 -50.31 -40.00
N GLN D 182 10.69 -51.62 -40.22
CA GLN D 182 9.56 -52.46 -39.84
C GLN D 182 9.66 -52.86 -38.38
N SER D 183 8.58 -53.47 -37.87
CA SER D 183 8.54 -53.91 -36.48
C SER D 183 9.65 -54.89 -36.15
N SER D 184 10.13 -55.64 -37.15
CA SER D 184 11.22 -56.59 -36.92
C SER D 184 12.55 -55.89 -36.68
N GLY D 185 12.69 -54.65 -37.12
CA GLY D 185 13.94 -53.94 -37.04
C GLY D 185 14.80 -53.97 -38.29
N LEU D 186 14.20 -54.25 -39.44
CA LEU D 186 14.91 -54.33 -40.72
C LEU D 186 14.28 -53.37 -41.71
N TYR D 187 15.10 -52.62 -42.42
CA TYR D 187 14.60 -51.64 -43.37
C TYR D 187 14.08 -52.31 -44.64
N SER D 188 13.24 -51.58 -45.37
CA SER D 188 12.67 -52.05 -46.62
C SER D 188 12.22 -50.83 -47.43
N LEU D 189 12.39 -50.90 -48.75
CA LEU D 189 11.96 -49.83 -49.63
C LEU D 189 11.64 -50.40 -51.00
N SER D 190 11.15 -49.54 -51.89
CA SER D 190 10.82 -49.89 -53.26
C SER D 190 11.36 -48.83 -54.21
N SER D 191 11.67 -49.26 -55.42
CA SER D 191 12.13 -48.36 -56.48
C SER D 191 11.39 -48.72 -57.75
N VAL D 192 10.59 -47.78 -58.26
CA VAL D 192 9.70 -48.05 -59.38
C VAL D 192 10.05 -47.11 -60.54
N VAL D 193 9.52 -47.44 -61.71
CA VAL D 193 9.70 -46.64 -62.91
C VAL D 193 8.46 -46.80 -63.79
N THR D 194 7.93 -45.68 -64.27
CA THR D 194 6.77 -45.69 -65.15
C THR D 194 7.24 -45.61 -66.60
N VAL D 195 6.84 -46.57 -67.40
CA VAL D 195 7.28 -46.67 -68.79
C VAL D 195 6.06 -46.92 -69.67
N PRO D 196 6.15 -46.60 -70.97
CA PRO D 196 5.02 -46.85 -71.87
C PRO D 196 4.67 -48.34 -71.93
N SER D 197 3.36 -48.62 -71.97
CA SER D 197 2.89 -49.99 -72.02
C SER D 197 3.40 -50.72 -73.26
N SER D 198 3.54 -50.02 -74.39
CA SER D 198 4.06 -50.64 -75.60
C SER D 198 5.53 -51.03 -75.45
N SER D 199 6.30 -50.25 -74.68
CA SER D 199 7.72 -50.54 -74.50
C SER D 199 7.96 -51.78 -73.66
N LEU D 200 6.96 -52.24 -72.90
CA LEU D 200 7.14 -53.42 -72.04
C LEU D 200 7.69 -54.61 -72.80
N GLY D 201 7.34 -54.76 -74.07
CA GLY D 201 7.85 -55.85 -74.87
C GLY D 201 9.29 -55.68 -75.31
N THR D 202 9.55 -54.64 -76.10
CA THR D 202 10.88 -54.43 -76.65
C THR D 202 11.92 -54.15 -75.57
N GLN D 203 11.59 -53.26 -74.63
CA GLN D 203 12.57 -52.81 -73.65
C GLN D 203 12.79 -53.83 -72.54
N THR D 204 14.02 -53.87 -72.05
CA THR D 204 14.40 -54.72 -70.92
C THR D 204 14.72 -53.84 -69.72
N TYR D 205 14.09 -54.13 -68.60
CA TYR D 205 14.23 -53.32 -67.39
C TYR D 205 14.86 -54.16 -66.29
N ILE D 206 16.02 -53.72 -65.80
CA ILE D 206 16.75 -54.39 -64.73
C ILE D 206 17.13 -53.36 -63.68
N CYS D 207 16.77 -53.63 -62.43
CA CYS D 207 17.16 -52.78 -61.32
C CYS D 207 18.43 -53.32 -60.68
N ASN D 208 19.32 -52.41 -60.25
CA ASN D 208 20.62 -52.76 -59.69
C ASN D 208 20.67 -52.31 -58.23
N VAL D 209 20.31 -53.20 -57.33
CA VAL D 209 20.32 -52.91 -55.90
C VAL D 209 21.73 -53.14 -55.37
N ASN D 210 22.25 -52.15 -54.63
CA ASN D 210 23.59 -52.21 -54.05
C ASN D 210 23.50 -51.93 -52.56
N HIS D 211 24.00 -52.86 -51.75
CA HIS D 211 24.01 -52.74 -50.29
C HIS D 211 25.46 -52.90 -49.85
N LYS D 212 26.22 -51.80 -49.93
CA LYS D 212 27.63 -51.81 -49.57
C LYS D 212 27.94 -52.34 -48.18
N PRO D 213 27.18 -52.02 -47.12
CA PRO D 213 27.54 -52.57 -45.79
C PRO D 213 27.60 -54.09 -45.73
N SER D 214 26.83 -54.79 -46.55
CA SER D 214 26.86 -56.24 -46.59
C SER D 214 27.63 -56.78 -47.80
N ASN D 215 28.24 -55.89 -48.60
CA ASN D 215 29.00 -56.27 -49.79
C ASN D 215 28.15 -57.11 -50.74
N THR D 216 26.94 -56.64 -51.02
CA THR D 216 25.99 -57.34 -51.86
C THR D 216 25.56 -56.45 -53.02
N LYS D 217 25.45 -57.04 -54.20
CA LYS D 217 24.96 -56.34 -55.39
C LYS D 217 24.08 -57.30 -56.17
N VAL D 218 22.79 -57.00 -56.24
CA VAL D 218 21.81 -57.85 -56.89
C VAL D 218 21.23 -57.13 -58.10
N ASP D 219 21.05 -57.88 -59.19
CA ASP D 219 20.44 -57.37 -60.42
C ASP D 219 19.23 -58.22 -60.74
N LYS D 220 18.05 -57.62 -60.71
CA LYS D 220 16.79 -58.32 -60.96
C LYS D 220 16.12 -57.75 -62.19
N ARG D 221 15.85 -58.61 -63.17
CA ARG D 221 15.14 -58.23 -64.39
C ARG D 221 13.64 -58.35 -64.16
N VAL D 222 12.92 -57.27 -64.43
CA VAL D 222 11.48 -57.21 -64.22
C VAL D 222 10.79 -57.54 -65.54
N GLU D 223 10.14 -58.70 -65.61
CA GLU D 223 9.40 -59.16 -66.78
C GLU D 223 7.90 -59.10 -66.50
N PRO D 224 7.09 -58.88 -67.54
CA PRO D 224 5.64 -58.79 -67.33
C PRO D 224 5.05 -60.10 -66.84
N LYS D 225 3.86 -59.99 -66.25
CA LYS D 225 3.16 -61.16 -65.71
C LYS D 225 2.77 -62.12 -66.83
N SER D 226 2.93 -63.41 -66.56
CA SER D 226 2.57 -64.45 -67.54
C SER D 226 1.06 -64.55 -67.69
N LEU E 2 -1.13 -43.13 -31.12
CA LEU E 2 -2.08 -42.35 -31.91
C LEU E 2 -2.08 -40.89 -31.48
N PRO E 3 -2.15 -39.98 -32.45
CA PRO E 3 -2.18 -38.55 -32.12
C PRO E 3 -3.41 -38.19 -31.31
N VAL E 4 -3.19 -37.41 -30.25
CA VAL E 4 -4.30 -37.05 -29.36
C VAL E 4 -5.22 -36.03 -30.02
N LEU E 5 -4.64 -35.05 -30.71
CA LEU E 5 -5.42 -34.00 -31.38
C LEU E 5 -5.46 -34.28 -32.87
N THR E 6 -6.66 -34.22 -33.44
CA THR E 6 -6.86 -34.52 -34.85
C THR E 6 -6.54 -33.28 -35.69
N GLN E 7 -5.58 -33.41 -36.60
CA GLN E 7 -5.20 -32.36 -37.53
C GLN E 7 -5.40 -32.83 -38.96
N PRO E 8 -5.72 -31.94 -39.89
CA PRO E 8 -5.89 -32.33 -41.28
C PRO E 8 -4.58 -32.79 -41.89
N ALA E 9 -4.70 -33.59 -42.96
CA ALA E 9 -3.52 -34.08 -43.66
C ALA E 9 -2.73 -32.93 -44.27
N SER E 10 -3.40 -32.06 -45.01
CA SER E 10 -2.74 -30.91 -45.63
C SER E 10 -3.78 -29.86 -45.96
N VAL E 11 -3.34 -28.60 -45.92
CA VAL E 11 -4.13 -27.47 -46.39
C VAL E 11 -3.25 -26.67 -47.36
N SER E 12 -3.86 -26.24 -48.47
CA SER E 12 -3.12 -25.58 -49.53
C SER E 12 -3.82 -24.28 -49.92
N GLY E 13 -3.03 -23.36 -50.49
CA GLY E 13 -3.56 -22.09 -50.93
C GLY E 13 -2.58 -21.39 -51.84
N SER E 14 -3.12 -20.56 -52.73
CA SER E 14 -2.30 -19.79 -53.64
C SER E 14 -1.56 -18.69 -52.87
N PRO E 15 -0.43 -18.23 -53.42
CA PRO E 15 0.31 -17.14 -52.75
C PRO E 15 -0.56 -15.90 -52.55
N GLY E 16 -0.60 -15.41 -51.32
CA GLY E 16 -1.43 -14.28 -50.96
C GLY E 16 -2.79 -14.63 -50.42
N GLN E 17 -3.16 -15.91 -50.39
CA GLN E 17 -4.46 -16.33 -49.89
C GLN E 17 -4.42 -16.47 -48.36
N SER E 18 -5.55 -16.85 -47.79
CA SER E 18 -5.68 -17.10 -46.35
C SER E 18 -6.21 -18.51 -46.14
N ILE E 19 -5.42 -19.34 -45.48
CA ILE E 19 -5.78 -20.72 -45.20
C ILE E 19 -5.85 -20.91 -43.69
N THR E 20 -6.59 -21.94 -43.27
CA THR E 20 -6.81 -22.21 -41.86
C THR E 20 -6.61 -23.70 -41.57
N ILE E 21 -5.93 -23.98 -40.47
CA ILE E 21 -5.70 -25.35 -40.00
C ILE E 21 -6.53 -25.57 -38.75
N SER E 22 -7.29 -26.67 -38.73
CA SER E 22 -8.17 -26.99 -37.61
C SER E 22 -7.50 -28.01 -36.69
N CYS E 23 -7.55 -27.73 -35.39
CA CYS E 23 -6.98 -28.61 -34.37
C CYS E 23 -8.15 -29.05 -33.47
N THR E 24 -8.72 -30.22 -33.79
CA THR E 24 -9.88 -30.72 -33.06
C THR E 24 -9.42 -31.65 -31.94
N GLY E 25 -9.95 -31.41 -30.74
CA GLY E 25 -9.63 -32.24 -29.60
C GLY E 25 -10.87 -32.66 -28.83
N THR E 26 -10.68 -33.25 -27.65
CA THR E 26 -11.78 -33.68 -26.81
C THR E 26 -12.17 -32.55 -25.85
N SER E 27 -13.13 -32.83 -24.97
CA SER E 27 -13.51 -31.86 -23.95
C SER E 27 -12.51 -31.77 -22.82
N SER E 28 -11.67 -32.80 -22.63
CA SER E 28 -10.71 -32.81 -21.54
C SER E 28 -9.46 -31.98 -21.84
N ASP E 29 -9.19 -31.66 -23.10
CA ASP E 29 -7.96 -30.94 -23.42
C ASP E 29 -8.23 -29.55 -24.00
N VAL E 30 -8.60 -29.50 -25.29
CA VAL E 30 -8.80 -28.21 -25.96
C VAL E 30 -9.93 -27.42 -25.30
N GLY E 31 -11.05 -28.10 -25.03
CA GLY E 31 -12.19 -27.43 -24.44
C GLY E 31 -11.97 -26.99 -22.99
N ALA E 32 -11.17 -27.74 -22.24
CA ALA E 32 -11.04 -27.48 -20.81
C ALA E 32 -10.28 -26.19 -20.54
N TYR E 33 -9.16 -25.99 -21.22
CA TYR E 33 -8.28 -24.85 -20.97
C TYR E 33 -8.13 -24.02 -22.24
N ASN E 34 -7.56 -22.82 -22.06
CA ASN E 34 -7.26 -21.90 -23.15
C ASN E 34 -5.77 -21.83 -23.45
N TYR E 35 -5.04 -22.90 -23.13
CA TYR E 35 -3.61 -22.99 -23.45
C TYR E 35 -3.43 -23.90 -24.66
N VAL E 36 -3.62 -23.32 -25.83
CA VAL E 36 -3.43 -24.00 -27.11
C VAL E 36 -2.25 -23.33 -27.82
N SER E 37 -1.30 -24.14 -28.29
CA SER E 37 -0.10 -23.63 -28.92
C SER E 37 0.06 -24.23 -30.32
N TRP E 38 0.62 -23.43 -31.22
CA TRP E 38 0.89 -23.84 -32.59
C TRP E 38 2.38 -23.73 -32.86
N TYR E 39 2.93 -24.73 -33.56
CA TYR E 39 4.36 -24.79 -33.85
C TYR E 39 4.59 -24.93 -35.35
N GLN E 40 5.59 -24.22 -35.86
CA GLN E 40 6.01 -24.30 -37.25
C GLN E 40 7.35 -25.02 -37.31
N GLN E 41 7.40 -26.13 -38.05
CA GLN E 41 8.61 -26.94 -38.17
C GLN E 41 8.99 -27.02 -39.64
N HIS E 42 10.12 -26.40 -39.99
CA HIS E 42 10.68 -26.52 -41.32
C HIS E 42 11.52 -27.79 -41.43
N PRO E 43 11.72 -28.31 -42.63
CA PRO E 43 12.48 -29.56 -42.78
C PRO E 43 13.88 -29.44 -42.19
N GLY E 44 14.20 -30.38 -41.28
CA GLY E 44 15.49 -30.41 -40.63
C GLY E 44 15.57 -29.61 -39.34
N LYS E 45 14.72 -28.59 -39.18
CA LYS E 45 14.74 -27.75 -38.00
C LYS E 45 13.80 -28.28 -36.92
N ALA E 46 13.89 -27.68 -35.74
CA ALA E 46 13.05 -28.00 -34.59
C ALA E 46 11.76 -27.19 -34.65
N PRO E 47 10.72 -27.63 -33.95
CA PRO E 47 9.46 -26.86 -33.94
C PRO E 47 9.67 -25.47 -33.36
N LYS E 48 9.14 -24.47 -34.06
CA LYS E 48 9.24 -23.07 -33.65
C LYS E 48 7.86 -22.61 -33.18
N LEU E 49 7.78 -22.15 -31.94
CA LEU E 49 6.52 -21.69 -31.38
C LEU E 49 5.98 -20.49 -32.15
N ILE E 50 4.90 -20.70 -32.90
CA ILE E 50 4.34 -19.63 -33.72
C ILE E 50 3.21 -18.90 -32.99
N ILE E 51 2.50 -19.58 -32.09
CA ILE E 51 1.38 -19.01 -31.36
C ILE E 51 1.20 -19.81 -30.08
N TYR E 52 0.99 -19.11 -28.98
CA TYR E 52 0.70 -19.73 -27.70
C TYR E 52 -0.55 -19.09 -27.10
N GLU E 53 -1.17 -19.79 -26.16
CA GLU E 53 -2.39 -19.33 -25.50
C GLU E 53 -3.47 -18.97 -26.52
N VAL E 54 -3.72 -19.92 -27.44
CA VAL E 54 -4.74 -19.83 -28.48
C VAL E 54 -4.41 -18.77 -29.52
N LYS E 55 -4.36 -17.50 -29.11
CA LYS E 55 -4.22 -16.41 -30.06
C LYS E 55 -3.04 -15.48 -29.79
N ILE E 56 -2.28 -15.68 -28.73
CA ILE E 56 -1.16 -14.79 -28.43
C ILE E 56 0.04 -15.20 -29.27
N ARG E 57 0.74 -14.21 -29.81
CA ARG E 57 1.81 -14.43 -30.75
C ARG E 57 3.14 -14.00 -30.14
N PRO E 58 4.16 -14.86 -30.17
CA PRO E 58 5.45 -14.48 -29.61
C PRO E 58 6.11 -13.37 -30.42
N SER E 59 6.97 -12.61 -29.75
CA SER E 59 7.68 -11.52 -30.41
C SER E 59 8.59 -12.07 -31.50
N GLY E 60 8.52 -11.45 -32.68
CA GLY E 60 9.28 -11.87 -33.83
C GLY E 60 8.51 -12.72 -34.83
N VAL E 61 7.29 -13.10 -34.50
CA VAL E 61 6.44 -13.88 -35.41
C VAL E 61 5.58 -12.92 -36.21
N SER E 62 5.51 -13.14 -37.52
CA SER E 62 4.75 -12.27 -38.40
C SER E 62 3.30 -12.14 -37.95
N ASN E 63 2.77 -10.92 -38.06
CA ASN E 63 1.38 -10.64 -37.70
C ASN E 63 0.37 -11.33 -38.62
N ARG E 64 0.84 -12.05 -39.64
CA ARG E 64 -0.05 -12.75 -40.54
C ARG E 64 -0.65 -13.99 -39.90
N PHE E 65 -0.01 -14.54 -38.88
CA PHE E 65 -0.50 -15.72 -38.18
C PHE E 65 -1.49 -15.30 -37.09
N SER E 66 -2.65 -15.96 -37.07
CA SER E 66 -3.68 -15.68 -36.08
C SER E 66 -4.26 -16.98 -35.57
N GLY E 67 -4.69 -16.98 -34.31
CA GLY E 67 -5.23 -18.15 -33.66
C GLY E 67 -6.68 -17.95 -33.28
N SER E 68 -7.44 -19.04 -33.23
CA SER E 68 -8.85 -19.02 -32.86
C SER E 68 -9.18 -20.29 -32.11
N LYS E 69 -10.38 -20.32 -31.52
CA LYS E 69 -10.87 -21.49 -30.82
C LYS E 69 -12.38 -21.40 -30.70
N SER E 70 -13.04 -22.55 -30.82
CA SER E 70 -14.49 -22.62 -30.67
C SER E 70 -14.84 -24.00 -30.12
N GLY E 71 -15.10 -24.06 -28.82
CA GLY E 71 -15.42 -25.32 -28.17
C GLY E 71 -14.24 -26.26 -28.08
N ASN E 72 -14.24 -27.33 -28.87
CA ASN E 72 -13.19 -28.33 -28.84
C ASN E 72 -12.28 -28.26 -30.06
N THR E 73 -12.33 -27.17 -30.83
CA THR E 73 -11.53 -27.04 -32.04
C THR E 73 -10.82 -25.70 -32.04
N ALA E 74 -9.51 -25.73 -32.28
CA ALA E 74 -8.71 -24.53 -32.45
C ALA E 74 -8.36 -24.36 -33.92
N SER E 75 -8.12 -23.11 -34.33
CA SER E 75 -7.90 -22.79 -35.73
C SER E 75 -6.72 -21.84 -35.86
N LEU E 76 -5.73 -22.22 -36.67
CA LEU E 76 -4.61 -21.36 -37.00
C LEU E 76 -4.79 -20.85 -38.42
N THR E 77 -4.88 -19.53 -38.57
CA THR E 77 -5.12 -18.89 -39.86
C THR E 77 -3.86 -18.18 -40.31
N ILE E 78 -3.41 -18.49 -41.53
CA ILE E 78 -2.25 -17.85 -42.13
C ILE E 78 -2.76 -17.03 -43.30
N SER E 79 -2.92 -15.72 -43.10
CA SER E 79 -3.35 -14.82 -44.16
C SER E 79 -2.12 -14.32 -44.93
N GLY E 80 -2.35 -13.94 -46.18
CA GLY E 80 -1.27 -13.50 -47.04
C GLY E 80 -0.17 -14.53 -47.19
N LEU E 81 -0.53 -15.69 -47.73
CA LEU E 81 0.42 -16.79 -47.85
C LEU E 81 1.68 -16.38 -48.60
N GLN E 82 2.82 -16.86 -48.11
CA GLN E 82 4.11 -16.62 -48.73
C GLN E 82 4.87 -17.93 -48.83
N ALA E 83 5.78 -18.01 -49.79
CA ALA E 83 6.54 -19.23 -50.02
C ALA E 83 7.27 -19.71 -48.77
N GLU E 84 7.74 -18.77 -47.95
CA GLU E 84 8.46 -19.13 -46.72
C GLU E 84 7.57 -19.84 -45.71
N ASP E 85 6.24 -19.79 -45.89
CA ASP E 85 5.33 -20.42 -44.95
C ASP E 85 5.12 -21.91 -45.21
N GLU E 86 5.62 -22.43 -46.32
CA GLU E 86 5.45 -23.85 -46.65
C GLU E 86 6.26 -24.68 -45.66
N ALA E 87 5.57 -25.27 -44.68
CA ALA E 87 6.21 -26.11 -43.69
C ALA E 87 5.14 -26.95 -43.01
N ASP E 88 5.55 -27.77 -42.05
CA ASP E 88 4.64 -28.59 -41.27
C ASP E 88 4.26 -27.86 -39.99
N TYR E 89 2.97 -27.89 -39.66
CA TYR E 89 2.44 -27.17 -38.51
C TYR E 89 1.78 -28.15 -37.54
N PHE E 90 2.08 -28.00 -36.26
CA PHE E 90 1.55 -28.84 -35.21
C PHE E 90 0.80 -27.99 -34.19
N CYS E 91 -0.11 -28.63 -33.46
CA CYS E 91 -0.86 -27.97 -32.40
C CYS E 91 -0.74 -28.76 -31.11
N SER E 92 -0.77 -28.04 -29.99
CA SER E 92 -0.68 -28.66 -28.67
C SER E 92 -1.60 -27.91 -27.72
N SER E 93 -1.99 -28.60 -26.64
CA SER E 93 -2.89 -28.01 -25.66
C SER E 93 -2.65 -28.64 -24.30
N TYR E 94 -3.08 -27.93 -23.26
CA TYR E 94 -3.12 -28.50 -21.92
C TYR E 94 -4.15 -29.61 -21.87
N SER E 95 -3.95 -30.57 -20.98
CA SER E 95 -4.86 -31.70 -20.86
C SER E 95 -5.05 -32.06 -19.39
N THR E 96 -6.18 -32.70 -19.10
CA THR E 96 -6.46 -33.17 -17.76
C THR E 96 -5.60 -34.39 -17.41
N ASN E 97 -5.27 -35.21 -18.41
CA ASN E 97 -4.53 -36.44 -18.18
C ASN E 97 -3.01 -36.24 -18.24
N SER E 98 -2.53 -35.34 -19.07
CA SER E 98 -1.11 -35.10 -19.26
C SER E 98 -0.85 -33.62 -19.39
N PRO E 99 0.39 -33.18 -19.16
CA PRO E 99 0.69 -31.74 -19.30
C PRO E 99 0.49 -31.22 -20.72
N TRP E 100 0.99 -31.93 -21.72
CA TRP E 100 0.86 -31.52 -23.11
C TRP E 100 0.33 -32.68 -23.96
N VAL E 101 -0.53 -32.34 -24.91
CA VAL E 101 -1.02 -33.30 -25.91
C VAL E 101 -0.87 -32.64 -27.27
N PHE E 102 -0.23 -33.35 -28.20
CA PHE E 102 0.08 -32.79 -29.51
C PHE E 102 -0.84 -33.36 -30.59
N GLY E 103 -0.85 -32.68 -31.74
CA GLY E 103 -1.65 -33.09 -32.87
C GLY E 103 -0.84 -33.87 -33.90
N GLY E 104 -1.58 -34.49 -34.83
CA GLY E 104 -0.93 -35.27 -35.88
C GLY E 104 -0.03 -34.44 -36.76
N GLY E 105 -0.42 -33.22 -37.05
CA GLY E 105 0.37 -32.35 -37.88
C GLY E 105 -0.25 -32.13 -39.26
N THR E 106 -0.01 -30.95 -39.82
CA THR E 106 -0.54 -30.57 -41.11
C THR E 106 0.56 -29.93 -41.93
N LYS E 107 0.62 -30.28 -43.21
CA LYS E 107 1.59 -29.70 -44.15
C LYS E 107 0.91 -28.61 -44.96
N VAL E 108 1.41 -27.39 -44.84
CA VAL E 108 0.91 -26.25 -45.60
C VAL E 108 1.75 -26.10 -46.86
N THR E 109 1.10 -26.20 -48.02
CA THR E 109 1.76 -26.06 -49.31
C THR E 109 1.28 -24.79 -50.00
N VAL E 110 2.24 -23.99 -50.48
CA VAL E 110 1.93 -22.79 -51.25
C VAL E 110 1.84 -23.22 -52.71
N LEU E 111 0.60 -23.35 -53.21
CA LEU E 111 0.36 -23.87 -54.55
C LEU E 111 1.10 -23.07 -55.63
N ARG E 112 2.17 -23.65 -56.15
CA ARG E 112 2.91 -23.07 -57.27
C ARG E 112 2.68 -23.84 -58.56
N GLN E 113 1.81 -24.84 -58.54
CA GLN E 113 1.44 -25.62 -59.71
C GLN E 113 0.06 -26.21 -59.47
N PRO E 114 -0.68 -26.56 -60.54
CA PRO E 114 -2.04 -27.06 -60.34
C PRO E 114 -2.06 -28.36 -59.55
N LYS E 115 -3.14 -28.53 -58.78
CA LYS E 115 -3.31 -29.73 -57.98
C LYS E 115 -3.40 -30.97 -58.86
N ALA E 116 -2.66 -32.01 -58.49
CA ALA E 116 -2.62 -33.26 -59.25
C ALA E 116 -3.11 -34.41 -58.39
N ALA E 117 -3.99 -35.23 -58.96
CA ALA E 117 -4.50 -36.41 -58.29
C ALA E 117 -3.49 -37.55 -58.35
N PRO E 118 -3.46 -38.42 -57.34
CA PRO E 118 -2.46 -39.49 -57.32
C PRO E 118 -2.75 -40.57 -58.37
N SER E 119 -1.71 -41.30 -58.71
CA SER E 119 -1.77 -42.42 -59.65
C SER E 119 -1.45 -43.69 -58.87
N VAL E 120 -2.49 -44.36 -58.39
CA VAL E 120 -2.33 -45.52 -57.53
C VAL E 120 -2.07 -46.75 -58.39
N THR E 121 -1.09 -47.55 -57.99
CA THR E 121 -0.76 -48.82 -58.65
C THR E 121 -0.49 -49.85 -57.57
N LEU E 122 -1.41 -50.81 -57.42
CA LEU E 122 -1.30 -51.83 -56.40
C LEU E 122 -0.65 -53.09 -56.97
N PHE E 123 0.41 -53.55 -56.31
CA PHE E 123 1.16 -54.73 -56.75
C PHE E 123 0.88 -55.90 -55.85
N PRO E 124 0.53 -57.06 -56.40
CA PRO E 124 0.34 -58.26 -55.57
C PRO E 124 1.67 -58.86 -55.17
N PRO E 125 1.68 -59.77 -54.21
CA PRO E 125 2.96 -60.39 -53.80
C PRO E 125 3.61 -61.15 -54.96
N SER E 126 4.92 -61.04 -55.04
CA SER E 126 5.67 -61.66 -56.12
C SER E 126 5.66 -63.18 -56.00
N SER E 127 5.93 -63.84 -57.12
CA SER E 127 6.04 -65.29 -57.11
C SER E 127 7.26 -65.76 -56.32
N GLU E 128 8.38 -65.04 -56.46
CA GLU E 128 9.57 -65.38 -55.68
C GLU E 128 9.36 -65.12 -54.19
N GLU E 129 8.59 -64.10 -53.83
CA GLU E 129 8.36 -63.80 -52.43
C GLU E 129 7.50 -64.88 -51.77
N LEU E 130 6.41 -65.27 -52.43
CA LEU E 130 5.54 -66.30 -51.87
C LEU E 130 6.29 -67.62 -51.71
N GLN E 131 7.28 -67.88 -52.56
CA GLN E 131 8.11 -69.07 -52.40
C GLN E 131 9.02 -68.97 -51.18
N ALA E 132 9.20 -67.77 -50.63
CA ALA E 132 9.94 -67.57 -49.39
C ALA E 132 9.03 -67.47 -48.18
N ASN E 133 7.79 -67.97 -48.30
CA ASN E 133 6.81 -67.96 -47.21
C ASN E 133 6.53 -66.54 -46.73
N LYS E 134 6.60 -65.57 -47.63
CA LYS E 134 6.34 -64.17 -47.32
C LYS E 134 5.46 -63.57 -48.40
N ALA E 135 4.72 -62.52 -48.02
CA ALA E 135 3.82 -61.85 -48.96
C ALA E 135 3.69 -60.39 -48.55
N THR E 136 3.99 -59.48 -49.48
CA THR E 136 3.89 -58.05 -49.25
C THR E 136 3.07 -57.41 -50.36
N LEU E 137 2.13 -56.55 -49.98
CA LEU E 137 1.33 -55.79 -50.94
C LEU E 137 1.91 -54.38 -51.04
N VAL E 138 2.35 -54.02 -52.23
CA VAL E 138 2.98 -52.72 -52.48
C VAL E 138 1.98 -51.82 -53.19
N CYS E 139 1.63 -50.71 -52.53
CA CYS E 139 0.71 -49.72 -53.08
C CYS E 139 1.54 -48.49 -53.44
N LEU E 140 1.58 -48.17 -54.73
CA LEU E 140 2.44 -47.12 -55.26
C LEU E 140 1.61 -45.88 -55.58
N ILE E 141 1.88 -44.80 -54.84
CA ILE E 141 1.22 -43.53 -55.03
C ILE E 141 2.22 -42.58 -55.66
N SER E 142 1.88 -42.01 -56.81
CA SER E 142 2.82 -41.17 -57.53
C SER E 142 2.10 -40.02 -58.22
N ASP E 143 2.87 -38.98 -58.55
CA ASP E 143 2.41 -37.86 -59.36
C ASP E 143 1.17 -37.19 -58.76
N PHE E 144 1.31 -36.74 -57.51
CA PHE E 144 0.25 -36.01 -56.84
C PHE E 144 0.83 -34.75 -56.20
N TYR E 145 0.00 -33.71 -56.14
CA TYR E 145 0.34 -32.41 -55.60
C TYR E 145 -0.94 -31.82 -55.04
N PRO E 146 -0.94 -31.31 -53.79
CA PRO E 146 0.17 -31.19 -52.84
C PRO E 146 0.67 -32.53 -52.29
N GLY E 147 1.89 -32.53 -51.75
CA GLY E 147 2.51 -33.75 -51.27
C GLY E 147 2.07 -34.19 -49.90
N ALA E 148 0.86 -34.72 -49.80
CA ALA E 148 0.34 -35.27 -48.54
C ALA E 148 -0.90 -36.10 -48.79
N VAL E 149 -0.83 -37.40 -48.48
CA VAL E 149 -1.93 -38.33 -48.66
C VAL E 149 -2.12 -39.14 -47.39
N THR E 150 -3.22 -39.89 -47.36
CA THR E 150 -3.53 -40.77 -46.23
C THR E 150 -4.08 -42.07 -46.81
N VAL E 151 -3.33 -43.15 -46.66
CA VAL E 151 -3.70 -44.44 -47.23
C VAL E 151 -4.51 -45.24 -46.22
N ALA E 152 -5.33 -46.15 -46.74
CA ALA E 152 -6.13 -47.05 -45.93
C ALA E 152 -6.29 -48.37 -46.67
N TRP E 153 -6.12 -49.47 -45.94
CA TRP E 153 -6.15 -50.81 -46.53
C TRP E 153 -7.45 -51.52 -46.19
N LYS E 154 -7.90 -52.37 -47.11
CA LYS E 154 -9.11 -53.16 -46.93
C LYS E 154 -8.82 -54.61 -47.30
N ALA E 155 -9.55 -55.52 -46.64
CA ALA E 155 -9.51 -56.95 -46.95
C ALA E 155 -10.96 -57.43 -47.00
N ASP E 156 -11.50 -57.53 -48.21
CA ASP E 156 -12.92 -57.84 -48.42
C ASP E 156 -13.79 -56.76 -47.77
N SER E 157 -13.48 -55.51 -48.08
CA SER E 157 -14.15 -54.32 -47.56
C SER E 157 -14.00 -54.17 -46.05
N SER E 158 -13.11 -54.95 -45.43
CA SER E 158 -12.85 -54.83 -44.00
C SER E 158 -11.55 -54.08 -43.77
N PRO E 159 -11.56 -52.99 -43.00
CA PRO E 159 -10.35 -52.20 -42.81
C PRO E 159 -9.24 -52.99 -42.15
N VAL E 160 -8.01 -52.81 -42.65
CA VAL E 160 -6.83 -53.46 -42.11
C VAL E 160 -5.91 -52.39 -41.53
N LYS E 161 -5.40 -52.65 -40.33
CA LYS E 161 -4.49 -51.73 -39.66
C LYS E 161 -3.16 -52.37 -39.28
N ALA E 162 -3.18 -53.59 -38.77
CA ALA E 162 -1.94 -54.26 -38.37
C ALA E 162 -1.09 -54.60 -39.59
N GLY E 163 0.22 -54.52 -39.41
CA GLY E 163 1.15 -54.85 -40.48
C GLY E 163 1.12 -53.90 -41.66
N VAL E 164 0.87 -52.62 -41.42
CA VAL E 164 0.82 -51.61 -42.47
C VAL E 164 1.91 -50.57 -42.19
N GLU E 165 2.74 -50.32 -43.20
CA GLU E 165 3.81 -49.33 -43.11
C GLU E 165 3.80 -48.46 -44.35
N THR E 166 3.80 -47.15 -44.16
CA THR E 166 3.70 -46.19 -45.26
C THR E 166 4.81 -45.16 -45.14
N THR E 167 5.34 -44.74 -46.29
CA THR E 167 6.38 -43.73 -46.34
C THR E 167 5.75 -42.34 -46.39
N THR E 168 6.59 -41.32 -46.13
CA THR E 168 6.16 -39.95 -46.29
C THR E 168 6.34 -39.51 -47.73
N PRO E 169 5.46 -38.63 -48.23
CA PRO E 169 5.55 -38.19 -49.63
C PRO E 169 6.90 -37.56 -49.94
N SER E 170 7.62 -38.17 -50.88
CA SER E 170 8.92 -37.68 -51.32
C SER E 170 8.77 -37.02 -52.69
N LYS E 171 9.53 -35.94 -52.90
CA LYS E 171 9.44 -35.20 -54.16
C LYS E 171 10.07 -35.99 -55.30
N GLN E 172 9.40 -35.97 -56.45
CA GLN E 172 9.88 -36.65 -57.64
C GLN E 172 10.71 -35.68 -58.49
N SER E 173 11.13 -36.15 -59.67
CA SER E 173 11.88 -35.29 -60.58
C SER E 173 11.01 -34.18 -61.14
N ASN E 174 9.73 -34.43 -61.34
CA ASN E 174 8.80 -33.45 -61.91
C ASN E 174 8.24 -32.50 -60.86
N ASN E 175 8.89 -32.37 -59.71
CA ASN E 175 8.45 -31.52 -58.60
C ASN E 175 7.13 -31.99 -58.00
N LYS E 176 6.59 -33.10 -58.50
CA LYS E 176 5.44 -33.73 -57.87
C LYS E 176 5.93 -34.71 -56.80
N TYR E 177 5.01 -35.18 -55.99
CA TYR E 177 5.34 -36.04 -54.85
C TYR E 177 4.84 -37.46 -55.09
N ALA E 178 5.47 -38.39 -54.38
CA ALA E 178 5.15 -39.81 -54.48
C ALA E 178 5.29 -40.45 -53.11
N ALA E 179 4.42 -41.43 -52.83
CA ALA E 179 4.43 -42.13 -51.55
C ALA E 179 4.27 -43.62 -51.80
N SER E 180 4.64 -44.41 -50.80
CA SER E 180 4.58 -45.86 -50.89
C SER E 180 4.03 -46.44 -49.59
N SER E 181 3.17 -47.44 -49.72
CA SER E 181 2.58 -48.13 -48.57
C SER E 181 2.71 -49.63 -48.77
N TYR E 182 2.94 -50.34 -47.67
CA TYR E 182 3.16 -51.78 -47.70
C TYR E 182 2.22 -52.47 -46.71
N LEU E 183 1.73 -53.64 -47.10
CA LEU E 183 0.91 -54.49 -46.23
C LEU E 183 1.58 -55.86 -46.19
N SER E 184 2.29 -56.15 -45.11
CA SER E 184 2.96 -57.43 -44.95
C SER E 184 2.01 -58.42 -44.29
N LEU E 185 1.92 -59.62 -44.87
CA LEU E 185 1.05 -60.66 -44.34
C LEU E 185 1.61 -62.02 -44.74
N THR E 186 1.09 -63.06 -44.09
CA THR E 186 1.49 -64.43 -44.40
C THR E 186 0.82 -64.89 -45.68
N PRO E 187 1.43 -65.85 -46.40
CA PRO E 187 0.78 -66.39 -47.60
C PRO E 187 -0.59 -67.00 -47.31
N GLU E 188 -0.82 -67.48 -46.08
CA GLU E 188 -2.14 -68.00 -45.73
C GLU E 188 -3.17 -66.88 -45.73
N GLN E 189 -2.81 -65.71 -45.19
CA GLN E 189 -3.72 -64.57 -45.21
C GLN E 189 -4.02 -64.12 -46.63
N TRP E 190 -3.01 -64.16 -47.51
CA TRP E 190 -3.17 -63.70 -48.88
C TRP E 190 -4.28 -64.46 -49.60
N LYS E 191 -4.18 -65.79 -49.62
CA LYS E 191 -5.16 -66.61 -50.30
C LYS E 191 -6.46 -66.77 -49.51
N SER E 192 -6.50 -66.33 -48.26
CA SER E 192 -7.71 -66.48 -47.46
C SER E 192 -8.81 -65.56 -47.94
N HIS E 193 -8.52 -64.27 -48.08
CA HIS E 193 -9.54 -63.28 -48.41
C HIS E 193 -9.78 -63.20 -49.91
N ARG E 194 -10.94 -62.65 -50.26
CA ARG E 194 -11.32 -62.54 -51.66
C ARG E 194 -10.46 -61.51 -52.39
N SER E 195 -10.37 -60.30 -51.85
CA SER E 195 -9.63 -59.23 -52.51
C SER E 195 -9.07 -58.26 -51.49
N TYR E 196 -7.99 -57.58 -51.86
CA TYR E 196 -7.35 -56.57 -51.02
C TYR E 196 -7.35 -55.23 -51.75
N SER E 197 -7.71 -54.17 -51.03
CA SER E 197 -7.83 -52.85 -51.63
C SER E 197 -6.87 -51.86 -50.96
N CYS E 198 -6.51 -50.83 -51.70
CA CYS E 198 -5.67 -49.74 -51.21
C CYS E 198 -6.38 -48.42 -51.49
N GLN E 199 -6.84 -47.76 -50.43
CA GLN E 199 -7.57 -46.50 -50.56
C GLN E 199 -6.63 -45.33 -50.25
N VAL E 200 -6.39 -44.50 -51.25
CA VAL E 200 -5.53 -43.34 -51.13
C VAL E 200 -6.38 -42.08 -51.18
N THR E 201 -6.37 -41.30 -50.12
CA THR E 201 -7.13 -40.06 -50.02
C THR E 201 -6.20 -38.88 -50.21
N HIS E 202 -6.51 -38.01 -51.18
CA HIS E 202 -5.71 -36.83 -51.47
C HIS E 202 -6.64 -35.63 -51.61
N GLU E 203 -6.51 -34.68 -50.68
CA GLU E 203 -7.27 -33.44 -50.69
C GLU E 203 -8.77 -33.70 -50.79
N GLY E 204 -9.25 -34.61 -49.96
CA GLY E 204 -10.67 -34.92 -49.89
C GLY E 204 -11.20 -35.86 -50.95
N SER E 205 -10.40 -36.19 -51.97
CA SER E 205 -10.81 -37.11 -53.02
C SER E 205 -9.99 -38.39 -52.91
N THR E 206 -10.67 -39.53 -52.91
CA THR E 206 -10.05 -40.83 -52.68
C THR E 206 -9.94 -41.62 -53.98
N VAL E 207 -8.79 -42.25 -54.18
CA VAL E 207 -8.55 -43.16 -55.30
C VAL E 207 -8.29 -44.54 -54.72
N GLU E 208 -8.92 -45.57 -55.30
CA GLU E 208 -8.84 -46.92 -54.78
C GLU E 208 -8.49 -47.91 -55.87
N LYS E 209 -7.61 -48.86 -55.54
CA LYS E 209 -7.23 -49.95 -56.43
C LYS E 209 -7.31 -51.26 -55.66
N THR E 210 -7.87 -52.28 -56.31
CA THR E 210 -8.10 -53.58 -55.68
C THR E 210 -7.43 -54.68 -56.48
N VAL E 211 -6.86 -55.66 -55.77
CA VAL E 211 -6.24 -56.83 -56.38
C VAL E 211 -6.78 -58.08 -55.69
N ALA E 212 -6.73 -59.20 -56.43
CA ALA E 212 -7.20 -60.49 -55.94
C ALA E 212 -6.16 -61.56 -56.25
N PRO E 213 -6.13 -62.64 -55.45
CA PRO E 213 -5.19 -63.74 -55.72
C PRO E 213 -5.56 -64.54 -56.97
N GLN F 2 23.91 24.67 17.15
CA GLN F 2 23.64 25.57 16.04
C GLN F 2 24.29 25.08 14.75
N VAL F 3 23.65 25.36 13.63
CA VAL F 3 24.16 24.99 12.31
C VAL F 3 25.08 26.11 11.84
N GLN F 4 26.33 25.77 11.54
CA GLN F 4 27.34 26.76 11.22
C GLN F 4 28.18 26.31 10.03
N LEU F 5 28.86 27.29 9.41
CA LEU F 5 29.84 27.05 8.36
C LEU F 5 30.91 28.11 8.50
N GLN F 6 32.18 27.69 8.50
CA GLN F 6 33.28 28.62 8.70
C GLN F 6 34.37 28.39 7.67
N GLU F 7 34.90 29.49 7.14
CA GLU F 7 35.94 29.47 6.11
C GLU F 7 37.29 29.81 6.71
N SER F 8 38.34 29.45 5.98
CA SER F 8 39.71 29.71 6.43
C SER F 8 40.64 29.66 5.24
N GLY F 9 41.76 30.37 5.35
CA GLY F 9 42.79 30.36 4.33
C GLY F 9 42.96 31.64 3.56
N GLY F 10 42.15 32.66 3.82
CA GLY F 10 42.26 33.90 3.07
C GLY F 10 43.50 34.68 3.44
N GLY F 11 44.04 35.37 2.45
CA GLY F 11 45.24 36.16 2.67
C GLY F 11 45.71 36.80 1.39
N LEU F 12 46.94 37.29 1.42
CA LEU F 12 47.55 37.94 0.27
C LEU F 12 48.28 36.91 -0.58
N VAL F 13 48.07 36.98 -1.89
CA VAL F 13 48.69 36.06 -2.84
C VAL F 13 49.13 36.84 -4.07
N LYS F 14 50.27 36.48 -4.63
CA LYS F 14 50.79 37.17 -5.80
C LYS F 14 49.96 36.84 -7.04
N ALA F 15 49.96 37.78 -7.99
CA ALA F 15 49.23 37.58 -9.24
C ALA F 15 49.80 36.39 -10.00
N GLY F 16 48.96 35.40 -10.27
CA GLY F 16 49.39 34.18 -10.91
C GLY F 16 49.71 33.04 -9.96
N GLY F 17 49.67 33.29 -8.65
CA GLY F 17 49.96 32.27 -7.67
C GLY F 17 48.77 31.34 -7.44
N SER F 18 48.79 30.67 -6.30
CA SER F 18 47.75 29.72 -5.96
C SER F 18 47.39 29.84 -4.49
N LEU F 19 46.13 29.55 -4.19
CA LEU F 19 45.64 29.56 -2.81
C LEU F 19 44.56 28.51 -2.66
N ARG F 20 44.44 27.97 -1.44
CA ARG F 20 43.48 26.93 -1.13
C ARG F 20 42.64 27.36 0.06
N LEU F 21 41.33 27.30 -0.09
CA LEU F 21 40.39 27.68 0.95
C LEU F 21 39.69 26.44 1.51
N SER F 22 39.22 26.56 2.74
CA SER F 22 38.53 25.47 3.42
C SER F 22 37.19 25.97 3.94
N CYS F 23 36.30 25.01 4.23
CA CYS F 23 34.99 25.30 4.80
C CYS F 23 34.56 24.10 5.62
N ALA F 24 34.38 24.30 6.93
CA ALA F 24 34.06 23.21 7.85
C ALA F 24 32.61 23.32 8.28
N ALA F 25 31.97 22.16 8.45
CA ALA F 25 30.59 22.09 8.90
C ALA F 25 30.51 21.92 10.41
N SER F 26 29.41 22.40 10.98
CA SER F 26 29.20 22.29 12.43
C SER F 26 27.70 22.24 12.70
N GLY F 27 27.21 21.05 13.03
CA GLY F 27 25.83 20.89 13.46
C GLY F 27 24.84 20.41 12.43
N PHE F 28 25.28 19.75 11.36
CA PHE F 28 24.36 19.21 10.38
C PHE F 28 25.06 18.11 9.59
N MET F 29 24.26 17.31 8.88
CA MET F 29 24.79 16.22 8.07
C MET F 29 25.43 16.80 6.81
N PHE F 30 26.75 16.89 6.83
CA PHE F 30 27.50 17.45 5.70
C PHE F 30 27.19 16.74 4.40
N GLU F 31 27.17 15.40 4.43
CA GLU F 31 27.09 14.61 3.20
C GLU F 31 25.81 14.88 2.44
N ARG F 32 24.68 14.98 3.13
CA ARG F 32 23.38 15.08 2.45
C ARG F 32 23.26 16.32 1.60
N TYR F 33 23.92 17.41 1.96
CA TYR F 33 23.73 18.68 1.28
C TYR F 33 24.79 18.91 0.21
N SER F 34 24.48 19.81 -0.72
CA SER F 34 25.41 20.30 -1.71
C SER F 34 25.95 21.65 -1.26
N LEU F 35 27.21 21.92 -1.58
CA LEU F 35 27.88 23.13 -1.12
C LEU F 35 28.33 23.97 -2.30
N HIS F 36 28.38 25.28 -2.09
CA HIS F 36 28.72 26.24 -3.12
C HIS F 36 29.83 27.16 -2.63
N TRP F 37 30.35 27.95 -3.58
CA TRP F 37 31.33 29.00 -3.28
C TRP F 37 30.85 30.27 -3.94
N VAL F 38 30.56 31.29 -3.14
CA VAL F 38 30.06 32.57 -3.62
C VAL F 38 31.00 33.66 -3.11
N ARG F 39 31.67 34.34 -4.03
CA ARG F 39 32.54 35.46 -3.68
C ARG F 39 31.79 36.78 -3.85
N GLN F 40 32.16 37.76 -3.03
CA GLN F 40 31.57 39.08 -3.08
C GLN F 40 32.68 40.12 -3.17
N THR F 41 32.72 40.84 -4.28
CA THR F 41 33.69 41.91 -4.42
C THR F 41 33.45 42.95 -3.33
N PRO F 42 34.51 43.41 -2.63
CA PRO F 42 34.32 44.37 -1.53
C PRO F 42 33.37 45.51 -1.83
N GLY F 43 33.34 45.98 -3.07
CA GLY F 43 32.47 47.07 -3.44
C GLY F 43 31.42 46.73 -4.49
N LYS F 44 31.10 45.44 -4.65
CA LYS F 44 30.12 45.01 -5.65
C LYS F 44 29.31 43.86 -5.10
N GLY F 45 28.35 43.41 -5.91
CA GLY F 45 27.41 42.39 -5.52
C GLY F 45 28.02 41.00 -5.44
N LEU F 46 27.15 40.03 -5.11
CA LEU F 46 27.55 38.64 -4.98
C LEU F 46 27.71 37.98 -6.34
N GLU F 47 28.64 37.04 -6.43
CA GLU F 47 28.86 36.27 -7.64
C GLU F 47 29.07 34.81 -7.29
N TRP F 48 28.30 33.93 -7.93
CA TRP F 48 28.47 32.50 -7.74
C TRP F 48 29.70 32.01 -8.49
N VAL F 49 30.47 31.12 -7.84
CA VAL F 49 31.73 30.61 -8.39
C VAL F 49 31.63 29.14 -8.77
N SER F 50 31.43 28.25 -7.79
CA SER F 50 31.46 26.83 -8.05
C SER F 50 30.46 26.12 -7.14
N SER F 51 30.17 24.86 -7.48
CA SER F 51 29.25 24.04 -6.73
C SER F 51 29.74 22.59 -6.73
N ILE F 52 29.36 21.86 -5.69
CA ILE F 52 29.73 20.45 -5.55
C ILE F 52 28.49 19.67 -5.13
N SER F 53 28.28 18.53 -5.77
CA SER F 53 27.12 17.70 -5.46
C SER F 53 27.29 16.99 -4.12
N SER F 54 26.16 16.53 -3.58
CA SER F 54 26.15 15.84 -2.30
C SER F 54 26.74 14.43 -2.46
N LEU F 55 27.07 13.83 -1.31
CA LEU F 55 27.64 12.48 -1.24
C LEU F 55 28.90 12.47 -2.10
N SER F 56 28.98 11.68 -3.16
CA SER F 56 30.11 11.76 -4.07
C SER F 56 30.00 13.01 -4.93
N GLY F 57 31.08 13.78 -5.00
CA GLY F 57 31.07 15.01 -5.76
C GLY F 57 31.11 14.79 -7.25
N SER F 58 30.17 14.00 -7.77
CA SER F 58 30.18 13.65 -9.19
C SER F 58 29.76 14.82 -10.06
N HIS F 59 28.84 15.66 -9.59
CA HIS F 59 28.35 16.81 -10.36
C HIS F 59 29.05 18.07 -9.86
N ILE F 60 29.91 18.62 -10.72
CA ILE F 60 30.67 19.83 -10.41
C ILE F 60 30.32 20.89 -11.44
N ASN F 61 30.21 22.14 -10.98
CA ASN F 61 29.94 23.28 -11.85
C ASN F 61 30.86 24.43 -11.48
N TYR F 62 31.26 25.17 -12.50
CA TYR F 62 32.12 26.34 -12.34
C TYR F 62 31.56 27.51 -13.15
N ALA F 63 31.99 28.71 -12.78
CA ALA F 63 31.66 29.91 -13.54
C ALA F 63 32.61 30.09 -14.71
N ASP F 64 32.10 30.66 -15.80
CA ASP F 64 32.91 30.86 -16.99
C ASP F 64 34.16 31.69 -16.69
N SER F 65 34.03 32.66 -15.80
CA SER F 65 35.18 33.49 -15.40
C SER F 65 36.13 32.75 -14.46
N VAL F 66 35.89 31.47 -14.22
CA VAL F 66 36.61 30.71 -13.20
C VAL F 66 37.06 29.37 -13.77
N LYS F 67 36.27 28.83 -14.71
CA LYS F 67 36.52 27.51 -15.30
C LYS F 67 37.98 27.31 -15.68
N GLY F 68 38.51 26.15 -15.31
CA GLY F 68 39.88 25.78 -15.61
C GLY F 68 40.91 26.25 -14.60
N ARG F 69 40.60 27.28 -13.81
CA ARG F 69 41.53 27.82 -12.84
C ARG F 69 41.25 27.37 -11.41
N PHE F 70 39.98 27.19 -11.05
CA PHE F 70 39.62 26.75 -9.71
C PHE F 70 39.19 25.28 -9.75
N THR F 71 39.42 24.59 -8.65
CA THR F 71 39.04 23.18 -8.52
C THR F 71 38.43 22.96 -7.15
N ILE F 72 37.16 22.57 -7.12
CA ILE F 72 36.45 22.34 -5.87
C ILE F 72 36.57 20.87 -5.48
N SER F 73 36.50 20.61 -4.18
CA SER F 73 36.58 19.26 -3.66
C SER F 73 35.92 19.23 -2.28
N ARG F 74 35.63 18.02 -1.81
CA ARG F 74 34.99 17.86 -0.51
C ARG F 74 35.43 16.55 0.11
N ASP F 75 35.34 16.49 1.44
CA ASP F 75 35.66 15.29 2.21
C ASP F 75 34.56 15.12 3.24
N ASN F 76 33.60 14.24 2.94
CA ASN F 76 32.45 14.05 3.82
C ASN F 76 32.86 13.59 5.21
N ALA F 77 33.81 12.65 5.29
CA ALA F 77 34.25 12.16 6.59
C ALA F 77 34.91 13.26 7.41
N LYS F 78 35.73 14.09 6.77
CA LYS F 78 36.41 15.18 7.47
C LYS F 78 35.55 16.43 7.61
N ASN F 79 34.38 16.46 6.96
CA ASN F 79 33.46 17.61 7.02
C ASN F 79 34.15 18.90 6.59
N SER F 80 34.88 18.83 5.47
CA SER F 80 35.63 19.96 4.96
C SER F 80 35.35 20.14 3.47
N LEU F 81 35.09 21.38 3.06
CA LEU F 81 34.92 21.74 1.67
C LEU F 81 36.12 22.58 1.24
N SER F 82 36.77 22.16 0.15
CA SER F 82 38.00 22.79 -0.29
C SER F 82 37.82 23.40 -1.67
N LEU F 83 38.55 24.49 -1.91
CA LEU F 83 38.58 25.14 -3.22
C LEU F 83 40.03 25.48 -3.54
N GLN F 84 40.53 24.93 -4.64
CA GLN F 84 41.90 25.16 -5.07
C GLN F 84 41.92 26.23 -6.15
N MET F 85 42.61 27.33 -5.88
CA MET F 85 42.70 28.44 -6.81
C MET F 85 44.06 28.42 -7.50
N ASN F 86 44.05 28.65 -8.82
CA ASN F 86 45.27 28.66 -9.61
C ASN F 86 45.21 29.79 -10.62
N SER F 87 46.38 30.30 -11.00
CA SER F 87 46.51 31.40 -11.95
C SER F 87 45.64 32.59 -11.52
N LEU F 88 45.69 32.91 -10.23
CA LEU F 88 44.84 33.95 -9.66
C LEU F 88 45.11 35.30 -10.32
N ARG F 89 44.04 35.94 -10.76
CA ARG F 89 44.11 37.28 -11.34
C ARG F 89 43.82 38.32 -10.25
N VAL F 90 44.23 39.56 -10.53
CA VAL F 90 44.00 40.65 -9.59
C VAL F 90 42.51 40.85 -9.34
N GLU F 91 41.68 40.64 -10.37
CA GLU F 91 40.24 40.80 -10.23
C GLU F 91 39.59 39.73 -9.36
N ASP F 92 40.34 38.71 -8.92
CA ASP F 92 39.79 37.69 -8.04
C ASP F 92 39.66 38.14 -6.60
N THR F 93 40.19 39.32 -6.26
CA THR F 93 40.11 39.85 -4.91
C THR F 93 38.66 40.06 -4.48
N ALA F 94 38.19 39.25 -3.52
CA ALA F 94 36.82 39.35 -3.03
C ALA F 94 36.72 38.61 -1.71
N ILE F 95 35.55 38.68 -1.09
CA ILE F 95 35.25 37.94 0.14
C ILE F 95 34.53 36.67 -0.26
N TYR F 96 35.16 35.53 -0.01
CA TYR F 96 34.65 34.24 -0.46
C TYR F 96 33.82 33.59 0.64
N TYR F 97 32.58 33.21 0.31
CA TYR F 97 31.68 32.52 1.21
C TYR F 97 31.46 31.09 0.74
N CYS F 98 31.10 30.22 1.70
CA CYS F 98 30.68 28.86 1.40
C CYS F 98 29.29 28.65 1.95
N ALA F 99 28.36 28.23 1.09
CA ALA F 99 26.97 28.06 1.46
C ALA F 99 26.47 26.68 1.04
N ARG F 100 25.43 26.23 1.73
CA ARG F 100 24.85 24.92 1.52
C ARG F 100 23.47 25.03 0.88
N ASP F 101 23.05 23.94 0.24
CA ASP F 101 21.71 23.79 -0.31
C ASP F 101 21.57 22.35 -0.78
N ARG F 102 20.34 21.96 -1.12
CA ARG F 102 20.06 20.61 -1.61
C ARG F 102 19.32 20.70 -2.93
N ARG F 103 19.87 20.09 -3.97
CA ARG F 103 19.28 20.08 -5.31
C ARG F 103 18.42 18.83 -5.46
N SER F 104 17.19 18.92 -4.97
CA SER F 104 16.22 17.83 -5.07
C SER F 104 14.99 18.31 -5.84
N GLY F 105 14.46 17.44 -6.70
CA GLY F 105 13.23 17.76 -7.38
C GLY F 105 12.02 17.70 -6.48
N SER F 106 12.05 16.82 -5.47
CA SER F 106 10.93 16.68 -4.55
C SER F 106 11.05 17.65 -3.37
N SER F 107 12.13 17.53 -2.60
CA SER F 107 12.35 18.34 -1.39
C SER F 107 13.63 19.16 -1.57
N PRO F 108 13.54 20.30 -2.25
CA PRO F 108 14.72 21.15 -2.42
C PRO F 108 14.96 22.06 -1.24
N VAL F 109 16.21 22.49 -1.10
CA VAL F 109 16.63 23.37 -0.01
C VAL F 109 17.39 24.54 -0.61
N PRO F 110 17.10 25.78 -0.19
CA PRO F 110 17.83 26.93 -0.73
C PRO F 110 19.16 27.18 -0.02
N LEU F 111 19.82 28.28 -0.38
CA LEU F 111 21.08 28.67 0.26
C LEU F 111 20.79 29.32 1.61
N ASP F 112 20.40 28.48 2.56
CA ASP F 112 19.98 28.97 3.87
C ASP F 112 21.17 29.29 4.78
N VAL F 113 22.16 28.41 4.83
CA VAL F 113 23.29 28.55 5.74
C VAL F 113 24.48 29.11 4.97
N TRP F 114 25.01 30.23 5.47
CA TRP F 114 26.17 30.89 4.89
C TRP F 114 27.28 31.01 5.92
N GLY F 115 28.53 31.00 5.43
CA GLY F 115 29.67 31.19 6.32
C GLY F 115 29.96 32.65 6.57
N GLN F 116 30.89 32.89 7.51
CA GLN F 116 31.26 34.25 7.84
C GLN F 116 32.04 34.92 6.69
N GLY F 117 32.73 34.12 5.89
CA GLY F 117 33.46 34.65 4.76
C GLY F 117 34.93 34.85 5.06
N THR F 118 35.77 34.66 4.05
CA THR F 118 37.20 34.88 4.16
C THR F 118 37.65 35.83 3.06
N THR F 119 38.50 36.78 3.41
CA THR F 119 38.96 37.80 2.49
C THR F 119 40.23 37.33 1.78
N VAL F 120 40.21 37.36 0.45
CA VAL F 120 41.35 36.97 -0.38
C VAL F 120 41.75 38.17 -1.22
N THR F 121 43.04 38.52 -1.17
CA THR F 121 43.57 39.65 -1.93
C THR F 121 44.66 39.13 -2.86
N VAL F 122 44.59 39.54 -4.13
CA VAL F 122 45.54 39.12 -5.15
C VAL F 122 46.30 40.34 -5.62
N SER F 123 47.60 40.38 -5.33
CA SER F 123 48.46 41.46 -5.78
C SER F 123 49.92 41.01 -5.65
N SER F 124 50.66 41.11 -6.74
CA SER F 124 52.08 40.76 -6.73
C SER F 124 52.97 41.91 -6.27
N ALA F 125 52.42 43.11 -6.13
CA ALA F 125 53.21 44.27 -5.73
C ALA F 125 53.65 44.15 -4.27
N SER F 126 54.77 44.78 -3.96
CA SER F 126 55.31 44.89 -2.61
C SER F 126 55.08 46.30 -2.09
N THR F 127 55.62 46.58 -0.90
CA THR F 127 55.46 47.88 -0.27
C THR F 127 55.99 49.01 -1.17
N LYS F 128 55.08 49.82 -1.70
CA LYS F 128 55.43 50.91 -2.60
C LYS F 128 54.79 52.21 -2.14
N GLY F 129 55.53 53.31 -2.28
CA GLY F 129 55.05 54.62 -1.91
C GLY F 129 54.07 55.21 -2.92
N PRO F 130 53.25 56.15 -2.48
CA PRO F 130 52.27 56.78 -3.37
C PRO F 130 52.88 57.89 -4.20
N SER F 131 52.11 58.30 -5.21
CA SER F 131 52.48 59.41 -6.10
C SER F 131 51.33 60.42 -6.08
N VAL F 132 51.53 61.53 -5.38
CA VAL F 132 50.49 62.54 -5.19
C VAL F 132 50.50 63.51 -6.35
N PHE F 133 49.32 63.76 -6.93
CA PHE F 133 49.12 64.74 -7.98
C PHE F 133 48.02 65.72 -7.56
N PRO F 134 48.14 66.99 -7.94
CA PRO F 134 47.15 67.98 -7.51
C PRO F 134 45.94 68.06 -8.43
N LEU F 135 44.77 68.19 -7.82
CA LEU F 135 43.51 68.35 -8.55
C LEU F 135 43.15 69.84 -8.52
N ALA F 136 43.78 70.58 -9.43
CA ALA F 136 43.61 72.03 -9.46
C ALA F 136 42.17 72.40 -9.83
N PRO F 137 41.60 73.44 -9.20
CA PRO F 137 40.25 73.91 -9.53
C PRO F 137 40.22 74.72 -10.82
N GLY F 145 28.89 79.47 -5.83
CA GLY F 145 29.89 80.45 -5.42
C GLY F 145 31.08 79.82 -4.72
N THR F 146 31.21 78.50 -4.87
CA THR F 146 32.31 77.75 -4.26
C THR F 146 32.93 76.82 -5.29
N ALA F 147 34.20 76.50 -5.09
CA ALA F 147 34.95 75.62 -5.98
C ALA F 147 35.54 74.47 -5.18
N ALA F 148 35.78 73.36 -5.87
CA ALA F 148 36.33 72.15 -5.27
C ALA F 148 37.74 71.89 -5.77
N LEU F 149 38.59 71.41 -4.87
CA LEU F 149 39.97 71.05 -5.20
C LEU F 149 40.38 69.89 -4.31
N GLY F 150 41.34 69.10 -4.78
CA GLY F 150 41.77 67.96 -4.02
C GLY F 150 43.14 67.46 -4.44
N CYS F 151 43.46 66.25 -3.97
CA CYS F 151 44.72 65.58 -4.26
C CYS F 151 44.44 64.16 -4.73
N LEU F 152 45.23 63.69 -5.68
CA LEU F 152 45.10 62.34 -6.23
C LEU F 152 46.27 61.50 -5.73
N VAL F 153 45.98 60.55 -4.85
CA VAL F 153 46.97 59.61 -4.33
C VAL F 153 46.92 58.36 -5.21
N LYS F 154 47.96 58.15 -6.01
CA LYS F 154 47.94 57.11 -7.03
C LYS F 154 49.07 56.12 -6.83
N ASP F 155 48.78 54.84 -7.08
CA ASP F 155 49.76 53.76 -7.17
C ASP F 155 50.59 53.65 -5.88
N TYR F 156 49.94 53.12 -4.85
CA TYR F 156 50.60 52.79 -3.60
C TYR F 156 50.19 51.40 -3.15
N PHE F 157 50.99 50.83 -2.25
CA PHE F 157 50.73 49.51 -1.68
C PHE F 157 51.63 49.31 -0.46
N PRO F 158 51.12 48.72 0.63
CA PRO F 158 49.70 48.35 0.76
C PRO F 158 48.86 49.48 1.36
N GLU F 159 47.66 49.13 1.82
CA GLU F 159 46.81 50.07 2.52
C GLU F 159 47.26 50.24 3.96
N PRO F 160 46.94 51.37 4.59
CA PRO F 160 46.20 52.53 4.08
C PRO F 160 47.05 53.80 3.95
N VAL F 161 46.43 54.89 3.51
CA VAL F 161 47.03 56.21 3.54
C VAL F 161 46.08 57.16 4.25
N THR F 162 46.66 58.11 4.99
CA THR F 162 45.91 59.13 5.69
C THR F 162 46.23 60.49 5.08
N VAL F 163 45.20 61.28 4.82
CA VAL F 163 45.34 62.58 4.16
C VAL F 163 44.76 63.66 5.06
N SER F 164 45.55 64.70 5.29
CA SER F 164 45.10 65.90 6.00
C SER F 164 45.42 67.11 5.14
N TRP F 165 44.75 68.22 5.44
CA TRP F 165 44.92 69.46 4.69
C TRP F 165 45.44 70.56 5.59
N ASN F 166 46.53 71.20 5.16
CA ASN F 166 47.19 72.27 5.93
C ASN F 166 47.57 71.80 7.32
N SER F 167 48.07 70.56 7.40
CA SER F 167 48.51 69.95 8.65
C SER F 167 47.39 69.95 9.69
N GLY F 168 46.19 69.54 9.27
CA GLY F 168 45.06 69.43 10.15
C GLY F 168 44.33 70.72 10.45
N ALA F 169 44.84 71.87 9.99
CA ALA F 169 44.16 73.13 10.25
C ALA F 169 42.84 73.23 9.49
N LEU F 170 42.83 72.80 8.24
CA LEU F 170 41.63 72.85 7.41
C LEU F 170 40.84 71.56 7.60
N THR F 171 39.58 71.69 8.05
CA THR F 171 38.74 70.53 8.26
C THR F 171 37.38 70.67 7.58
N SER F 172 36.86 71.90 7.52
CA SER F 172 35.55 72.13 6.92
C SER F 172 35.58 71.81 5.43
N GLY F 173 34.68 70.94 4.98
CA GLY F 173 34.58 70.57 3.58
C GLY F 173 35.53 69.49 3.12
N VAL F 174 36.42 69.01 3.99
CA VAL F 174 37.39 67.98 3.61
C VAL F 174 36.71 66.61 3.61
N HIS F 175 37.04 65.79 2.62
CA HIS F 175 36.54 64.43 2.55
C HIS F 175 37.54 63.56 1.80
N THR F 176 38.03 62.52 2.46
CA THR F 176 38.96 61.56 1.86
C THR F 176 38.20 60.30 1.47
N PHE F 177 38.24 59.98 0.18
CA PHE F 177 37.48 58.86 -0.38
C PHE F 177 38.21 57.54 -0.15
N PRO F 178 37.47 56.42 -0.16
CA PRO F 178 38.11 55.12 0.01
C PRO F 178 39.00 54.75 -1.17
N ALA F 179 39.92 53.82 -0.90
CA ALA F 179 40.90 53.39 -1.89
C ALA F 179 40.25 52.54 -2.98
N VAL F 180 40.95 52.42 -4.10
CA VAL F 180 40.53 51.62 -5.24
C VAL F 180 41.70 50.75 -5.67
N LEU F 181 41.49 49.43 -5.69
CA LEU F 181 42.51 48.49 -6.14
C LEU F 181 42.46 48.39 -7.66
N GLN F 182 43.52 48.87 -8.32
CA GLN F 182 43.57 48.88 -9.77
C GLN F 182 44.07 47.53 -10.31
N SER F 183 43.97 47.37 -11.63
CA SER F 183 44.39 46.12 -12.27
C SER F 183 45.87 45.84 -12.02
N SER F 184 46.68 46.87 -11.81
CA SER F 184 48.10 46.66 -11.54
C SER F 184 48.35 46.03 -10.18
N GLY F 185 47.40 46.16 -9.26
CA GLY F 185 47.58 45.69 -7.90
C GLY F 185 48.02 46.75 -6.91
N LEU F 186 47.81 48.03 -7.22
CA LEU F 186 48.20 49.14 -6.37
C LEU F 186 46.97 50.00 -6.10
N TYR F 187 46.77 50.37 -4.84
CA TYR F 187 45.61 51.15 -4.46
C TYR F 187 45.78 52.62 -4.87
N SER F 188 44.64 53.32 -4.93
CA SER F 188 44.62 54.73 -5.29
C SER F 188 43.33 55.34 -4.76
N LEU F 189 43.42 56.59 -4.30
CA LEU F 189 42.25 57.30 -3.80
C LEU F 189 42.44 58.80 -4.01
N SER F 190 41.41 59.57 -3.66
CA SER F 190 41.44 61.03 -3.75
C SER F 190 40.90 61.64 -2.47
N SER F 191 41.38 62.84 -2.15
CA SER F 191 40.92 63.60 -1.00
C SER F 191 40.71 65.04 -1.43
N VAL F 192 39.46 65.51 -1.35
CA VAL F 192 39.08 66.81 -1.88
C VAL F 192 38.51 67.68 -0.76
N VAL F 193 38.41 68.98 -1.06
CA VAL F 193 37.85 69.97 -0.13
C VAL F 193 37.19 71.06 -0.96
N THR F 194 35.96 71.43 -0.57
CA THR F 194 35.21 72.50 -1.24
C THR F 194 35.39 73.79 -0.47
N VAL F 195 35.87 74.82 -1.16
CA VAL F 195 36.17 76.10 -0.53
C VAL F 195 35.55 77.22 -1.35
N PRO F 196 35.34 78.39 -0.76
CA PRO F 196 34.78 79.52 -1.52
C PRO F 196 35.70 79.93 -2.66
N SER F 197 35.08 80.27 -3.80
CA SER F 197 35.85 80.67 -4.97
C SER F 197 36.71 81.90 -4.71
N SER F 198 36.23 82.83 -3.87
CA SER F 198 37.02 84.01 -3.56
C SER F 198 38.26 83.67 -2.75
N SER F 199 38.18 82.64 -1.90
CA SER F 199 39.31 82.26 -1.06
C SER F 199 40.45 81.63 -1.85
N LEU F 200 40.18 81.15 -3.07
CA LEU F 200 41.21 80.50 -3.88
C LEU F 200 42.47 81.35 -4.01
N GLY F 201 42.31 82.67 -4.03
CA GLY F 201 43.45 83.56 -4.13
C GLY F 201 44.21 83.70 -2.83
N THR F 202 43.55 84.22 -1.80
CA THR F 202 44.22 84.49 -0.53
C THR F 202 44.69 83.20 0.15
N GLN F 203 43.83 82.19 0.20
CA GLN F 203 44.14 80.98 0.95
C GLN F 203 45.10 80.07 0.20
N THR F 204 45.95 79.38 0.97
CA THR F 204 46.87 78.38 0.46
C THR F 204 46.42 77.01 0.93
N TYR F 205 46.28 76.07 -0.01
CA TYR F 205 45.77 74.73 0.28
C TYR F 205 46.86 73.71 -0.02
N ILE F 206 47.25 72.96 1.01
CA ILE F 206 48.25 71.91 0.90
C ILE F 206 47.70 70.65 1.55
N CYS F 207 47.70 69.55 0.81
CA CYS F 207 47.30 68.26 1.36
C CYS F 207 48.53 67.50 1.86
N ASN F 208 48.37 66.80 2.97
CA ASN F 208 49.45 66.08 3.63
C ASN F 208 49.14 64.59 3.59
N VAL F 209 49.64 63.92 2.56
CA VAL F 209 49.44 62.48 2.41
C VAL F 209 50.45 61.74 3.26
N ASN F 210 49.97 60.79 4.05
CA ASN F 210 50.82 59.99 4.94
C ASN F 210 50.55 58.52 4.68
N HIS F 211 51.60 57.78 4.33
CA HIS F 211 51.52 56.34 4.07
C HIS F 211 52.51 55.65 4.99
N LYS F 212 52.08 55.41 6.23
CA LYS F 212 52.94 54.78 7.23
C LYS F 212 53.55 53.45 6.80
N PRO F 213 52.85 52.55 6.11
CA PRO F 213 53.50 51.28 5.70
C PRO F 213 54.77 51.48 4.90
N SER F 214 54.86 52.56 4.12
CA SER F 214 56.08 52.87 3.38
C SER F 214 56.90 53.97 4.03
N ASN F 215 56.49 54.45 5.21
CA ASN F 215 57.20 55.50 5.93
C ASN F 215 57.36 56.75 5.05
N THR F 216 56.25 57.17 4.44
CA THR F 216 56.25 58.27 3.49
C THR F 216 55.26 59.34 3.92
N LYS F 217 55.68 60.61 3.76
CA LYS F 217 54.83 61.76 4.03
C LYS F 217 55.09 62.79 2.94
N VAL F 218 54.09 63.04 2.10
CA VAL F 218 54.22 63.95 0.97
C VAL F 218 53.29 65.13 1.18
N ASP F 219 53.77 66.33 0.84
CA ASP F 219 53.01 67.56 0.92
C ASP F 219 52.96 68.20 -0.46
N LYS F 220 51.76 68.30 -1.03
CA LYS F 220 51.56 68.87 -2.36
C LYS F 220 50.67 70.10 -2.24
N ARG F 221 51.16 71.23 -2.73
CA ARG F 221 50.39 72.47 -2.74
C ARG F 221 49.53 72.54 -3.98
N VAL F 222 48.23 72.74 -3.79
CA VAL F 222 47.26 72.79 -4.88
C VAL F 222 47.04 74.25 -5.26
N GLU F 223 47.51 74.62 -6.44
CA GLU F 223 47.37 75.96 -7.00
C GLU F 223 46.38 75.96 -8.15
N PRO F 224 45.68 77.06 -8.38
CA PRO F 224 44.70 77.11 -9.47
C PRO F 224 45.37 76.94 -10.84
N LYS F 225 44.54 76.58 -11.82
CA LYS F 225 45.04 76.35 -13.17
C LYS F 225 45.57 77.65 -13.78
N SER F 226 46.69 77.54 -14.48
CA SER F 226 47.31 78.69 -15.12
C SER F 226 46.48 79.14 -16.33
N PRO G 3 26.76 41.71 -13.14
CA PRO G 3 25.61 41.06 -12.48
C PRO G 3 24.62 40.47 -13.47
N VAL G 4 24.20 39.23 -13.22
CA VAL G 4 23.30 38.56 -14.15
C VAL G 4 21.88 39.12 -14.03
N LEU G 5 21.44 39.41 -12.81
CA LEU G 5 20.10 39.94 -12.56
C LEU G 5 20.20 41.43 -12.27
N THR G 6 19.35 42.21 -12.94
CA THR G 6 19.36 43.66 -12.80
C THR G 6 18.56 44.07 -11.57
N GLN G 7 19.22 44.75 -10.64
CA GLN G 7 18.60 45.27 -9.43
C GLN G 7 18.75 46.80 -9.39
N PRO G 8 17.79 47.50 -8.78
CA PRO G 8 17.90 48.96 -8.70
C PRO G 8 19.06 49.38 -7.81
N ALA G 9 19.51 50.62 -8.03
CA ALA G 9 20.62 51.15 -7.23
C ALA G 9 20.21 51.28 -5.77
N SER G 10 19.08 51.91 -5.51
CA SER G 10 18.59 52.06 -4.14
C SER G 10 17.10 52.34 -4.16
N VAL G 11 16.43 51.90 -3.10
CA VAL G 11 15.03 52.24 -2.84
C VAL G 11 14.93 52.78 -1.43
N SER G 12 14.16 53.86 -1.26
CA SER G 12 14.06 54.55 0.01
C SER G 12 12.59 54.75 0.37
N GLY G 13 12.34 54.91 1.66
CA GLY G 13 10.99 55.13 2.15
C GLY G 13 11.01 55.63 3.58
N SER G 14 9.97 56.38 3.93
CA SER G 14 9.83 56.88 5.29
C SER G 14 9.50 55.73 6.24
N PRO G 15 9.82 55.88 7.53
CA PRO G 15 9.48 54.83 8.49
C PRO G 15 7.98 54.54 8.49
N GLY G 16 7.63 53.27 8.36
CA GLY G 16 6.26 52.84 8.27
C GLY G 16 5.71 52.70 6.87
N GLN G 17 6.49 53.05 5.85
CA GLN G 17 6.03 52.95 4.48
C GLN G 17 6.23 51.53 3.95
N SER G 18 5.85 51.32 2.68
CA SER G 18 6.04 50.05 2.00
C SER G 18 6.79 50.28 0.70
N ILE G 19 7.98 49.69 0.59
CA ILE G 19 8.80 49.82 -0.59
C ILE G 19 8.99 48.45 -1.22
N THR G 20 9.32 48.45 -2.52
CA THR G 20 9.47 47.22 -3.29
C THR G 20 10.76 47.27 -4.11
N ILE G 21 11.48 46.16 -4.12
CA ILE G 21 12.70 46.00 -4.91
C ILE G 21 12.41 45.04 -6.05
N SER G 22 12.77 45.44 -7.27
CA SER G 22 12.53 44.64 -8.46
C SER G 22 13.79 43.88 -8.85
N CYS G 23 13.65 42.60 -9.13
CA CYS G 23 14.74 41.74 -9.57
C CYS G 23 14.42 41.23 -10.97
N THR G 24 14.91 41.93 -11.99
CA THR G 24 14.62 41.61 -13.37
C THR G 24 15.69 40.67 -13.93
N GLY G 25 15.26 39.59 -14.57
CA GLY G 25 16.17 38.65 -15.18
C GLY G 25 15.73 38.28 -16.59
N THR G 26 16.38 37.27 -17.17
CA THR G 26 16.03 36.82 -18.51
C THR G 26 15.00 35.69 -18.43
N SER G 27 14.63 35.15 -19.59
CA SER G 27 13.70 34.03 -19.64
C SER G 27 14.34 32.70 -19.25
N SER G 28 15.67 32.60 -19.34
CA SER G 28 16.35 31.34 -19.04
C SER G 28 16.53 31.09 -17.55
N ASP G 29 16.42 32.13 -16.72
CA ASP G 29 16.63 31.97 -15.28
C ASP G 29 15.36 32.28 -14.49
N VAL G 30 15.06 33.57 -14.33
CA VAL G 30 13.91 33.97 -13.51
C VAL G 30 12.61 33.44 -14.10
N GLY G 31 12.45 33.59 -15.43
CA GLY G 31 11.23 33.11 -16.07
C GLY G 31 11.11 31.60 -16.09
N ALA G 32 12.24 30.91 -16.19
CA ALA G 32 12.21 29.45 -16.36
C ALA G 32 11.76 28.75 -15.09
N TYR G 33 12.29 29.16 -13.93
CA TYR G 33 12.03 28.47 -12.68
C TYR G 33 11.39 29.41 -11.67
N ASN G 34 10.83 28.81 -10.61
CA ASN G 34 10.22 29.54 -9.51
C ASN G 34 11.05 29.47 -8.23
N TYR G 35 12.35 29.25 -8.36
CA TYR G 35 13.27 29.25 -7.22
C TYR G 35 14.01 30.58 -7.20
N VAL G 36 13.36 31.59 -6.62
CA VAL G 36 13.94 32.92 -6.46
C VAL G 36 14.14 33.16 -4.97
N SER G 37 15.34 33.63 -4.61
CA SER G 37 15.69 33.86 -3.22
C SER G 37 16.15 35.30 -3.01
N TRP G 38 15.85 35.83 -1.84
CA TRP G 38 16.22 37.18 -1.44
C TRP G 38 17.08 37.12 -0.19
N TYR G 39 18.13 37.93 -0.15
CA TYR G 39 19.06 37.93 0.96
C TYR G 39 19.21 39.35 1.51
N GLN G 40 19.26 39.44 2.85
CA GLN G 40 19.49 40.70 3.55
C GLN G 40 20.89 40.67 4.14
N GLN G 41 21.73 41.62 3.76
CA GLN G 41 23.11 41.70 4.21
C GLN G 41 23.34 43.03 4.93
N HIS G 42 23.55 42.95 6.23
CA HIS G 42 23.91 44.12 7.02
C HIS G 42 25.41 44.35 6.93
N PRO G 43 25.88 45.59 7.17
CA PRO G 43 27.30 45.88 7.06
C PRO G 43 28.13 44.99 7.98
N GLY G 44 29.11 44.30 7.40
CA GLY G 44 29.98 43.41 8.12
C GLY G 44 29.48 41.98 8.23
N LYS G 45 28.18 41.76 8.14
CA LYS G 45 27.61 40.43 8.27
C LYS G 45 27.49 39.75 6.90
N ALA G 46 27.16 38.46 6.94
CA ALA G 46 26.93 37.64 5.76
C ALA G 46 25.49 37.76 5.28
N PRO G 47 25.22 37.43 4.02
CA PRO G 47 23.83 37.50 3.54
C PRO G 47 22.92 36.55 4.31
N LYS G 48 21.77 37.06 4.72
CA LYS G 48 20.77 36.31 5.47
C LYS G 48 19.57 36.05 4.56
N LEU G 49 19.25 34.77 4.36
CA LEU G 49 18.13 34.37 3.52
C LEU G 49 16.81 34.90 4.07
N ILE G 50 16.23 35.88 3.40
CA ILE G 50 15.00 36.52 3.89
C ILE G 50 13.77 35.88 3.25
N ILE G 51 13.92 35.37 2.03
CA ILE G 51 12.82 34.76 1.27
C ILE G 51 13.42 33.81 0.25
N TYR G 52 12.82 32.63 0.12
CA TYR G 52 13.22 31.65 -0.88
C TYR G 52 12.00 31.18 -1.64
N GLU G 53 12.25 30.59 -2.81
CA GLU G 53 11.20 30.06 -3.70
C GLU G 53 10.13 31.11 -3.97
N VAL G 54 10.59 32.29 -4.40
CA VAL G 54 9.75 33.41 -4.81
C VAL G 54 9.00 34.03 -3.63
N LYS G 55 8.08 33.29 -3.01
CA LYS G 55 7.20 33.91 -2.02
C LYS G 55 7.17 33.27 -0.63
N ILE G 56 7.81 32.13 -0.41
CA ILE G 56 7.81 31.52 0.91
C ILE G 56 8.96 32.10 1.72
N ARG G 57 8.70 32.36 3.00
CA ARG G 57 9.61 33.05 3.91
C ARG G 57 10.10 32.10 5.01
N PRO G 58 11.40 32.04 5.25
CA PRO G 58 11.92 31.13 6.28
C PRO G 58 11.46 31.50 7.68
N SER G 59 11.42 30.50 8.55
CA SER G 59 11.02 30.70 9.93
C SER G 59 12.00 31.63 10.64
N GLY G 60 11.45 32.61 11.36
CA GLY G 60 12.24 33.61 12.05
C GLY G 60 12.35 34.94 11.32
N VAL G 61 11.86 35.01 10.09
CA VAL G 61 11.87 36.25 9.31
C VAL G 61 10.54 36.96 9.54
N SER G 62 10.61 38.27 9.79
CA SER G 62 9.40 39.05 10.04
C SER G 62 8.40 38.91 8.91
N ASN G 63 7.12 38.83 9.27
CA ASN G 63 6.04 38.72 8.29
C ASN G 63 5.89 39.96 7.43
N ARG G 64 6.70 41.00 7.67
CA ARG G 64 6.62 42.22 6.88
C ARG G 64 7.23 42.03 5.49
N PHE G 65 8.12 41.05 5.32
CA PHE G 65 8.74 40.78 4.03
C PHE G 65 7.84 39.86 3.20
N SER G 66 7.61 40.24 1.95
CA SER G 66 6.78 39.46 1.04
C SER G 66 7.46 39.41 -0.32
N GLY G 67 7.24 38.30 -1.03
CA GLY G 67 7.84 38.09 -2.33
C GLY G 67 6.79 37.96 -3.42
N SER G 68 7.18 38.34 -4.63
CA SER G 68 6.28 38.26 -5.78
C SER G 68 7.09 37.94 -7.02
N LYS G 69 6.40 37.63 -8.11
CA LYS G 69 7.04 37.37 -9.39
C LYS G 69 6.01 37.55 -10.50
N SER G 70 6.46 38.08 -11.63
CA SER G 70 5.60 38.26 -12.79
C SER G 70 6.47 38.16 -14.04
N GLY G 71 6.45 37.00 -14.69
CA GLY G 71 7.27 36.78 -15.86
C GLY G 71 8.75 36.68 -15.57
N ASN G 72 9.51 37.72 -15.96
CA ASN G 72 10.94 37.74 -15.77
C ASN G 72 11.39 38.69 -14.67
N THR G 73 10.47 39.15 -13.82
CA THR G 73 10.78 40.10 -12.77
C THR G 73 10.21 39.62 -11.44
N ALA G 74 11.06 39.57 -10.41
CA ALA G 74 10.64 39.28 -9.05
C ALA G 74 10.63 40.56 -8.24
N SER G 75 9.80 40.59 -7.19
CA SER G 75 9.60 41.80 -6.41
C SER G 75 9.60 41.45 -4.93
N LEU G 76 10.47 42.10 -4.16
CA LEU G 76 10.50 41.99 -2.71
C LEU G 76 9.91 43.24 -2.11
N THR G 77 8.81 43.09 -1.36
CA THR G 77 8.10 44.20 -0.75
C THR G 77 8.31 44.19 0.76
N ILE G 78 8.76 45.31 1.31
CA ILE G 78 8.97 45.47 2.74
C ILE G 78 7.95 46.48 3.23
N SER G 79 6.86 45.98 3.82
CA SER G 79 5.83 46.83 4.39
C SER G 79 6.18 47.18 5.84
N GLY G 80 5.64 48.30 6.31
CA GLY G 80 5.93 48.78 7.65
C GLY G 80 7.42 48.97 7.87
N LEU G 81 8.03 49.86 7.10
CA LEU G 81 9.46 50.07 7.16
C LEU G 81 9.91 50.43 8.57
N GLN G 82 11.04 49.87 8.99
CA GLN G 82 11.64 50.16 10.28
C GLN G 82 13.14 50.41 10.09
N ALA G 83 13.72 51.17 11.02
CA ALA G 83 15.13 51.54 10.93
C ALA G 83 16.03 50.32 10.82
N GLU G 84 15.67 49.21 11.48
CA GLU G 84 16.48 48.01 11.44
C GLU G 84 16.55 47.38 10.06
N ASP G 85 15.68 47.77 9.14
CA ASP G 85 15.66 47.20 7.79
C ASP G 85 16.67 47.83 6.85
N GLU G 86 17.32 48.92 7.25
CA GLU G 86 18.30 49.59 6.39
C GLU G 86 19.50 48.68 6.19
N ALA G 87 19.57 48.04 5.02
CA ALA G 87 20.67 47.15 4.67
C ALA G 87 20.67 46.95 3.17
N ASP G 88 21.61 46.14 2.69
CA ASP G 88 21.71 45.80 1.29
C ASP G 88 20.98 44.49 1.02
N TYR G 89 20.21 44.45 -0.06
CA TYR G 89 19.38 43.30 -0.42
C TYR G 89 19.78 42.78 -1.79
N PHE G 90 19.93 41.46 -1.89
CA PHE G 90 20.30 40.79 -3.12
C PHE G 90 19.23 39.77 -3.49
N CYS G 91 19.19 39.42 -4.78
CA CYS G 91 18.27 38.41 -5.29
C CYS G 91 19.04 37.37 -6.07
N SER G 92 18.56 36.13 -6.03
CA SER G 92 19.16 35.02 -6.75
C SER G 92 18.07 34.13 -7.30
N SER G 93 18.42 33.35 -8.33
CA SER G 93 17.46 32.47 -8.96
C SER G 93 18.19 31.29 -9.59
N TYR G 94 17.42 30.22 -9.82
CA TYR G 94 17.92 29.09 -10.59
C TYR G 94 18.11 29.51 -12.04
N SER G 95 19.04 28.85 -12.73
CA SER G 95 19.32 29.15 -14.12
C SER G 95 19.57 27.86 -14.89
N THR G 96 19.34 27.93 -16.21
CA THR G 96 19.63 26.78 -17.07
C THR G 96 21.12 26.60 -17.28
N ASN G 97 21.90 27.70 -17.23
CA ASN G 97 23.33 27.63 -17.50
C ASN G 97 24.15 27.39 -16.25
N SER G 98 23.71 27.89 -15.09
CA SER G 98 24.44 27.77 -13.85
C SER G 98 23.45 27.48 -12.72
N PRO G 99 23.93 26.92 -11.60
CA PRO G 99 23.02 26.65 -10.48
C PRO G 99 22.40 27.91 -9.89
N TRP G 100 23.20 28.95 -9.64
CA TRP G 100 22.71 30.19 -9.06
C TRP G 100 23.19 31.38 -9.88
N VAL G 101 22.32 32.37 -10.03
CA VAL G 101 22.67 33.65 -10.63
C VAL G 101 22.17 34.76 -9.70
N PHE G 102 23.05 35.68 -9.35
CA PHE G 102 22.75 36.71 -8.37
C PHE G 102 22.53 38.06 -9.05
N GLY G 103 21.94 38.98 -8.28
CA GLY G 103 21.68 40.32 -8.75
C GLY G 103 22.72 41.32 -8.28
N GLY G 104 22.67 42.51 -8.90
CA GLY G 104 23.61 43.56 -8.55
C GLY G 104 23.51 44.00 -7.10
N GLY G 105 22.30 44.06 -6.57
CA GLY G 105 22.10 44.46 -5.19
C GLY G 105 21.46 45.82 -5.08
N THR G 106 20.67 46.00 -4.03
CA THR G 106 19.96 47.25 -3.78
C THR G 106 20.13 47.64 -2.31
N LYS G 107 20.35 48.93 -2.08
CA LYS G 107 20.48 49.47 -0.73
C LYS G 107 19.17 50.11 -0.31
N VAL G 108 18.59 49.62 0.78
CA VAL G 108 17.35 50.18 1.33
C VAL G 108 17.75 51.18 2.41
N THR G 109 17.32 52.43 2.23
CA THR G 109 17.61 53.51 3.17
C THR G 109 16.33 53.94 3.86
N VAL G 110 16.37 54.04 5.19
CA VAL G 110 15.24 54.54 5.96
C VAL G 110 15.41 56.05 6.06
N LEU G 111 14.64 56.78 5.25
CA LEU G 111 14.76 58.23 5.16
C LEU G 111 14.57 58.90 6.50
N ARG G 112 15.67 59.32 7.12
CA ARG G 112 15.63 60.08 8.35
C ARG G 112 16.04 61.54 8.13
N GLN G 113 16.26 61.93 6.89
CA GLN G 113 16.60 63.30 6.52
C GLN G 113 16.20 63.51 5.07
N PRO G 114 15.96 64.75 4.65
CA PRO G 114 15.49 64.99 3.28
C PRO G 114 16.49 64.54 2.23
N LYS G 115 15.96 64.10 1.09
CA LYS G 115 16.79 63.64 -0.01
C LYS G 115 17.64 64.79 -0.56
N ALA G 116 18.92 64.51 -0.77
CA ALA G 116 19.88 65.50 -1.25
C ALA G 116 20.47 65.06 -2.57
N ALA G 117 20.52 65.99 -3.53
CA ALA G 117 21.11 65.72 -4.84
C ALA G 117 22.63 65.78 -4.76
N PRO G 118 23.32 64.99 -5.59
CA PRO G 118 24.78 64.95 -5.54
C PRO G 118 25.43 66.22 -6.09
N SER G 119 26.67 66.45 -5.68
CA SER G 119 27.48 67.58 -6.12
C SER G 119 28.66 67.02 -6.92
N VAL G 120 28.48 66.93 -8.24
CA VAL G 120 29.49 66.33 -9.11
C VAL G 120 30.56 67.36 -9.45
N THR G 121 31.82 66.94 -9.37
CA THR G 121 32.95 67.79 -9.75
C THR G 121 33.94 66.92 -10.52
N LEU G 122 34.06 67.16 -11.82
CA LEU G 122 34.92 66.37 -12.69
C LEU G 122 36.26 67.07 -12.86
N PHE G 123 37.34 66.35 -12.58
CA PHE G 123 38.70 66.88 -12.69
C PHE G 123 39.43 66.26 -13.86
N PRO G 124 40.06 67.08 -14.71
CA PRO G 124 40.86 66.54 -15.81
C PRO G 124 42.20 66.04 -15.30
N PRO G 125 42.93 65.27 -16.10
CA PRO G 125 44.24 64.78 -15.65
C PRO G 125 45.20 65.92 -15.35
N SER G 126 45.98 65.76 -14.29
CA SER G 126 46.90 66.79 -13.84
C SER G 126 48.04 66.97 -14.84
N SER G 127 48.69 68.14 -14.77
CA SER G 127 49.85 68.41 -15.60
C SER G 127 51.02 67.51 -15.22
N GLU G 128 51.21 67.28 -13.92
CA GLU G 128 52.27 66.37 -13.49
C GLU G 128 51.96 64.93 -13.88
N GLU G 129 50.68 64.55 -13.89
CA GLU G 129 50.31 63.19 -14.26
C GLU G 129 50.58 62.92 -15.74
N LEU G 130 50.15 63.84 -16.62
CA LEU G 130 50.37 63.67 -18.05
C LEU G 130 51.86 63.63 -18.38
N GLN G 131 52.70 64.30 -17.58
CA GLN G 131 54.13 64.22 -17.76
C GLN G 131 54.69 62.86 -17.36
N ALA G 132 53.92 62.05 -16.63
CA ALA G 132 54.29 60.67 -16.32
C ALA G 132 53.66 59.67 -17.27
N ASN G 133 53.23 60.13 -18.45
CA ASN G 133 52.62 59.29 -19.47
C ASN G 133 51.36 58.58 -18.96
N LYS G 134 50.64 59.20 -18.03
CA LYS G 134 49.40 58.66 -17.50
C LYS G 134 48.37 59.77 -17.40
N ALA G 135 47.10 59.38 -17.42
CA ALA G 135 46.00 60.33 -17.34
C ALA G 135 44.82 59.66 -16.66
N THR G 136 44.32 60.28 -15.59
CA THR G 136 43.18 59.76 -14.85
C THR G 136 42.14 60.86 -14.70
N LEU G 137 40.89 60.53 -14.96
CA LEU G 137 39.76 61.45 -14.79
C LEU G 137 39.08 61.11 -13.47
N VAL G 138 39.08 62.07 -12.55
CA VAL G 138 38.53 61.87 -11.21
C VAL G 138 37.17 62.57 -11.15
N CYS G 139 36.12 61.78 -10.94
CA CYS G 139 34.75 62.29 -10.80
C CYS G 139 34.35 62.10 -9.34
N LEU G 140 34.16 63.22 -8.64
CA LEU G 140 33.92 63.21 -7.19
C LEU G 140 32.47 63.56 -6.91
N ILE G 141 31.74 62.62 -6.34
CA ILE G 141 30.33 62.78 -5.99
C ILE G 141 30.23 62.96 -4.48
N SER G 142 29.57 64.03 -4.04
CA SER G 142 29.50 64.34 -2.63
C SER G 142 28.14 64.94 -2.28
N ASP G 143 27.84 64.90 -0.98
CA ASP G 143 26.64 65.53 -0.40
C ASP G 143 25.36 65.06 -1.08
N PHE G 144 25.14 63.75 -1.05
CA PHE G 144 23.91 63.16 -1.56
C PHE G 144 23.34 62.16 -0.56
N TYR G 145 22.01 62.06 -0.54
CA TYR G 145 21.28 61.17 0.34
C TYR G 145 20.01 60.78 -0.40
N PRO G 146 19.66 59.48 -0.46
CA PRO G 146 20.32 58.32 0.15
C PRO G 146 21.69 58.00 -0.46
N GLY G 147 22.49 57.24 0.28
CA GLY G 147 23.85 56.94 -0.14
C GLY G 147 23.98 55.80 -1.13
N ALA G 148 23.58 56.05 -2.38
CA ALA G 148 23.72 55.07 -3.45
C ALA G 148 23.53 55.73 -4.80
N VAL G 149 24.57 55.71 -5.64
CA VAL G 149 24.52 56.31 -6.97
C VAL G 149 25.07 55.30 -7.98
N THR G 150 24.91 55.64 -9.25
CA THR G 150 25.41 54.82 -10.34
C THR G 150 26.02 55.75 -11.39
N VAL G 151 27.33 55.69 -11.55
CA VAL G 151 28.04 56.58 -12.45
C VAL G 151 28.15 55.95 -13.82
N ALA G 152 28.26 56.80 -14.84
CA ALA G 152 28.43 56.36 -16.22
C ALA G 152 29.30 57.37 -16.94
N TRP G 153 30.26 56.87 -17.71
CA TRP G 153 31.22 57.72 -18.40
C TRP G 153 30.91 57.79 -19.89
N LYS G 154 31.23 58.94 -20.48
CA LYS G 154 31.03 59.17 -21.90
C LYS G 154 32.29 59.76 -22.51
N ALA G 155 32.50 59.45 -23.79
CA ALA G 155 33.59 60.03 -24.58
C ALA G 155 32.98 60.47 -25.91
N ASP G 156 32.65 61.76 -26.01
CA ASP G 156 31.93 62.32 -27.15
C ASP G 156 30.56 61.64 -27.28
N SER G 157 29.82 61.62 -26.18
CA SER G 157 28.51 61.01 -26.05
C SER G 157 28.53 59.50 -26.28
N SER G 158 29.70 58.89 -26.32
CA SER G 158 29.82 57.44 -26.48
C SER G 158 30.12 56.80 -25.13
N PRO G 159 29.32 55.84 -24.68
CA PRO G 159 29.55 55.26 -23.33
C PRO G 159 30.89 54.56 -23.24
N VAL G 160 31.55 54.76 -22.10
CA VAL G 160 32.84 54.14 -21.81
C VAL G 160 32.67 53.18 -20.64
N LYS G 161 33.22 51.98 -20.77
CA LYS G 161 33.15 50.97 -19.72
C LYS G 161 34.51 50.49 -19.26
N ALA G 162 35.45 50.25 -20.18
CA ALA G 162 36.76 49.75 -19.80
C ALA G 162 37.55 50.81 -19.05
N GLY G 163 38.35 50.35 -18.09
CA GLY G 163 39.19 51.24 -17.32
C GLY G 163 38.44 52.20 -16.42
N VAL G 164 37.31 51.77 -15.87
CA VAL G 164 36.49 52.59 -14.98
C VAL G 164 36.42 51.88 -13.63
N GLU G 165 36.74 52.61 -12.56
CA GLU G 165 36.70 52.09 -11.21
C GLU G 165 36.01 53.10 -10.31
N THR G 166 35.02 52.63 -9.54
CA THR G 166 34.20 53.50 -8.70
C THR G 166 34.17 52.96 -7.28
N THR G 167 34.17 53.87 -6.31
CA THR G 167 34.09 53.50 -4.90
C THR G 167 32.63 53.38 -4.47
N THR G 168 32.43 52.77 -3.30
CA THR G 168 31.10 52.72 -2.73
C THR G 168 30.84 53.99 -1.91
N PRO G 169 29.59 54.45 -1.86
CA PRO G 169 29.29 55.70 -1.14
C PRO G 169 29.65 55.60 0.32
N SER G 170 30.55 56.48 0.76
CA SER G 170 30.99 56.54 2.15
C SER G 170 30.35 57.74 2.84
N LYS G 171 30.00 57.55 4.11
CA LYS G 171 29.33 58.60 4.88
C LYS G 171 30.29 59.73 5.21
N GLN G 172 29.81 60.96 5.08
CA GLN G 172 30.59 62.14 5.39
C GLN G 172 30.36 62.58 6.82
N SER G 173 30.96 63.71 7.20
CA SER G 173 30.77 64.24 8.54
C SER G 173 29.35 64.73 8.76
N ASN G 174 28.71 65.29 7.74
CA ASN G 174 27.36 65.83 7.84
C ASN G 174 26.28 64.76 7.67
N ASN G 175 26.62 63.50 7.87
CA ASN G 175 25.74 62.33 7.73
C ASN G 175 25.30 62.10 6.29
N LYS G 176 25.77 62.90 5.34
CA LYS G 176 25.52 62.64 3.93
C LYS G 176 26.62 61.72 3.38
N TYR G 177 26.40 61.21 2.17
CA TYR G 177 27.30 60.24 1.58
C TYR G 177 28.06 60.86 0.40
N ALA G 178 29.20 60.24 0.08
CA ALA G 178 30.05 60.70 -1.01
C ALA G 178 30.68 59.50 -1.71
N ALA G 179 30.86 59.61 -3.02
CA ALA G 179 31.44 58.55 -3.82
C ALA G 179 32.43 59.13 -4.81
N SER G 180 33.31 58.27 -5.32
CA SER G 180 34.36 58.68 -6.24
C SER G 180 34.50 57.66 -7.37
N SER G 181 34.69 58.16 -8.59
CA SER G 181 34.86 57.33 -9.77
C SER G 181 36.08 57.81 -10.55
N TYR G 182 36.81 56.87 -11.14
CA TYR G 182 38.03 57.17 -11.88
C TYR G 182 37.97 56.55 -13.26
N LEU G 183 38.53 57.26 -14.24
CA LEU G 183 38.67 56.77 -15.61
C LEU G 183 40.15 56.89 -15.98
N SER G 184 40.86 55.76 -15.95
CA SER G 184 42.27 55.72 -16.32
C SER G 184 42.40 55.49 -17.82
N LEU G 185 43.23 56.31 -18.47
CA LEU G 185 43.45 56.18 -19.90
C LEU G 185 44.82 56.75 -20.24
N THR G 186 45.29 56.44 -21.44
CA THR G 186 46.57 56.92 -21.93
C THR G 186 46.45 58.39 -22.36
N PRO G 187 47.55 59.14 -22.31
CA PRO G 187 47.49 60.54 -22.78
C PRO G 187 47.06 60.67 -24.23
N GLU G 188 47.30 59.65 -25.05
CA GLU G 188 46.83 59.69 -26.44
C GLU G 188 45.31 59.67 -26.50
N GLN G 189 44.67 58.85 -25.66
CA GLN G 189 43.21 58.80 -25.62
C GLN G 189 42.63 60.13 -25.14
N TRP G 190 43.29 60.78 -24.18
CA TRP G 190 42.80 62.03 -23.61
C TRP G 190 42.63 63.10 -24.70
N LYS G 191 43.69 63.38 -25.44
CA LYS G 191 43.65 64.41 -26.47
C LYS G 191 42.94 63.95 -27.74
N SER G 192 42.62 62.66 -27.86
CA SER G 192 41.95 62.16 -29.06
C SER G 192 40.52 62.65 -29.14
N HIS G 193 39.75 62.47 -28.06
CA HIS G 193 38.32 62.77 -28.08
C HIS G 193 38.07 64.25 -27.79
N ARG G 194 36.89 64.70 -28.19
CA ARG G 194 36.51 66.10 -27.99
C ARG G 194 36.29 66.42 -26.52
N SER G 195 35.46 65.64 -25.85
CA SER G 195 35.13 65.91 -24.45
C SER G 195 34.78 64.60 -23.74
N TYR G 196 34.98 64.60 -22.43
CA TYR G 196 34.67 63.46 -21.58
C TYR G 196 33.65 63.88 -20.53
N SER G 197 32.64 63.05 -20.32
CA SER G 197 31.54 63.35 -19.42
C SER G 197 31.46 62.32 -18.30
N CYS G 198 30.89 62.75 -17.17
CA CYS G 198 30.64 61.87 -16.02
C CYS G 198 29.16 62.01 -15.64
N GLN G 199 28.39 60.96 -15.87
CA GLN G 199 26.96 60.96 -15.60
C GLN G 199 26.70 60.25 -14.27
N VAL G 200 26.21 60.99 -13.29
CA VAL G 200 25.91 60.46 -11.96
C VAL G 200 24.39 60.44 -11.79
N THR G 201 23.83 59.26 -11.61
CA THR G 201 22.39 59.09 -11.41
C THR G 201 22.12 58.81 -9.94
N HIS G 202 21.25 59.62 -9.34
CA HIS G 202 20.88 59.46 -7.94
C HIS G 202 19.37 59.55 -7.82
N GLU G 203 18.74 58.44 -7.42
CA GLU G 203 17.29 58.37 -7.20
C GLU G 203 16.51 58.87 -8.41
N GLY G 204 16.88 58.37 -9.58
CA GLY G 204 16.18 58.69 -10.80
C GLY G 204 16.54 60.02 -11.46
N SER G 205 17.30 60.87 -10.79
CA SER G 205 17.72 62.15 -11.34
C SER G 205 19.23 62.12 -11.59
N THR G 206 19.63 62.50 -12.80
CA THR G 206 21.01 62.39 -13.23
C THR G 206 21.66 63.77 -13.27
N VAL G 207 22.89 63.84 -12.77
CA VAL G 207 23.72 65.05 -12.84
C VAL G 207 24.94 64.72 -13.68
N GLU G 208 25.28 65.60 -14.61
CA GLU G 208 26.36 65.35 -15.55
C GLU G 208 27.32 66.54 -15.60
N LYS G 209 28.62 66.24 -15.65
CA LYS G 209 29.66 67.23 -15.79
C LYS G 209 30.61 66.79 -16.89
N THR G 210 31.00 67.73 -17.74
CA THR G 210 31.82 67.45 -18.91
C THR G 210 33.09 68.29 -18.87
N VAL G 211 34.21 67.70 -19.30
CA VAL G 211 35.49 68.39 -19.40
C VAL G 211 36.08 68.11 -20.78
N ALA G 212 36.94 69.03 -21.21
CA ALA G 212 37.60 68.94 -22.50
C ALA G 212 39.09 69.22 -22.34
N PRO G 213 39.92 68.68 -23.24
CA PRO G 213 41.37 68.95 -23.14
C PRO G 213 41.75 70.38 -23.49
N THR G 214 40.86 71.18 -24.04
CA THR G 214 41.16 72.56 -24.40
C THR G 214 41.32 73.42 -23.15
N GLN H 2 -0.31 -28.68 25.01
CA GLN H 2 -1.18 -27.85 25.84
C GLN H 2 -0.43 -26.67 26.45
N VAL H 3 -1.12 -25.55 26.61
CA VAL H 3 -0.56 -24.36 27.23
C VAL H 3 -0.72 -24.49 28.74
N GLN H 4 0.39 -24.41 29.47
CA GLN H 4 0.38 -24.66 30.90
C GLN H 4 1.23 -23.65 31.64
N LEU H 5 1.01 -23.55 32.95
CA LEU H 5 1.80 -22.72 33.84
C LEU H 5 1.89 -23.43 35.18
N GLN H 6 3.10 -23.54 35.73
CA GLN H 6 3.37 -24.26 36.96
C GLN H 6 4.17 -23.36 37.89
N GLU H 7 3.84 -23.41 39.18
CA GLU H 7 4.38 -22.45 40.13
C GLU H 7 5.55 -23.00 40.95
N SER H 8 5.25 -23.82 41.95
CA SER H 8 6.23 -24.43 42.85
C SER H 8 6.86 -23.39 43.78
N GLY H 9 7.32 -23.85 44.95
CA GLY H 9 8.00 -23.00 45.91
C GLY H 9 7.22 -22.70 47.18
N GLY H 10 5.97 -23.16 47.27
CA GLY H 10 5.17 -22.89 48.44
C GLY H 10 5.60 -23.70 49.64
N GLY H 11 5.42 -23.11 50.83
CA GLY H 11 5.77 -23.80 52.05
C GLY H 11 5.51 -22.91 53.24
N LEU H 12 6.03 -23.35 54.39
CA LEU H 12 5.89 -22.63 55.64
C LEU H 12 7.05 -21.67 55.83
N VAL H 13 6.73 -20.44 56.25
CA VAL H 13 7.74 -19.41 56.47
C VAL H 13 7.36 -18.64 57.74
N LYS H 14 8.37 -18.26 58.51
CA LYS H 14 8.13 -17.53 59.75
C LYS H 14 7.67 -16.10 59.46
N ALA H 15 6.92 -15.53 60.40
CA ALA H 15 6.44 -14.17 60.27
C ALA H 15 7.61 -13.20 60.21
N GLY H 16 7.69 -12.44 59.12
CA GLY H 16 8.81 -11.54 58.90
C GLY H 16 9.92 -12.10 58.05
N GLY H 17 9.83 -13.38 57.66
CA GLY H 17 10.83 -14.01 56.84
C GLY H 17 10.69 -13.66 55.38
N SER H 18 11.27 -14.52 54.54
CA SER H 18 11.27 -14.31 53.10
C SER H 18 11.03 -15.63 52.39
N LEU H 19 10.42 -15.56 51.21
CA LEU H 19 10.16 -16.74 50.40
C LEU H 19 10.25 -16.35 48.93
N ARG H 20 10.63 -17.33 48.10
CA ARG H 20 10.84 -17.12 46.67
C ARG H 20 9.99 -18.10 45.87
N LEU H 21 9.19 -17.56 44.95
CA LEU H 21 8.32 -18.36 44.10
C LEU H 21 8.78 -18.31 42.65
N SER H 22 8.39 -19.33 41.90
CA SER H 22 8.72 -19.47 40.49
C SER H 22 7.45 -19.69 39.68
N CYS H 23 7.56 -19.50 38.37
CA CYS H 23 6.46 -19.79 37.44
C CYS H 23 7.05 -20.14 36.08
N ALA H 24 6.84 -21.37 35.63
CA ALA H 24 7.41 -21.87 34.39
C ALA H 24 6.35 -22.00 33.31
N ALA H 25 6.73 -21.71 32.07
CA ALA H 25 5.84 -21.81 30.93
C ALA H 25 5.96 -23.17 30.24
N SER H 26 4.86 -23.58 29.59
CA SER H 26 4.84 -24.85 28.87
C SER H 26 3.85 -24.71 27.71
N GLY H 27 4.38 -24.58 26.51
CA GLY H 27 3.56 -24.60 25.31
C GLY H 27 3.19 -23.25 24.71
N PHE H 28 3.94 -22.19 25.00
CA PHE H 28 3.69 -20.90 24.37
C PHE H 28 4.93 -20.04 24.48
N MET H 29 4.98 -18.98 23.67
CA MET H 29 6.09 -18.05 23.66
C MET H 29 6.01 -17.16 24.89
N PHE H 30 6.84 -17.46 25.89
CA PHE H 30 6.83 -16.75 27.17
C PHE H 30 7.02 -15.25 26.98
N GLU H 31 7.96 -14.85 26.13
CA GLU H 31 8.37 -13.44 26.03
C GLU H 31 7.21 -12.53 25.62
N ARG H 32 6.39 -12.97 24.67
CA ARG H 32 5.36 -12.10 24.11
C ARG H 32 4.34 -11.63 25.14
N TYR H 33 4.07 -12.45 26.15
CA TYR H 33 2.98 -12.17 27.08
C TYR H 33 3.49 -11.48 28.34
N SER H 34 2.55 -10.83 29.04
CA SER H 34 2.78 -10.27 30.36
C SER H 34 2.21 -11.22 31.41
N LEU H 35 2.88 -11.29 32.55
CA LEU H 35 2.52 -12.24 33.59
C LEU H 35 2.15 -11.52 34.87
N HIS H 36 1.27 -12.14 35.65
CA HIS H 36 0.74 -11.57 36.87
C HIS H 36 0.88 -12.57 38.01
N TRP H 37 0.63 -12.09 39.22
CA TRP H 37 0.59 -12.91 40.43
C TRP H 37 -0.71 -12.61 41.15
N VAL H 38 -1.57 -13.61 41.27
CA VAL H 38 -2.87 -13.46 41.94
C VAL H 38 -2.95 -14.50 43.04
N ARG H 39 -3.04 -14.03 44.28
CA ARG H 39 -3.20 -14.93 45.43
C ARG H 39 -4.67 -15.02 45.81
N GLN H 40 -5.05 -16.18 46.34
CA GLN H 40 -6.41 -16.45 46.78
C GLN H 40 -6.37 -16.96 48.20
N THR H 41 -6.94 -16.19 49.12
CA THR H 41 -7.04 -16.63 50.51
C THR H 41 -7.84 -17.92 50.56
N PRO H 42 -7.38 -18.95 51.30
CA PRO H 42 -8.08 -20.24 51.33
C PRO H 42 -9.60 -20.14 51.49
N GLY H 43 -10.07 -19.14 52.24
CA GLY H 43 -11.49 -18.98 52.46
C GLY H 43 -12.07 -17.68 51.95
N LYS H 44 -11.40 -17.02 51.01
CA LYS H 44 -11.86 -15.74 50.48
C LYS H 44 -11.56 -15.65 49.00
N GLY H 45 -11.98 -14.54 48.40
CA GLY H 45 -11.87 -14.33 46.97
C GLY H 45 -10.44 -14.07 46.49
N LEU H 46 -10.34 -13.85 45.18
CA LEU H 46 -9.07 -13.60 44.53
C LEU H 46 -8.60 -12.17 44.77
N GLU H 47 -7.28 -12.00 44.85
CA GLU H 47 -6.66 -10.69 44.99
C GLU H 47 -5.45 -10.59 44.10
N TRP H 48 -5.40 -9.56 43.27
CA TRP H 48 -4.26 -9.31 42.40
C TRP H 48 -3.10 -8.75 43.23
N VAL H 49 -1.89 -9.23 42.93
CA VAL H 49 -0.71 -8.85 43.71
C VAL H 49 0.23 -7.99 42.87
N SER H 50 0.80 -8.57 41.82
CA SER H 50 1.81 -7.89 41.03
C SER H 50 1.69 -8.28 39.57
N SER H 51 2.34 -7.50 38.72
CA SER H 51 2.34 -7.73 37.28
C SER H 51 3.70 -7.37 36.71
N ILE H 52 4.05 -8.01 35.59
CA ILE H 52 5.32 -7.78 34.91
C ILE H 52 5.03 -7.65 33.41
N SER H 53 5.64 -6.65 32.77
CA SER H 53 5.43 -6.43 31.35
C SER H 53 6.17 -7.48 30.54
N SER H 54 5.77 -7.61 29.27
CA SER H 54 6.39 -8.58 28.38
C SER H 54 7.79 -8.12 27.98
N LEU H 55 8.56 -9.06 27.43
CA LEU H 55 9.94 -8.83 26.98
C LEU H 55 10.73 -8.28 28.17
N SER H 56 11.26 -7.06 28.10
CA SER H 56 11.92 -6.47 29.26
C SER H 56 10.89 -6.04 30.28
N GLY H 57 11.09 -6.43 31.54
CA GLY H 57 10.16 -6.09 32.59
C GLY H 57 10.23 -4.64 33.03
N SER H 58 10.09 -3.72 32.08
CA SER H 58 10.24 -2.30 32.40
C SER H 58 9.04 -1.77 33.17
N HIS H 59 7.84 -2.27 32.88
CA HIS H 59 6.62 -1.82 33.53
C HIS H 59 6.26 -2.81 34.64
N ILE H 60 6.40 -2.38 35.89
CA ILE H 60 6.09 -3.22 37.04
C ILE H 60 5.02 -2.52 37.88
N ASN H 61 4.08 -3.31 38.39
CA ASN H 61 3.03 -2.80 39.26
C ASN H 61 2.87 -3.73 40.45
N TYR H 62 2.55 -3.14 41.60
CA TYR H 62 2.31 -3.88 42.83
C TYR H 62 1.03 -3.38 43.48
N ALA H 63 0.49 -4.22 44.37
CA ALA H 63 -0.67 -3.82 45.17
C ALA H 63 -0.22 -3.05 46.39
N ASP H 64 -1.06 -2.10 46.82
CA ASP H 64 -0.72 -1.26 47.96
C ASP H 64 -0.45 -2.08 49.21
N SER H 65 -1.17 -3.19 49.40
CA SER H 65 -0.95 -4.09 50.52
C SER H 65 0.31 -4.93 50.35
N VAL H 66 1.09 -4.68 49.30
CA VAL H 66 2.22 -5.53 48.92
C VAL H 66 3.44 -4.68 48.61
N LYS H 67 3.21 -3.46 48.10
CA LYS H 67 4.25 -2.54 47.69
C LYS H 67 5.39 -2.44 48.70
N GLY H 68 6.62 -2.51 48.21
CA GLY H 68 7.80 -2.41 49.04
C GLY H 68 8.28 -3.73 49.63
N ARG H 69 7.40 -4.71 49.75
CA ARG H 69 7.75 -6.00 50.35
C ARG H 69 7.99 -7.09 49.32
N PHE H 70 7.26 -7.10 48.21
CA PHE H 70 7.43 -8.11 47.18
C PHE H 70 8.17 -7.50 45.98
N THR H 71 8.93 -8.35 45.28
CA THR H 71 9.68 -7.92 44.10
C THR H 71 9.54 -8.98 43.03
N ILE H 72 8.94 -8.61 41.89
CA ILE H 72 8.73 -9.52 40.78
C ILE H 72 9.88 -9.42 39.80
N SER H 73 10.15 -10.52 39.11
CA SER H 73 11.21 -10.57 38.11
C SER H 73 10.91 -11.70 37.14
N ARG H 74 11.59 -11.68 35.99
CA ARG H 74 11.38 -12.70 34.98
C ARG H 74 12.67 -12.94 34.20
N ASP H 75 12.76 -14.13 33.61
CA ASP H 75 13.90 -14.51 32.77
C ASP H 75 13.31 -15.20 31.54
N ASN H 76 13.20 -14.45 30.44
CA ASN H 76 12.58 -14.98 29.23
C ASN H 76 13.34 -16.20 28.70
N ALA H 77 14.67 -16.13 28.69
CA ALA H 77 15.46 -17.26 28.18
C ALA H 77 15.24 -18.52 29.00
N LYS H 78 15.20 -18.38 30.33
CA LYS H 78 14.99 -19.52 31.21
C LYS H 78 13.52 -19.89 31.38
N ASN H 79 12.60 -19.08 30.86
CA ASN H 79 11.16 -19.33 30.93
C ASN H 79 10.70 -19.49 32.38
N SER H 80 11.15 -18.58 33.24
CA SER H 80 10.82 -18.60 34.66
C SER H 80 10.38 -17.22 35.12
N LEU H 81 9.26 -17.17 35.83
CA LEU H 81 8.76 -15.95 36.45
C LEU H 81 8.93 -16.07 37.96
N SER H 82 9.58 -15.08 38.57
CA SER H 82 9.93 -15.14 39.98
C SER H 82 9.24 -14.03 40.75
N LEU H 83 8.93 -14.32 42.01
CA LEU H 83 8.36 -13.34 42.94
C LEU H 83 9.09 -13.48 44.27
N GLN H 84 9.74 -12.42 44.70
CA GLN H 84 10.50 -12.41 45.95
C GLN H 84 9.66 -11.74 47.03
N MET H 85 9.37 -12.49 48.09
CA MET H 85 8.57 -11.99 49.21
C MET H 85 9.48 -11.65 50.39
N ASN H 86 9.21 -10.51 51.02
CA ASN H 86 9.99 -10.07 52.17
C ASN H 86 9.05 -9.48 53.21
N SER H 87 9.48 -9.56 54.48
CA SER H 87 8.70 -9.07 55.61
C SER H 87 7.28 -9.65 55.59
N LEU H 88 7.21 -10.96 55.33
CA LEU H 88 5.92 -11.62 55.19
C LEU H 88 5.09 -11.53 56.46
N ARG H 89 3.84 -11.10 56.30
CA ARG H 89 2.89 -11.04 57.40
C ARG H 89 2.04 -12.31 57.43
N VAL H 90 1.41 -12.56 58.59
CA VAL H 90 0.57 -13.74 58.73
C VAL H 90 -0.60 -13.70 57.75
N GLU H 91 -1.11 -12.50 57.45
CA GLU H 91 -2.22 -12.35 56.52
C GLU H 91 -1.84 -12.67 55.07
N ASP H 92 -0.56 -12.89 54.78
CA ASP H 92 -0.14 -13.23 53.43
C ASP H 92 -0.42 -14.69 53.06
N THR H 93 -0.85 -15.51 54.02
CA THR H 93 -1.16 -16.90 53.76
C THR H 93 -2.28 -17.05 52.74
N ALA H 94 -1.96 -17.56 51.56
CA ALA H 94 -2.93 -17.75 50.49
C ALA H 94 -2.36 -18.70 49.45
N ILE H 95 -3.18 -19.04 48.47
CA ILE H 95 -2.77 -19.86 47.33
C ILE H 95 -2.40 -18.92 46.19
N TYR H 96 -1.12 -18.90 45.82
CA TYR H 96 -0.62 -17.95 44.85
C TYR H 96 -0.63 -18.57 43.44
N TYR H 97 -1.26 -17.86 42.51
CA TYR H 97 -1.32 -18.25 41.11
C TYR H 97 -0.49 -17.30 40.26
N CYS H 98 -0.03 -17.80 39.11
CA CYS H 98 0.61 -16.97 38.10
C CYS H 98 -0.15 -17.12 36.79
N ALA H 99 -0.61 -16.00 36.24
CA ALA H 99 -1.43 -15.99 35.04
C ALA H 99 -0.83 -15.04 34.01
N ARG H 100 -1.18 -15.29 32.75
CA ARG H 100 -0.67 -14.53 31.62
C ARG H 100 -1.76 -13.67 31.00
N ASP H 101 -1.33 -12.63 30.29
CA ASP H 101 -2.18 -11.76 29.49
C ASP H 101 -1.28 -10.85 28.69
N ARG H 102 -1.87 -10.12 27.73
CA ARG H 102 -1.13 -9.19 26.91
C ARG H 102 -1.79 -7.83 26.96
N ARG H 103 -1.03 -6.81 27.36
CA ARG H 103 -1.52 -5.44 27.48
C ARG H 103 -1.24 -4.69 26.18
N SER H 104 -2.12 -4.89 25.21
CA SER H 104 -2.04 -4.22 23.93
C SER H 104 -3.30 -3.41 23.69
N GLY H 105 -3.12 -2.21 23.12
CA GLY H 105 -4.27 -1.41 22.75
C GLY H 105 -5.00 -1.94 21.55
N SER H 106 -4.29 -2.58 20.62
CA SER H 106 -4.88 -3.13 19.42
C SER H 106 -5.39 -4.55 19.64
N SER H 107 -4.49 -5.47 20.00
CA SER H 107 -4.80 -6.89 20.18
C SER H 107 -4.53 -7.29 21.62
N PRO H 108 -5.46 -7.01 22.53
CA PRO H 108 -5.27 -7.39 23.93
C PRO H 108 -5.65 -8.84 24.19
N VAL H 109 -5.08 -9.38 25.27
CA VAL H 109 -5.32 -10.76 25.69
C VAL H 109 -5.70 -10.75 27.17
N PRO H 110 -6.75 -11.47 27.58
CA PRO H 110 -7.12 -11.48 29.00
C PRO H 110 -6.33 -12.51 29.79
N LEU H 111 -6.70 -12.68 31.07
CA LEU H 111 -6.06 -13.67 31.93
C LEU H 111 -6.63 -15.06 31.60
N ASP H 112 -6.24 -15.55 30.43
CA ASP H 112 -6.80 -16.81 29.93
C ASP H 112 -6.14 -18.03 30.58
N VAL H 113 -4.82 -18.04 30.69
CA VAL H 113 -4.07 -19.19 31.19
C VAL H 113 -3.70 -18.94 32.64
N TRP H 114 -4.10 -19.86 33.51
CA TRP H 114 -3.80 -19.80 34.94
C TRP H 114 -3.03 -21.05 35.37
N GLY H 115 -2.18 -20.88 36.38
CA GLY H 115 -1.45 -22.00 36.93
C GLY H 115 -2.26 -22.77 37.96
N GLN H 116 -1.70 -23.92 38.36
CA GLN H 116 -2.37 -24.74 39.36
C GLN H 116 -2.38 -24.09 40.73
N GLY H 117 -1.39 -23.25 41.01
CA GLY H 117 -1.33 -22.55 42.28
C GLY H 117 -0.42 -23.24 43.28
N THR H 118 0.23 -22.43 44.12
CA THR H 118 1.09 -22.92 45.18
C THR H 118 0.65 -22.32 46.50
N THR H 119 0.60 -23.15 47.55
CA THR H 119 0.13 -22.73 48.86
C THR H 119 1.30 -22.22 49.70
N VAL H 120 1.16 -21.00 50.21
CA VAL H 120 2.17 -20.37 51.07
C VAL H 120 1.52 -20.08 52.42
N THR H 121 2.19 -20.53 53.48
CA THR H 121 1.70 -20.33 54.85
C THR H 121 2.75 -19.54 55.63
N VAL H 122 2.29 -18.51 56.33
CA VAL H 122 3.15 -17.63 57.11
C VAL H 122 2.77 -17.77 58.57
N SER H 123 3.68 -18.30 59.39
CA SER H 123 3.46 -18.42 60.82
C SER H 123 4.81 -18.65 61.51
N SER H 124 5.13 -17.81 62.48
CA SER H 124 6.36 -17.96 63.25
C SER H 124 6.20 -18.90 64.44
N ALA H 125 4.97 -19.33 64.74
CA ALA H 125 4.74 -20.20 65.89
C ALA H 125 5.33 -21.58 65.64
N SER H 126 5.67 -22.26 66.73
CA SER H 126 6.17 -23.62 66.69
C SER H 126 5.08 -24.59 67.15
N THR H 127 5.44 -25.87 67.25
CA THR H 127 4.51 -26.92 67.66
C THR H 127 3.90 -26.61 69.01
N LYS H 128 2.60 -26.32 69.03
CA LYS H 128 1.89 -25.96 70.25
C LYS H 128 0.65 -26.83 70.40
N GLY H 129 0.38 -27.24 71.64
CA GLY H 129 -0.80 -28.02 71.94
C GLY H 129 -2.03 -27.15 72.00
N PRO H 130 -3.20 -27.75 71.80
CA PRO H 130 -4.45 -26.99 71.82
C PRO H 130 -4.94 -26.75 73.24
N SER H 131 -5.89 -25.84 73.36
CA SER H 131 -6.55 -25.51 74.62
C SER H 131 -8.05 -25.69 74.41
N VAL H 132 -8.59 -26.79 74.92
CA VAL H 132 -9.98 -27.14 74.71
C VAL H 132 -10.84 -26.47 75.78
N PHE H 133 -11.91 -25.81 75.35
CA PHE H 133 -12.89 -25.20 76.22
C PHE H 133 -14.28 -25.71 75.85
N PRO H 134 -15.16 -25.89 76.83
CA PRO H 134 -16.48 -26.44 76.54
C PRO H 134 -17.50 -25.38 76.13
N LEU H 135 -18.30 -25.72 75.11
CA LEU H 135 -19.36 -24.85 74.63
C LEU H 135 -20.67 -25.36 75.23
N ALA H 136 -20.91 -24.96 76.48
CA ALA H 136 -22.08 -25.45 77.20
C ALA H 136 -23.37 -24.92 76.55
N PRO H 137 -24.41 -25.74 76.46
CA PRO H 137 -25.71 -25.31 75.91
C PRO H 137 -26.50 -24.47 76.89
N GLY H 144 -35.28 -25.51 68.10
CA GLY H 144 -36.58 -25.95 68.56
C GLY H 144 -36.49 -26.85 69.79
N GLY H 145 -36.94 -28.10 69.63
CA GLY H 145 -36.86 -29.10 70.68
C GLY H 145 -35.51 -29.73 70.88
N THR H 146 -34.47 -29.17 70.27
CA THR H 146 -33.11 -29.68 70.39
C THR H 146 -32.15 -28.54 70.69
N ALA H 147 -31.05 -28.87 71.34
CA ALA H 147 -30.02 -27.91 71.71
C ALA H 147 -28.68 -28.34 71.15
N ALA H 148 -27.79 -27.36 70.96
CA ALA H 148 -26.47 -27.58 70.40
C ALA H 148 -25.40 -27.37 71.46
N LEU H 149 -24.36 -28.21 71.42
CA LEU H 149 -23.23 -28.09 72.32
C LEU H 149 -21.99 -28.57 71.58
N GLY H 150 -20.84 -28.05 71.99
CA GLY H 150 -19.61 -28.42 71.31
C GLY H 150 -18.38 -28.15 72.15
N CYS H 151 -17.23 -28.20 71.47
CA CYS H 151 -15.93 -27.94 72.08
C CYS H 151 -15.18 -26.92 71.23
N LEU H 152 -14.43 -26.05 71.89
CA LEU H 152 -13.63 -25.04 71.21
C LEU H 152 -12.16 -25.41 71.31
N VAL H 153 -11.57 -25.80 70.18
CA VAL H 153 -10.16 -26.12 70.10
C VAL H 153 -9.42 -24.87 69.65
N LYS H 154 -8.67 -24.26 70.56
CA LYS H 154 -8.09 -22.94 70.34
C LYS H 154 -6.57 -22.99 70.47
N ASP H 155 -5.90 -22.25 69.58
CA ASP H 155 -4.46 -21.98 69.65
C ASP H 155 -3.64 -23.29 69.67
N TYR H 156 -3.57 -23.91 68.50
CA TYR H 156 -2.72 -25.07 68.29
C TYR H 156 -1.94 -24.90 67.00
N PHE H 157 -0.85 -25.66 66.89
CA PHE H 157 -0.01 -25.64 65.70
C PHE H 157 0.93 -26.85 65.73
N PRO H 158 1.16 -27.51 64.59
CA PRO H 158 0.48 -27.22 63.32
C PRO H 158 -0.79 -28.03 63.14
N GLU H 159 -1.30 -28.09 61.92
CA GLU H 159 -2.44 -28.94 61.61
C GLU H 159 -1.99 -30.39 61.49
N PRO H 160 -2.92 -31.34 61.71
CA PRO H 160 -4.32 -31.16 62.07
C PRO H 160 -4.67 -31.63 63.48
N VAL H 161 -5.95 -31.49 63.83
CA VAL H 161 -6.50 -32.08 65.03
C VAL H 161 -7.72 -32.91 64.63
N THR H 162 -7.92 -34.03 65.32
CA THR H 162 -9.07 -34.88 65.11
C THR H 162 -9.93 -34.86 66.36
N VAL H 163 -11.23 -34.69 66.18
CA VAL H 163 -12.17 -34.57 67.30
C VAL H 163 -13.21 -35.68 67.15
N SER H 164 -13.41 -36.43 68.23
CA SER H 164 -14.47 -37.41 68.33
C SER H 164 -15.26 -37.14 69.61
N TRP H 165 -16.47 -37.69 69.66
CA TRP H 165 -17.36 -37.49 70.80
C TRP H 165 -17.67 -38.83 71.44
N ASN H 166 -17.45 -38.91 72.75
CA ASN H 166 -17.64 -40.14 73.53
C ASN H 166 -16.83 -41.30 72.94
N SER H 167 -15.59 -40.98 72.54
CA SER H 167 -14.66 -41.97 71.97
C SER H 167 -15.27 -42.67 70.75
N GLY H 168 -15.84 -41.88 69.85
CA GLY H 168 -16.40 -42.39 68.62
C GLY H 168 -17.77 -43.01 68.73
N ALA H 169 -18.32 -43.14 69.94
CA ALA H 169 -19.65 -43.72 70.09
C ALA H 169 -20.72 -42.78 69.54
N LEU H 170 -20.60 -41.49 69.81
CA LEU H 170 -21.56 -40.49 69.34
C LEU H 170 -21.13 -40.01 67.96
N THR H 171 -22.01 -40.18 66.98
CA THR H 171 -21.73 -39.74 65.61
C THR H 171 -22.89 -38.91 65.07
N SER H 172 -24.12 -39.24 65.45
CA SER H 172 -25.28 -38.53 64.96
C SER H 172 -25.27 -37.08 65.44
N GLY H 173 -25.35 -36.15 64.49
CA GLY H 173 -25.37 -34.73 64.81
C GLY H 173 -24.02 -34.09 65.00
N VAL H 174 -22.94 -34.86 64.96
CA VAL H 174 -21.60 -34.34 65.17
C VAL H 174 -21.13 -33.63 63.90
N HIS H 175 -20.44 -32.51 64.08
CA HIS H 175 -19.85 -31.78 62.95
C HIS H 175 -18.63 -31.02 63.45
N THR H 176 -17.47 -31.33 62.89
CA THR H 176 -16.22 -30.67 63.21
C THR H 176 -15.89 -29.68 62.10
N PHE H 177 -15.77 -28.40 62.47
CA PHE H 177 -15.54 -27.36 61.49
C PHE H 177 -14.06 -27.30 61.09
N PRO H 178 -13.77 -26.76 59.90
CA PRO H 178 -12.37 -26.62 59.48
C PRO H 178 -11.63 -25.61 60.34
N ALA H 179 -10.30 -25.73 60.32
CA ALA H 179 -9.46 -24.88 61.15
C ALA H 179 -9.45 -23.44 60.61
N VAL H 180 -9.06 -22.52 61.48
CA VAL H 180 -8.96 -21.11 61.15
C VAL H 180 -7.62 -20.60 61.63
N LEU H 181 -6.81 -20.06 60.72
CA LEU H 181 -5.52 -19.49 61.07
C LEU H 181 -5.74 -18.05 61.55
N GLN H 182 -5.46 -17.81 62.83
CA GLN H 182 -5.67 -16.49 63.41
C GLN H 182 -4.47 -15.59 63.14
N SER H 183 -4.63 -14.31 63.48
CA SER H 183 -3.57 -13.33 63.27
C SER H 183 -2.30 -13.71 64.02
N SER H 184 -2.44 -14.44 65.13
CA SER H 184 -1.27 -14.88 65.88
C SER H 184 -0.46 -15.93 65.15
N GLY H 185 -1.07 -16.65 64.21
CA GLY H 185 -0.42 -17.75 63.52
C GLY H 185 -0.71 -19.12 64.09
N LEU H 186 -1.80 -19.27 64.82
CA LEU H 186 -2.18 -20.55 65.44
C LEU H 186 -3.59 -20.90 65.00
N TYR H 187 -3.79 -22.15 64.61
CA TYR H 187 -5.09 -22.59 64.13
C TYR H 187 -6.06 -22.77 65.29
N SER H 188 -7.35 -22.75 64.96
CA SER H 188 -8.42 -22.94 65.93
C SER H 188 -9.66 -23.39 65.20
N LEU H 189 -10.43 -24.29 65.83
CA LEU H 189 -11.67 -24.77 65.24
C LEU H 189 -12.63 -25.17 66.35
N SER H 190 -13.85 -25.56 65.94
CA SER H 190 -14.86 -26.02 66.86
C SER H 190 -15.49 -27.30 66.32
N SER H 191 -15.97 -28.13 67.25
CA SER H 191 -16.68 -29.36 66.92
C SER H 191 -17.91 -29.44 67.79
N VAL H 192 -19.09 -29.40 67.16
CA VAL H 192 -20.35 -29.31 67.88
C VAL H 192 -21.22 -30.50 67.53
N VAL H 193 -22.26 -30.70 68.33
CA VAL H 193 -23.23 -31.76 68.14
C VAL H 193 -24.59 -31.28 68.63
N THR H 194 -25.62 -31.49 67.82
CA THR H 194 -26.99 -31.11 68.17
C THR H 194 -27.69 -32.34 68.74
N VAL H 195 -28.21 -32.21 69.96
CA VAL H 195 -28.85 -33.33 70.65
C VAL H 195 -30.18 -32.85 71.22
N PRO H 196 -31.09 -33.78 71.50
CA PRO H 196 -32.38 -33.38 72.08
C PRO H 196 -32.20 -32.72 73.43
N SER H 197 -33.02 -31.68 73.68
CA SER H 197 -32.93 -30.93 74.92
C SER H 197 -33.19 -31.81 76.14
N SER H 198 -34.08 -32.80 76.01
CA SER H 198 -34.35 -33.71 77.13
C SER H 198 -33.16 -34.59 77.44
N SER H 199 -32.38 -34.97 76.42
CA SER H 199 -31.23 -35.83 76.64
C SER H 199 -30.08 -35.14 77.36
N LEU H 200 -30.08 -33.80 77.39
CA LEU H 200 -29.00 -33.05 78.04
C LEU H 200 -28.75 -33.53 79.47
N GLY H 201 -29.81 -33.95 80.16
CA GLY H 201 -29.66 -34.44 81.52
C GLY H 201 -29.07 -35.84 81.61
N THR H 202 -29.78 -36.83 81.05
CA THR H 202 -29.35 -38.22 81.18
C THR H 202 -28.03 -38.46 80.47
N GLN H 203 -27.87 -37.94 79.25
CA GLN H 203 -26.70 -38.26 78.44
C GLN H 203 -25.48 -37.46 78.89
N THR H 204 -24.32 -38.08 78.75
CA THR H 204 -23.03 -37.46 79.04
C THR H 204 -22.28 -37.26 77.74
N TYR H 205 -21.84 -36.03 77.49
CA TYR H 205 -21.18 -35.67 76.24
C TYR H 205 -19.74 -35.26 76.53
N ILE H 206 -18.79 -35.98 75.96
CA ILE H 206 -17.36 -35.70 76.10
C ILE H 206 -16.73 -35.70 74.72
N CYS H 207 -16.03 -34.62 74.39
CA CYS H 207 -15.29 -34.55 73.13
C CYS H 207 -13.84 -34.98 73.36
N ASN H 208 -13.28 -35.68 72.38
CA ASN H 208 -11.94 -36.24 72.47
C ASN H 208 -11.06 -35.57 71.41
N VAL H 209 -10.40 -34.49 71.79
CA VAL H 209 -9.53 -33.76 70.88
C VAL H 209 -8.16 -34.44 70.86
N ASN H 210 -7.65 -34.71 69.66
CA ASN H 210 -6.36 -35.36 69.48
C ASN H 210 -5.52 -34.53 68.53
N HIS H 211 -4.33 -34.14 68.99
CA HIS H 211 -3.37 -33.37 68.19
C HIS H 211 -2.06 -34.16 68.18
N LYS H 212 -1.99 -35.14 67.27
CA LYS H 212 -0.81 -36.00 67.15
C LYS H 212 0.52 -35.26 67.01
N PRO H 213 0.64 -34.16 66.24
CA PRO H 213 1.95 -33.50 66.13
C PRO H 213 2.54 -33.08 67.47
N SER H 214 1.72 -32.76 68.46
CA SER H 214 2.21 -32.41 69.79
C SER H 214 2.04 -33.55 70.80
N ASN H 215 1.59 -34.72 70.34
CA ASN H 215 1.37 -35.88 71.22
C ASN H 215 0.42 -35.53 72.36
N THR H 216 -0.71 -34.94 71.99
CA THR H 216 -1.69 -34.46 72.95
C THR H 216 -3.05 -35.10 72.70
N LYS H 217 -3.72 -35.50 73.78
CA LYS H 217 -5.08 -36.04 73.73
C LYS H 217 -5.83 -35.49 74.94
N VAL H 218 -6.83 -34.64 74.68
CA VAL H 218 -7.60 -33.99 75.73
C VAL H 218 -9.05 -34.47 75.65
N ASP H 219 -9.65 -34.70 76.82
CA ASP H 219 -11.05 -35.10 76.93
C ASP H 219 -11.75 -34.08 77.81
N LYS H 220 -12.71 -33.36 77.25
CA LYS H 220 -13.45 -32.34 77.97
C LYS H 220 -14.92 -32.72 77.99
N ARG H 221 -15.49 -32.81 79.20
CA ARG H 221 -16.90 -33.10 79.38
C ARG H 221 -17.71 -31.82 79.32
N VAL H 222 -18.71 -31.79 78.46
CA VAL H 222 -19.56 -30.62 78.25
C VAL H 222 -20.80 -30.77 79.13
N GLU H 223 -20.90 -29.96 80.16
CA GLU H 223 -22.03 -29.93 81.08
C GLU H 223 -22.86 -28.67 80.85
N PRO H 224 -24.17 -28.73 81.10
CA PRO H 224 -25.01 -27.55 80.89
C PRO H 224 -24.64 -26.41 81.82
N LYS H 225 -25.05 -25.20 81.45
CA LYS H 225 -24.75 -24.02 82.23
C LYS H 225 -25.44 -24.07 83.59
N SER H 226 -24.72 -23.66 84.62
CA SER H 226 -25.27 -23.64 85.97
C SER H 226 -26.31 -22.54 86.13
N PRO I 3 -12.36 -6.85 49.08
CA PRO I 3 -12.64 -7.02 47.64
C PRO I 3 -12.99 -5.69 46.97
N VAL I 4 -12.38 -5.44 45.81
CA VAL I 4 -12.61 -4.17 45.12
C VAL I 4 -13.98 -4.14 44.47
N LEU I 5 -14.39 -5.26 43.87
CA LEU I 5 -15.68 -5.35 43.18
C LEU I 5 -16.66 -6.12 44.06
N THR I 6 -17.86 -5.56 44.21
CA THR I 6 -18.87 -6.17 45.07
C THR I 6 -19.61 -7.25 44.30
N GLN I 7 -19.57 -8.47 44.82
CA GLN I 7 -20.28 -9.61 44.26
C GLN I 7 -21.25 -10.17 45.30
N PRO I 8 -22.37 -10.75 44.86
CA PRO I 8 -23.32 -11.32 45.81
C PRO I 8 -22.73 -12.54 46.51
N ALA I 9 -23.30 -12.86 47.68
CA ALA I 9 -22.85 -14.01 48.44
C ALA I 9 -23.12 -15.30 47.66
N SER I 10 -24.34 -15.48 47.19
CA SER I 10 -24.70 -16.66 46.41
C SER I 10 -25.94 -16.38 45.59
N VAL I 11 -26.04 -17.04 44.44
CA VAL I 11 -27.23 -17.04 43.61
C VAL I 11 -27.59 -18.48 43.31
N SER I 12 -28.88 -18.81 43.38
CA SER I 12 -29.33 -20.18 43.23
C SER I 12 -30.47 -20.23 42.22
N GLY I 13 -30.64 -21.42 41.63
CA GLY I 13 -31.70 -21.63 40.66
C GLY I 13 -31.93 -23.10 40.42
N SER I 14 -33.15 -23.44 40.04
CA SER I 14 -33.50 -24.81 39.73
C SER I 14 -32.85 -25.23 38.41
N PRO I 15 -32.64 -26.53 38.21
CA PRO I 15 -32.04 -27.00 36.95
C PRO I 15 -32.88 -26.55 35.75
N GLY I 16 -32.21 -25.95 34.78
CA GLY I 16 -32.88 -25.42 33.60
C GLY I 16 -33.28 -23.96 33.68
N GLN I 17 -33.08 -23.31 34.82
CA GLN I 17 -33.44 -21.92 34.98
C GLN I 17 -32.32 -21.01 34.45
N SER I 18 -32.54 -19.70 34.56
CA SER I 18 -31.56 -18.70 34.16
C SER I 18 -31.30 -17.78 35.34
N ILE I 19 -30.06 -17.76 35.82
CA ILE I 19 -29.67 -16.92 36.94
C ILE I 19 -28.60 -15.94 36.46
N THR I 20 -28.47 -14.84 37.20
CA THR I 20 -27.54 -13.77 36.85
C THR I 20 -26.75 -13.33 38.08
N ILE I 21 -25.46 -13.13 37.90
CA ILE I 21 -24.56 -12.64 38.94
C ILE I 21 -24.16 -11.21 38.59
N SER I 22 -24.30 -10.31 39.56
CA SER I 22 -24.00 -8.90 39.36
C SER I 22 -22.62 -8.58 39.92
N CYS I 23 -21.81 -7.87 39.13
CA CYS I 23 -20.47 -7.45 39.52
C CYS I 23 -20.46 -5.92 39.53
N THR I 24 -20.70 -5.34 40.70
CA THR I 24 -20.78 -3.89 40.84
C THR I 24 -19.43 -3.31 41.22
N GLY I 25 -19.02 -2.27 40.50
CA GLY I 25 -17.76 -1.61 40.78
C GLY I 25 -17.90 -0.10 40.81
N THR I 26 -16.77 0.60 40.86
CA THR I 26 -16.77 2.05 40.87
C THR I 26 -16.69 2.58 39.44
N SER I 27 -16.60 3.91 39.32
CA SER I 27 -16.44 4.53 38.01
C SER I 27 -15.02 4.39 37.47
N SER I 28 -14.04 4.15 38.35
CA SER I 28 -12.65 4.06 37.93
C SER I 28 -12.30 2.70 37.34
N ASP I 29 -13.11 1.67 37.58
CA ASP I 29 -12.78 0.33 37.09
C ASP I 29 -13.81 -0.17 36.08
N VAL I 30 -14.97 -0.63 36.57
CA VAL I 30 -15.98 -1.20 35.68
C VAL I 30 -16.49 -0.15 34.70
N GLY I 31 -16.80 1.05 35.21
CA GLY I 31 -17.34 2.08 34.35
C GLY I 31 -16.33 2.64 33.36
N ALA I 32 -15.05 2.68 33.74
CA ALA I 32 -14.04 3.33 32.91
C ALA I 32 -13.77 2.55 31.64
N TYR I 33 -13.60 1.24 31.76
CA TYR I 33 -13.22 0.39 30.65
C TYR I 33 -14.27 -0.68 30.41
N ASN I 34 -14.17 -1.32 29.24
CA ASN I 34 -15.04 -2.43 28.86
C ASN I 34 -14.31 -3.76 28.88
N TYR I 35 -13.24 -3.87 29.67
CA TYR I 35 -12.51 -5.13 29.84
C TYR I 35 -12.91 -5.74 31.17
N VAL I 36 -14.03 -6.46 31.15
CA VAL I 36 -14.54 -7.18 32.31
C VAL I 36 -14.47 -8.67 32.00
N SER I 37 -13.92 -9.44 32.93
CA SER I 37 -13.72 -10.87 32.75
C SER I 37 -14.40 -11.64 33.88
N TRP I 38 -14.90 -12.82 33.54
CA TRP I 38 -15.56 -13.72 34.48
C TRP I 38 -14.82 -15.04 34.51
N TYR I 39 -14.64 -15.59 35.72
CA TYR I 39 -13.90 -16.84 35.90
C TYR I 39 -14.76 -17.84 36.66
N GLN I 40 -14.69 -19.09 36.24
CA GLN I 40 -15.37 -20.19 36.91
C GLN I 40 -14.33 -21.05 37.59
N GLN I 41 -14.45 -21.20 38.91
CA GLN I 41 -13.49 -21.96 39.71
C GLN I 41 -14.22 -23.10 40.41
N HIS I 42 -13.93 -24.33 40.01
CA HIS I 42 -14.43 -25.50 40.68
C HIS I 42 -13.56 -25.83 41.88
N PRO I 43 -14.11 -26.55 42.87
CA PRO I 43 -13.31 -26.86 44.07
C PRO I 43 -12.03 -27.61 43.73
N GLY I 44 -10.91 -27.05 44.20
CA GLY I 44 -9.60 -27.62 43.97
C GLY I 44 -8.91 -27.17 42.70
N LYS I 45 -9.67 -26.74 41.69
CA LYS I 45 -9.10 -26.31 40.43
C LYS I 45 -8.80 -24.81 40.44
N ALA I 46 -8.12 -24.37 39.38
CA ALA I 46 -7.77 -22.97 39.17
C ALA I 46 -8.91 -22.25 38.46
N PRO I 47 -8.96 -20.92 38.55
CA PRO I 47 -10.01 -20.18 37.85
C PRO I 47 -9.92 -20.38 36.34
N LYS I 48 -11.07 -20.66 35.73
CA LYS I 48 -11.17 -20.87 34.28
C LYS I 48 -11.87 -19.68 33.67
N LEU I 49 -11.21 -19.01 32.73
CA LEU I 49 -11.78 -17.85 32.07
C LEU I 49 -13.04 -18.23 31.30
N ILE I 50 -14.20 -17.81 31.80
CA ILE I 50 -15.46 -18.18 31.18
C ILE I 50 -15.94 -17.10 30.19
N ILE I 51 -15.57 -15.84 30.43
CA ILE I 51 -15.97 -14.73 29.60
C ILE I 51 -14.95 -13.61 29.79
N TYR I 52 -14.55 -12.99 28.67
CA TYR I 52 -13.66 -11.85 28.70
C TYR I 52 -14.27 -10.72 27.88
N GLU I 53 -13.79 -9.51 28.13
CA GLU I 53 -14.27 -8.31 27.45
C GLU I 53 -15.79 -8.19 27.56
N VAL I 54 -16.28 -8.31 28.79
CA VAL I 54 -17.70 -8.15 29.14
C VAL I 54 -18.55 -9.29 28.57
N LYS I 55 -18.62 -9.38 27.24
CA LYS I 55 -19.54 -10.31 26.59
C LYS I 55 -18.88 -11.29 25.63
N ILE I 56 -17.57 -11.23 25.43
CA ILE I 56 -16.91 -12.15 24.51
C ILE I 56 -16.66 -13.48 25.21
N ARG I 57 -16.88 -14.57 24.49
CA ARG I 57 -16.81 -15.91 25.06
C ARG I 57 -15.64 -16.67 24.47
N PRO I 58 -14.76 -17.22 25.29
CA PRO I 58 -13.63 -17.99 24.75
C PRO I 58 -14.10 -19.28 24.09
N SER I 59 -13.30 -19.75 23.14
CA SER I 59 -13.60 -20.99 22.45
C SER I 59 -13.60 -22.16 23.43
N GLY I 60 -14.64 -22.99 23.37
CA GLY I 60 -14.79 -24.11 24.27
C GLY I 60 -15.71 -23.86 25.44
N VAL I 61 -16.19 -22.63 25.62
CA VAL I 61 -17.12 -22.30 26.69
C VAL I 61 -18.53 -22.43 26.17
N SER I 62 -19.39 -23.09 26.95
CA SER I 62 -20.78 -23.31 26.56
C SER I 62 -21.46 -22.00 26.22
N ASN I 63 -22.29 -22.02 25.17
CA ASN I 63 -23.06 -20.86 24.74
C ASN I 63 -24.10 -20.43 25.77
N ARG I 64 -24.24 -21.16 26.87
CA ARG I 64 -25.20 -20.80 27.90
C ARG I 64 -24.73 -19.60 28.73
N PHE I 65 -23.43 -19.34 28.78
CA PHE I 65 -22.89 -18.22 29.52
C PHE I 65 -22.93 -16.95 28.67
N SER I 66 -23.45 -15.87 29.23
CA SER I 66 -23.54 -14.60 28.53
C SER I 66 -23.16 -13.47 29.48
N GLY I 67 -22.58 -12.42 28.93
CA GLY I 67 -22.13 -11.28 29.70
C GLY I 67 -22.86 -10.01 29.33
N SER I 68 -22.98 -9.10 30.30
CA SER I 68 -23.64 -7.82 30.08
C SER I 68 -22.95 -6.76 30.92
N LYS I 69 -23.32 -5.50 30.68
CA LYS I 69 -22.80 -4.39 31.46
C LYS I 69 -23.72 -3.20 31.31
N SER I 70 -23.87 -2.44 32.40
CA SER I 70 -24.69 -1.23 32.39
C SER I 70 -24.11 -0.28 33.43
N GLY I 71 -23.35 0.71 32.95
CA GLY I 71 -22.71 1.67 33.82
C GLY I 71 -21.58 1.08 34.64
N ASN I 72 -21.80 0.93 35.94
CA ASN I 72 -20.79 0.42 36.86
C ASN I 72 -21.05 -1.01 37.32
N THR I 73 -21.97 -1.72 36.66
CA THR I 73 -22.34 -3.07 37.06
C THR I 73 -22.30 -3.99 35.85
N ALA I 74 -21.59 -5.11 35.99
CA ALA I 74 -21.57 -6.16 34.99
C ALA I 74 -22.41 -7.34 35.46
N SER I 75 -22.93 -8.11 34.50
CA SER I 75 -23.86 -9.19 34.80
C SER I 75 -23.49 -10.43 33.99
N LEU I 76 -23.27 -11.54 34.68
CA LEU I 76 -23.04 -12.84 34.06
C LEU I 76 -24.31 -13.68 34.20
N THR I 77 -24.89 -14.06 33.06
CA THR I 77 -26.14 -14.81 33.04
C THR I 77 -25.87 -16.24 32.59
N ILE I 78 -26.31 -17.20 33.38
CA ILE I 78 -26.18 -18.62 33.08
C ILE I 78 -27.59 -19.16 32.86
N SER I 79 -27.99 -19.28 31.59
CA SER I 79 -29.29 -19.84 31.25
C SER I 79 -29.19 -21.36 31.14
N GLY I 80 -30.32 -22.03 31.35
CA GLY I 80 -30.36 -23.48 31.34
C GLY I 80 -29.39 -24.10 32.32
N LEU I 81 -29.59 -23.83 33.60
CA LEU I 81 -28.68 -24.31 34.63
C LEU I 81 -28.52 -25.83 34.57
N GLN I 82 -27.29 -26.29 34.79
CA GLN I 82 -26.97 -27.70 34.85
C GLN I 82 -26.12 -27.97 36.08
N ALA I 83 -26.16 -29.21 36.57
CA ALA I 83 -25.44 -29.57 37.79
C ALA I 83 -23.95 -29.25 37.68
N GLU I 84 -23.37 -29.39 36.49
CA GLU I 84 -21.96 -29.10 36.28
C GLU I 84 -21.62 -27.63 36.47
N ASP I 85 -22.61 -26.74 36.50
CA ASP I 85 -22.37 -25.31 36.65
C ASP I 85 -22.20 -24.89 38.11
N GLU I 86 -22.48 -25.77 39.06
CA GLU I 86 -22.34 -25.43 40.49
C GLU I 86 -20.87 -25.23 40.82
N ALA I 87 -20.45 -23.97 40.92
CA ALA I 87 -19.07 -23.63 41.25
C ALA I 87 -19.04 -22.19 41.74
N ASP I 88 -17.83 -21.72 42.06
CA ASP I 88 -17.64 -20.33 42.47
C ASP I 88 -17.24 -19.50 41.25
N TYR I 89 -17.84 -18.32 41.14
CA TYR I 89 -17.63 -17.43 40.00
C TYR I 89 -17.09 -16.10 40.48
N PHE I 90 -16.06 -15.61 39.80
CA PHE I 90 -15.42 -14.35 40.12
C PHE I 90 -15.47 -13.42 38.91
N CYS I 91 -15.36 -12.13 39.18
CA CYS I 91 -15.33 -11.11 38.14
C CYS I 91 -14.09 -10.24 38.31
N SER I 92 -13.56 -9.76 37.20
CA SER I 92 -12.38 -8.89 37.20
C SER I 92 -12.56 -7.84 36.13
N SER I 93 -11.84 -6.73 36.29
CA SER I 93 -11.94 -5.62 35.34
C SER I 93 -10.64 -4.84 35.34
N TYR I 94 -10.43 -4.09 34.26
CA TYR I 94 -9.35 -3.13 34.20
C TYR I 94 -9.65 -1.98 35.17
N SER I 95 -8.59 -1.35 35.67
CA SER I 95 -8.74 -0.25 36.61
C SER I 95 -7.72 0.84 36.30
N THR I 96 -8.06 2.06 36.72
CA THR I 96 -7.12 3.17 36.57
C THR I 96 -5.98 3.07 37.56
N ASN I 97 -6.22 2.47 38.73
CA ASN I 97 -5.21 2.39 39.78
C ASN I 97 -4.35 1.14 39.68
N SER I 98 -4.90 0.03 39.20
CA SER I 98 -4.18 -1.23 39.13
C SER I 98 -4.55 -1.94 37.83
N PRO I 99 -3.72 -2.87 37.37
CA PRO I 99 -4.05 -3.60 36.14
C PRO I 99 -5.34 -4.43 36.25
N TRP I 100 -5.48 -5.18 37.33
CA TRP I 100 -6.66 -6.02 37.55
C TRP I 100 -7.24 -5.77 38.93
N VAL I 101 -8.57 -5.77 39.01
CA VAL I 101 -9.28 -5.71 40.28
C VAL I 101 -10.34 -6.81 40.27
N PHE I 102 -10.35 -7.64 41.30
CA PHE I 102 -11.21 -8.80 41.36
C PHE I 102 -12.38 -8.56 42.32
N GLY I 103 -13.40 -9.43 42.19
CA GLY I 103 -14.57 -9.36 43.03
C GLY I 103 -14.50 -10.35 44.19
N GLY I 104 -15.43 -10.17 45.12
CA GLY I 104 -15.47 -11.05 46.28
C GLY I 104 -15.74 -12.50 45.91
N GLY I 105 -16.57 -12.72 44.91
CA GLY I 105 -16.89 -14.06 44.48
C GLY I 105 -18.32 -14.46 44.85
N THR I 106 -18.91 -15.29 44.00
CA THR I 106 -20.28 -15.76 44.19
C THR I 106 -20.33 -17.26 43.96
N LYS I 107 -21.06 -17.96 44.82
CA LYS I 107 -21.26 -19.40 44.68
C LYS I 107 -22.61 -19.66 44.03
N VAL I 108 -22.60 -20.32 42.88
CA VAL I 108 -23.82 -20.69 42.18
C VAL I 108 -24.19 -22.11 42.58
N THR I 109 -25.38 -22.26 43.16
CA THR I 109 -25.87 -23.56 43.60
C THR I 109 -27.07 -23.97 42.74
N VAL I 110 -27.04 -25.19 42.23
CA VAL I 110 -28.14 -25.75 41.47
C VAL I 110 -29.06 -26.43 42.49
N LEU I 111 -30.17 -25.77 42.82
CA LEU I 111 -31.08 -26.23 43.85
C LEU I 111 -31.59 -27.64 43.59
N ARG I 112 -31.07 -28.61 44.33
CA ARG I 112 -31.54 -29.99 44.29
C ARG I 112 -32.32 -30.36 45.54
N GLN I 113 -32.56 -29.40 46.45
CA GLN I 113 -33.34 -29.60 47.65
C GLN I 113 -33.87 -28.24 48.10
N PRO I 114 -34.96 -28.22 48.86
CA PRO I 114 -35.55 -26.93 49.24
C PRO I 114 -34.61 -26.09 50.07
N LYS I 115 -34.72 -24.76 49.91
CA LYS I 115 -33.89 -23.82 50.64
C LYS I 115 -34.17 -23.92 52.14
N ALA I 116 -33.09 -23.96 52.92
CA ALA I 116 -33.19 -24.08 54.38
C ALA I 116 -32.54 -22.87 55.04
N ALA I 117 -33.23 -22.29 56.02
CA ALA I 117 -32.70 -21.17 56.77
C ALA I 117 -31.70 -21.65 57.82
N PRO I 118 -30.71 -20.84 58.13
CA PRO I 118 -29.68 -21.26 59.10
C PRO I 118 -30.22 -21.29 60.51
N SER I 119 -29.53 -22.07 61.35
CA SER I 119 -29.85 -22.21 62.77
C SER I 119 -28.68 -21.63 63.56
N VAL I 120 -28.80 -20.35 63.91
CA VAL I 120 -27.72 -19.64 64.58
C VAL I 120 -27.77 -19.94 66.08
N THR I 121 -26.60 -20.24 66.65
CA THR I 121 -26.47 -20.48 68.09
C THR I 121 -25.21 -19.77 68.57
N LEU I 122 -25.39 -18.70 69.33
CA LEU I 122 -24.28 -17.90 69.82
C LEU I 122 -23.87 -18.36 71.21
N PHE I 123 -22.59 -18.67 71.38
CA PHE I 123 -22.05 -19.16 72.64
C PHE I 123 -21.21 -18.08 73.31
N PRO I 124 -21.45 -17.79 74.59
CA PRO I 124 -20.60 -16.83 75.30
C PRO I 124 -19.29 -17.49 75.70
N PRO I 125 -18.29 -16.69 76.10
CA PRO I 125 -17.00 -17.29 76.51
C PRO I 125 -17.17 -18.23 77.69
N SER I 126 -16.44 -19.35 77.63
CA SER I 126 -16.54 -20.38 78.65
C SER I 126 -15.98 -19.90 79.99
N SER I 127 -16.40 -20.58 81.05
CA SER I 127 -15.86 -20.27 82.38
C SER I 127 -14.39 -20.63 82.47
N GLU I 128 -14.00 -21.76 81.88
CA GLU I 128 -12.59 -22.13 81.85
C GLU I 128 -11.77 -21.15 81.01
N GLU I 129 -12.36 -20.63 79.93
CA GLU I 129 -11.63 -19.71 79.06
C GLU I 129 -11.37 -18.38 79.75
N LEU I 130 -12.40 -17.81 80.38
CA LEU I 130 -12.24 -16.55 81.07
C LEU I 130 -11.23 -16.66 82.22
N GLN I 131 -11.11 -17.85 82.81
CA GLN I 131 -10.09 -18.06 83.84
C GLN I 131 -8.68 -18.09 83.24
N ALA I 132 -8.56 -18.23 81.93
CA ALA I 132 -7.27 -18.14 81.24
C ALA I 132 -7.03 -16.76 80.64
N ASN I 133 -7.75 -15.74 81.14
CA ASN I 133 -7.60 -14.36 80.67
C ASN I 133 -7.88 -14.22 79.18
N LYS I 134 -8.74 -15.07 78.64
CA LYS I 134 -9.12 -15.02 77.24
C LYS I 134 -10.63 -15.21 77.11
N ALA I 135 -11.19 -14.69 76.03
CA ALA I 135 -12.63 -14.79 75.78
C ALA I 135 -12.88 -14.85 74.28
N THR I 136 -13.60 -15.87 73.84
CA THR I 136 -13.95 -16.05 72.44
C THR I 136 -15.45 -16.27 72.32
N LEU I 137 -16.08 -15.57 71.38
CA LEU I 137 -17.49 -15.74 71.09
C LEU I 137 -17.63 -16.63 69.87
N VAL I 138 -18.28 -17.79 70.05
CA VAL I 138 -18.44 -18.78 68.99
C VAL I 138 -19.87 -18.69 68.46
N CYS I 139 -19.99 -18.33 67.18
CA CYS I 139 -21.28 -18.26 66.50
C CYS I 139 -21.32 -19.41 65.49
N LEU I 140 -22.21 -20.37 65.72
CA LEU I 140 -22.26 -21.58 64.92
C LEU I 140 -23.49 -21.56 64.02
N ILE I 141 -23.27 -21.56 62.72
CA ILE I 141 -24.32 -21.54 61.71
C ILE I 141 -24.42 -22.94 61.12
N SER I 142 -25.62 -23.53 61.16
CA SER I 142 -25.79 -24.91 60.72
C SER I 142 -27.14 -25.08 60.03
N ASP I 143 -27.23 -26.17 59.26
CA ASP I 143 -28.46 -26.61 58.60
C ASP I 143 -29.06 -25.51 57.72
N PHE I 144 -28.25 -25.04 56.77
CA PHE I 144 -28.71 -24.06 55.80
C PHE I 144 -28.30 -24.50 54.40
N TYR I 145 -29.14 -24.15 53.42
CA TYR I 145 -28.94 -24.47 52.02
C TYR I 145 -29.60 -23.36 51.23
N PRO I 146 -28.93 -22.76 50.24
CA PRO I 146 -27.58 -23.08 49.73
C PRO I 146 -26.45 -22.75 50.70
N GLY I 147 -25.29 -23.36 50.47
CA GLY I 147 -24.15 -23.21 51.35
C GLY I 147 -23.34 -21.96 51.15
N ALA I 148 -23.87 -20.81 51.57
CA ALA I 148 -23.14 -19.55 51.50
C ALA I 148 -23.82 -18.49 52.36
N VAL I 149 -23.11 -18.00 53.38
CA VAL I 149 -23.63 -16.98 54.28
C VAL I 149 -22.57 -15.90 54.46
N THR I 150 -22.99 -14.81 55.11
CA THR I 150 -22.10 -13.68 55.40
C THR I 150 -22.41 -13.21 56.81
N VAL I 151 -21.48 -13.39 57.74
CA VAL I 151 -21.70 -13.07 59.14
C VAL I 151 -21.26 -11.63 59.41
N ALA I 152 -21.86 -11.03 60.43
CA ALA I 152 -21.51 -9.69 60.87
C ALA I 152 -21.71 -9.62 62.38
N TRP I 153 -20.75 -9.00 63.06
CA TRP I 153 -20.75 -8.92 64.52
C TRP I 153 -21.10 -7.52 64.99
N LYS I 154 -21.75 -7.45 66.14
CA LYS I 154 -22.14 -6.19 66.76
C LYS I 154 -21.76 -6.20 68.23
N ALA I 155 -21.47 -5.01 68.75
CA ALA I 155 -21.20 -4.78 70.18
C ALA I 155 -22.01 -3.56 70.59
N ASP I 156 -23.17 -3.80 71.19
CA ASP I 156 -24.13 -2.74 71.54
C ASP I 156 -24.56 -2.00 70.27
N SER I 157 -25.00 -2.77 69.27
CA SER I 157 -25.44 -2.29 67.97
C SER I 157 -24.33 -1.60 67.18
N SER I 158 -23.08 -1.71 67.63
CA SER I 158 -21.95 -1.12 66.92
C SER I 158 -21.22 -2.21 66.16
N PRO I 159 -21.02 -2.07 64.85
CA PRO I 159 -20.38 -3.14 64.07
C PRO I 159 -18.94 -3.38 64.52
N VAL I 160 -18.57 -4.65 64.60
CA VAL I 160 -17.23 -5.07 64.99
C VAL I 160 -16.58 -5.77 63.80
N LYS I 161 -15.34 -5.41 63.52
CA LYS I 161 -14.58 -6.01 62.42
C LYS I 161 -13.27 -6.64 62.86
N ALA I 162 -12.53 -5.98 63.75
CA ALA I 162 -11.25 -6.52 64.20
C ALA I 162 -11.45 -7.76 65.04
N GLY I 163 -10.52 -8.71 64.93
CA GLY I 163 -10.58 -9.93 65.69
C GLY I 163 -11.74 -10.84 65.36
N VAL I 164 -12.16 -10.88 64.10
CA VAL I 164 -13.25 -11.73 63.64
C VAL I 164 -12.70 -12.69 62.60
N GLU I 165 -12.94 -13.98 62.80
CA GLU I 165 -12.50 -15.02 61.88
C GLU I 165 -13.65 -16.00 61.65
N THR I 166 -13.94 -16.27 60.39
CA THR I 166 -15.07 -17.11 60.01
C THR I 166 -14.62 -18.20 59.05
N THR I 167 -15.22 -19.38 59.17
CA THR I 167 -14.93 -20.50 58.30
C THR I 167 -15.83 -20.44 57.06
N THR I 168 -15.45 -21.21 56.04
CA THR I 168 -16.28 -21.35 54.85
C THR I 168 -17.33 -22.44 55.07
N PRO I 169 -18.51 -22.29 54.48
CA PRO I 169 -19.58 -23.28 54.69
C PRO I 169 -19.15 -24.67 54.25
N SER I 170 -19.14 -25.60 55.20
CA SER I 170 -18.79 -26.99 54.96
C SER I 170 -20.04 -27.86 54.97
N LYS I 171 -20.07 -28.86 54.09
CA LYS I 171 -21.23 -29.73 53.97
C LYS I 171 -21.34 -30.65 55.18
N GLN I 172 -22.56 -30.82 55.68
CA GLN I 172 -22.83 -31.69 56.81
C GLN I 172 -23.20 -33.09 56.31
N SER I 173 -23.57 -33.96 57.25
CA SER I 173 -23.98 -35.32 56.90
C SER I 173 -25.29 -35.32 56.15
N ASN I 174 -26.21 -34.41 56.48
CA ASN I 174 -27.53 -34.34 55.87
C ASN I 174 -27.54 -33.56 54.56
N ASN I 175 -26.38 -33.41 53.92
CA ASN I 175 -26.17 -32.67 52.68
C ASN I 175 -26.42 -31.17 52.82
N LYS I 176 -26.74 -30.69 54.03
CA LYS I 176 -26.82 -29.26 54.30
C LYS I 176 -25.45 -28.75 54.69
N TYR I 177 -25.32 -27.42 54.75
CA TYR I 177 -24.05 -26.78 55.00
C TYR I 177 -24.04 -26.12 56.38
N ALA I 178 -22.84 -25.92 56.90
CA ALA I 178 -22.64 -25.33 58.22
C ALA I 178 -21.39 -24.45 58.21
N ALA I 179 -21.44 -23.36 58.95
CA ALA I 179 -20.32 -22.42 59.03
C ALA I 179 -20.12 -22.01 60.49
N SER I 180 -18.92 -21.48 60.77
CA SER I 180 -18.54 -21.09 62.11
C SER I 180 -17.79 -19.76 62.07
N SER I 181 -18.11 -18.88 63.02
CA SER I 181 -17.47 -17.58 63.15
C SER I 181 -17.02 -17.36 64.59
N TYR I 182 -15.89 -16.70 64.77
CA TYR I 182 -15.31 -16.48 66.08
C TYR I 182 -15.00 -14.99 66.27
N LEU I 183 -15.21 -14.50 67.49
CA LEU I 183 -14.86 -13.13 67.87
C LEU I 183 -13.97 -13.23 69.11
N SER I 184 -12.66 -13.06 68.93
CA SER I 184 -11.71 -13.11 70.03
C SER I 184 -11.56 -11.72 70.64
N LEU I 185 -11.65 -11.65 71.97
CA LEU I 185 -11.50 -10.38 72.68
C LEU I 185 -11.01 -10.66 74.09
N THR I 186 -10.54 -9.60 74.74
CA THR I 186 -10.07 -9.68 76.12
C THR I 186 -11.25 -9.75 77.08
N PRO I 187 -11.05 -10.36 78.26
CA PRO I 187 -12.14 -10.37 79.25
C PRO I 187 -12.61 -8.99 79.65
N GLU I 188 -11.75 -7.98 79.57
CA GLU I 188 -12.18 -6.61 79.85
C GLU I 188 -13.19 -6.13 78.82
N GLN I 189 -12.97 -6.44 77.55
CA GLN I 189 -13.91 -6.06 76.51
C GLN I 189 -15.25 -6.77 76.68
N TRP I 190 -15.22 -8.03 77.12
CA TRP I 190 -16.44 -8.81 77.27
C TRP I 190 -17.41 -8.15 78.25
N LYS I 191 -16.94 -7.87 79.47
CA LYS I 191 -17.79 -7.26 80.47
C LYS I 191 -18.00 -5.76 80.25
N SER I 192 -17.27 -5.14 79.32
CA SER I 192 -17.42 -3.72 79.08
C SER I 192 -18.76 -3.40 78.42
N HIS I 193 -19.07 -4.09 77.33
CA HIS I 193 -20.26 -3.78 76.55
C HIS I 193 -21.50 -4.46 77.13
N ARG I 194 -22.66 -3.93 76.75
CA ARG I 194 -23.93 -4.47 77.24
C ARG I 194 -24.21 -5.84 76.64
N SER I 195 -24.15 -5.97 75.31
CA SER I 195 -24.48 -7.22 74.66
C SER I 195 -23.72 -7.34 73.36
N TYR I 196 -23.51 -8.60 72.94
CA TYR I 196 -22.83 -8.91 71.68
C TYR I 196 -23.76 -9.70 70.80
N SER I 197 -23.82 -9.34 69.52
CA SER I 197 -24.74 -9.95 68.56
C SER I 197 -23.97 -10.60 67.42
N CYS I 198 -24.61 -11.59 66.79
CA CYS I 198 -24.08 -12.28 65.62
C CYS I 198 -25.14 -12.26 64.54
N GLN I 199 -24.89 -11.50 63.47
CA GLN I 199 -25.84 -11.34 62.36
C GLN I 199 -25.41 -12.24 61.21
N VAL I 200 -26.25 -13.22 60.89
CA VAL I 200 -26.00 -14.17 59.81
C VAL I 200 -27.00 -13.90 58.69
N THR I 201 -26.49 -13.56 57.51
CA THR I 201 -27.33 -13.28 56.35
C THR I 201 -27.27 -14.46 55.39
N HIS I 202 -28.43 -15.02 55.06
CA HIS I 202 -28.53 -16.15 54.14
C HIS I 202 -29.64 -15.89 53.13
N GLU I 203 -29.27 -15.75 51.87
CA GLU I 203 -30.21 -15.58 50.75
C GLU I 203 -31.20 -14.44 51.02
N GLY I 204 -30.65 -13.29 51.42
CA GLY I 204 -31.43 -12.10 51.63
C GLY I 204 -32.17 -12.00 52.95
N SER I 205 -32.23 -13.09 53.73
CA SER I 205 -32.88 -13.08 55.03
C SER I 205 -31.82 -13.26 56.10
N THR I 206 -31.84 -12.38 57.11
CA THR I 206 -30.83 -12.35 58.15
C THR I 206 -31.38 -12.90 59.45
N VAL I 207 -30.58 -13.72 60.12
CA VAL I 207 -30.90 -14.25 61.44
C VAL I 207 -29.88 -13.72 62.43
N GLU I 208 -30.35 -13.26 63.58
CA GLU I 208 -29.50 -12.61 64.57
C GLU I 208 -29.72 -13.23 65.95
N LYS I 209 -28.63 -13.44 66.67
CA LYS I 209 -28.66 -13.94 68.04
C LYS I 209 -27.75 -13.07 68.90
N THR I 210 -28.24 -12.71 70.08
CA THR I 210 -27.53 -11.80 70.97
C THR I 210 -27.30 -12.46 72.33
N VAL I 211 -26.13 -12.19 72.92
CA VAL I 211 -25.78 -12.68 74.24
C VAL I 211 -25.26 -11.51 75.07
N ALA I 212 -25.38 -11.65 76.38
CA ALA I 212 -24.94 -10.64 77.33
C ALA I 212 -24.14 -11.29 78.45
N PRO I 213 -23.23 -10.54 79.08
CA PRO I 213 -22.45 -11.11 80.20
C PRO I 213 -23.26 -11.37 81.45
N THR I 214 -24.49 -10.88 81.53
CA THR I 214 -25.33 -11.08 82.72
C THR I 214 -25.77 -12.54 82.83
N PHE J 3 -6.90 -1.25 2.83
CA PHE J 3 -7.50 -1.82 4.03
C PHE J 3 -6.69 -1.45 5.27
N THR J 4 -7.34 -1.49 6.43
CA THR J 4 -6.67 -1.13 7.67
C THR J 4 -7.05 -2.07 8.81
N TRP J 5 -7.95 -3.01 8.59
CA TRP J 5 -8.38 -3.93 9.64
C TRP J 5 -7.21 -4.76 10.14
N THR J 6 -7.03 -4.77 11.46
CA THR J 6 -6.01 -5.59 12.11
C THR J 6 -6.69 -6.80 12.73
N LEU J 7 -6.34 -8.00 12.24
CA LEU J 7 -6.91 -9.23 12.73
C LEU J 7 -6.00 -9.87 13.76
N SER J 8 -6.61 -10.44 14.80
CA SER J 8 -5.87 -11.09 15.86
C SER J 8 -6.83 -11.99 16.63
N ASP J 9 -6.38 -13.21 16.92
CA ASP J 9 -7.20 -14.18 17.63
C ASP J 9 -6.96 -13.99 19.13
N SER J 10 -7.87 -13.29 19.79
CA SER J 10 -7.79 -13.15 21.23
C SER J 10 -7.95 -14.49 21.91
N GLU J 11 -7.24 -14.69 23.02
CA GLU J 11 -7.27 -15.88 23.85
C GLU J 11 -6.61 -17.08 23.16
N GLY J 12 -6.16 -16.92 21.91
CA GLY J 12 -5.43 -17.96 21.20
C GLY J 12 -4.30 -18.57 22.01
N LYS J 13 -4.27 -19.90 22.07
CA LYS J 13 -3.40 -20.59 23.02
C LYS J 13 -1.94 -20.60 22.56
N ASP J 14 -1.70 -21.04 21.32
CA ASP J 14 -0.34 -21.30 20.86
C ASP J 14 0.52 -20.05 20.86
N THR J 15 0.27 -19.13 19.93
CA THR J 15 1.04 -17.90 19.80
C THR J 15 0.07 -16.75 19.56
N PRO J 16 0.47 -15.53 19.91
CA PRO J 16 -0.36 -14.37 19.59
C PRO J 16 -0.14 -13.92 18.15
N GLY J 17 -1.25 -13.57 17.48
CA GLY J 17 -1.22 -13.13 16.12
C GLY J 17 -1.69 -14.14 15.09
N GLY J 18 -1.66 -15.44 15.43
CA GLY J 18 -2.14 -16.45 14.51
C GLY J 18 -3.65 -16.51 14.43
N TYR J 19 -4.13 -17.26 13.45
CA TYR J 19 -5.57 -17.39 13.21
C TYR J 19 -5.94 -18.84 12.97
N CYS J 20 -7.09 -19.24 13.49
CA CYS J 20 -7.65 -20.57 13.29
C CYS J 20 -9.01 -20.45 12.62
N LEU J 21 -9.24 -21.29 11.61
CA LEU J 21 -10.53 -21.34 10.92
C LEU J 21 -11.32 -22.51 11.50
N THR J 22 -12.47 -22.20 12.11
CA THR J 22 -13.27 -23.20 12.78
C THR J 22 -13.88 -24.18 11.77
N ARG J 23 -14.46 -25.25 12.32
CA ARG J 23 -15.12 -26.26 11.49
C ARG J 23 -16.33 -25.68 10.76
N TRP J 24 -16.93 -24.62 11.29
CA TRP J 24 -18.03 -23.97 10.59
C TRP J 24 -17.55 -23.03 9.48
N MET J 25 -16.33 -22.50 9.62
CA MET J 25 -15.80 -21.61 8.59
C MET J 25 -15.41 -22.38 7.33
N LEU J 26 -15.05 -23.66 7.47
CA LEU J 26 -14.70 -24.52 6.36
C LEU J 26 -15.85 -25.47 6.04
N ILE J 27 -15.86 -25.95 4.80
CA ILE J 27 -16.89 -26.88 4.33
C ILE J 27 -16.30 -28.29 4.27
N GLU J 28 -16.98 -29.23 4.91
CA GLU J 28 -16.59 -30.63 4.97
C GLU J 28 -15.11 -30.79 5.37
N ALA J 29 -14.73 -30.09 6.43
CA ALA J 29 -13.36 -30.14 6.92
C ALA J 29 -13.35 -29.74 8.39
N GLU J 30 -12.32 -30.21 9.09
CA GLU J 30 -12.11 -29.86 10.48
C GLU J 30 -11.42 -28.51 10.60
N LEU J 31 -11.30 -28.02 11.83
CA LEU J 31 -10.69 -26.73 12.06
C LEU J 31 -9.20 -26.78 11.71
N LYS J 32 -8.70 -25.67 11.15
CA LYS J 32 -7.31 -25.56 10.72
C LYS J 32 -6.73 -24.26 11.24
N CYS J 33 -5.53 -24.35 11.81
CA CYS J 33 -4.81 -23.20 12.35
C CYS J 33 -3.58 -22.91 11.52
N PHE J 34 -3.20 -21.63 11.46
CA PHE J 34 -2.05 -21.19 10.69
C PHE J 34 -1.11 -20.37 11.57
N GLY J 35 0.18 -20.54 11.36
CA GLY J 35 1.19 -19.91 12.18
C GLY J 35 1.28 -18.41 12.00
N ASN J 36 2.05 -17.79 12.91
CA ASN J 36 2.25 -16.34 12.86
C ASN J 36 3.01 -15.94 11.60
N THR J 37 4.07 -16.68 11.26
CA THR J 37 4.90 -16.32 10.11
C THR J 37 4.06 -16.25 8.83
N ALA J 38 3.06 -17.13 8.70
CA ALA J 38 2.20 -17.11 7.52
C ALA J 38 1.26 -15.91 7.55
N VAL J 39 0.45 -15.79 8.59
CA VAL J 39 -0.56 -14.75 8.67
C VAL J 39 0.02 -13.35 8.77
N ALA J 40 1.28 -13.21 9.20
CA ALA J 40 1.89 -11.89 9.29
C ALA J 40 1.96 -11.20 7.93
N LYS J 41 2.05 -11.98 6.85
CA LYS J 41 2.09 -11.41 5.51
C LYS J 41 0.77 -10.73 5.14
N CYS J 42 -0.32 -11.07 5.82
CA CYS J 42 -1.61 -10.47 5.50
C CYS J 42 -1.60 -8.96 5.73
N ASN J 43 -1.01 -8.51 6.83
CA ASN J 43 -0.91 -7.08 7.09
C ASN J 43 0.12 -6.41 6.19
N GLU J 44 1.15 -7.15 5.79
CA GLU J 44 2.20 -6.59 4.93
C GLU J 44 1.72 -6.47 3.49
N LYS J 45 1.44 -7.60 2.84
CA LYS J 45 1.12 -7.60 1.43
C LYS J 45 -0.33 -7.17 1.18
N HIS J 46 -0.55 -6.69 -0.03
CA HIS J 46 -1.87 -6.27 -0.51
C HIS J 46 -2.38 -7.19 -1.60
N ASP J 47 -1.66 -8.27 -1.91
CA ASP J 47 -1.89 -9.09 -3.09
C ASP J 47 -2.24 -10.53 -2.74
N GLU J 48 -2.90 -10.75 -1.61
CA GLU J 48 -3.31 -12.09 -1.18
C GLU J 48 -4.81 -12.14 -1.01
N GLU J 49 -5.46 -13.04 -1.76
CA GLU J 49 -6.92 -13.17 -1.66
C GLU J 49 -7.32 -13.82 -0.33
N PHE J 50 -6.55 -14.82 0.11
CA PHE J 50 -6.88 -15.53 1.35
C PHE J 50 -6.92 -14.59 2.53
N CYS J 51 -6.02 -13.60 2.57
CA CYS J 51 -6.01 -12.63 3.66
C CYS J 51 -7.28 -11.80 3.68
N ASP J 52 -7.78 -11.43 2.50
CA ASP J 52 -9.04 -10.68 2.44
C ASP J 52 -10.19 -11.47 3.02
N MET J 53 -10.18 -12.80 2.85
CA MET J 53 -11.23 -13.63 3.42
C MET J 53 -11.12 -13.71 4.94
N LEU J 54 -9.90 -13.74 5.46
CA LEU J 54 -9.71 -13.77 6.91
C LEU J 54 -10.28 -12.51 7.57
N ARG J 55 -10.04 -11.35 6.96
CA ARG J 55 -10.58 -10.11 7.52
C ARG J 55 -12.11 -10.07 7.41
N LEU J 56 -12.68 -10.69 6.38
CA LEU J 56 -14.14 -10.78 6.30
C LEU J 56 -14.69 -11.71 7.37
N PHE J 57 -14.08 -12.88 7.53
CA PHE J 57 -14.53 -13.83 8.55
C PHE J 57 -14.31 -13.27 9.95
N ASP J 58 -13.22 -12.53 10.16
CA ASP J 58 -12.97 -11.93 11.47
C ASP J 58 -13.94 -10.78 11.72
N PHE J 59 -14.16 -9.93 10.71
CA PHE J 59 -15.13 -8.83 10.87
C PHE J 59 -16.53 -9.37 11.10
N ASN J 60 -16.92 -10.41 10.35
CA ASN J 60 -18.21 -11.03 10.57
C ASN J 60 -18.32 -11.59 11.99
N LYS J 61 -17.27 -12.26 12.46
CA LYS J 61 -17.27 -12.76 13.83
C LYS J 61 -17.28 -11.60 14.83
N GLN J 62 -16.43 -10.60 14.60
CA GLN J 62 -16.32 -9.49 15.53
C GLN J 62 -17.64 -8.71 15.61
N ALA J 63 -18.27 -8.47 14.46
CA ALA J 63 -19.52 -7.71 14.45
C ALA J 63 -20.64 -8.47 15.16
N ILE J 64 -20.65 -9.79 15.02
CA ILE J 64 -21.73 -10.60 15.61
C ILE J 64 -21.69 -10.52 17.13
N GLN J 65 -20.52 -10.79 17.73
CA GLN J 65 -20.44 -10.88 19.19
C GLN J 65 -20.55 -9.52 19.87
N ARG J 66 -20.06 -8.45 19.23
CA ARG J 66 -20.01 -7.14 19.85
C ARG J 66 -21.18 -6.22 19.50
N LEU J 67 -22.11 -6.64 18.65
CA LEU J 67 -23.18 -5.75 18.22
C LEU J 67 -24.54 -6.43 18.30
N LYS J 68 -25.57 -5.60 18.20
CA LYS J 68 -26.97 -6.02 18.28
C LYS J 68 -27.60 -5.89 16.89
N ALA J 69 -27.91 -7.04 16.29
CA ALA J 69 -28.55 -7.02 14.98
C ALA J 69 -29.98 -6.49 15.10
N PRO J 70 -30.43 -5.66 14.15
CA PRO J 70 -31.80 -5.12 14.21
C PRO J 70 -32.86 -6.17 13.90
N THR J 73 -31.20 -5.37 7.20
CA THR J 73 -30.69 -6.10 8.35
C THR J 73 -29.16 -6.04 8.43
N SER J 74 -28.66 -4.96 9.04
CA SER J 74 -27.23 -4.74 9.25
C SER J 74 -26.45 -4.68 7.94
N ILE J 75 -27.07 -4.14 6.90
CA ILE J 75 -26.38 -3.99 5.61
C ILE J 75 -25.52 -2.74 5.59
N GLN J 76 -25.94 -1.68 6.29
CA GLN J 76 -25.19 -0.44 6.31
C GLN J 76 -23.78 -0.64 6.87
N LEU J 77 -23.61 -1.56 7.81
CA LEU J 77 -22.31 -1.75 8.45
C LEU J 77 -21.25 -2.16 7.44
N ILE J 78 -21.53 -3.21 6.65
CA ILE J 78 -20.54 -3.68 5.69
C ILE J 78 -20.30 -2.63 4.61
N ASN J 79 -21.35 -1.93 4.17
CA ASN J 79 -21.23 -0.93 3.11
C ASN J 79 -20.27 0.20 3.46
N LYS J 80 -19.81 0.29 4.71
CA LYS J 80 -18.85 1.31 5.11
C LYS J 80 -17.47 0.76 5.39
N ALA J 81 -17.37 -0.51 5.80
CA ALA J 81 -16.09 -1.15 6.11
C ALA J 81 -15.54 -1.96 4.94
N VAL J 82 -16.22 -1.95 3.78
CA VAL J 82 -15.79 -2.74 2.63
C VAL J 82 -14.34 -2.44 2.28
N ASN J 83 -14.03 -1.16 2.06
CA ASN J 83 -12.68 -0.78 1.64
C ASN J 83 -11.65 -0.99 2.74
N ALA J 84 -12.07 -1.03 4.00
CA ALA J 84 -11.16 -1.25 5.12
C ALA J 84 -10.88 -2.72 5.40
N LEU J 85 -11.59 -3.64 4.77
CA LEU J 85 -11.41 -5.06 5.00
C LEU J 85 -10.76 -5.79 3.84
N ILE J 86 -11.32 -5.65 2.64
CA ILE J 86 -10.84 -6.37 1.47
C ILE J 86 -10.17 -5.40 0.51
N ASN J 87 -9.42 -5.95 -0.43
CA ASN J 87 -8.80 -5.17 -1.50
C ASN J 87 -9.77 -5.19 -2.69
N ASP J 88 -10.41 -4.05 -2.93
CA ASP J 88 -11.40 -3.98 -4.01
C ASP J 88 -10.76 -4.23 -5.37
N GLN J 89 -9.56 -3.71 -5.60
CA GLN J 89 -8.89 -3.91 -6.88
C GLN J 89 -8.43 -5.35 -7.08
N LEU J 90 -8.24 -6.11 -6.00
CA LEU J 90 -7.95 -7.53 -6.14
C LEU J 90 -9.13 -8.28 -6.71
N ILE J 91 -10.36 -7.85 -6.37
CA ILE J 91 -11.55 -8.40 -7.02
C ILE J 91 -11.55 -8.04 -8.50
N MET J 92 -11.20 -6.79 -8.81
CA MET J 92 -11.15 -6.36 -10.21
C MET J 92 -10.13 -7.15 -11.02
N LYS J 93 -8.98 -7.46 -10.42
CA LYS J 93 -7.97 -8.25 -11.12
C LYS J 93 -8.52 -9.59 -11.56
N ASN J 94 -9.18 -10.31 -10.65
CA ASN J 94 -9.71 -11.62 -10.98
C ASN J 94 -10.80 -11.52 -12.04
N HIS J 95 -11.60 -10.45 -12.01
CA HIS J 95 -12.60 -10.25 -13.05
C HIS J 95 -11.95 -10.01 -14.40
N LEU J 96 -10.87 -9.23 -14.43
CA LEU J 96 -10.15 -9.01 -15.69
C LEU J 96 -9.56 -10.32 -16.21
N ARG J 97 -9.07 -11.17 -15.32
CA ARG J 97 -8.54 -12.46 -15.73
C ARG J 97 -9.64 -13.36 -16.30
N ASP J 98 -10.82 -13.35 -15.69
CA ASP J 98 -11.93 -14.12 -16.21
C ASP J 98 -12.40 -13.58 -17.56
N ILE J 99 -12.43 -12.25 -17.71
CA ILE J 99 -12.86 -11.65 -18.97
C ILE J 99 -11.88 -12.00 -20.10
N MET J 100 -10.60 -12.13 -19.77
CA MET J 100 -9.58 -12.50 -20.75
C MET J 100 -9.35 -14.01 -20.80
N CYS J 101 -10.19 -14.79 -20.11
CA CYS J 101 -10.12 -16.24 -20.13
C CYS J 101 -8.77 -16.75 -19.61
N ILE J 102 -8.26 -16.08 -18.60
CA ILE J 102 -7.07 -16.49 -17.85
C ILE J 102 -7.59 -17.23 -16.62
N PRO J 103 -6.87 -18.21 -16.06
CA PRO J 103 -7.35 -18.82 -14.81
C PRO J 103 -7.40 -17.80 -13.69
N TYR J 104 -8.58 -17.67 -13.09
CA TYR J 104 -8.84 -16.68 -12.06
C TYR J 104 -9.23 -17.38 -10.76
N CYS J 105 -9.30 -16.59 -9.70
CA CYS J 105 -9.60 -17.07 -8.36
C CYS J 105 -11.04 -16.70 -8.00
N ASN J 106 -11.87 -17.70 -7.73
CA ASN J 106 -13.23 -17.46 -7.27
C ASN J 106 -13.34 -17.56 -5.75
N TYR J 107 -12.21 -17.47 -5.04
CA TYR J 107 -12.11 -17.26 -3.60
C TYR J 107 -12.62 -18.43 -2.77
N SER J 108 -12.90 -19.58 -3.38
CA SER J 108 -13.43 -20.72 -2.63
C SER J 108 -12.32 -21.65 -2.14
N LYS J 109 -11.47 -22.12 -3.05
CA LYS J 109 -10.46 -23.12 -2.73
C LYS J 109 -9.07 -22.49 -2.66
N TYR J 110 -8.26 -23.02 -1.76
CA TYR J 110 -6.89 -22.57 -1.55
C TYR J 110 -6.00 -23.79 -1.35
N TRP J 111 -4.70 -23.60 -1.56
CA TRP J 111 -3.72 -24.66 -1.40
C TRP J 111 -2.52 -24.16 -0.62
N TYR J 112 -1.95 -25.03 0.21
CA TYR J 112 -0.80 -24.68 1.02
C TYR J 112 0.08 -25.91 1.22
N LEU J 113 1.31 -25.68 1.67
CA LEU J 113 2.29 -26.73 1.91
C LEU J 113 2.44 -26.91 3.42
N ASN J 114 2.06 -28.09 3.91
CA ASN J 114 2.12 -28.43 5.32
C ASN J 114 3.28 -29.38 5.58
N HIS J 115 4.15 -29.01 6.52
CA HIS J 115 5.29 -29.85 6.86
C HIS J 115 4.81 -31.13 7.56
N THR J 116 5.29 -32.28 7.07
CA THR J 116 4.84 -33.55 7.62
C THR J 116 5.20 -33.70 9.10
N THR J 117 6.37 -33.20 9.49
CA THR J 117 6.85 -33.33 10.87
C THR J 117 6.80 -32.03 11.64
N THR J 118 7.33 -30.95 11.07
CA THR J 118 7.34 -29.67 11.77
C THR J 118 5.93 -29.14 11.99
N GLY J 119 5.11 -29.13 10.92
CA GLY J 119 3.79 -28.57 10.97
C GLY J 119 3.69 -27.14 10.47
N ARG J 120 4.80 -26.53 10.09
CA ARG J 120 4.77 -25.18 9.54
C ARG J 120 4.13 -25.19 8.16
N THR J 121 3.19 -24.28 7.95
CA THR J 121 2.49 -24.17 6.67
C THR J 121 2.75 -22.80 6.04
N SER J 122 2.65 -22.76 4.72
CA SER J 122 2.73 -21.50 4.01
C SER J 122 1.39 -20.78 4.03
N LEU J 123 1.39 -19.54 3.60
CA LEU J 123 0.14 -18.81 3.46
C LEU J 123 -0.61 -19.40 2.27
N PRO J 124 -1.79 -19.95 2.47
CA PRO J 124 -2.49 -20.64 1.36
C PRO J 124 -2.83 -19.68 0.22
N LYS J 125 -2.29 -19.97 -0.95
CA LYS J 125 -2.59 -19.23 -2.16
C LYS J 125 -3.85 -19.79 -2.80
N CYS J 126 -4.53 -18.95 -3.58
CA CYS J 126 -5.82 -19.34 -4.15
C CYS J 126 -5.64 -20.39 -5.24
N TRP J 127 -6.60 -21.31 -5.31
CA TRP J 127 -6.65 -22.33 -6.34
C TRP J 127 -7.45 -21.80 -7.52
N LEU J 128 -6.76 -21.51 -8.62
CA LEU J 128 -7.41 -20.89 -9.77
C LEU J 128 -8.34 -21.86 -10.48
N VAL J 129 -9.35 -21.31 -11.17
CA VAL J 129 -10.36 -22.09 -11.86
C VAL J 129 -10.46 -21.62 -13.31
N SER J 130 -10.68 -22.56 -14.22
CA SER J 130 -10.82 -22.27 -15.64
C SER J 130 -11.98 -23.10 -16.19
N ASN J 131 -13.01 -22.43 -16.70
CA ASN J 131 -14.22 -23.09 -17.22
C ASN J 131 -14.87 -23.93 -16.13
N GLY J 132 -15.08 -23.30 -14.96
CA GLY J 132 -15.74 -23.97 -13.87
C GLY J 132 -15.03 -25.19 -13.35
N SER J 133 -13.76 -25.38 -13.69
CA SER J 133 -12.98 -26.53 -13.25
C SER J 133 -11.66 -26.06 -12.67
N TYR J 134 -11.35 -26.51 -11.46
CA TYR J 134 -10.09 -26.16 -10.82
C TYR J 134 -8.92 -26.73 -11.62
N LEU J 135 -7.83 -25.96 -11.67
CA LEU J 135 -6.64 -26.41 -12.40
C LEU J 135 -6.04 -27.63 -11.73
N ASN J 136 -5.50 -28.54 -12.55
CA ASN J 136 -4.79 -29.68 -11.99
C ASN J 136 -3.51 -29.23 -11.32
N GLU J 137 -2.98 -30.10 -10.45
CA GLU J 137 -1.72 -29.80 -9.78
C GLU J 137 -0.59 -29.57 -10.77
N THR J 138 -0.64 -30.23 -11.93
CA THR J 138 0.42 -30.10 -12.93
C THR J 138 0.45 -28.69 -13.51
N HIS J 139 -0.71 -28.08 -13.74
CA HIS J 139 -0.77 -26.81 -14.46
C HIS J 139 -0.26 -25.64 -13.63
N PHE J 140 -0.08 -25.80 -12.33
CA PHE J 140 0.56 -24.78 -11.50
C PHE J 140 1.62 -25.39 -10.58
N SER J 141 2.26 -26.46 -11.04
CA SER J 141 3.26 -27.13 -10.22
C SER J 141 4.43 -26.22 -9.89
N ASP J 142 4.89 -25.42 -10.86
CA ASP J 142 6.00 -24.51 -10.61
C ASP J 142 5.64 -23.42 -9.61
N ASP J 143 4.35 -23.11 -9.45
CA ASP J 143 3.94 -22.20 -8.38
C ASP J 143 4.16 -22.83 -7.01
N ILE J 144 3.90 -24.14 -6.90
CA ILE J 144 4.15 -24.83 -5.64
C ILE J 144 5.65 -24.92 -5.37
N GLU J 145 6.45 -25.07 -6.43
CA GLU J 145 7.89 -25.18 -6.27
C GLU J 145 8.49 -23.91 -5.65
N GLN J 146 8.13 -22.74 -6.18
CA GLN J 146 8.61 -21.50 -5.60
C GLN J 146 8.10 -21.31 -4.18
N GLN J 147 6.90 -21.82 -3.89
CA GLN J 147 6.39 -21.77 -2.52
C GLN J 147 7.21 -22.67 -1.60
N ALA J 148 7.53 -23.88 -2.07
CA ALA J 148 8.34 -24.79 -1.27
C ALA J 148 9.76 -24.25 -1.11
N ASP J 149 10.30 -23.62 -2.15
CA ASP J 149 11.61 -23.00 -2.05
C ASP J 149 11.58 -21.80 -1.12
N ASN J 150 10.46 -21.06 -1.11
CA ASN J 150 10.32 -19.94 -0.18
C ASN J 150 10.06 -20.41 1.23
N MET J 151 9.39 -21.56 1.40
CA MET J 151 9.14 -22.10 2.73
C MET J 151 10.45 -22.36 3.47
N ILE J 152 11.47 -22.81 2.74
CA ILE J 152 12.76 -23.04 3.39
C ILE J 152 13.36 -21.72 3.87
N THR J 153 13.46 -20.74 2.97
CA THR J 153 14.12 -19.47 3.29
C THR J 153 13.48 -18.77 4.49
N GLU J 154 12.16 -18.83 4.61
CA GLU J 154 11.49 -18.19 5.74
C GLU J 154 11.90 -18.83 7.06
N MET J 155 11.93 -20.17 7.10
CA MET J 155 12.35 -20.85 8.32
C MET J 155 13.80 -20.53 8.65
N LEU J 156 14.64 -20.32 7.64
CA LEU J 156 16.03 -19.93 7.87
C LEU J 156 16.12 -18.53 8.44
N GLN J 157 15.35 -17.60 7.87
CA GLN J 157 15.37 -16.18 8.22
C GLN J 157 16.75 -15.60 7.94
N THR K 2 -5.00 0.03 -3.07
CA THR K 2 -3.81 -0.21 -3.89
C THR K 2 -4.19 -0.79 -5.25
N PHE K 3 -3.17 -1.02 -6.07
CA PHE K 3 -3.31 -1.69 -7.36
C PHE K 3 -2.88 -3.14 -7.24
N THR K 4 -3.32 -3.95 -8.21
CA THR K 4 -3.09 -5.39 -8.13
C THR K 4 -2.64 -6.01 -9.45
N TRP K 5 -2.56 -5.24 -10.55
CA TRP K 5 -2.17 -5.81 -11.83
C TRP K 5 -0.77 -6.41 -11.75
N THR K 6 -0.64 -7.64 -12.24
CA THR K 6 0.62 -8.35 -12.27
C THR K 6 1.20 -8.29 -13.69
N LEU K 7 2.37 -7.68 -13.82
CA LEU K 7 3.04 -7.55 -15.11
C LEU K 7 4.06 -8.66 -15.30
N PRO K 16 12.74 -14.19 -16.16
CA PRO K 16 11.32 -13.97 -15.87
C PRO K 16 11.09 -12.89 -14.81
N GLY K 17 10.10 -12.04 -15.03
CA GLY K 17 9.76 -10.96 -14.12
C GLY K 17 10.21 -9.59 -14.57
N GLY K 18 11.22 -9.51 -15.43
CA GLY K 18 11.64 -8.24 -15.98
C GLY K 18 10.72 -7.75 -17.07
N TYR K 19 10.92 -6.50 -17.47
CA TYR K 19 10.10 -5.89 -18.50
C TYR K 19 10.98 -5.17 -19.51
N CYS K 20 10.60 -5.26 -20.78
CA CYS K 20 11.26 -4.58 -21.88
C CYS K 20 10.27 -3.65 -22.56
N LEU K 21 10.69 -2.43 -22.85
CA LEU K 21 9.87 -1.47 -23.58
C LEU K 21 10.30 -1.49 -25.04
N THR K 22 9.39 -1.88 -25.93
CA THR K 22 9.70 -2.03 -27.33
C THR K 22 10.00 -0.68 -27.98
N ARG K 23 10.49 -0.74 -29.22
CA ARG K 23 10.79 0.47 -29.98
C ARG K 23 9.54 1.28 -30.26
N TRP K 24 8.37 0.63 -30.28
CA TRP K 24 7.12 1.36 -30.46
C TRP K 24 6.62 2.01 -29.17
N MET K 25 6.98 1.44 -28.01
CA MET K 25 6.56 2.03 -26.75
C MET K 25 7.33 3.31 -26.44
N LEU K 26 8.55 3.44 -26.95
CA LEU K 26 9.36 4.62 -26.75
C LEU K 26 9.37 5.48 -28.01
N ILE K 27 9.65 6.76 -27.84
CA ILE K 27 9.70 7.72 -28.94
C ILE K 27 11.16 8.02 -29.27
N GLU K 28 11.51 7.88 -30.55
CA GLU K 28 12.86 8.14 -31.05
C GLU K 28 13.93 7.45 -30.20
N ALA K 29 13.69 6.16 -29.92
CA ALA K 29 14.63 5.37 -29.13
C ALA K 29 14.44 3.90 -29.45
N GLU K 30 15.50 3.13 -29.23
CA GLU K 30 15.45 1.69 -29.41
C GLU K 30 14.85 1.03 -28.18
N LEU K 31 14.63 -0.28 -28.27
CA LEU K 31 14.04 -1.02 -27.17
C LEU K 31 14.99 -1.05 -25.98
N LYS K 32 14.42 -0.96 -24.77
CA LYS K 32 15.18 -0.93 -23.53
C LYS K 32 14.59 -1.93 -22.55
N CYS K 33 15.46 -2.73 -21.93
CA CYS K 33 15.06 -3.73 -20.95
C CYS K 33 15.58 -3.34 -19.56
N PHE K 34 14.84 -3.75 -18.54
CA PHE K 34 15.18 -3.46 -17.16
C PHE K 34 15.20 -4.75 -16.36
N GLY K 35 16.15 -4.83 -15.41
CA GLY K 35 16.35 -6.05 -14.65
C GLY K 35 15.20 -6.36 -13.70
N ASN K 36 15.26 -7.59 -13.16
CA ASN K 36 14.24 -8.02 -12.21
C ASN K 36 14.28 -7.18 -10.94
N THR K 37 15.47 -6.95 -10.40
CA THR K 37 15.61 -6.19 -9.16
C THR K 37 14.98 -4.80 -9.27
N ALA K 38 15.05 -4.18 -10.44
CA ALA K 38 14.46 -2.86 -10.62
C ALA K 38 12.93 -2.93 -10.60
N VAL K 39 12.36 -3.73 -11.51
CA VAL K 39 10.91 -3.82 -11.62
C VAL K 39 10.27 -4.43 -10.38
N ALA K 40 11.04 -5.18 -9.58
CA ALA K 40 10.49 -5.76 -8.36
C ALA K 40 10.02 -4.68 -7.39
N LYS K 41 10.65 -3.50 -7.44
CA LYS K 41 10.24 -2.39 -6.59
C LYS K 41 8.84 -1.88 -6.95
N CYS K 42 8.37 -2.15 -8.16
CA CYS K 42 7.04 -1.69 -8.57
C CYS K 42 5.94 -2.28 -7.70
N ASN K 43 6.04 -3.58 -7.40
CA ASN K 43 5.02 -4.20 -6.54
C ASN K 43 5.17 -3.75 -5.10
N GLU K 44 6.38 -3.41 -4.67
CA GLU K 44 6.60 -2.98 -3.30
C GLU K 44 6.12 -1.55 -3.08
N LYS K 45 6.72 -0.59 -3.77
CA LYS K 45 6.41 0.81 -3.55
C LYS K 45 5.10 1.19 -4.23
N HIS K 46 4.45 2.22 -3.70
CA HIS K 46 3.19 2.70 -4.23
C HIS K 46 3.26 4.10 -4.82
N ASP K 47 4.44 4.73 -4.82
CA ASP K 47 4.58 6.13 -5.17
C ASP K 47 5.52 6.34 -6.35
N GLU K 48 5.53 5.42 -7.30
CA GLU K 48 6.41 5.47 -8.47
C GLU K 48 5.55 5.60 -9.72
N GLU K 49 5.76 6.70 -10.47
CA GLU K 49 4.99 6.93 -11.68
C GLU K 49 5.36 5.95 -12.80
N PHE K 50 6.65 5.65 -12.94
CA PHE K 50 7.09 4.77 -14.02
C PHE K 50 6.42 3.40 -13.93
N CYS K 51 6.24 2.88 -12.71
CA CYS K 51 5.59 1.59 -12.54
C CYS K 51 4.13 1.64 -13.00
N ASP K 52 3.44 2.75 -12.73
CA ASP K 52 2.07 2.90 -13.19
C ASP K 52 1.99 2.86 -14.72
N MET K 53 3.00 3.40 -15.40
CA MET K 53 3.01 3.37 -16.86
C MET K 53 3.24 1.97 -17.39
N LEU K 54 4.08 1.19 -16.71
CA LEU K 54 4.32 -0.19 -17.14
C LEU K 54 3.03 -0.99 -17.11
N ARG K 55 2.24 -0.84 -16.05
CA ARG K 55 0.97 -1.54 -15.96
C ARG K 55 -0.02 -1.04 -17.01
N LEU K 56 0.05 0.24 -17.37
CA LEU K 56 -0.79 0.76 -18.45
C LEU K 56 -0.38 0.18 -19.79
N PHE K 57 0.93 0.18 -20.07
CA PHE K 57 1.40 -0.39 -21.33
C PHE K 57 1.18 -1.89 -21.37
N ASP K 58 1.31 -2.57 -20.24
CA ASP K 58 1.07 -4.01 -20.21
C ASP K 58 -0.41 -4.33 -20.36
N PHE K 59 -1.27 -3.59 -19.65
CA PHE K 59 -2.71 -3.80 -19.80
C PHE K 59 -3.17 -3.50 -21.21
N ASN K 60 -2.67 -2.41 -21.80
CA ASN K 60 -2.99 -2.12 -23.19
C ASN K 60 -2.51 -3.23 -24.12
N LYS K 61 -1.29 -3.72 -23.91
CA LYS K 61 -0.76 -4.82 -24.71
C LYS K 61 -1.55 -6.10 -24.48
N GLN K 62 -1.78 -6.44 -23.21
CA GLN K 62 -2.48 -7.69 -22.89
C GLN K 62 -3.91 -7.69 -23.41
N ALA K 63 -4.61 -6.58 -23.25
CA ALA K 63 -6.00 -6.50 -23.68
C ALA K 63 -6.13 -6.65 -25.19
N ILE K 64 -5.17 -6.11 -25.95
CA ILE K 64 -5.25 -6.14 -27.40
C ILE K 64 -5.20 -7.57 -27.91
N GLN K 65 -4.21 -8.35 -27.46
CA GLN K 65 -4.02 -9.69 -28.01
C GLN K 65 -5.09 -10.66 -27.53
N ARG K 66 -5.64 -10.46 -26.33
CA ARG K 66 -6.59 -11.38 -25.75
C ARG K 66 -8.05 -10.99 -25.98
N LEU K 67 -8.31 -9.84 -26.59
CA LEU K 67 -9.68 -9.39 -26.79
C LEU K 67 -9.88 -8.88 -28.21
N LYS K 68 -11.15 -8.76 -28.59
CA LYS K 68 -11.56 -8.29 -29.91
C LYS K 68 -12.23 -6.92 -29.75
N ALA K 69 -11.58 -5.87 -30.25
CA ALA K 69 -12.14 -4.54 -30.15
C ALA K 69 -13.39 -4.42 -31.02
N PRO K 70 -14.44 -3.74 -30.53
CA PRO K 70 -15.69 -3.59 -31.29
C PRO K 70 -15.55 -2.64 -32.48
N SER K 74 -14.30 0.04 -26.71
CA SER K 74 -13.63 -0.59 -25.59
C SER K 74 -13.28 0.42 -24.51
N ILE K 75 -14.15 1.40 -24.33
CA ILE K 75 -13.93 2.43 -23.31
C ILE K 75 -14.36 1.95 -21.93
N GLN K 76 -15.40 1.11 -21.86
CA GLN K 76 -15.87 0.60 -20.57
C GLN K 76 -14.80 -0.20 -19.84
N LEU K 77 -13.93 -0.88 -20.58
CA LEU K 77 -12.93 -1.74 -19.95
C LEU K 77 -11.98 -0.94 -19.07
N ILE K 78 -11.40 0.13 -19.61
CA ILE K 78 -10.44 0.93 -18.83
C ILE K 78 -11.13 1.59 -17.65
N ASN K 79 -12.37 2.06 -17.84
CA ASN K 79 -13.10 2.75 -16.78
C ASN K 79 -13.29 1.89 -15.53
N LYS K 80 -12.99 0.60 -15.60
CA LYS K 80 -13.09 -0.28 -14.45
C LYS K 80 -11.75 -0.72 -13.89
N ALA K 81 -10.72 -0.79 -14.72
CA ALA K 81 -9.38 -1.22 -14.31
C ALA K 81 -8.46 -0.06 -13.98
N VAL K 82 -8.92 1.19 -14.07
CA VAL K 82 -8.06 2.35 -13.81
C VAL K 82 -7.43 2.24 -12.42
N ASN K 83 -8.26 2.07 -11.40
CA ASN K 83 -7.75 1.99 -10.04
C ASN K 83 -6.93 0.73 -9.79
N ALA K 84 -7.11 -0.31 -10.60
CA ALA K 84 -6.35 -1.53 -10.46
C ALA K 84 -5.01 -1.48 -11.17
N LEU K 85 -4.76 -0.45 -11.96
CA LEU K 85 -3.51 -0.29 -12.70
C LEU K 85 -2.63 0.82 -12.16
N ILE K 86 -3.17 2.03 -12.04
CA ILE K 86 -2.40 3.20 -11.65
C ILE K 86 -2.80 3.63 -10.24
N ASN K 87 -1.96 4.48 -9.65
CA ASN K 87 -2.25 5.10 -8.36
C ASN K 87 -2.93 6.44 -8.62
N ASP K 88 -4.23 6.51 -8.36
CA ASP K 88 -4.98 7.73 -8.63
C ASP K 88 -4.45 8.92 -7.83
N GLN K 89 -4.09 8.68 -6.56
CA GLN K 89 -3.59 9.76 -5.72
C GLN K 89 -2.21 10.22 -6.16
N LEU K 90 -1.45 9.37 -6.86
CA LEU K 90 -0.18 9.81 -7.44
C LEU K 90 -0.39 10.83 -8.54
N ILE K 91 -1.49 10.70 -9.29
CA ILE K 91 -1.85 11.73 -10.25
C ILE K 91 -2.25 13.01 -9.53
N MET K 92 -3.01 12.88 -8.44
CA MET K 92 -3.40 14.05 -7.66
C MET K 92 -2.19 14.77 -7.09
N LYS K 93 -1.18 14.01 -6.65
CA LYS K 93 0.03 14.62 -6.11
C LYS K 93 0.68 15.56 -7.13
N ASN K 94 0.88 15.08 -8.36
CA ASN K 94 1.51 15.91 -9.38
C ASN K 94 0.65 17.11 -9.73
N HIS K 95 -0.68 16.95 -9.71
CA HIS K 95 -1.56 18.08 -9.97
C HIS K 95 -1.43 19.14 -8.88
N LEU K 96 -1.33 18.71 -7.62
CA LEU K 96 -1.12 19.67 -6.53
C LEU K 96 0.20 20.41 -6.69
N ARG K 97 1.24 19.71 -7.14
CA ARG K 97 2.52 20.35 -7.36
C ARG K 97 2.43 21.37 -8.50
N ASP K 98 1.69 21.03 -9.55
CA ASP K 98 1.48 21.99 -10.64
C ASP K 98 0.67 23.19 -10.17
N ILE K 99 -0.34 22.95 -9.34
CA ILE K 99 -1.17 24.05 -8.85
C ILE K 99 -0.36 24.97 -7.93
N MET K 100 0.59 24.42 -7.19
CA MET K 100 1.45 25.20 -6.32
C MET K 100 2.75 25.61 -6.99
N CYS K 101 2.86 25.38 -8.31
CA CYS K 101 4.01 25.79 -9.10
C CYS K 101 5.30 25.14 -8.57
N ILE K 102 5.18 23.88 -8.17
CA ILE K 102 6.31 23.04 -7.80
C ILE K 102 6.65 22.22 -9.03
N PRO K 103 7.90 21.81 -9.26
CA PRO K 103 8.17 20.93 -10.40
C PRO K 103 7.43 19.59 -10.25
N TYR K 104 6.64 19.27 -11.27
CA TYR K 104 5.79 18.10 -11.26
C TYR K 104 6.17 17.15 -12.40
N CYS K 105 5.60 15.96 -12.36
CA CYS K 105 5.87 14.91 -13.34
C CYS K 105 4.68 14.79 -14.29
N ASN K 106 4.93 15.01 -15.58
CA ASN K 106 3.91 14.84 -16.60
C ASN K 106 4.01 13.48 -17.30
N TYR K 107 4.69 12.51 -16.66
CA TYR K 107 4.69 11.09 -17.00
C TYR K 107 5.34 10.79 -18.34
N SER K 108 6.02 11.76 -18.97
CA SER K 108 6.61 11.52 -20.28
C SER K 108 8.07 11.06 -20.18
N LYS K 109 8.91 11.83 -19.49
CA LYS K 109 10.34 11.58 -19.45
C LYS K 109 10.76 10.98 -18.12
N TYR K 110 11.75 10.10 -18.16
CA TYR K 110 12.29 9.45 -16.97
C TYR K 110 13.81 9.40 -17.09
N TRP K 111 14.46 9.21 -15.95
CA TRP K 111 15.92 9.13 -15.89
C TRP K 111 16.34 7.97 -15.00
N TYR K 112 17.43 7.31 -15.37
CA TYR K 112 17.92 6.18 -14.61
C TYR K 112 19.44 6.12 -14.73
N LEU K 113 20.07 5.35 -13.85
CA LEU K 113 21.51 5.19 -13.81
C LEU K 113 21.86 3.80 -14.34
N ASN K 114 22.58 3.77 -15.47
CA ASN K 114 22.97 2.54 -16.12
C ASN K 114 24.45 2.29 -15.90
N HIS K 115 24.79 1.11 -15.37
CA HIS K 115 26.18 0.76 -15.13
C HIS K 115 26.91 0.57 -16.46
N THR K 116 28.06 1.24 -16.60
CA THR K 116 28.81 1.19 -17.86
C THR K 116 29.25 -0.22 -18.20
N THR K 117 29.64 -1.00 -17.19
CA THR K 117 30.15 -2.35 -17.40
C THR K 117 29.17 -3.43 -16.98
N THR K 118 28.61 -3.33 -15.77
CA THR K 118 27.68 -4.34 -15.28
C THR K 118 26.40 -4.37 -16.10
N GLY K 119 25.82 -3.20 -16.34
CA GLY K 119 24.54 -3.10 -17.01
C GLY K 119 23.34 -2.98 -16.10
N ARG K 120 23.55 -3.04 -14.79
CA ARG K 120 22.44 -2.89 -13.85
C ARG K 120 21.94 -1.45 -13.86
N THR K 121 20.62 -1.29 -13.95
CA THR K 121 20.01 0.02 -13.96
C THR K 121 19.08 0.17 -12.76
N SER K 122 18.90 1.40 -12.33
CA SER K 122 17.95 1.70 -11.27
C SER K 122 16.53 1.78 -11.85
N LEU K 123 15.55 1.84 -10.96
CA LEU K 123 14.18 2.07 -11.40
C LEU K 123 14.07 3.51 -11.87
N PRO K 124 13.76 3.76 -13.13
CA PRO K 124 13.77 5.14 -13.64
C PRO K 124 12.74 6.02 -12.94
N LYS K 125 13.23 7.07 -12.29
CA LYS K 125 12.38 8.06 -11.66
C LYS K 125 11.99 9.12 -12.68
N CYS K 126 10.87 9.78 -12.41
CA CYS K 126 10.33 10.74 -13.37
C CYS K 126 11.18 11.99 -13.46
N TRP K 127 11.28 12.54 -14.66
CA TRP K 127 11.99 13.79 -14.91
C TRP K 127 10.97 14.93 -14.76
N LEU K 128 11.11 15.70 -13.69
CA LEU K 128 10.14 16.75 -13.40
C LEU K 128 10.26 17.90 -14.39
N VAL K 129 9.14 18.61 -14.58
CA VAL K 129 9.05 19.73 -15.52
C VAL K 129 8.48 20.92 -14.76
N SER K 130 8.97 22.11 -15.10
CA SER K 130 8.51 23.35 -14.50
C SER K 130 8.30 24.38 -15.59
N ASN K 131 7.05 24.80 -15.78
CA ASN K 131 6.67 25.77 -16.81
C ASN K 131 7.06 25.26 -18.20
N GLY K 132 6.63 24.03 -18.51
CA GLY K 132 6.87 23.44 -19.81
C GLY K 132 8.32 23.21 -20.16
N SER K 133 9.22 23.26 -19.19
CA SER K 133 10.64 23.03 -19.43
C SER K 133 11.16 22.02 -18.42
N TYR K 134 11.79 20.95 -18.92
CA TYR K 134 12.37 19.95 -18.04
C TYR K 134 13.50 20.55 -17.21
N LEU K 135 13.59 20.12 -15.96
CA LEU K 135 14.65 20.59 -15.08
C LEU K 135 16.01 20.14 -15.60
N ASN K 136 17.02 21.01 -15.42
CA ASN K 136 18.38 20.61 -15.77
C ASN K 136 18.87 19.55 -14.80
N GLU K 137 19.92 18.83 -15.23
CA GLU K 137 20.53 17.83 -14.36
C GLU K 137 21.00 18.42 -13.04
N THR K 138 21.42 19.69 -13.06
CA THR K 138 21.92 20.33 -11.85
C THR K 138 20.82 20.51 -10.81
N HIS K 139 19.60 20.83 -11.25
CA HIS K 139 18.53 21.18 -10.32
C HIS K 139 17.99 19.98 -9.55
N PHE K 140 18.31 18.76 -9.97
CA PHE K 140 17.96 17.57 -9.20
C PHE K 140 19.15 16.62 -9.08
N SER K 141 20.37 17.19 -9.05
CA SER K 141 21.58 16.37 -8.99
C SER K 141 21.63 15.55 -7.70
N ASP K 142 21.24 16.15 -6.58
CA ASP K 142 21.28 15.44 -5.30
C ASP K 142 20.29 14.28 -5.26
N ASP K 143 19.25 14.32 -6.09
CA ASP K 143 18.36 13.16 -6.21
C ASP K 143 19.08 12.00 -6.87
N ILE K 144 19.91 12.29 -7.87
CA ILE K 144 20.70 11.23 -8.52
C ILE K 144 21.75 10.68 -7.56
N GLU K 145 22.29 11.54 -6.69
CA GLU K 145 23.32 11.11 -5.75
C GLU K 145 22.77 10.06 -4.78
N GLN K 146 21.59 10.34 -4.18
CA GLN K 146 20.99 9.38 -3.27
C GLN K 146 20.61 8.09 -4.00
N GLN K 147 20.23 8.19 -5.28
CA GLN K 147 19.95 6.99 -6.06
C GLN K 147 21.22 6.17 -6.30
N ALA K 148 22.32 6.85 -6.65
CA ALA K 148 23.58 6.15 -6.86
C ALA K 148 24.10 5.56 -5.56
N ASP K 149 23.92 6.27 -4.44
CA ASP K 149 24.33 5.72 -3.15
C ASP K 149 23.48 4.52 -2.76
N ASN K 150 22.19 4.54 -3.11
CA ASN K 150 21.33 3.39 -2.84
C ASN K 150 21.61 2.25 -3.82
N MET K 151 22.00 2.59 -5.06
CA MET K 151 22.33 1.55 -6.04
C MET K 151 23.50 0.69 -5.56
N ILE K 152 24.46 1.30 -4.86
CA ILE K 152 25.59 0.53 -4.34
C ILE K 152 25.12 -0.49 -3.31
N THR K 153 24.34 -0.03 -2.33
CA THR K 153 23.90 -0.92 -1.24
C THR K 153 23.17 -2.15 -1.78
N GLU K 154 22.35 -1.96 -2.83
CA GLU K 154 21.70 -3.10 -3.46
C GLU K 154 22.72 -4.01 -4.13
N MET K 155 23.67 -3.42 -4.85
CA MET K 155 24.72 -4.19 -5.51
C MET K 155 25.59 -4.94 -4.50
N LEU K 156 25.80 -4.36 -3.31
CA LEU K 156 26.59 -5.05 -2.29
C LEU K 156 25.91 -6.33 -1.84
N GLN K 157 24.60 -6.28 -1.60
CA GLN K 157 23.86 -7.44 -1.13
C GLN K 157 23.30 -8.25 -2.30
N PHE L 3 -2.40 7.37 -0.40
CA PHE L 3 -1.78 8.68 -0.29
C PHE L 3 -0.42 8.69 -1.00
N THR L 4 0.02 9.88 -1.40
CA THR L 4 1.29 10.00 -2.10
C THR L 4 2.06 11.26 -1.70
N TRP L 5 1.50 12.11 -0.84
CA TRP L 5 2.15 13.36 -0.47
C TRP L 5 3.50 13.11 0.21
N THR L 6 4.53 13.77 -0.31
CA THR L 6 5.87 13.70 0.25
C THR L 6 6.15 14.99 1.02
N LEU L 7 6.30 14.88 2.33
CA LEU L 7 6.59 16.02 3.19
C LEU L 7 8.08 16.12 3.48
N SER L 8 8.50 17.32 3.88
CA SER L 8 9.90 17.55 4.21
C SER L 8 10.06 18.79 5.08
N LYS L 13 16.21 21.71 8.92
CA LYS L 13 17.08 22.15 10.01
C LYS L 13 18.33 21.28 10.09
N ASP L 14 18.30 20.30 10.98
CA ASP L 14 19.47 19.43 11.17
C ASP L 14 19.66 18.50 9.98
N THR L 15 18.58 17.90 9.49
CA THR L 15 18.64 16.93 8.42
C THR L 15 17.48 17.16 7.45
N PRO L 16 17.67 16.88 6.16
CA PRO L 16 16.55 16.91 5.24
C PRO L 16 15.75 15.62 5.27
N GLY L 17 14.43 15.76 5.22
CA GLY L 17 13.51 14.65 5.28
C GLY L 17 12.83 14.47 6.61
N GLY L 18 13.43 14.95 7.69
CA GLY L 18 12.79 14.92 8.99
C GLY L 18 11.74 16.00 9.11
N TYR L 19 10.98 15.95 10.20
CA TYR L 19 9.90 16.92 10.41
C TYR L 19 9.92 17.43 11.84
N CYS L 20 9.65 18.73 11.97
CA CYS L 20 9.55 19.40 13.27
C CYS L 20 8.16 19.99 13.40
N LEU L 21 7.54 19.79 14.57
CA LEU L 21 6.23 20.38 14.87
C LEU L 21 6.45 21.61 15.73
N THR L 22 6.04 22.77 15.21
CA THR L 22 6.27 24.02 15.94
C THR L 22 5.41 24.06 17.20
N ARG L 23 5.70 25.03 18.08
CA ARG L 23 4.90 25.17 19.29
C ARG L 23 3.47 25.58 18.98
N TRP L 24 3.22 26.17 17.81
CA TRP L 24 1.85 26.50 17.44
C TRP L 24 1.08 25.27 16.98
N MET L 25 1.79 24.28 16.43
CA MET L 25 1.15 23.04 16.01
C MET L 25 0.76 22.16 17.19
N LEU L 26 1.48 22.28 18.30
CA LEU L 26 1.19 21.53 19.51
C LEU L 26 0.48 22.41 20.53
N ILE L 27 -0.23 21.77 21.45
CA ILE L 27 -0.96 22.47 22.50
C ILE L 27 -0.19 22.34 23.81
N GLU L 28 0.07 23.48 24.45
CA GLU L 28 0.79 23.54 25.73
C GLU L 28 2.08 22.73 25.70
N ALA L 29 2.86 22.93 24.64
CA ALA L 29 4.13 22.21 24.50
C ALA L 29 5.04 23.00 23.58
N GLU L 30 6.34 22.79 23.76
CA GLU L 30 7.34 23.40 22.91
C GLU L 30 7.50 22.62 21.61
N LEU L 31 8.30 23.16 20.70
CA LEU L 31 8.52 22.52 19.40
C LEU L 31 9.25 21.20 19.59
N LYS L 32 8.88 20.21 18.78
CA LYS L 32 9.46 18.88 18.85
C LYS L 32 9.85 18.42 17.44
N CYS L 33 11.06 17.89 17.31
CA CYS L 33 11.57 17.39 16.05
C CYS L 33 11.75 15.87 16.11
N PHE L 34 11.60 15.23 14.96
CA PHE L 34 11.71 13.79 14.84
C PHE L 34 12.73 13.43 13.77
N GLY L 35 13.49 12.37 14.02
CA GLY L 35 14.58 12.00 13.14
C GLY L 35 14.12 11.48 11.78
N ASN L 36 15.10 11.35 10.90
CA ASN L 36 14.85 10.85 9.54
C ASN L 36 14.35 9.41 9.58
N THR L 37 15.01 8.56 10.37
CA THR L 37 14.63 7.15 10.44
C THR L 37 13.17 6.96 10.83
N ALA L 38 12.66 7.84 11.70
CA ALA L 38 11.27 7.73 12.13
C ALA L 38 10.31 8.11 11.02
N VAL L 39 10.45 9.33 10.48
CA VAL L 39 9.51 9.83 9.48
C VAL L 39 9.60 9.06 8.17
N ALA L 40 10.71 8.37 7.91
CA ALA L 40 10.82 7.56 6.70
C ALA L 40 9.78 6.44 6.68
N LYS L 41 9.40 5.96 7.86
CA LYS L 41 8.36 4.92 7.96
C LYS L 41 7.00 5.42 7.51
N CYS L 42 6.77 6.73 7.50
CA CYS L 42 5.48 7.27 7.07
C CYS L 42 5.19 6.93 5.62
N ASN L 43 6.20 7.05 4.76
CA ASN L 43 6.02 6.69 3.36
C ASN L 43 5.93 5.18 3.18
N GLU L 44 6.56 4.42 4.08
CA GLU L 44 6.55 2.96 3.97
C GLU L 44 5.21 2.39 4.40
N LYS L 45 4.85 2.55 5.67
CA LYS L 45 3.64 1.95 6.22
C LYS L 45 2.40 2.74 5.80
N HIS L 46 1.26 2.05 5.80
CA HIS L 46 -0.01 2.65 5.42
C HIS L 46 -1.00 2.77 6.57
N ASP L 47 -0.63 2.34 7.77
CA ASP L 47 -1.57 2.20 8.89
C ASP L 47 -1.15 3.02 10.11
N GLU L 48 -0.56 4.19 9.90
CA GLU L 48 -0.09 5.02 10.99
C GLU L 48 -0.87 6.34 10.98
N GLU L 49 -1.56 6.62 12.09
CA GLU L 49 -2.37 7.83 12.18
C GLU L 49 -1.50 9.08 12.26
N PHE L 50 -0.40 9.02 13.01
CA PHE L 50 0.47 10.19 13.17
C PHE L 50 0.98 10.67 11.83
N CYS L 51 1.31 9.74 10.92
CA CYS L 51 1.79 10.13 9.60
C CYS L 51 0.71 10.87 8.80
N ASP L 52 -0.54 10.42 8.93
CA ASP L 52 -1.63 11.11 8.25
C ASP L 52 -1.77 12.55 8.75
N MET L 53 -1.50 12.77 10.04
CA MET L 53 -1.56 14.13 10.58
C MET L 53 -0.41 14.98 10.06
N LEU L 54 0.77 14.38 9.91
CA LEU L 54 1.92 15.12 9.38
C LEU L 54 1.63 15.61 7.97
N ARG L 55 1.04 14.76 7.13
CA ARG L 55 0.70 15.17 5.77
C ARG L 55 -0.39 16.24 5.76
N LEU L 56 -1.30 16.21 6.74
CA LEU L 56 -2.31 17.26 6.84
C LEU L 56 -1.68 18.59 7.25
N PHE L 57 -0.81 18.56 8.27
CA PHE L 57 -0.17 19.78 8.72
C PHE L 57 0.78 20.34 7.65
N ASP L 58 1.46 19.46 6.91
CA ASP L 58 2.34 19.94 5.85
C ASP L 58 1.56 20.51 4.68
N PHE L 59 0.49 19.83 4.27
CA PHE L 59 -0.35 20.36 3.20
C PHE L 59 -1.01 21.67 3.60
N ASN L 60 -1.51 21.75 4.84
CA ASN L 60 -2.09 23.00 5.33
C ASN L 60 -1.05 24.11 5.32
N LYS L 61 0.16 23.82 5.77
CA LYS L 61 1.24 24.81 5.73
C LYS L 61 1.57 25.16 4.28
N GLN L 62 1.71 24.15 3.42
CA GLN L 62 2.10 24.39 2.03
C GLN L 62 1.06 25.25 1.29
N ALA L 63 -0.23 24.96 1.50
CA ALA L 63 -1.26 25.72 0.80
C ALA L 63 -1.27 27.18 1.21
N ILE L 64 -1.02 27.45 2.49
CA ILE L 64 -1.08 28.83 2.99
C ILE L 64 0.01 29.68 2.35
N GLN L 65 1.26 29.21 2.43
CA GLN L 65 2.39 30.03 1.99
C GLN L 65 2.48 30.14 0.47
N ARG L 66 2.05 29.10 -0.26
CA ARG L 66 2.22 29.05 -1.71
C ARG L 66 1.00 29.52 -2.48
N LEU L 67 -0.10 29.84 -1.80
CA LEU L 67 -1.33 30.24 -2.49
C LEU L 67 -1.91 31.49 -1.86
N LYS L 68 -2.84 32.11 -2.58
CA LYS L 68 -3.54 33.31 -2.15
C LYS L 68 -4.99 32.92 -1.88
N ALA L 69 -5.39 32.95 -0.61
CA ALA L 69 -6.74 32.56 -0.26
C ALA L 69 -7.75 33.57 -0.82
N PRO L 70 -8.89 33.08 -1.34
CA PRO L 70 -9.92 33.95 -1.91
C PRO L 70 -10.69 34.75 -0.86
N SER L 74 -11.46 27.99 0.44
CA SER L 74 -10.48 26.99 0.03
C SER L 74 -10.92 25.59 0.43
N ILE L 75 -12.24 25.35 0.36
CA ILE L 75 -12.76 24.04 0.71
C ILE L 75 -12.61 23.07 -0.46
N GLN L 76 -12.73 23.57 -1.70
CA GLN L 76 -12.59 22.70 -2.87
C GLN L 76 -11.21 22.06 -2.93
N LEU L 77 -10.18 22.77 -2.46
CA LEU L 77 -8.81 22.25 -2.52
C LEU L 77 -8.68 20.97 -1.70
N ILE L 78 -9.09 21.01 -0.44
CA ILE L 78 -8.97 19.82 0.41
C ILE L 78 -9.87 18.70 -0.10
N ASN L 79 -11.07 19.04 -0.59
CA ASN L 79 -12.00 18.04 -1.09
C ASN L 79 -11.44 17.20 -2.22
N LYS L 80 -10.30 17.58 -2.78
CA LYS L 80 -9.66 16.83 -3.86
C LYS L 80 -8.40 16.11 -3.42
N ALA L 81 -7.70 16.63 -2.42
CA ALA L 81 -6.46 16.04 -1.92
C ALA L 81 -6.65 15.15 -0.70
N VAL L 82 -7.88 14.98 -0.21
CA VAL L 82 -8.11 14.18 0.99
C VAL L 82 -7.51 12.79 0.85
N ASN L 83 -7.88 12.08 -0.23
CA ASN L 83 -7.39 10.72 -0.42
C ASN L 83 -5.89 10.68 -0.70
N ALA L 84 -5.31 11.79 -1.19
CA ALA L 84 -3.89 11.83 -1.46
C ALA L 84 -3.06 12.18 -0.23
N LEU L 85 -3.69 12.56 0.87
CA LEU L 85 -2.99 12.93 2.10
C LEU L 85 -3.16 11.91 3.21
N ILE L 86 -4.40 11.55 3.54
CA ILE L 86 -4.67 10.67 4.66
C ILE L 86 -5.17 9.32 4.13
N ASN L 87 -5.16 8.33 5.01
CA ASN L 87 -5.72 7.02 4.70
C ASN L 87 -7.16 7.03 5.20
N ASP L 88 -8.11 7.08 4.25
CA ASP L 88 -9.52 7.18 4.62
C ASP L 88 -9.96 5.94 5.41
N GLN L 89 -9.49 4.76 5.02
CA GLN L 89 -9.88 3.55 5.73
C GLN L 89 -9.28 3.47 7.12
N LEU L 90 -8.19 4.19 7.37
CA LEU L 90 -7.67 4.27 8.74
C LEU L 90 -8.63 5.02 9.64
N ILE L 91 -9.34 6.02 9.11
CA ILE L 91 -10.40 6.67 9.85
C ILE L 91 -11.56 5.70 10.08
N MET L 92 -11.89 4.92 9.05
CA MET L 92 -12.95 3.91 9.18
C MET L 92 -12.61 2.89 10.25
N LYS L 93 -11.34 2.50 10.35
CA LYS L 93 -10.91 1.55 11.37
C LYS L 93 -11.27 2.05 12.76
N ASN L 94 -10.90 3.30 13.07
CA ASN L 94 -11.17 3.84 14.40
C ASN L 94 -12.66 3.96 14.66
N HIS L 95 -13.45 4.28 13.62
CA HIS L 95 -14.90 4.35 13.80
C HIS L 95 -15.47 2.98 14.14
N LEU L 96 -14.97 1.92 13.47
CA LEU L 96 -15.42 0.57 13.80
C LEU L 96 -15.05 0.21 15.24
N ARG L 97 -13.86 0.62 15.68
CA ARG L 97 -13.43 0.34 17.04
C ARG L 97 -14.30 1.07 18.05
N ASP L 98 -14.64 2.34 17.77
CA ASP L 98 -15.53 3.08 18.65
C ASP L 98 -16.93 2.50 18.65
N ILE L 99 -17.41 2.06 17.49
CA ILE L 99 -18.75 1.49 17.40
C ILE L 99 -18.84 0.21 18.22
N MET L 100 -17.76 -0.54 18.30
CA MET L 100 -17.72 -1.77 19.09
C MET L 100 -17.20 -1.51 20.50
N CYS L 101 -17.05 -0.25 20.88
CA CYS L 101 -16.62 0.14 22.24
C CYS L 101 -15.26 -0.45 22.58
N ILE L 102 -14.37 -0.47 21.58
CA ILE L 102 -12.98 -0.84 21.74
C ILE L 102 -12.20 0.46 21.90
N PRO L 103 -11.06 0.50 22.59
CA PRO L 103 -10.29 1.75 22.64
C PRO L 103 -9.80 2.13 21.26
N TYR L 104 -10.14 3.34 20.83
CA TYR L 104 -9.86 3.85 19.51
C TYR L 104 -8.98 5.09 19.60
N CYS L 105 -8.50 5.54 18.45
CA CYS L 105 -7.63 6.71 18.34
C CYS L 105 -8.43 7.89 17.82
N ASN L 106 -8.52 8.96 18.63
CA ASN L 106 -9.17 10.18 18.22
C ASN L 106 -8.18 11.23 17.71
N TYR L 107 -6.98 10.80 17.33
CA TYR L 107 -5.98 11.56 16.58
C TYR L 107 -5.41 12.75 17.35
N SER L 108 -5.68 12.85 18.65
CA SER L 108 -5.18 14.00 19.41
C SER L 108 -3.84 13.72 20.09
N LYS L 109 -3.77 12.65 20.87
CA LYS L 109 -2.59 12.35 21.68
C LYS L 109 -1.79 11.20 21.08
N TYR L 110 -0.47 11.29 21.23
CA TYR L 110 0.45 10.27 20.75
C TYR L 110 1.53 10.04 21.79
N TRP L 111 2.19 8.89 21.68
CA TRP L 111 3.26 8.53 22.62
C TRP L 111 4.45 7.97 21.85
N TYR L 112 5.65 8.27 22.33
CA TYR L 112 6.87 7.82 21.69
C TYR L 112 7.95 7.60 22.74
N LEU L 113 8.99 6.89 22.35
CA LEU L 113 10.12 6.56 23.22
C LEU L 113 11.31 7.43 22.82
N ASN L 114 11.73 8.30 23.73
CA ASN L 114 12.85 9.21 23.50
C ASN L 114 14.07 8.74 24.28
N HIS L 115 15.19 8.58 23.59
CA HIS L 115 16.43 8.16 24.23
C HIS L 115 16.94 9.26 25.14
N THR L 116 17.26 8.91 26.39
CA THR L 116 17.69 9.91 27.36
C THR L 116 18.97 10.61 26.93
N THR L 117 19.89 9.87 26.31
CA THR L 117 21.18 10.42 25.90
C THR L 117 21.31 10.61 24.40
N THR L 118 20.96 9.60 23.61
CA THR L 118 21.09 9.71 22.16
C THR L 118 20.14 10.76 21.60
N GLY L 119 18.87 10.69 22.00
CA GLY L 119 17.84 11.56 21.46
C GLY L 119 17.02 10.97 20.34
N ARG L 120 17.35 9.75 19.90
CA ARG L 120 16.58 9.10 18.86
C ARG L 120 15.22 8.69 19.40
N THR L 121 14.17 9.01 18.66
CA THR L 121 12.80 8.70 19.05
C THR L 121 12.16 7.76 18.03
N SER L 122 11.19 7.00 18.50
CA SER L 122 10.40 6.16 17.62
C SER L 122 9.31 6.99 16.95
N LEU L 123 8.65 6.40 15.97
CA LEU L 123 7.51 7.05 15.36
C LEU L 123 6.35 7.04 16.36
N PRO L 124 5.87 8.21 16.79
CA PRO L 124 4.84 8.23 17.85
C PRO L 124 3.55 7.55 17.41
N LYS L 125 3.19 6.50 18.14
CA LYS L 125 1.92 5.81 17.92
C LYS L 125 0.81 6.51 18.69
N CYS L 126 -0.42 6.32 18.22
CA CYS L 126 -1.54 7.04 18.80
C CYS L 126 -1.88 6.53 20.19
N TRP L 127 -2.30 7.44 21.06
CA TRP L 127 -2.73 7.12 22.41
C TRP L 127 -4.23 6.86 22.37
N LEU L 128 -4.62 5.59 22.52
CA LEU L 128 -6.02 5.22 22.40
C LEU L 128 -6.83 5.75 23.57
N VAL L 129 -8.13 5.95 23.32
CA VAL L 129 -9.07 6.48 24.31
C VAL L 129 -10.27 5.54 24.36
N SER L 130 -10.82 5.37 25.55
CA SER L 130 -12.00 4.52 25.75
C SER L 130 -12.99 5.28 26.62
N ASN L 131 -14.15 5.62 26.05
CA ASN L 131 -15.21 6.35 26.73
C ASN L 131 -14.68 7.69 27.25
N GLY L 132 -14.06 8.46 26.35
CA GLY L 132 -13.57 9.79 26.68
C GLY L 132 -12.46 9.85 27.72
N SER L 133 -11.80 8.73 27.99
CA SER L 133 -10.68 8.69 28.94
C SER L 133 -9.51 7.98 28.30
N TYR L 134 -8.35 8.63 28.28
CA TYR L 134 -7.15 8.02 27.72
C TYR L 134 -6.75 6.80 28.54
N LEU L 135 -6.27 5.76 27.85
CA LEU L 135 -5.83 4.55 28.51
C LEU L 135 -4.61 4.82 29.37
N ASN L 136 -4.53 4.14 30.51
CA ASN L 136 -3.34 4.22 31.34
C ASN L 136 -2.15 3.56 30.63
N GLU L 137 -0.94 3.90 31.10
CA GLU L 137 0.26 3.29 30.55
C GLU L 137 0.23 1.77 30.72
N THR L 138 -0.40 1.29 31.79
CA THR L 138 -0.43 -0.15 32.06
C THR L 138 -1.24 -0.89 31.00
N HIS L 139 -2.35 -0.31 30.54
CA HIS L 139 -3.27 -1.02 29.67
C HIS L 139 -2.72 -1.23 28.25
N PHE L 140 -1.65 -0.54 27.87
CA PHE L 140 -0.98 -0.80 26.60
C PHE L 140 0.53 -0.90 26.78
N SER L 141 0.96 -1.39 27.95
CA SER L 141 2.40 -1.47 28.24
C SER L 141 3.12 -2.38 27.26
N ASP L 142 2.51 -3.52 26.90
CA ASP L 142 3.14 -4.45 25.98
C ASP L 142 3.31 -3.86 24.58
N ASP L 143 2.50 -2.87 24.22
CA ASP L 143 2.71 -2.17 22.96
C ASP L 143 4.00 -1.35 23.00
N ILE L 144 4.28 -0.72 24.14
CA ILE L 144 5.53 0.02 24.31
C ILE L 144 6.72 -0.93 24.30
N GLU L 145 6.56 -2.13 24.84
CA GLU L 145 7.66 -3.09 24.90
C GLU L 145 8.12 -3.48 23.50
N GLN L 146 7.17 -3.84 22.63
CA GLN L 146 7.54 -4.17 21.25
C GLN L 146 8.13 -2.97 20.54
N GLN L 147 7.71 -1.75 20.89
CA GLN L 147 8.31 -0.55 20.33
C GLN L 147 9.75 -0.38 20.81
N ALA L 148 9.98 -0.60 22.11
CA ALA L 148 11.34 -0.50 22.64
C ALA L 148 12.23 -1.62 22.10
N ASP L 149 11.68 -2.82 21.93
CA ASP L 149 12.45 -3.91 21.35
C ASP L 149 12.77 -3.65 19.88
N ASN L 150 11.86 -2.99 19.16
CA ASN L 150 12.14 -2.64 17.77
C ASN L 150 13.14 -1.48 17.68
N MET L 151 13.12 -0.57 18.65
CA MET L 151 14.08 0.53 18.66
C MET L 151 15.51 0.02 18.77
N ILE L 152 15.72 -1.05 19.55
CA ILE L 152 17.05 -1.62 19.69
C ILE L 152 17.52 -2.21 18.37
N THR L 153 16.67 -3.02 17.73
CA THR L 153 17.04 -3.64 16.46
C THR L 153 17.46 -2.60 15.43
N GLU L 154 16.80 -1.44 15.44
CA GLU L 154 17.19 -0.36 14.53
C GLU L 154 18.60 0.13 14.84
N MET L 155 18.91 0.34 16.13
CA MET L 155 20.25 0.79 16.49
C MET L 155 21.30 -0.24 16.10
N LEU L 156 20.99 -1.52 16.23
CA LEU L 156 21.92 -2.55 15.77
C LEU L 156 22.03 -2.55 14.26
N GLN L 157 20.89 -2.45 13.57
CA GLN L 157 20.87 -2.45 12.11
C GLN L 157 21.68 -1.30 11.54
N LYS L 158 21.69 -0.15 12.23
CA LYS L 158 22.44 1.00 11.74
C LYS L 158 23.94 0.82 11.99
N GLU L 159 24.31 0.40 13.20
CA GLU L 159 25.73 0.23 13.52
C GLU L 159 26.32 -1.02 12.89
N TYR L 160 25.49 -2.00 12.54
CA TYR L 160 25.98 -3.17 11.83
C TYR L 160 26.42 -2.81 10.41
N MET L 161 25.74 -1.86 9.78
CA MET L 161 26.09 -1.41 8.44
C MET L 161 27.23 -0.40 8.49
C1 NAG M . -25.67 -17.35 9.23
C2 NAG M . -25.95 -18.86 9.09
C3 NAG M . -26.06 -19.51 10.46
C4 NAG M . -24.84 -19.19 11.31
C5 NAG M . -24.64 -17.68 11.37
C6 NAG M . -23.39 -17.28 12.11
C7 NAG M . -27.26 -20.04 7.38
C8 NAG M . -28.58 -20.13 6.67
N2 NAG M . -27.16 -19.08 8.31
O3 NAG M . -26.20 -20.92 10.31
O4 NAG M . -25.00 -19.70 12.63
O5 NAG M . -24.51 -17.16 10.04
O6 NAG M . -22.23 -17.41 11.30
O7 NAG M . -26.32 -20.79 7.11
C1 NAG M . -24.26 -20.69 13.23
C2 NAG M . -24.00 -20.43 14.72
C3 NAG M . -23.18 -21.57 15.31
C4 NAG M . -23.89 -22.90 15.06
C5 NAG M . -24.17 -23.07 13.58
C6 NAG M . -24.98 -24.32 13.27
C7 NAG M . -23.87 -18.12 15.53
C8 NAG M . -23.02 -16.89 15.65
N2 NAG M . -23.31 -19.16 14.91
O3 NAG M . -23.01 -21.36 16.71
O4 NAG M . -23.08 -23.98 15.52
O5 NAG M . -24.92 -21.96 13.08
O6 NAG M . -26.32 -24.20 13.74
O7 NAG M . -25.02 -18.16 15.96
C1 BMA M . -23.27 -24.53 16.76
C2 BMA M . -24.03 -25.86 16.96
C3 BMA M . -23.17 -26.84 17.75
C4 BMA M . -22.70 -26.26 19.10
C5 BMA M . -22.64 -24.73 19.06
C6 BMA M . -21.63 -24.15 20.04
O2 BMA M . -24.31 -26.47 15.70
O3 BMA M . -22.06 -27.28 16.98
O4 BMA M . -23.58 -26.67 20.14
O5 BMA M . -22.26 -24.33 17.73
O6 BMA M . -21.90 -22.76 20.20
C1 NAG N . -34.38 -23.70 -12.79
C2 NAG N . -35.37 -23.98 -13.93
C3 NAG N . -36.71 -23.35 -13.63
C4 NAG N . -37.22 -23.83 -12.27
C5 NAG N . -36.18 -23.53 -11.20
C6 NAG N . -36.58 -24.07 -9.84
C7 NAG N . -34.04 -24.20 -16.00
C8 NAG N . -33.63 -23.53 -17.28
N2 NAG N . -34.86 -23.48 -15.20
O3 NAG N . -37.65 -23.70 -14.65
O4 NAG N . -38.45 -23.18 -11.95
O5 NAG N . -34.95 -24.16 -11.55
O6 NAG N . -36.46 -25.48 -9.78
O7 NAG N . -33.67 -25.32 -15.70
C1 NAG N . -39.81 -23.18 -12.09
C2 NAG N . -41.03 -22.56 -11.40
C3 NAG N . -42.22 -23.50 -11.53
C4 NAG N . -42.50 -23.80 -13.00
C5 NAG N . -41.24 -24.33 -13.68
C6 NAG N . -41.39 -24.46 -15.18
C7 NAG N . -40.42 -21.05 -9.59
C8 NAG N . -40.13 -20.91 -8.12
N2 NAG N . -40.74 -22.27 -10.01
O3 NAG N . -43.36 -22.90 -10.93
O4 NAG N . -43.55 -24.74 -13.13
O5 NAG N . -40.12 -23.46 -13.46
O6 NAG N . -41.41 -23.19 -15.82
O7 NAG N . -40.38 -20.08 -10.35
C1 NAG O . -36.29 -16.76 -26.26
C2 NAG O . -35.81 -18.21 -26.43
C3 NAG O . -34.65 -18.25 -27.43
C4 NAG O . -35.05 -17.58 -28.74
C5 NAG O . -35.57 -16.17 -28.47
C6 NAG O . -36.10 -15.49 -29.70
C7 NAG O . -36.19 -19.62 -24.47
C8 NAG O . -35.61 -20.12 -23.18
N2 NAG O . -35.41 -18.78 -25.16
O3 NAG O . -34.30 -19.61 -27.68
O4 NAG O . -33.93 -17.51 -29.61
O5 NAG O . -36.65 -16.22 -27.52
O6 NAG O . -37.35 -16.03 -30.11
O7 NAG O . -37.30 -19.96 -24.85
C1 NAG O . -33.87 -18.17 -30.81
C2 NAG O . -33.19 -17.39 -31.94
C3 NAG O . -33.28 -18.18 -33.25
C4 NAG O . -32.74 -19.59 -33.06
C5 NAG O . -33.44 -20.27 -31.89
C6 NAG O . -32.85 -21.63 -31.57
C7 NAG O . -33.05 -14.94 -31.96
C8 NAG O . -33.81 -13.67 -32.15
N2 NAG O . -33.76 -16.07 -32.09
O3 NAG O . -32.54 -17.51 -34.26
O4 NAG O . -32.96 -20.35 -34.24
O5 NAG O . -33.30 -19.47 -30.70
O6 NAG O . -31.58 -21.52 -30.96
O7 NAG O . -31.86 -14.96 -31.70
C1 NAG P . -2.86 2.75 -31.72
C2 NAG P . -1.87 3.37 -32.71
C3 NAG P . -1.35 2.31 -33.67
C4 NAG P . -0.80 1.11 -32.92
C5 NAG P . -1.86 0.59 -31.94
C6 NAG P . -1.35 -0.55 -31.08
C7 NAG P . -1.82 5.60 -33.74
C8 NAG P . -2.60 6.63 -34.49
N2 NAG P . -2.48 4.47 -33.42
O3 NAG P . -0.34 2.87 -34.50
O4 NAG P . -0.43 0.08 -33.82
O5 NAG P . -2.26 1.64 -31.05
O6 NAG P . -0.59 -0.07 -29.99
O7 NAG P . -0.64 5.76 -33.44
C1 NAG P . 0.83 -0.42 -34.03
C2 NAG P . 0.88 -1.92 -34.24
C3 NAG P . 2.31 -2.37 -34.54
C4 NAG P . 2.87 -1.58 -35.72
C5 NAG P . 2.73 -0.08 -35.47
C6 NAG P . 3.16 0.75 -36.66
C7 NAG P . -0.77 -3.37 -33.14
C8 NAG P . -1.16 -4.04 -31.85
N2 NAG P . 0.35 -2.64 -33.09
O3 NAG P . 2.33 -3.77 -34.82
O4 NAG P . 4.24 -1.91 -35.91
O5 NAG P . 1.37 0.25 -35.19
O6 NAG P . 2.21 0.66 -37.71
O7 NAG P . -1.44 -3.48 -34.16
C1 BMA P . 4.62 -2.85 -36.85
C2 BMA P . 5.15 -2.48 -38.23
C3 BMA P . 6.52 -3.13 -38.47
C4 BMA P . 6.46 -4.67 -38.29
C5 BMA P . 5.32 -5.09 -37.35
C6 BMA P . 5.58 -6.40 -36.65
O2 BMA P . 5.36 -1.07 -38.33
O3 BMA P . 7.51 -2.58 -37.62
O4 BMA P . 6.30 -5.29 -39.55
O5 BMA P . 5.16 -4.06 -36.36
O6 BMA P . 4.36 -6.87 -36.10
C1 NAG Q . -4.93 26.92 -33.49
C2 NAG Q . -5.30 28.35 -33.90
C3 NAG Q . -6.62 28.36 -34.66
C4 NAG Q . -6.55 27.39 -35.84
C5 NAG Q . -6.16 26.00 -35.35
C6 NAG Q . -5.97 25.00 -36.46
C7 NAG Q . -4.32 29.91 -32.27
C8 NAG Q . -4.59 30.77 -31.07
N2 NAG Q . -5.37 29.23 -32.75
O3 NAG Q . -6.90 29.67 -35.13
O4 NAG Q . -7.83 27.31 -36.47
O5 NAG Q . -4.90 26.08 -34.64
O6 NAG Q . -4.71 25.17 -37.11
O7 NAG Q . -3.21 29.84 -32.79
C1 NAG Q . -8.13 27.76 -37.73
C2 NAG Q . -9.43 27.22 -38.29
C3 NAG Q . -9.64 27.74 -39.70
C4 NAG Q . -9.62 29.26 -39.71
C5 NAG Q . -8.33 29.79 -39.07
C6 NAG Q . -8.34 31.28 -38.86
C7 NAG Q . -10.29 25.06 -37.49
C8 NAG Q . -10.18 23.57 -37.59
N2 NAG Q . -9.46 25.77 -38.26
O3 NAG Q . -10.89 27.26 -40.20
O4 NAG Q . -9.71 29.74 -41.04
O5 NAG Q . -8.14 29.19 -37.76
O6 NAG Q . -9.32 31.67 -37.90
O7 NAG Q . -11.09 25.61 -36.74
C1 NAG R . -12.42 38.09 -26.03
C2 NAG R . -11.02 38.52 -26.47
C3 NAG R . -10.29 39.16 -25.30
C4 NAG R . -11.10 40.30 -24.71
C5 NAG R . -12.51 39.80 -24.34
C6 NAG R . -13.42 40.90 -23.87
C7 NAG R . -10.16 37.14 -28.31
C8 NAG R . -9.34 35.94 -28.68
N2 NAG R . -10.28 37.39 -27.00
O3 NAG R . -9.03 39.66 -25.76
O4 NAG R . -10.47 40.79 -23.54
O5 NAG R . -13.12 39.22 -25.50
O6 NAG R . -13.78 41.78 -24.92
O7 NAG R . -10.68 37.86 -29.15
C1 NAG R . -9.96 42.08 -23.50
C2 NAG R . -10.11 42.62 -22.09
C3 NAG R . -9.57 44.05 -22.02
C4 NAG R . -8.15 44.12 -22.55
C5 NAG R . -8.08 43.50 -23.94
C6 NAG R . -6.67 43.40 -24.48
C7 NAG R . -11.87 41.95 -20.52
C8 NAG R . -13.34 41.99 -20.21
N2 NAG R . -11.49 42.57 -21.63
O3 NAG R . -9.61 44.51 -20.67
O4 NAG R . -7.71 45.46 -22.61
O5 NAG R . -8.60 42.16 -23.92
O6 NAG R . -5.90 42.45 -23.77
O7 NAG R . -11.07 41.36 -19.79
C1 BMA R . -6.79 45.91 -21.68
C2 BMA R . -5.83 46.92 -22.30
C3 BMA R . -4.80 47.38 -21.26
C4 BMA R . -5.48 47.78 -19.93
C5 BMA R . -6.40 46.64 -19.44
C6 BMA R . -7.15 46.99 -18.17
O2 BMA R . -6.52 48.09 -22.72
O3 BMA R . -4.00 48.45 -21.74
O4 BMA R . -4.50 48.05 -18.95
O5 BMA R . -7.37 46.37 -20.47
O6 BMA R . -7.95 45.88 -17.81
C1 MAN R . -2.70 48.32 -22.16
C2 MAN R . -1.98 49.68 -22.03
C3 MAN R . -2.46 50.65 -23.12
C4 MAN R . -2.40 49.98 -24.51
C5 MAN R . -3.22 48.68 -24.49
C6 MAN R . -3.17 47.93 -25.80
O2 MAN R . -0.57 49.54 -22.23
O3 MAN R . -1.72 51.85 -23.12
O4 MAN R . -2.94 50.86 -25.49
O5 MAN R . -2.68 47.81 -23.47
O6 MAN R . -4.05 46.82 -25.72
C1 NAG S . -5.99 29.56 11.63
C2 NAG S . -5.82 30.07 13.06
C3 NAG S . -4.74 31.17 13.10
C4 NAG S . -3.45 30.66 12.48
C5 NAG S . -3.72 30.15 11.07
C6 NAG S . -2.50 29.54 10.42
C7 NAG S . -7.49 30.33 14.83
C8 NAG S . -8.82 30.93 15.21
N2 NAG S . -7.07 30.57 13.59
O3 NAG S . -4.52 31.56 14.45
O4 NAG S . -2.49 31.72 12.42
O5 NAG S . -4.72 29.12 11.11
O6 NAG S . -2.28 28.21 10.86
O7 NAG S . -6.83 29.66 15.62
C1 NAG S . -1.31 31.74 13.12
C2 NAG S . -0.19 32.39 12.33
C3 NAG S . 1.09 32.43 13.16
C4 NAG S . 0.83 33.17 14.46
C5 NAG S . -0.35 32.55 15.21
C6 NAG S . -0.78 33.36 16.42
C7 NAG S . -0.22 32.25 9.88
C8 NAG S . 0.08 31.39 8.69
N2 NAG S . 0.04 31.70 11.07
O3 NAG S . 2.11 33.07 12.42
O4 NAG S . 1.99 33.12 15.28
O5 NAG S . -1.50 32.46 14.36
O6 NAG S . -1.39 34.59 16.03
O7 NAG S . -0.69 33.38 9.77
C1 BMA S . 2.89 34.16 15.35
C2 BMA S . 2.78 35.28 16.40
C3 BMA S . 4.16 35.59 17.01
C4 BMA S . 5.26 35.83 15.93
C5 BMA S . 4.85 35.25 14.57
C6 BMA S . 6.04 34.97 13.67
O2 BMA S . 1.96 34.88 17.48
O3 BMA S . 4.58 34.59 17.92
O4 BMA S . 5.53 37.21 15.82
O5 BMA S . 4.18 34.02 14.81
O6 BMA S . 5.57 34.84 12.34
C1 NAG T . -25.23 24.28 25.75
C2 NAG T . -26.55 24.31 26.51
C3 NAG T . -27.51 25.30 25.88
C4 NAG T . -26.86 26.67 25.75
C5 NAG T . -25.52 26.55 25.03
C6 NAG T . -24.75 27.85 24.98
C7 NAG T . -26.93 22.11 27.57
C8 NAG T . -27.63 20.80 27.46
N2 NAG T . -27.15 22.98 26.57
O3 NAG T . -28.69 25.40 26.67
O4 NAG T . -27.70 27.56 25.03
O5 NAG T . -24.68 25.60 25.69
O6 NAG T . -24.20 28.18 26.25
O7 NAG T . -26.19 22.39 28.51
C1 NAG T . -28.35 28.64 25.58
C2 NAG T . -28.84 29.65 24.55
C3 NAG T . -29.52 30.82 25.23
C4 NAG T . -30.63 30.32 26.15
C5 NAG T . -30.08 29.27 27.12
C6 NAG T . -31.15 28.63 27.96
C7 NAG T . -27.63 29.85 22.42
C8 NAG T . -26.43 30.42 21.72
N2 NAG T . -27.73 30.12 23.72
O3 NAG T . -30.07 31.70 24.26
O4 NAG T . -31.19 31.40 26.88
O5 NAG T . -29.45 28.21 26.38
O6 NAG T . -32.10 27.92 27.17
O7 NAG T . -28.46 29.18 21.82
C1 NAG U . -37.93 15.93 24.53
C2 NAG U . -37.34 15.86 25.93
C3 NAG U . -37.24 14.42 26.40
C4 NAG U . -38.59 13.72 26.28
C5 NAG U . -39.13 13.87 24.86
C6 NAG U . -40.52 13.33 24.69
C7 NAG U . -35.84 17.76 26.41
C8 NAG U . -34.42 18.25 26.39
N2 NAG U . -36.03 16.51 25.98
O3 NAG U . -36.81 14.38 27.76
O4 NAG U . -38.47 12.34 26.59
O5 NAG U . -39.20 15.27 24.51
O6 NAG U . -41.49 14.14 25.32
O7 NAG U . -36.77 18.45 26.80
C1 NAG U . -39.10 11.82 27.70
C2 NAG U . -39.52 10.39 27.45
C3 NAG U . -40.26 9.83 28.67
C4 NAG U . -39.40 10.00 29.92
C5 NAG U . -38.95 11.46 30.06
C6 NAG U . -37.98 11.67 31.21
C7 NAG U . -40.07 9.50 25.23
C8 NAG U . -41.05 9.52 24.09
N2 NAG U . -40.36 10.29 26.27
O3 NAG U . -40.55 8.46 28.47
O4 NAG U . -40.13 9.62 31.08
O5 NAG U . -38.28 11.89 28.87
O6 NAG U . -36.73 11.06 30.95
O7 NAG U . -39.07 8.79 25.21
C1 BMA U . -39.81 8.45 31.70
C2 BMA U . -40.06 8.58 33.20
C3 BMA U . -39.69 7.27 33.91
C4 BMA U . -40.31 6.05 33.21
C5 BMA U . -39.95 6.07 31.72
C6 BMA U . -40.57 4.93 30.95
O2 BMA U . -41.43 8.82 33.47
O3 BMA U . -40.09 7.30 35.28
O4 BMA U . -39.84 4.86 33.81
O5 BMA U . -40.42 7.30 31.15
O6 BMA U . -40.17 5.02 29.58
C1 NAG V . -26.36 33.61 9.11
C2 NAG V . -26.23 34.50 10.35
C3 NAG V . -27.17 35.69 10.26
C4 NAG V . -26.94 36.45 8.95
C5 NAG V . -27.07 35.49 7.77
C6 NAG V . -26.77 36.13 6.44
C7 NAG V . -25.96 34.05 12.75
C8 NAG V . -26.36 33.17 13.91
N2 NAG V . -26.50 33.74 11.57
O3 NAG V . -26.94 36.57 11.35
O4 NAG V . -27.89 37.50 8.82
O5 NAG V . -26.14 34.41 7.93
O6 NAG V . -25.38 36.28 6.23
O7 NAG V . -25.21 35.01 12.89
C1 NAG V . -27.49 38.80 8.95
C2 NAG V . -28.45 39.80 8.31
C3 NAG V . -27.87 41.22 8.39
C4 NAG V . -27.50 41.56 9.82
C5 NAG V . -26.57 40.49 10.41
C6 NAG V . -26.27 40.71 11.87
C7 NAG V . -29.90 38.88 6.56
C8 NAG V . -30.03 38.58 5.10
N2 NAG V . -28.75 39.44 6.93
O3 NAG V . -28.83 42.14 7.89
O4 NAG V . -26.84 42.83 9.86
O5 NAG V . -27.20 39.20 10.30
O6 NAG V . -27.46 40.66 12.66
O7 NAG V . -30.79 38.63 7.36
C1 NAG W . -15.61 -21.87 -7.38
C2 NAG W . -17.04 -21.81 -6.86
C3 NAG W . -17.51 -23.20 -6.43
C4 NAG W . -17.33 -24.19 -7.57
C5 NAG W . -15.89 -24.16 -8.08
C6 NAG W . -15.68 -25.01 -9.31
C7 NAG W . -18.01 -19.82 -5.81
C8 NAG W . -18.03 -18.93 -4.60
N2 NAG W . -17.18 -20.86 -5.76
O3 NAG W . -18.87 -23.14 -6.04
O4 NAG W . -17.63 -25.51 -7.12
O5 NAG W . -15.53 -22.82 -8.45
O6 NAG W . -16.43 -24.52 -10.42
O7 NAG W . -18.72 -19.59 -6.79
C1 NAG W . -18.78 -26.25 -7.24
C2 NAG W . -18.48 -27.75 -7.27
C3 NAG W . -19.76 -28.54 -7.45
C4 NAG W . -20.79 -28.15 -6.40
C5 NAG W . -20.99 -26.64 -6.41
C6 NAG W . -21.91 -26.15 -5.31
C7 NAG W . -16.28 -28.50 -8.06
C8 NAG W . -15.42 -28.79 -9.25
N2 NAG W . -17.52 -28.08 -8.31
O3 NAG W . -19.48 -29.94 -7.36
O4 NAG W . -22.03 -28.78 -6.67
O5 NAG W . -19.74 -25.96 -6.22
O6 NAG W . -21.59 -26.74 -4.06
O7 NAG W . -15.86 -28.64 -6.91
C1 BMA W . -22.33 -29.80 -5.80
C2 BMA W . -23.77 -29.61 -5.29
C3 BMA W . -24.13 -30.70 -4.28
C4 BMA W . -23.75 -32.10 -4.80
C5 BMA W . -22.28 -32.12 -5.24
C6 BMA W . -21.85 -33.45 -5.82
O2 BMA W . -24.71 -29.74 -6.36
O3 BMA W . -25.51 -30.67 -3.93
O4 BMA W . -23.96 -33.06 -3.78
O5 BMA W . -22.10 -31.11 -6.25
O6 BMA W . -20.46 -33.39 -6.13
C1 MAN W . -25.75 -30.53 -2.59
C2 MAN W . -27.16 -31.13 -2.40
C3 MAN W . -28.24 -30.16 -2.87
C4 MAN W . -28.00 -28.74 -2.31
C5 MAN W . -26.58 -28.28 -2.69
C6 MAN W . -26.25 -26.90 -2.16
O2 MAN W . -27.44 -31.40 -1.01
O3 MAN W . -29.55 -30.60 -2.51
O4 MAN W . -28.95 -27.84 -2.84
O5 MAN W . -25.64 -29.21 -2.13
O6 MAN W . -26.25 -26.96 -0.73
C1 MAN W . -27.16 -32.64 -0.49
C2 MAN W . -28.09 -33.62 -1.23
C3 MAN W . -29.52 -33.45 -0.75
C4 MAN W . -29.60 -33.48 0.79
C5 MAN W . -28.64 -32.44 1.39
C6 MAN W . -28.59 -32.50 2.91
O2 MAN W . -27.74 -34.98 -0.94
O3 MAN W . -30.39 -34.43 -1.31
O4 MAN W . -30.92 -33.19 1.21
O5 MAN W . -27.31 -32.69 0.91
O6 MAN W . -28.20 -33.81 3.29
C1 NAG X . -0.44 -30.27 9.14
C2 NAG X . -1.77 -29.72 9.64
C3 NAG X . -1.95 -30.04 11.12
C4 NAG X . -1.77 -31.54 11.36
C5 NAG X . -0.44 -32.01 10.77
C6 NAG X . -0.26 -33.51 10.86
C7 NAG X . -2.89 -27.72 8.76
C8 NAG X . -2.84 -26.24 8.62
N2 NAG X . -1.87 -28.28 9.41
O3 NAG X . -3.25 -29.63 11.54
O4 NAG X . -1.79 -31.81 12.75
O5 NAG X . -0.37 -31.67 9.39
O6 NAG X . -0.94 -34.18 9.80
O7 NAG X . -3.81 -28.39 8.30
C1 NAG X . -2.79 -32.56 13.32
C2 NAG X . -2.39 -33.10 14.69
C3 NAG X . -3.56 -33.84 15.33
C4 NAG X . -4.80 -32.95 15.37
C5 NAG X . -5.10 -32.40 13.97
C6 NAG X . -6.24 -31.41 13.96
C7 NAG X . 0.02 -33.52 14.72
C8 NAG X . 1.10 -34.54 14.58
N2 NAG X . -1.23 -33.96 14.60
O3 NAG X . -3.22 -34.24 16.65
O4 NAG X . -5.92 -33.71 15.82
O5 NAG X . -3.95 -31.73 13.46
O6 NAG X . -5.84 -30.16 14.49
O7 NAG X . 0.28 -32.33 14.92
C1 BMA X . -6.63 -33.43 16.96
C2 BMA X . -8.03 -34.04 16.79
C3 BMA X . -9.01 -33.44 17.82
C4 BMA X . -8.40 -33.42 19.23
C5 BMA X . -7.01 -32.76 19.21
C6 BMA X . -6.34 -32.77 20.57
O2 BMA X . -8.01 -35.44 17.01
O3 BMA X . -10.24 -34.14 17.83
O4 BMA X . -9.26 -32.72 20.12
O5 BMA X . -6.19 -33.48 18.29
O6 BMA X . -6.16 -34.12 20.98
C1 MAN X . -11.42 -33.71 17.28
C2 MAN X . -12.62 -34.07 18.19
C3 MAN X . -12.93 -35.57 18.09
C4 MAN X . -13.02 -36.02 16.62
C5 MAN X . -11.71 -35.66 15.90
C6 MAN X . -11.71 -36.03 14.43
O2 MAN X . -13.81 -33.39 17.78
O3 MAN X . -14.14 -35.90 18.78
O4 MAN X . -13.23 -37.42 16.54
O5 MAN X . -11.53 -34.23 15.98
O6 MAN X . -10.41 -35.81 13.91
C1 MAN X . -6.68 -34.60 22.16
C2 MAN X . -5.69 -34.48 23.34
C3 MAN X . -4.69 -35.64 23.30
C4 MAN X . -5.40 -37.00 23.14
C5 MAN X . -6.29 -36.96 21.89
C6 MAN X . -7.08 -38.25 21.69
O2 MAN X . -6.35 -34.60 24.59
O3 MAN X . -3.87 -35.65 24.46
O4 MAN X . -4.45 -38.03 23.01
O5 MAN X . -7.24 -35.89 22.04
O6 MAN X . -6.16 -39.32 21.50
C1 NAG Y . -6.78 -33.63 -12.55
C2 NAG Y . -6.15 -34.97 -12.13
C3 NAG Y . -7.21 -36.08 -12.10
C4 NAG Y . -8.39 -35.65 -11.24
C5 NAG Y . -8.93 -34.32 -11.75
C6 NAG Y . -10.08 -33.78 -10.91
C7 NAG Y . -3.78 -35.30 -12.66
C8 NAG Y . -2.78 -35.72 -13.71
N2 NAG Y . -5.06 -35.33 -13.03
O3 NAG Y . -6.62 -37.27 -11.57
O4 NAG Y . -9.41 -36.64 -11.28
O5 NAG Y . -7.89 -33.34 -11.70
O6 NAG Y . -9.60 -33.09 -9.77
O7 NAG Y . -3.43 -34.95 -11.54
C1 NAG Y . -9.83 -37.19 -10.08
C2 NAG Y . -11.21 -37.84 -10.08
C3 NAG Y . -11.60 -38.25 -8.66
C4 NAG Y . -10.51 -39.10 -8.04
C5 NAG Y . -9.17 -38.38 -8.12
C6 NAG Y . -8.01 -39.22 -7.60
C7 NAG Y . -12.45 -36.82 -11.94
C8 NAG Y . -13.52 -35.84 -12.33
N2 NAG Y . -12.21 -36.93 -10.63
O3 NAG Y . -12.83 -38.97 -8.69
O4 NAG Y . -10.82 -39.37 -6.67
O5 NAG Y . -8.88 -38.07 -9.48
O6 NAG Y . -7.53 -40.12 -8.59
O7 NAG Y . -11.83 -37.48 -12.77
C1 FUC Y . -10.51 -33.29 -8.76
C2 FUC Y . -9.76 -33.13 -7.44
C3 FUC Y . -9.08 -31.75 -7.36
C4 FUC Y . -10.11 -30.64 -7.62
C5 FUC Y . -10.83 -30.89 -8.95
C6 FUC Y . -11.96 -29.92 -9.20
O2 FUC Y . -8.80 -34.17 -7.23
O3 FUC Y . -8.53 -31.54 -6.06
O4 FUC Y . -11.05 -30.60 -6.56
O5 FUC Y . -11.39 -32.22 -9.01
C1 NAG Z . 5.84 16.76 -20.82
C2 NAG Z . 4.87 16.65 -22.00
C3 NAG Z . 5.64 16.75 -23.31
C4 NAG Z . 6.46 18.03 -23.34
C5 NAG Z . 7.35 18.12 -22.10
C6 NAG Z . 8.07 19.45 -21.99
C7 NAG Z . 2.79 15.36 -22.15
C8 NAG Z . 2.17 14.00 -22.06
N2 NAG Z . 4.12 15.41 -21.94
O3 NAG Z . 4.73 16.73 -24.40
O4 NAG Z . 7.29 18.05 -24.50
O5 NAG Z . 6.56 17.98 -20.91
O6 NAG Z . 7.16 20.52 -21.77
O7 NAG Z . 2.14 16.36 -22.40
C1 NAG Z . 7.12 18.69 -25.71
C2 NAG Z . 8.46 19.01 -26.34
C3 NAG Z . 8.27 19.70 -27.68
C4 NAG Z . 7.36 18.88 -28.58
C5 NAG Z . 6.06 18.55 -27.86
C6 NAG Z . 5.17 17.62 -28.64
C7 NAG Z . 10.37 19.39 -24.84
C8 NAG Z . 11.08 20.39 -23.96
N2 NAG Z . 9.27 19.83 -25.45
O3 NAG Z . 9.54 19.89 -28.31
O4 NAG Z . 7.06 19.60 -29.77
O5 NAG Z . 6.34 17.90 -26.61
O6 NAG Z . 5.91 16.58 -29.26
O7 NAG Z . 10.79 18.25 -25.00
C1 BMA Z . 7.65 19.16 -30.93
C2 BMA Z . 6.62 19.02 -32.05
C3 BMA Z . 7.25 18.38 -33.27
C4 BMA Z . 8.58 19.06 -33.64
C5 BMA Z . 9.51 19.09 -32.42
C6 BMA Z . 10.83 19.79 -32.70
O2 BMA Z . 6.14 20.31 -32.45
O3 BMA Z . 6.37 18.41 -34.40
O4 BMA Z . 9.21 18.37 -34.70
O5 BMA Z . 8.84 19.79 -31.36
O6 BMA Z . 11.65 19.65 -31.55
C1 MAN Z . 6.10 17.21 -35.02
C2 MAN Z . 5.74 17.45 -36.50
C3 MAN Z . 4.33 18.02 -36.61
C4 MAN Z . 3.32 17.17 -35.81
C5 MAN Z . 3.79 17.09 -34.35
C6 MAN Z . 2.88 16.23 -33.50
O2 MAN Z . 5.72 16.23 -37.24
O3 MAN Z . 3.90 18.12 -37.97
O4 MAN Z . 2.03 17.75 -35.87
O5 MAN Z . 5.10 16.50 -34.31
O6 MAN Z . 2.86 14.91 -34.05
C1 NAG AA . 23.07 0.12 -20.45
C2 NAG AA . 21.85 -0.14 -21.33
C3 NAG AA . 22.09 -1.36 -22.21
C4 NAG AA . 23.37 -1.21 -23.01
C5 NAG AA . 24.54 -0.90 -22.07
C6 NAG AA . 25.82 -0.59 -22.81
C7 NAG AA . 19.53 0.38 -20.72
C8 NAG AA . 18.40 0.07 -19.79
N2 NAG AA . 20.66 -0.31 -20.52
O3 NAG AA . 20.99 -1.52 -23.10
O4 NAG AA . 23.66 -2.41 -23.72
O5 NAG AA . 24.23 0.27 -21.29
O6 NAG AA . 25.81 0.72 -23.36
O7 NAG AA . 19.44 1.21 -21.60
C1 NAG AA . 23.64 -2.48 -25.10
C2 NAG AA . 24.46 -3.64 -25.65
C3 NAG AA . 24.37 -3.67 -27.17
C4 NAG AA . 22.92 -3.68 -27.63
C5 NAG AA . 22.17 -2.51 -27.00
C6 NAG AA . 20.69 -2.52 -27.31
C7 NAG AA . 26.29 -4.14 -24.09
C8 NAG AA . 27.74 -3.96 -23.79
N2 NAG AA . 25.84 -3.57 -25.21
O3 NAG AA . 25.04 -4.84 -27.66
O4 NAG AA . 22.86 -3.56 -29.05
O5 NAG AA . 22.29 -2.57 -25.57
O6 NAG AA . 19.99 -3.44 -26.48
O7 NAG AA . 25.55 -4.78 -23.35
C1 NAG BA . 20.15 22.67 -19.30
C2 NAG BA . 21.61 22.52 -19.76
C3 NAG BA . 21.80 23.03 -21.18
C4 NAG BA . 20.78 22.39 -22.11
C5 NAG BA . 19.37 22.62 -21.56
C6 NAG BA . 18.29 21.99 -22.39
C7 NAG BA . 23.36 22.55 -18.02
C8 NAG BA . 24.22 23.41 -17.16
N2 NAG BA . 22.52 23.19 -18.85
O3 NAG BA . 23.11 22.74 -21.63
O4 NAG BA . 20.87 22.96 -23.42
O5 NAG BA . 19.29 22.05 -20.25
O6 NAG BA . 18.11 20.62 -22.05
O7 NAG BA . 23.41 21.32 -17.99
C1 NAG BA . 21.08 22.13 -24.50
C2 NAG BA . 20.68 22.66 -25.87
C3 NAG BA . 20.80 21.57 -26.93
C4 NAG BA . 22.18 20.94 -26.88
C5 NAG BA . 22.50 20.47 -25.47
C6 NAG BA . 23.89 19.90 -25.32
C7 NAG BA . 19.03 24.44 -25.48
C8 NAG BA . 17.58 24.83 -25.52
N2 NAG BA . 19.33 23.20 -25.85
O3 NAG BA . 20.56 22.13 -28.22
O4 NAG BA . 22.24 19.83 -27.78
O5 NAG BA . 22.39 21.57 -24.56
O6 NAG BA . 24.84 20.93 -25.08
O7 NAG BA . 19.89 25.24 -25.12
C1 FUC BA . 17.71 20.01 -23.22
C2 FUC BA . 18.12 18.54 -23.06
C3 FUC BA . 17.49 17.93 -21.80
C4 FUC BA . 15.97 18.14 -21.81
C5 FUC BA . 15.66 19.64 -21.98
C6 FUC BA . 14.18 19.94 -22.15
O2 FUC BA . 19.53 18.38 -23.05
O3 FUC BA . 17.73 16.52 -21.78
O4 FUC BA . 15.39 17.40 -22.87
O5 FUC BA . 16.31 20.19 -23.14
C1 NAG CA . -9.52 13.03 22.32
C2 NAG CA . -10.18 14.36 21.96
C3 NAG CA . -9.84 15.41 23.02
C4 NAG CA . -10.24 14.91 24.40
C5 NAG CA . -9.64 13.53 24.67
C6 NAG CA . -10.14 12.92 25.96
C7 NAG CA . -10.66 15.34 19.77
C8 NAG CA . -10.10 15.76 18.45
N2 NAG CA . -9.79 14.82 20.64
O3 NAG CA . -10.52 16.62 22.72
O4 NAG CA . -9.80 15.82 25.39
O5 NAG CA . -9.96 12.62 23.62
O6 NAG CA . -11.56 12.91 26.01
O7 NAG CA . -11.85 15.47 20.03
C1 NAG CA . -10.40 16.75 26.19
C2 NAG CA . -9.78 16.91 27.57
C3 NAG CA . -10.53 17.97 28.38
C4 NAG CA . -10.60 19.27 27.61
C5 NAG CA . -11.18 19.03 26.22
C6 NAG CA . -11.17 20.26 25.34
C7 NAG CA . -8.63 14.99 28.59
C8 NAG CA . -8.79 13.69 29.32
N2 NAG CA . -9.76 15.64 28.29
O3 NAG CA . -9.86 18.18 29.63
O4 NAG CA . -11.43 20.20 28.29
O5 NAG CA . -10.42 18.03 25.53
O6 NAG CA . -9.91 20.92 25.39
O7 NAG CA . -7.53 15.43 28.28
C1 BMA CA . -10.90 21.29 28.95
C2 BMA CA . -11.61 22.58 28.50
C3 BMA CA . -10.96 23.80 29.17
C4 BMA CA . -10.80 23.58 30.69
C5 BMA CA . -10.07 22.26 30.96
C6 BMA CA . -9.93 21.96 32.44
O2 BMA CA . -12.97 22.58 28.89
O3 BMA CA . -11.70 24.99 28.92
O4 BMA CA . -10.08 24.66 31.26
O5 BMA CA . -10.81 21.20 30.35
O6 BMA CA . -9.27 20.70 32.57
C1 MAN CA . -11.17 26.04 28.20
C2 MAN CA . -11.80 27.37 28.66
C3 MAN CA . -13.12 27.60 27.92
C4 MAN CA . -12.93 27.45 26.40
C5 MAN CA . -12.38 26.04 26.12
C6 MAN CA . -12.14 25.79 24.64
O2 MAN CA . -10.97 28.48 28.34
O3 MAN CA . -13.66 28.90 28.21
O4 MAN CA . -14.17 27.61 25.74
O5 MAN CA . -11.12 25.89 26.80
O6 MAN CA . -11.04 26.59 24.23
C1 NAG DA . 14.33 13.93 23.78
C2 NAG DA . 13.60 15.11 23.12
C3 NAG DA . 14.57 16.25 22.88
C4 NAG DA . 15.28 16.64 24.17
C5 NAG DA . 15.94 15.41 24.79
C6 NAG DA . 16.54 15.68 26.14
C7 NAG DA . 11.67 14.92 21.59
C8 NAG DA . 11.20 14.43 20.26
N2 NAG DA . 12.97 14.70 21.88
O3 NAG DA . 13.86 17.38 22.36
O4 NAG DA . 16.27 17.62 23.90
O5 NAG DA . 14.95 14.38 24.99
O6 NAG DA . 15.55 15.75 27.16
O7 NAG DA . 10.95 15.50 22.38
C1 NAG DA . 16.23 18.91 24.36
C2 NAG DA . 17.61 19.56 24.36
C3 NAG DA . 17.51 21.01 24.83
C4 NAG DA . 16.49 21.77 23.99
C5 NAG DA . 15.15 21.03 23.99
C6 NAG DA . 14.13 21.66 23.09
C7 NAG DA . 19.32 17.84 24.74
C8 NAG DA . 20.21 17.18 25.75
N2 NAG DA . 18.53 18.81 25.20
O3 NAG DA . 18.78 21.64 24.72
O4 NAG DA . 16.30 23.08 24.53
O5 NAG DA . 15.34 19.69 23.54
O6 NAG DA . 14.35 21.32 21.73
O7 NAG DA . 19.32 17.51 23.56
C1 NAG EA . -3.89 6.35 35.21
C2 NAG EA . -2.81 6.51 36.27
C3 NAG EA . -3.20 7.57 37.30
C4 NAG EA . -3.60 8.86 36.60
C5 NAG EA . -4.67 8.59 35.57
C6 NAG EA . -5.09 9.80 34.77
C7 NAG EA . -1.39 4.55 36.73
C8 NAG EA . -1.26 3.27 37.49
N2 NAG EA . -2.51 5.25 36.94
O3 NAG EA . -2.12 7.81 38.19
O4 NAG EA . -4.08 9.82 37.55
O5 NAG EA . -4.18 7.62 34.62
O6 NAG EA . -4.17 10.05 33.72
O7 NAG EA . -0.53 4.95 35.95
C1 NAG EA . -3.44 11.03 37.61
C2 NAG EA . -4.23 12.18 38.25
C3 NAG EA . -3.45 13.48 38.14
C4 NAG EA . -2.05 13.32 38.70
C5 NAG EA . -1.35 12.14 38.03
C6 NAG EA . 0.02 11.85 38.60
C7 NAG EA . -6.60 11.59 37.97
C8 NAG EA . -7.87 11.87 37.21
N2 NAG EA . -5.54 12.32 37.62
O3 NAG EA . -4.15 14.51 38.85
O4 NAG EA . -1.29 14.50 38.47
O5 NAG EA . -2.15 10.95 38.22
O6 NAG EA . -0.07 11.05 39.77
O7 NAG EA . -6.55 10.76 38.86
C1 FUC EA . -4.02 11.40 33.51
C2 FUC EA . -2.64 11.58 32.86
C3 FUC EA . -2.54 10.75 31.57
C4 FUC EA . -3.70 11.08 30.63
C5 FUC EA . -5.04 10.91 31.36
C6 FUC EA . -6.23 11.39 30.56
O2 FUC EA . -1.58 11.27 33.76
O3 FUC EA . -1.32 11.05 30.89
O4 FUC EA . -3.57 12.41 30.17
O5 FUC EA . -5.07 11.66 32.61
C1 NAG FA . -32.36 -16.93 11.58
C2 NAG FA . -33.47 -17.91 12.01
C3 NAG FA . -34.07 -17.47 13.33
C4 NAG FA . -32.98 -17.29 14.39
C5 NAG FA . -31.91 -16.35 13.86
C6 NAG FA . -30.73 -16.21 14.80
C7 NAG FA . -34.64 -19.09 10.21
C8 NAG FA . -35.76 -19.04 9.21
N2 NAG FA . -34.50 -18.02 10.99
O3 NAG FA . -35.00 -18.46 13.78
O4 NAG FA . -33.53 -16.77 15.58
O5 NAG FA . -31.39 -16.82 12.61
O6 NAG FA . -29.79 -17.25 14.60
O7 NAG FA . -33.91 -20.07 10.30
C1 NAG GA . -39.83 -4.91 -25.04
C2 NAG GA . -41.35 -4.79 -24.90
C3 NAG GA . -42.03 -5.32 -26.15
C4 NAG GA . -41.48 -4.62 -27.40
C5 NAG GA . -39.96 -4.74 -27.43
C6 NAG GA . -39.32 -3.96 -28.56
C7 NAG GA . -42.20 -4.88 -22.60
C8 NAG GA . -42.67 -5.76 -21.49
N2 NAG GA . -41.83 -5.50 -23.73
O3 NAG GA . -43.43 -5.10 -26.07
O4 NAG GA . -42.01 -5.21 -28.57
O5 NAG GA . -39.40 -4.22 -26.22
O6 NAG GA . -39.43 -2.57 -28.35
O7 NAG GA . -42.17 -3.65 -22.49
C1 NAG HA . -42.22 -10.54 -1.57
C2 NAG HA . -42.79 -11.96 -1.45
C3 NAG HA . -44.31 -11.91 -1.37
C4 NAG HA . -44.77 -10.97 -0.26
C5 NAG HA . -44.13 -9.60 -0.44
C6 NAG HA . -44.45 -8.64 0.68
C7 NAG HA . -42.21 -14.11 -2.45
C8 NAG HA . -41.77 -14.83 -3.69
N2 NAG HA . -42.36 -12.79 -2.56
O3 NAG HA . -44.81 -13.22 -1.14
O4 NAG HA . -46.18 -10.84 -0.27
O5 NAG HA . -42.70 -9.73 -0.49
O6 NAG HA . -43.65 -8.90 1.83
O7 NAG HA . -42.39 -14.71 -1.39
C1 NAG IA . -7.23 2.25 -37.35
C2 NAG IA . -7.04 2.53 -38.84
C3 NAG IA . -7.52 1.34 -39.67
C4 NAG IA . -6.83 0.07 -39.21
C5 NAG IA . -7.04 -0.13 -37.71
C6 NAG IA . -6.29 -1.31 -37.15
C7 NAG IA . -7.13 4.88 -39.58
C8 NAG IA . -8.01 6.02 -39.96
N2 NAG IA . -7.75 3.75 -39.24
O3 NAG IA . -7.22 1.57 -41.04
O4 NAG IA . -7.36 -1.06 -39.90
O5 NAG IA . -6.56 1.03 -37.01
O6 NAG IA . -4.93 -1.00 -36.91
O7 NAG IA . -5.90 4.97 -39.58
C1 NAG JA . -23.76 34.46 -22.09
C2 NAG JA . -24.78 34.72 -23.19
C3 NAG JA . -24.84 36.21 -23.51
C4 NAG JA . -25.10 37.02 -22.24
C5 NAG JA . -24.08 36.65 -21.17
C6 NAG JA . -24.37 37.32 -19.83
C7 NAG JA . -25.13 32.84 -24.73
C8 NAG JA . -24.68 32.18 -26.00
N2 NAG JA . -24.48 33.95 -24.39
O3 NAG JA . -25.88 36.45 -24.46
O4 NAG JA . -25.02 38.41 -22.52
O5 NAG JA . -24.10 35.24 -20.93
O6 NAG JA . -25.49 36.72 -19.19
O7 NAG JA . -26.05 32.39 -24.05
C1 NAG KA . -19.53 14.88 -35.79
C2 NAG KA . -18.79 15.29 -37.07
C3 NAG KA . -19.78 15.57 -38.19
C4 NAG KA . -20.73 14.41 -38.38
C5 NAG KA . -21.40 14.05 -37.06
C6 NAG KA . -22.29 12.83 -37.15
C7 NAG KA . -16.80 16.65 -37.53
C8 NAG KA . -16.04 17.89 -37.17
N2 NAG KA . -17.94 16.44 -36.84
O3 NAG KA . -19.07 15.83 -39.40
O4 NAG KA . -21.73 14.74 -39.34
O5 NAG KA . -20.41 13.78 -36.07
O6 NAG KA . -21.52 11.63 -37.07
O7 NAG KA . -16.41 15.88 -38.39
C1 NAG LA . -8.92 35.92 10.28
C2 NAG LA . -9.13 37.24 11.03
C3 NAG LA . -8.68 38.41 10.16
C4 NAG LA . -7.25 38.21 9.70
C5 NAG LA . -7.11 36.86 9.00
C6 NAG LA . -5.69 36.53 8.62
C7 NAG LA . -10.93 37.31 12.69
C8 NAG LA . -12.40 37.51 12.92
N2 NAG LA . -10.52 37.41 11.42
O3 NAG LA . -8.78 39.62 10.90
O4 NAG LA . -6.88 39.25 8.78
O5 NAG LA . -7.55 35.81 9.88
O6 NAG LA . -4.97 35.95 9.70
O7 NAG LA . -10.15 37.07 13.61
C1 NAG MA . -42.68 16.08 13.00
C2 NAG MA . -43.62 17.27 12.84
C3 NAG MA . -44.79 17.14 13.82
C4 NAG MA . -45.47 15.80 13.67
C5 NAG MA . -44.45 14.67 13.78
C6 NAG MA . -45.05 13.30 13.52
C7 NAG MA . -42.57 19.32 12.00
C8 NAG MA . -41.86 20.58 12.37
N2 NAG MA . -42.93 18.53 13.02
O3 NAG MA . -45.72 18.20 13.59
O4 NAG MA . -46.46 15.63 14.68
O5 NAG MA . -43.40 14.86 12.83
O6 NAG MA . -45.41 13.15 12.16
O7 NAG MA . -42.80 19.01 10.84
C1 NAG NA . -16.67 -24.54 -21.00
C2 NAG NA . -17.84 -23.87 -21.73
C3 NAG NA . -18.77 -24.91 -22.35
C4 NAG NA . -17.99 -25.89 -23.22
C5 NAG NA . -16.86 -26.50 -22.40
C6 NAG NA . -15.99 -27.43 -23.20
C7 NAG NA . -19.43 -23.34 -19.90
C8 NAG NA . -20.12 -22.23 -19.17
N2 NAG NA . -18.59 -22.96 -20.87
O3 NAG NA . -19.77 -24.25 -23.13
O4 NAG NA . -18.86 -26.92 -23.68
O5 NAG NA . -16.01 -25.46 -21.90
O6 NAG NA . -16.69 -27.95 -24.33
O7 NAG NA . -19.61 -24.52 -19.61
#